data_5TCI
#
_entry.id   5TCI
#
_cell.length_a   134.955
_cell.length_b   158.335
_cell.length_c   166.631
_cell.angle_alpha   90.00
_cell.angle_beta   90.00
_cell.angle_gamma   90.00
#
_symmetry.space_group_name_H-M   'P 21 21 21'
#
loop_
_entity.id
_entity.type
_entity.pdbx_description
1 polymer 'Tryptophan synthase alpha chain'
2 polymer 'Tryptophan synthase beta chain'
3 non-polymer 'MALONATE ION'
4 non-polymer 'FORMIC ACID'
5 non-polymer "(2R,3S,4R)-3-(2'-fluoro[1,1'-biphenyl]-4-yl)-4-(hydroxymethyl)azetidine-2-carbonitrile"
6 water water
#
loop_
_entity_poly.entity_id
_entity_poly.type
_entity_poly.pdbx_seq_one_letter_code
_entity_poly.pdbx_strand_id
1 'polypeptide(L)'
;MVAVEQSEASRLGPVFDSCRANNRAALIGYLPTGYPDVPASVAAMTALVESGCDIIEVGVPYSDPGMDGPTIARATEAAL
RGGVRVRDTLAAVEAISIAGGRAVVMTYWNPVLRYGVDAFARDLAAAGGLGLITPDLIPDEAQQWLAASEEHRLDRIFLV
APSSTPERLAATVEASRGFVYAASTMGVTGARDAVSQAAPELVGRVKAVSDIPVGVGLGVRSRAQAAQIAQYADGVIVGS
ALVTALTEGLPRLRALTGELAAGVRLGMSAHHHHHH
;
A,G,E,C
2 'polypeptide(L)'
;MSAAIAEPTSHDPDSGGHFGGPSGWGGRYVPEALMAVIEEVTAAYQKERVSQDFLDDLDRLQANYAGRPSPLYEATRLSQ
HAGSARIFLKREDLNHTGSH(LLP)INNVLGQALLARRMGKTRVIAETGAGQHGVATATACALLGLDCVIYMGGIDTARQ
ALNVARMRLLGAEVVAVQTGSKTLKDAINEAFRDWVANADNTYYCFGTAAGPHPFPTMVRDFQRIIGMEARVQIQGQAGR
LPDAVVACVGGGSNAIGIFHAFLDDPGVRLVGFEAAGDGVETGRHAATFTAGSPGAFHGSFSYLLQDEDGQTIESHSISA
GLDYPGVGPEHAWLKEAGRVDYRPITDSEAMDAFGLLCRMEGIIPAIESAHAVAGALKLGVELGRGAVIVVNLSGRGDKD
VETAAKWFGLLGND
;
B,H,F,D
#
# COMPACT_ATOMS: atom_id res chain seq x y z
N GLU A 8 -53.79 22.22 -27.40
CA GLU A 8 -54.16 23.19 -26.32
C GLU A 8 -53.00 24.17 -25.99
N ALA A 9 -53.36 25.43 -25.73
CA ALA A 9 -52.39 26.48 -25.39
C ALA A 9 -52.29 26.68 -23.88
N SER A 10 -51.18 27.29 -23.44
CA SER A 10 -50.96 27.56 -22.02
C SER A 10 -51.95 28.57 -21.44
N ARG A 11 -52.05 28.58 -20.12
CA ARG A 11 -52.86 29.57 -19.41
C ARG A 11 -52.32 31.01 -19.58
N LEU A 12 -51.00 31.16 -19.61
CA LEU A 12 -50.36 32.47 -19.76
C LEU A 12 -50.07 32.89 -21.20
N GLY A 13 -50.24 31.98 -22.16
CA GLY A 13 -50.10 32.29 -23.59
C GLY A 13 -50.78 33.57 -24.06
N PRO A 14 -52.09 33.75 -23.72
CA PRO A 14 -52.83 34.97 -24.09
C PRO A 14 -52.29 36.29 -23.51
N VAL A 15 -51.56 36.23 -22.40
CA VAL A 15 -50.95 37.44 -21.81
C VAL A 15 -49.76 37.89 -22.67
N PHE A 16 -48.90 36.93 -23.04
CA PHE A 16 -47.72 37.22 -23.86
C PHE A 16 -48.10 37.61 -25.28
N ASP A 17 -49.10 36.93 -25.86
CA ASP A 17 -49.69 37.31 -27.16
C ASP A 17 -50.09 38.78 -27.15
N SER A 18 -50.84 39.16 -26.12
CA SER A 18 -51.32 40.51 -25.93
C SER A 18 -50.17 41.53 -25.71
N CYS A 19 -49.15 41.15 -24.95
CA CYS A 19 -47.96 41.99 -24.77
C CYS A 19 -47.17 42.16 -26.07
N ARG A 20 -46.88 41.04 -26.74
CA ARG A 20 -46.13 41.05 -28.01
C ARG A 20 -46.80 41.88 -29.13
N ALA A 21 -48.13 41.86 -29.18
CA ALA A 21 -48.92 42.68 -30.11
C ALA A 21 -48.79 44.19 -29.86
N ASN A 22 -48.65 44.58 -28.58
CA ASN A 22 -48.43 45.99 -28.18
C ASN A 22 -46.93 46.39 -28.07
N ASN A 23 -46.04 45.57 -28.63
CA ASN A 23 -44.59 45.84 -28.61
C ASN A 23 -44.07 46.05 -27.18
N ARG A 24 -44.39 45.12 -26.31
CA ARG A 24 -43.90 45.16 -24.93
C ARG A 24 -43.66 43.79 -24.36
N ALA A 25 -42.92 43.79 -23.26
CA ALA A 25 -42.72 42.64 -22.43
C ALA A 25 -43.80 42.65 -21.35
N ALA A 26 -44.15 41.47 -20.86
CA ALA A 26 -45.02 41.39 -19.70
C ALA A 26 -44.17 41.75 -18.47
N LEU A 27 -44.74 42.55 -17.57
CA LEU A 27 -44.13 42.81 -16.27
C LEU A 27 -44.60 41.71 -15.32
N ILE A 28 -43.63 40.98 -14.77
CA ILE A 28 -43.91 39.87 -13.85
C ILE A 28 -43.40 40.24 -12.46
N GLY A 29 -44.32 40.39 -11.50
CA GLY A 29 -43.99 40.94 -10.19
C GLY A 29 -44.10 39.94 -9.06
N TYR A 30 -43.03 39.78 -8.29
CA TYR A 30 -43.00 38.84 -7.15
C TYR A 30 -43.20 39.59 -5.83
N LEU A 31 -44.08 39.05 -4.99
CA LEU A 31 -44.14 39.39 -3.56
C LEU A 31 -44.41 38.13 -2.77
N PRO A 32 -43.81 38.01 -1.57
CA PRO A 32 -44.08 36.88 -0.70
C PRO A 32 -45.31 37.07 0.20
N THR A 33 -46.12 36.03 0.30
CA THR A 33 -47.26 36.04 1.19
C THR A 33 -46.80 36.25 2.64
N GLY A 34 -47.53 37.09 3.38
CA GLY A 34 -47.26 37.33 4.79
C GLY A 34 -46.20 38.36 5.16
N TYR A 35 -45.61 39.03 4.18
CA TYR A 35 -44.68 40.14 4.46
C TYR A 35 -45.32 41.47 4.14
N PRO A 36 -45.34 42.42 5.11
CA PRO A 36 -44.93 42.34 6.54
C PRO A 36 -45.89 41.55 7.44
N ASP A 37 -47.14 41.41 7.02
CA ASP A 37 -48.08 40.44 7.58
C ASP A 37 -48.99 39.98 6.43
N VAL A 38 -50.02 39.17 6.73
CA VAL A 38 -50.87 38.61 5.69
C VAL A 38 -51.77 39.67 4.99
N PRO A 39 -52.63 40.39 5.73
CA PRO A 39 -53.45 41.42 5.06
C PRO A 39 -52.64 42.45 4.26
N ALA A 40 -51.51 42.90 4.79
CA ALA A 40 -50.67 43.90 4.12
C ALA A 40 -50.06 43.37 2.82
N SER A 41 -49.69 42.10 2.80
CA SER A 41 -49.18 41.45 1.60
C SER A 41 -50.25 41.33 0.53
N VAL A 42 -51.47 41.03 0.96
CA VAL A 42 -52.61 40.95 0.04
C VAL A 42 -52.92 42.32 -0.56
N ALA A 43 -52.93 43.36 0.26
CA ALA A 43 -53.08 44.74 -0.22
C ALA A 43 -51.96 45.12 -1.19
N ALA A 44 -50.73 44.70 -0.90
CA ALA A 44 -49.60 44.95 -1.81
C ALA A 44 -49.78 44.25 -3.15
N MET A 45 -50.16 42.97 -3.11
CA MET A 45 -50.36 42.19 -4.34
C MET A 45 -51.46 42.80 -5.23
N THR A 46 -52.56 43.20 -4.59
CA THR A 46 -53.65 43.97 -5.22
C THR A 46 -53.15 45.26 -5.89
N ALA A 47 -52.36 46.04 -5.16
CA ALA A 47 -51.74 47.26 -5.69
C ALA A 47 -50.88 47.03 -6.93
N LEU A 48 -50.22 45.88 -7.00
CA LEU A 48 -49.45 45.51 -8.20
C LEU A 48 -50.38 45.39 -9.41
N VAL A 49 -51.51 44.71 -9.24
CA VAL A 49 -52.49 44.55 -10.30
C VAL A 49 -52.97 45.93 -10.75
N GLU A 50 -53.32 46.78 -9.77
CA GLU A 50 -53.79 48.15 -10.04
C GLU A 50 -52.74 49.04 -10.72
N SER A 51 -51.46 48.83 -10.41
CA SER A 51 -50.36 49.66 -10.93
C SER A 51 -49.69 49.14 -12.23
N GLY A 52 -50.18 48.01 -12.77
CA GLY A 52 -49.81 47.55 -14.12
C GLY A 52 -49.03 46.26 -14.26
N CYS A 53 -48.89 45.48 -13.19
CA CYS A 53 -48.34 44.11 -13.29
C CYS A 53 -49.23 43.20 -14.12
N ASP A 54 -48.65 42.54 -15.11
CA ASP A 54 -49.36 41.62 -15.99
C ASP A 54 -49.55 40.26 -15.33
N ILE A 55 -48.49 39.76 -14.69
CA ILE A 55 -48.50 38.51 -13.91
C ILE A 55 -47.90 38.75 -12.53
N ILE A 56 -48.52 38.18 -11.50
CA ILE A 56 -48.02 38.25 -10.13
C ILE A 56 -47.46 36.89 -9.75
N GLU A 57 -46.22 36.87 -9.25
CA GLU A 57 -45.65 35.70 -8.60
C GLU A 57 -45.91 35.81 -7.12
N VAL A 58 -46.77 34.93 -6.62
CA VAL A 58 -47.07 34.85 -5.20
C VAL A 58 -46.10 33.86 -4.57
N GLY A 59 -45.21 34.36 -3.72
CA GLY A 59 -44.22 33.51 -3.05
C GLY A 59 -44.78 32.85 -1.81
N VAL A 60 -44.53 31.54 -1.67
CA VAL A 60 -44.81 30.78 -0.45
C VAL A 60 -43.53 30.81 0.39
N PRO A 61 -43.55 31.51 1.55
CA PRO A 61 -42.33 31.49 2.36
C PRO A 61 -41.94 30.09 2.85
N TYR A 62 -40.63 29.82 2.80
CA TYR A 62 -40.08 28.52 3.11
C TYR A 62 -38.87 28.72 4.03
N SER A 63 -38.73 27.81 4.98
CA SER A 63 -37.70 27.89 6.00
C SER A 63 -36.25 27.80 5.46
N ASP A 64 -36.06 27.07 4.35
CA ASP A 64 -34.73 26.80 3.78
C ASP A 64 -34.68 27.13 2.27
N PRO A 65 -34.79 28.42 1.91
CA PRO A 65 -34.81 28.77 0.51
C PRO A 65 -33.39 28.92 -0.05
N GLY A 66 -33.06 28.11 -1.04
CA GLY A 66 -31.73 28.16 -1.67
C GLY A 66 -31.54 29.32 -2.63
N MET A 67 -32.58 29.63 -3.41
CA MET A 67 -32.51 30.63 -4.50
C MET A 67 -32.97 32.03 -4.11
N ASP A 68 -33.12 32.33 -2.82
CA ASP A 68 -33.57 33.66 -2.37
C ASP A 68 -32.36 34.53 -2.01
N GLY A 69 -32.28 35.72 -2.59
CA GLY A 69 -31.31 36.71 -2.18
C GLY A 69 -31.64 37.29 -0.80
N PRO A 70 -30.76 38.15 -0.27
CA PRO A 70 -30.94 38.69 1.09
C PRO A 70 -32.27 39.41 1.33
N THR A 71 -32.66 40.31 0.43
CA THR A 71 -33.90 41.06 0.59
C THR A 71 -35.09 40.11 0.76
N ILE A 72 -35.25 39.18 -0.16
CA ILE A 72 -36.36 38.24 -0.12
C ILE A 72 -36.25 37.25 1.05
N ALA A 73 -35.03 36.84 1.39
CA ALA A 73 -34.81 35.94 2.53
C ALA A 73 -35.25 36.57 3.85
N ARG A 74 -34.80 37.81 4.11
CA ARG A 74 -35.23 38.55 5.31
C ARG A 74 -36.76 38.65 5.37
N ALA A 75 -37.37 38.98 4.22
CA ALA A 75 -38.81 39.12 4.10
C ALA A 75 -39.58 37.82 4.35
N THR A 76 -39.08 36.71 3.80
CA THR A 76 -39.71 35.40 4.01
C THR A 76 -39.51 34.94 5.46
N GLU A 77 -38.34 35.19 6.02
CA GLU A 77 -38.08 34.93 7.45
C GLU A 77 -39.06 35.69 8.34
N ALA A 78 -39.25 36.98 8.05
CA ALA A 78 -40.24 37.80 8.76
C ALA A 78 -41.66 37.27 8.61
N ALA A 79 -42.05 36.89 7.40
CA ALA A 79 -43.39 36.33 7.16
C ALA A 79 -43.66 35.07 8.00
N LEU A 80 -42.67 34.19 8.03
CA LEU A 80 -42.73 32.96 8.86
C LEU A 80 -42.73 33.23 10.36
N ARG A 81 -41.99 34.24 10.79
CA ARG A 81 -42.01 34.67 12.21
C ARG A 81 -43.42 35.15 12.59
N GLY A 82 -44.11 35.82 11.66
CA GLY A 82 -45.50 36.24 11.85
C GLY A 82 -46.59 35.19 11.63
N GLY A 83 -46.23 33.91 11.49
CA GLY A 83 -47.20 32.82 11.44
C GLY A 83 -47.84 32.49 10.10
N VAL A 84 -47.24 32.94 8.99
CA VAL A 84 -47.81 32.71 7.66
C VAL A 84 -47.98 31.21 7.34
N ARG A 85 -49.04 30.89 6.60
CA ARG A 85 -49.39 29.52 6.27
C ARG A 85 -49.50 29.32 4.76
N VAL A 86 -49.38 28.08 4.31
CA VAL A 86 -49.48 27.77 2.88
C VAL A 86 -50.87 28.12 2.36
N ARG A 87 -51.90 27.89 3.17
CA ARG A 87 -53.28 28.29 2.80
C ARG A 87 -53.47 29.79 2.59
N ASP A 88 -52.67 30.64 3.25
CA ASP A 88 -52.72 32.10 3.02
C ASP A 88 -52.25 32.48 1.61
N THR A 89 -51.32 31.69 1.04
CA THR A 89 -50.94 31.86 -0.37
C THR A 89 -52.12 31.57 -1.31
N LEU A 90 -52.92 30.56 -0.97
CA LEU A 90 -54.11 30.25 -1.75
C LEU A 90 -55.12 31.39 -1.65
N ALA A 91 -55.32 31.95 -0.46
CA ALA A 91 -56.21 33.12 -0.29
C ALA A 91 -55.71 34.35 -1.07
N ALA A 92 -54.40 34.61 -1.05
CA ALA A 92 -53.81 35.68 -1.86
C ALA A 92 -54.07 35.48 -3.36
N VAL A 93 -54.03 34.22 -3.84
CA VAL A 93 -54.37 33.93 -5.24
C VAL A 93 -55.82 34.34 -5.55
N GLU A 94 -56.75 34.03 -4.64
CA GLU A 94 -58.18 34.40 -4.83
C GLU A 94 -58.39 35.91 -4.91
N ALA A 95 -57.74 36.64 -4.01
CA ALA A 95 -57.81 38.11 -3.97
C ALA A 95 -57.30 38.74 -5.26
N ILE A 96 -56.20 38.20 -5.79
CA ILE A 96 -55.61 38.68 -7.05
C ILE A 96 -56.52 38.37 -8.25
N SER A 97 -57.10 37.17 -8.28
CA SER A 97 -58.12 36.81 -9.28
C SER A 97 -59.36 37.71 -9.19
N ILE A 98 -59.78 38.00 -7.97
CA ILE A 98 -60.93 38.90 -7.71
C ILE A 98 -60.66 40.33 -8.22
N ALA A 99 -59.42 40.80 -8.08
CA ALA A 99 -59.04 42.13 -8.54
C ALA A 99 -58.71 42.22 -10.04
N GLY A 100 -58.99 41.16 -10.80
CA GLY A 100 -58.72 41.14 -12.24
C GLY A 100 -57.29 40.76 -12.61
N GLY A 101 -56.46 40.41 -11.63
CA GLY A 101 -55.08 40.04 -11.87
C GLY A 101 -54.90 38.62 -12.38
N ARG A 102 -53.66 38.28 -12.69
CA ARG A 102 -53.29 36.95 -13.13
C ARG A 102 -52.14 36.46 -12.24
N ALA A 103 -52.36 35.35 -11.53
CA ALA A 103 -51.41 34.86 -10.53
C ALA A 103 -50.88 33.47 -10.83
N VAL A 104 -49.58 33.31 -10.59
CA VAL A 104 -48.91 32.01 -10.48
C VAL A 104 -48.30 31.97 -9.07
N VAL A 105 -47.98 30.78 -8.58
CA VAL A 105 -47.37 30.64 -7.26
C VAL A 105 -45.91 30.24 -7.46
N MET A 106 -45.00 30.90 -6.74
CA MET A 106 -43.59 30.49 -6.70
C MET A 106 -43.33 29.78 -5.39
N THR A 107 -42.90 28.52 -5.47
CA THR A 107 -42.70 27.73 -4.27
C THR A 107 -41.62 26.66 -4.42
N TYR A 108 -40.90 26.43 -3.32
CA TYR A 108 -40.01 25.29 -3.15
C TYR A 108 -40.90 24.08 -3.00
N TRP A 109 -40.36 22.89 -3.22
CA TRP A 109 -41.19 21.70 -3.46
C TRP A 109 -41.75 21.02 -2.20
N ASN A 110 -41.07 21.11 -1.06
CA ASN A 110 -41.54 20.37 0.12
C ASN A 110 -42.92 20.81 0.62
N PRO A 111 -43.21 22.13 0.64
CA PRO A 111 -44.56 22.49 1.04
C PRO A 111 -45.64 21.89 0.14
N VAL A 112 -45.34 21.73 -1.15
CA VAL A 112 -46.29 21.11 -2.09
C VAL A 112 -46.42 19.62 -1.79
N LEU A 113 -45.29 18.97 -1.54
CA LEU A 113 -45.30 17.56 -1.13
C LEU A 113 -46.10 17.33 0.15
N ARG A 114 -45.91 18.20 1.13
CA ARG A 114 -46.60 18.07 2.40
C ARG A 114 -48.10 18.24 2.25
N TYR A 115 -48.48 19.22 1.43
CA TYR A 115 -49.88 19.49 1.13
C TYR A 115 -50.55 18.30 0.39
N GLY A 116 -49.81 17.64 -0.49
CA GLY A 116 -50.34 16.71 -1.48
C GLY A 116 -50.21 17.42 -2.83
N VAL A 117 -49.49 16.81 -3.75
CA VAL A 117 -49.12 17.46 -5.01
C VAL A 117 -50.36 17.69 -5.87
N ASP A 118 -51.18 16.66 -5.98
CA ASP A 118 -52.44 16.75 -6.72
C ASP A 118 -53.43 17.69 -6.00
N ALA A 119 -53.50 17.57 -4.68
CA ALA A 119 -54.34 18.42 -3.85
C ALA A 119 -53.98 19.91 -4.00
N PHE A 120 -52.69 20.22 -4.04
CA PHE A 120 -52.27 21.62 -4.17
C PHE A 120 -52.60 22.16 -5.55
N ALA A 121 -52.40 21.35 -6.58
CA ALA A 121 -52.73 21.75 -7.95
C ALA A 121 -54.23 22.03 -8.13
N ARG A 122 -55.07 21.17 -7.54
CA ARG A 122 -56.52 21.31 -7.57
C ARG A 122 -56.98 22.58 -6.85
N ASP A 123 -56.45 22.81 -5.64
CA ASP A 123 -56.86 23.96 -4.84
C ASP A 123 -56.31 25.27 -5.38
N LEU A 124 -55.09 25.26 -5.89
CA LEU A 124 -54.53 26.40 -6.62
C LEU A 124 -55.34 26.72 -7.89
N ALA A 125 -55.77 25.70 -8.62
CA ALA A 125 -56.59 25.88 -9.82
C ALA A 125 -57.94 26.47 -9.47
N ALA A 126 -58.56 25.96 -8.40
CA ALA A 126 -59.87 26.42 -7.92
C ALA A 126 -59.80 27.89 -7.51
N ALA A 127 -58.74 28.25 -6.78
CA ALA A 127 -58.45 29.64 -6.40
C ALA A 127 -58.22 30.63 -7.54
N GLY A 128 -58.13 30.17 -8.79
CA GLY A 128 -57.88 31.04 -9.94
C GLY A 128 -56.42 31.08 -10.36
N GLY A 129 -55.59 30.26 -9.72
CA GLY A 129 -54.17 30.22 -10.04
C GLY A 129 -53.91 29.65 -11.43
N LEU A 130 -52.96 30.28 -12.12
CA LEU A 130 -52.66 29.94 -13.51
C LEU A 130 -51.45 29.03 -13.65
N GLY A 131 -50.64 28.89 -12.61
CA GLY A 131 -49.44 28.07 -12.70
C GLY A 131 -48.53 28.07 -11.48
N LEU A 132 -47.38 27.40 -11.66
CA LEU A 132 -46.45 27.13 -10.58
C LEU A 132 -45.00 27.32 -11.05
N ILE A 133 -44.23 28.12 -10.32
CA ILE A 133 -42.80 28.28 -10.54
C ILE A 133 -42.10 27.43 -9.49
N THR A 134 -41.20 26.56 -9.93
CA THR A 134 -40.63 25.53 -9.08
C THR A 134 -39.11 25.62 -9.02
N PRO A 135 -38.58 26.52 -8.19
CA PRO A 135 -37.12 26.76 -8.19
C PRO A 135 -36.25 25.61 -7.73
N ASP A 136 -36.75 24.69 -6.93
CA ASP A 136 -35.97 23.49 -6.54
C ASP A 136 -36.54 22.17 -7.08
N LEU A 137 -37.46 22.24 -8.05
CA LEU A 137 -37.90 21.05 -8.79
C LEU A 137 -37.43 21.14 -10.23
N ILE A 138 -36.64 20.16 -10.62
CA ILE A 138 -36.14 20.03 -12.00
C ILE A 138 -37.01 18.99 -12.69
N PRO A 139 -37.05 19.00 -14.04
CA PRO A 139 -37.84 18.02 -14.80
C PRO A 139 -37.64 16.57 -14.37
N ASP A 140 -36.42 16.23 -13.96
CA ASP A 140 -36.03 14.86 -13.57
C ASP A 140 -36.86 14.27 -12.41
N GLU A 141 -37.38 15.13 -11.53
CA GLU A 141 -38.20 14.71 -10.38
C GLU A 141 -39.67 15.13 -10.52
N ALA A 142 -40.08 15.57 -11.72
CA ALA A 142 -41.37 16.26 -11.91
C ALA A 142 -42.54 15.38 -12.36
N GLN A 143 -42.38 14.05 -12.39
CA GLN A 143 -43.47 13.14 -12.86
C GLN A 143 -44.85 13.41 -12.24
N GLN A 144 -44.94 13.50 -10.92
CA GLN A 144 -46.23 13.74 -10.25
C GLN A 144 -46.76 15.14 -10.65
N TRP A 145 -45.85 16.10 -10.77
CA TRP A 145 -46.21 17.47 -11.08
C TRP A 145 -46.71 17.64 -12.51
N LEU A 146 -46.07 16.98 -13.47
CA LEU A 146 -46.58 16.97 -14.85
C LEU A 146 -48.01 16.41 -14.90
N ALA A 147 -48.26 15.29 -14.23
CA ALA A 147 -49.60 14.71 -14.19
C ALA A 147 -50.62 15.68 -13.57
N ALA A 148 -50.27 16.27 -12.43
CA ALA A 148 -51.11 17.28 -11.78
C ALA A 148 -51.31 18.53 -12.65
N SER A 149 -50.24 18.95 -13.30
CA SER A 149 -50.26 20.10 -14.21
C SER A 149 -51.19 19.92 -15.39
N GLU A 150 -51.16 18.73 -16.00
CA GLU A 150 -52.05 18.37 -17.12
C GLU A 150 -53.50 18.24 -16.65
N GLU A 151 -53.72 17.52 -15.55
CA GLU A 151 -55.05 17.31 -14.97
C GLU A 151 -55.77 18.63 -14.66
N HIS A 152 -55.09 19.54 -13.98
CA HIS A 152 -55.69 20.78 -13.48
C HIS A 152 -55.36 22.04 -14.31
N ARG A 153 -54.84 21.84 -15.53
CA ARG A 153 -54.58 22.93 -16.48
C ARG A 153 -53.74 24.07 -15.88
N LEU A 154 -52.66 23.73 -15.18
CA LEU A 154 -51.74 24.72 -14.64
C LEU A 154 -50.48 24.79 -15.50
N ASP A 155 -49.98 26.00 -15.70
CA ASP A 155 -48.69 26.19 -16.37
C ASP A 155 -47.58 25.76 -15.41
N ARG A 156 -46.45 25.38 -16.01
CA ARG A 156 -45.32 24.88 -15.25
C ARG A 156 -44.06 25.59 -15.73
N ILE A 157 -43.55 26.48 -14.87
CA ILE A 157 -42.41 27.35 -15.15
C ILE A 157 -41.17 26.82 -14.45
N PHE A 158 -40.34 26.08 -15.17
CA PHE A 158 -39.04 25.66 -14.67
C PHE A 158 -38.01 26.76 -14.93
N LEU A 159 -36.89 26.69 -14.23
CA LEU A 159 -35.78 27.63 -14.39
C LEU A 159 -34.71 27.04 -15.25
N VAL A 160 -34.09 27.91 -16.06
CA VAL A 160 -32.83 27.65 -16.70
C VAL A 160 -31.83 28.68 -16.19
N ALA A 161 -30.54 28.38 -16.34
CA ALA A 161 -29.46 29.21 -15.81
C ALA A 161 -28.33 29.34 -16.84
N PRO A 162 -27.49 30.39 -16.70
CA PRO A 162 -26.35 30.57 -17.60
C PRO A 162 -25.49 29.32 -17.78
N SER A 163 -25.30 28.56 -16.70
CA SER A 163 -24.48 27.34 -16.70
C SER A 163 -25.17 26.07 -17.24
N SER A 164 -26.48 26.14 -17.52
CA SER A 164 -27.22 24.97 -18.02
C SER A 164 -26.59 24.37 -19.28
N THR A 165 -26.45 23.05 -19.32
CA THR A 165 -25.87 22.38 -20.50
C THR A 165 -26.90 22.43 -21.64
N PRO A 166 -26.45 22.24 -22.90
CA PRO A 166 -27.42 22.15 -24.01
C PRO A 166 -28.50 21.08 -23.78
N GLU A 167 -28.10 19.91 -23.29
CA GLU A 167 -29.02 18.80 -23.12
C GLU A 167 -30.08 19.11 -22.06
N ARG A 168 -29.63 19.67 -20.93
CA ARG A 168 -30.51 20.03 -19.82
C ARG A 168 -31.38 21.25 -20.09
N LEU A 169 -30.90 22.17 -20.92
CA LEU A 169 -31.66 23.33 -21.32
C LEU A 169 -32.84 22.93 -22.20
N ALA A 170 -32.54 22.14 -23.23
CA ALA A 170 -33.58 21.60 -24.12
C ALA A 170 -34.62 20.76 -23.38
N ALA A 171 -34.19 19.95 -22.41
CA ALA A 171 -35.12 19.18 -21.57
C ALA A 171 -36.01 20.07 -20.67
N THR A 172 -35.44 21.13 -20.13
CA THR A 172 -36.17 22.08 -19.26
C THR A 172 -37.17 22.95 -20.05
N VAL A 173 -36.77 23.38 -21.23
CA VAL A 173 -37.66 24.11 -22.12
C VAL A 173 -38.80 23.22 -22.61
N GLU A 174 -38.47 22.00 -23.01
CA GLU A 174 -39.48 21.02 -23.46
C GLU A 174 -40.50 20.68 -22.36
N ALA A 175 -40.06 20.66 -21.10
CA ALA A 175 -40.94 20.36 -19.96
C ALA A 175 -41.75 21.58 -19.45
N SER A 176 -41.38 22.79 -19.85
CA SER A 176 -42.04 24.00 -19.38
C SER A 176 -43.28 24.32 -20.22
N ARG A 177 -44.25 25.01 -19.61
CA ARG A 177 -45.45 25.51 -20.26
C ARG A 177 -45.69 26.90 -19.67
N GLY A 178 -46.14 27.85 -20.50
CA GLY A 178 -46.42 29.23 -20.06
C GLY A 178 -45.24 30.15 -20.35
N PHE A 179 -44.25 30.13 -19.47
CA PHE A 179 -42.94 30.68 -19.79
C PHE A 179 -41.85 29.85 -19.13
N VAL A 180 -40.61 30.15 -19.50
CA VAL A 180 -39.45 29.54 -18.86
C VAL A 180 -38.66 30.68 -18.21
N TYR A 181 -38.30 30.47 -16.95
CA TYR A 181 -37.65 31.47 -16.13
C TYR A 181 -36.12 31.38 -16.35
N ALA A 182 -35.57 32.38 -17.02
CA ALA A 182 -34.11 32.50 -17.18
C ALA A 182 -33.55 33.34 -16.02
N ALA A 183 -33.07 32.67 -14.99
CA ALA A 183 -32.55 33.32 -13.78
C ALA A 183 -31.06 33.58 -13.91
N SER A 184 -30.65 34.82 -13.62
CA SER A 184 -29.25 35.24 -13.77
C SER A 184 -28.89 36.32 -12.74
N SER A 196 -23.20 41.87 -16.94
CA SER A 196 -22.51 41.29 -18.09
C SER A 196 -23.52 40.95 -19.22
N GLN A 197 -23.14 40.08 -20.17
CA GLN A 197 -24.01 39.66 -21.27
C GLN A 197 -24.60 38.24 -21.10
N ALA A 198 -24.55 37.69 -19.88
CA ALA A 198 -24.97 36.30 -19.65
C ALA A 198 -26.47 36.06 -19.89
N ALA A 199 -27.30 37.07 -19.60
CA ALA A 199 -28.75 36.95 -19.74
C ALA A 199 -29.27 36.94 -21.19
N PRO A 200 -28.88 37.92 -22.03
CA PRO A 200 -29.31 37.80 -23.44
C PRO A 200 -28.76 36.55 -24.17
N GLU A 201 -27.55 36.13 -23.82
CA GLU A 201 -26.98 34.87 -24.34
C GLU A 201 -27.83 33.66 -23.95
N LEU A 202 -28.30 33.64 -22.71
CA LEU A 202 -29.16 32.55 -22.22
C LEU A 202 -30.53 32.55 -22.92
N VAL A 203 -31.16 33.73 -23.02
CA VAL A 203 -32.42 33.87 -23.74
C VAL A 203 -32.27 33.44 -25.21
N GLY A 204 -31.17 33.86 -25.84
CA GLY A 204 -30.82 33.41 -27.20
C GLY A 204 -30.79 31.89 -27.34
N ARG A 205 -30.19 31.21 -26.37
CA ARG A 205 -30.12 29.74 -26.38
C ARG A 205 -31.49 29.06 -26.26
N VAL A 206 -32.43 29.68 -25.55
CA VAL A 206 -33.82 29.20 -25.47
C VAL A 206 -34.55 29.41 -26.79
N LYS A 207 -34.41 30.59 -27.40
CA LYS A 207 -35.05 30.88 -28.70
C LYS A 207 -34.63 29.89 -29.78
N ALA A 208 -33.35 29.53 -29.79
CA ALA A 208 -32.80 28.54 -30.74
C ALA A 208 -33.48 27.14 -30.71
N VAL A 209 -34.11 26.75 -29.60
CA VAL A 209 -34.81 25.45 -29.55
C VAL A 209 -36.34 25.53 -29.36
N SER A 210 -36.87 26.73 -29.10
CA SER A 210 -38.29 26.86 -28.77
C SER A 210 -38.84 28.29 -28.87
N ASP A 211 -40.11 28.38 -29.26
CA ASP A 211 -40.87 29.64 -29.30
C ASP A 211 -41.49 30.02 -27.95
N ILE A 212 -41.26 29.21 -26.92
CA ILE A 212 -41.85 29.49 -25.61
C ILE A 212 -41.42 30.86 -25.08
N PRO A 213 -42.37 31.63 -24.50
CA PRO A 213 -41.98 32.91 -23.88
C PRO A 213 -40.92 32.76 -22.78
N VAL A 214 -39.97 33.69 -22.72
CA VAL A 214 -38.90 33.64 -21.72
C VAL A 214 -38.97 34.88 -20.83
N GLY A 215 -39.03 34.63 -19.52
CA GLY A 215 -38.95 35.67 -18.50
C GLY A 215 -37.54 35.80 -17.98
N VAL A 216 -37.07 37.03 -17.76
CA VAL A 216 -35.73 37.28 -17.27
C VAL A 216 -35.78 37.98 -15.92
N GLY A 217 -35.03 37.43 -14.97
CA GLY A 217 -34.84 38.02 -13.65
C GLY A 217 -33.38 38.39 -13.55
N LEU A 218 -33.10 39.59 -13.03
CA LEU A 218 -31.75 40.16 -13.10
C LEU A 218 -31.46 41.21 -12.01
N GLY A 219 -32.08 41.09 -10.84
CA GLY A 219 -32.04 42.16 -9.83
C GLY A 219 -32.43 43.51 -10.41
N VAL A 220 -33.56 43.52 -11.12
CA VAL A 220 -34.10 44.72 -11.75
C VAL A 220 -34.66 45.64 -10.67
N ARG A 221 -34.24 46.91 -10.67
CA ARG A 221 -34.80 47.90 -9.73
C ARG A 221 -35.10 49.29 -10.31
N SER A 222 -35.14 49.40 -11.63
CA SER A 222 -35.40 50.68 -12.33
C SER A 222 -36.08 50.50 -13.69
N ARG A 223 -36.71 51.58 -14.15
CA ARG A 223 -37.31 51.68 -15.50
C ARG A 223 -36.33 51.29 -16.60
N ALA A 224 -35.09 51.77 -16.50
CA ALA A 224 -34.08 51.55 -17.52
C ALA A 224 -33.67 50.09 -17.65
N GLN A 225 -33.55 49.40 -16.51
CA GLN A 225 -33.22 47.97 -16.55
C GLN A 225 -34.34 47.13 -17.17
N ALA A 226 -35.58 47.48 -16.87
CA ALA A 226 -36.72 46.77 -17.45
C ALA A 226 -36.77 46.92 -18.97
N ALA A 227 -36.44 48.12 -19.45
CA ALA A 227 -36.42 48.43 -20.88
C ALA A 227 -35.30 47.70 -21.61
N GLN A 228 -34.15 47.56 -20.97
CA GLN A 228 -33.01 46.79 -21.55
C GLN A 228 -33.40 45.35 -21.82
N ILE A 229 -34.07 44.76 -20.85
CA ILE A 229 -34.46 43.36 -20.89
C ILE A 229 -35.60 43.12 -21.87
N ALA A 230 -36.51 44.10 -21.98
CA ALA A 230 -37.64 44.02 -22.92
C ALA A 230 -37.27 43.96 -24.41
N GLN A 231 -36.04 44.38 -24.77
CA GLN A 231 -35.53 44.24 -26.16
C GLN A 231 -35.44 42.78 -26.61
N TYR A 232 -34.99 41.91 -25.70
CA TYR A 232 -34.68 40.51 -26.01
C TYR A 232 -35.57 39.43 -25.35
N ALA A 233 -36.30 39.78 -24.28
CA ALA A 233 -37.10 38.83 -23.49
C ALA A 233 -38.58 39.19 -23.52
N ASP A 234 -39.42 38.18 -23.39
CA ASP A 234 -40.89 38.34 -23.43
C ASP A 234 -41.47 38.81 -22.09
N GLY A 235 -40.81 38.45 -20.98
CA GLY A 235 -41.21 38.87 -19.65
C GLY A 235 -40.06 39.45 -18.85
N VAL A 236 -40.36 40.49 -18.07
CA VAL A 236 -39.38 41.05 -17.13
C VAL A 236 -39.84 40.73 -15.71
N ILE A 237 -39.02 39.95 -15.00
CA ILE A 237 -39.33 39.51 -13.65
C ILE A 237 -38.65 40.43 -12.65
N VAL A 238 -39.43 40.91 -11.68
CA VAL A 238 -38.96 41.84 -10.64
C VAL A 238 -39.47 41.35 -9.28
N GLY A 239 -38.59 41.27 -8.31
CA GLY A 239 -38.91 40.73 -6.99
C GLY A 239 -38.29 41.50 -5.85
N SER A 240 -36.96 41.41 -5.71
CA SER A 240 -36.23 42.11 -4.63
C SER A 240 -36.58 43.59 -4.52
N ALA A 241 -36.64 44.28 -5.65
CA ALA A 241 -36.93 45.72 -5.67
C ALA A 241 -38.36 46.03 -5.21
N LEU A 242 -39.31 45.13 -5.49
CA LEU A 242 -40.69 45.27 -5.00
C LEU A 242 -40.79 45.07 -3.49
N VAL A 243 -40.01 44.12 -2.97
CA VAL A 243 -39.96 43.87 -1.53
C VAL A 243 -39.32 45.07 -0.84
N THR A 244 -38.20 45.55 -1.36
CA THR A 244 -37.55 46.76 -0.84
C THR A 244 -38.48 47.98 -0.85
N ALA A 245 -39.27 48.13 -1.92
CA ALA A 245 -40.20 49.25 -2.04
C ALA A 245 -41.37 49.14 -1.06
N LEU A 246 -41.99 47.97 -0.98
CA LEU A 246 -43.08 47.72 -0.02
C LEU A 246 -42.66 48.01 1.42
N THR A 247 -41.48 47.52 1.80
CA THR A 247 -40.88 47.81 3.11
C THR A 247 -40.93 49.32 3.43
N GLU A 248 -40.66 50.16 2.42
CA GLU A 248 -40.81 51.60 2.59
C GLU A 248 -42.28 51.96 2.78
N GLY A 249 -43.12 51.42 1.92
CA GLY A 249 -44.56 51.61 2.02
C GLY A 249 -45.25 51.32 0.72
N LEU A 250 -46.58 51.33 0.78
CA LEU A 250 -47.43 51.02 -0.38
C LEU A 250 -47.30 52.09 -1.51
N PRO A 251 -47.24 53.40 -1.16
CA PRO A 251 -47.00 54.40 -2.22
C PRO A 251 -45.69 54.21 -3.02
N ARG A 252 -44.59 53.89 -2.35
CA ARG A 252 -43.31 53.61 -3.04
C ARG A 252 -43.45 52.43 -4.04
N LEU A 253 -44.16 51.39 -3.62
CA LEU A 253 -44.42 50.21 -4.46
C LEU A 253 -45.24 50.56 -5.70
N ARG A 254 -46.30 51.36 -5.52
CA ARG A 254 -47.10 51.88 -6.65
C ARG A 254 -46.28 52.69 -7.65
N ALA A 255 -45.49 53.63 -7.15
CA ALA A 255 -44.64 54.46 -7.99
C ALA A 255 -43.63 53.63 -8.76
N LEU A 256 -42.94 52.71 -8.08
CA LEU A 256 -41.94 51.83 -8.72
C LEU A 256 -42.57 50.91 -9.79
N THR A 257 -43.71 50.31 -9.48
CA THR A 257 -44.40 49.46 -10.46
C THR A 257 -44.82 50.26 -11.70
N GLY A 258 -45.30 51.49 -11.49
CA GLY A 258 -45.57 52.45 -12.56
C GLY A 258 -44.37 52.70 -13.47
N GLU A 259 -43.20 52.89 -12.87
CA GLU A 259 -41.93 53.06 -13.62
C GLU A 259 -41.54 51.77 -14.37
N LEU A 260 -41.73 50.61 -13.75
CA LEU A 260 -41.36 49.33 -14.37
C LEU A 260 -42.29 48.99 -15.52
N ALA A 261 -43.57 49.33 -15.37
CA ALA A 261 -44.56 49.18 -16.44
C ALA A 261 -44.25 50.06 -17.66
N ALA A 262 -43.78 51.28 -17.44
CA ALA A 262 -43.29 52.14 -18.53
C ALA A 262 -42.04 51.58 -19.21
N GLY A 263 -41.16 50.95 -18.44
CA GLY A 263 -39.94 50.35 -18.95
C GLY A 263 -40.16 49.19 -19.91
N VAL A 264 -41.09 48.28 -19.57
CA VAL A 264 -41.38 47.12 -20.43
C VAL A 264 -41.99 47.49 -21.80
N ARG A 265 -42.59 48.67 -21.88
CA ARG A 265 -43.20 49.20 -23.11
C ARG A 265 -42.16 49.90 -24.00
N LEU A 266 -41.94 49.36 -25.20
CA LEU A 266 -40.99 49.90 -26.18
C LEU A 266 -41.61 50.85 -27.19
N GLY A 267 -42.89 50.67 -27.51
CA GLY A 267 -43.56 51.50 -28.54
C GLY A 267 -45.02 51.17 -28.76
N ILE B 5 -9.78 -3.39 -4.73
CA ILE B 5 -10.71 -3.66 -5.88
C ILE B 5 -12.04 -2.94 -5.63
N ALA B 6 -12.53 -2.26 -6.66
CA ALA B 6 -13.87 -1.67 -6.64
C ALA B 6 -14.92 -2.74 -6.30
N GLU B 7 -15.78 -2.43 -5.33
CA GLU B 7 -16.74 -3.39 -4.77
C GLU B 7 -18.08 -3.32 -5.53
N PRO B 8 -18.85 -4.44 -5.53
CA PRO B 8 -20.11 -4.49 -6.31
C PRO B 8 -21.16 -3.42 -5.92
N THR B 9 -22.03 -3.10 -6.89
CA THR B 9 -22.97 -1.98 -6.79
C THR B 9 -24.42 -2.48 -6.61
N SER B 10 -24.61 -3.50 -5.77
CA SER B 10 -25.92 -4.14 -5.60
C SER B 10 -26.93 -3.27 -4.83
N HIS B 11 -26.45 -2.53 -3.82
CA HIS B 11 -27.31 -1.66 -3.00
C HIS B 11 -27.32 -0.19 -3.49
N ASP B 12 -26.84 0.05 -4.71
CA ASP B 12 -26.73 1.39 -5.25
C ASP B 12 -28.03 1.91 -5.78
N PRO B 13 -28.17 3.25 -5.88
CA PRO B 13 -29.36 3.83 -6.46
C PRO B 13 -29.33 3.76 -8.00
N ASP B 14 -30.43 4.16 -8.64
CA ASP B 14 -30.46 4.29 -10.10
C ASP B 14 -29.62 5.50 -10.54
N SER B 15 -29.52 5.75 -11.84
CA SER B 15 -28.68 6.85 -12.35
C SER B 15 -29.15 8.25 -11.92
N GLY B 16 -30.42 8.38 -11.53
CA GLY B 16 -30.93 9.62 -10.94
C GLY B 16 -30.72 9.77 -9.44
N GLY B 17 -30.10 8.78 -8.80
CA GLY B 17 -29.83 8.79 -7.37
C GLY B 17 -30.99 8.34 -6.50
N HIS B 18 -31.92 7.58 -7.08
CA HIS B 18 -33.09 7.10 -6.35
C HIS B 18 -32.89 5.69 -5.75
N PHE B 19 -33.24 5.53 -4.47
CA PHE B 19 -33.24 4.22 -3.79
C PHE B 19 -34.66 3.69 -3.72
N GLY B 20 -34.87 2.45 -4.20
CA GLY B 20 -36.17 1.80 -4.12
C GLY B 20 -37.20 2.11 -5.21
N GLY B 21 -36.76 2.66 -6.34
CA GLY B 21 -37.65 2.94 -7.47
C GLY B 21 -37.34 4.27 -8.12
N PRO B 22 -37.87 4.52 -9.33
CA PRO B 22 -37.53 5.75 -10.08
C PRO B 22 -38.01 7.08 -9.45
N SER B 23 -38.98 7.02 -8.53
CA SER B 23 -39.37 8.18 -7.71
C SER B 23 -39.35 7.85 -6.20
N GLY B 24 -38.35 7.10 -5.75
CA GLY B 24 -38.26 6.72 -4.34
C GLY B 24 -37.38 7.70 -3.59
N TRP B 25 -36.53 7.18 -2.72
CA TRP B 25 -35.73 8.00 -1.82
C TRP B 25 -34.51 8.57 -2.54
N GLY B 26 -34.05 9.74 -2.11
CA GLY B 26 -32.83 10.34 -2.65
C GLY B 26 -33.17 11.31 -3.77
N GLY B 27 -32.56 11.13 -4.93
CA GLY B 27 -32.77 12.00 -6.08
C GLY B 27 -31.96 13.29 -5.98
N ARG B 28 -32.43 14.30 -6.70
CA ARG B 28 -31.84 15.64 -6.75
C ARG B 28 -32.92 16.70 -6.67
N TYR B 29 -33.16 17.22 -5.48
CA TYR B 29 -34.09 18.33 -5.28
C TYR B 29 -33.26 19.57 -5.05
N VAL B 30 -32.74 20.09 -6.17
CA VAL B 30 -31.86 21.23 -6.19
C VAL B 30 -32.22 22.11 -7.38
N PRO B 31 -31.75 23.36 -7.38
CA PRO B 31 -32.04 24.23 -8.53
C PRO B 31 -31.26 23.86 -9.78
N GLU B 32 -31.84 24.15 -10.93
CA GLU B 32 -31.18 23.95 -12.21
C GLU B 32 -29.80 24.63 -12.27
N ALA B 33 -29.65 25.78 -11.59
CA ALA B 33 -28.37 26.48 -11.44
C ALA B 33 -27.19 25.62 -10.91
N LEU B 34 -27.47 24.68 -10.01
CA LEU B 34 -26.46 23.73 -9.51
C LEU B 34 -26.23 22.47 -10.35
N MET B 35 -27.00 22.23 -11.39
CA MET B 35 -26.99 20.93 -12.04
C MET B 35 -25.76 20.65 -12.88
N ALA B 36 -25.21 21.67 -13.53
CA ALA B 36 -24.00 21.52 -14.33
C ALA B 36 -22.86 20.96 -13.48
N VAL B 37 -22.63 21.61 -12.34
CA VAL B 37 -21.58 21.21 -11.43
C VAL B 37 -21.88 19.89 -10.71
N ILE B 38 -23.14 19.61 -10.43
CA ILE B 38 -23.54 18.30 -9.91
C ILE B 38 -23.28 17.20 -10.93
N GLU B 39 -23.63 17.42 -12.20
CA GLU B 39 -23.33 16.44 -13.26
C GLU B 39 -21.82 16.26 -13.47
N GLU B 40 -21.07 17.34 -13.33
CA GLU B 40 -19.61 17.27 -13.40
C GLU B 40 -19.01 16.37 -12.30
N VAL B 41 -19.45 16.55 -11.05
CA VAL B 41 -18.95 15.73 -9.93
C VAL B 41 -19.39 14.26 -10.07
N THR B 42 -20.62 14.06 -10.51
CA THR B 42 -21.16 12.71 -10.71
C THR B 42 -20.37 11.92 -11.77
N ALA B 43 -20.01 12.57 -12.88
CA ALA B 43 -19.23 11.90 -13.91
C ALA B 43 -17.81 11.63 -13.40
N ALA B 44 -17.21 12.62 -12.73
CA ALA B 44 -15.89 12.48 -12.17
C ALA B 44 -15.84 11.33 -11.16
N TYR B 45 -16.84 11.25 -10.29
CA TYR B 45 -16.91 10.17 -9.32
C TYR B 45 -17.15 8.78 -9.96
N GLN B 46 -17.98 8.71 -11.00
CA GLN B 46 -18.19 7.44 -11.77
C GLN B 46 -16.90 6.88 -12.36
N LYS B 47 -16.14 7.77 -13.01
CA LYS B 47 -14.83 7.44 -13.56
C LYS B 47 -13.85 6.97 -12.46
N GLU B 48 -13.69 7.76 -11.41
CA GLU B 48 -12.66 7.50 -10.40
C GLU B 48 -12.96 6.35 -9.42
N ARG B 49 -14.22 6.11 -9.09
CA ARG B 49 -14.56 4.99 -8.18
C ARG B 49 -14.19 3.59 -8.72
N VAL B 50 -14.11 3.46 -10.05
CA VAL B 50 -13.61 2.22 -10.69
C VAL B 50 -12.14 2.30 -11.13
N SER B 51 -11.44 3.37 -10.78
CA SER B 51 -10.04 3.56 -11.13
C SER B 51 -9.14 2.96 -10.04
N GLN B 52 -8.36 1.95 -10.39
CA GLN B 52 -7.47 1.30 -9.42
C GLN B 52 -6.42 2.30 -8.88
N ASP B 53 -5.98 3.26 -9.69
CA ASP B 53 -5.01 4.27 -9.29
C ASP B 53 -5.58 5.26 -8.28
N PHE B 54 -6.85 5.63 -8.43
CA PHE B 54 -7.55 6.44 -7.44
C PHE B 54 -7.69 5.70 -6.11
N LEU B 55 -8.10 4.43 -6.15
CA LEU B 55 -8.28 3.65 -4.93
C LEU B 55 -6.92 3.35 -4.25
N ASP B 56 -5.85 3.20 -5.03
CA ASP B 56 -4.49 3.05 -4.49
C ASP B 56 -4.07 4.35 -3.78
N ASP B 57 -4.35 5.50 -4.41
CA ASP B 57 -4.07 6.81 -3.83
C ASP B 57 -4.80 7.01 -2.50
N LEU B 58 -6.08 6.68 -2.49
CA LEU B 58 -6.91 6.81 -1.29
C LEU B 58 -6.43 5.83 -0.21
N ASP B 59 -6.14 4.59 -0.57
CA ASP B 59 -5.66 3.59 0.38
C ASP B 59 -4.30 3.98 1.01
N ARG B 60 -3.42 4.57 0.21
CA ARG B 60 -2.10 4.99 0.66
C ARG B 60 -2.20 6.12 1.68
N LEU B 61 -3.10 7.07 1.45
CA LEU B 61 -3.44 8.08 2.45
C LEU B 61 -4.15 7.48 3.67
N GLN B 62 -5.16 6.64 3.45
CA GLN B 62 -5.82 5.92 4.56
C GLN B 62 -4.78 5.25 5.49
N ALA B 63 -3.82 4.52 4.91
CA ALA B 63 -2.81 3.78 5.69
C ALA B 63 -1.78 4.69 6.40
N ASN B 64 -0.97 5.39 5.63
CA ASN B 64 0.18 6.12 6.19
C ASN B 64 -0.13 7.47 6.82
N TYR B 65 -1.13 8.17 6.31
CA TYR B 65 -1.49 9.48 6.82
C TYR B 65 -2.54 9.40 7.92
N ALA B 66 -3.63 8.67 7.66
CA ALA B 66 -4.77 8.64 8.57
C ALA B 66 -4.72 7.55 9.65
N GLY B 67 -3.88 6.52 9.47
CA GLY B 67 -3.69 5.48 10.48
C GLY B 67 -4.59 4.24 10.43
N ARG B 68 -5.13 3.94 9.25
CA ARG B 68 -6.02 2.77 9.10
C ARG B 68 -5.19 1.48 9.02
N PRO B 69 -5.76 0.33 9.40
CA PRO B 69 -7.09 0.14 9.97
C PRO B 69 -7.19 0.62 11.41
N SER B 70 -8.36 1.13 11.79
CA SER B 70 -8.66 1.35 13.21
C SER B 70 -8.91 0.00 13.84
N PRO B 71 -8.56 -0.15 15.12
CA PRO B 71 -8.81 -1.43 15.79
C PRO B 71 -10.25 -1.65 16.25
N LEU B 72 -10.55 -2.89 16.60
CA LEU B 72 -11.79 -3.28 17.22
C LEU B 72 -11.42 -3.67 18.65
N TYR B 73 -12.01 -3.00 19.63
CA TYR B 73 -11.70 -3.24 21.03
C TYR B 73 -12.89 -3.82 21.80
N GLU B 74 -12.72 -5.01 22.37
CA GLU B 74 -13.75 -5.56 23.25
C GLU B 74 -13.68 -4.83 24.59
N ALA B 75 -14.72 -4.04 24.85
CA ALA B 75 -14.87 -3.32 26.11
C ALA B 75 -15.45 -4.23 27.19
N THR B 76 -14.63 -5.13 27.74
CA THR B 76 -15.07 -6.12 28.72
C THR B 76 -15.65 -5.53 30.00
N ARG B 77 -15.19 -4.33 30.36
CA ARG B 77 -15.71 -3.65 31.54
C ARG B 77 -17.06 -2.95 31.34
N LEU B 78 -17.54 -2.83 30.10
CA LEU B 78 -18.92 -2.41 29.82
C LEU B 78 -19.94 -3.54 29.91
N SER B 79 -19.47 -4.79 29.89
CA SER B 79 -20.37 -5.95 29.73
C SER B 79 -21.48 -5.95 30.77
N GLN B 80 -21.11 -5.84 32.04
CA GLN B 80 -22.06 -5.78 33.20
C GLN B 80 -23.20 -4.78 33.03
N HIS B 81 -22.93 -3.64 32.40
CA HIS B 81 -23.95 -2.61 32.15
C HIS B 81 -24.74 -2.79 30.88
N ALA B 82 -24.40 -3.83 30.10
CA ALA B 82 -25.07 -4.18 28.86
C ALA B 82 -25.65 -5.60 28.94
N GLY B 83 -26.19 -5.97 30.11
CA GLY B 83 -26.82 -7.26 30.31
C GLY B 83 -25.90 -8.43 30.09
N SER B 84 -24.61 -8.24 30.39
CA SER B 84 -23.55 -9.21 30.12
C SER B 84 -23.30 -9.55 28.61
N ALA B 85 -23.84 -8.75 27.70
CA ALA B 85 -23.49 -8.82 26.29
C ALA B 85 -22.06 -8.35 26.11
N ARG B 86 -21.50 -8.68 24.96
CA ARG B 86 -20.12 -8.35 24.65
C ARG B 86 -20.11 -7.22 23.63
N ILE B 87 -19.59 -6.07 24.07
CA ILE B 87 -19.58 -4.83 23.33
C ILE B 87 -18.19 -4.63 22.71
N PHE B 88 -18.13 -4.62 21.37
CA PHE B 88 -16.89 -4.38 20.63
C PHE B 88 -16.97 -3.00 20.03
N LEU B 89 -15.97 -2.17 20.30
CA LEU B 89 -15.95 -0.80 19.83
C LEU B 89 -15.08 -0.67 18.59
N LYS B 90 -15.68 -0.29 17.46
CA LYS B 90 -14.89 0.03 16.26
C LYS B 90 -14.33 1.44 16.45
N ARG B 91 -13.00 1.54 16.51
CA ARG B 91 -12.32 2.70 17.11
C ARG B 91 -11.97 3.83 16.14
N GLU B 92 -12.97 4.42 15.51
CA GLU B 92 -12.73 5.56 14.62
C GLU B 92 -12.29 6.81 15.40
N ASP B 93 -12.50 6.81 16.72
CA ASP B 93 -11.89 7.82 17.58
C ASP B 93 -10.37 7.96 17.46
N LEU B 94 -9.68 6.91 17.00
CA LEU B 94 -8.22 6.99 16.80
C LEU B 94 -7.78 7.52 15.42
N ASN B 95 -8.71 7.84 14.53
CA ASN B 95 -8.34 8.35 13.22
C ASN B 95 -7.70 9.70 13.38
N HIS B 96 -6.90 10.10 12.41
CA HIS B 96 -6.33 11.44 12.37
C HIS B 96 -7.47 12.44 12.30
N THR B 97 -7.37 13.50 13.10
CA THR B 97 -8.46 14.48 13.38
C THR B 97 -9.52 13.96 14.37
N GLY B 98 -9.44 12.72 14.78
CA GLY B 98 -10.31 12.17 15.81
C GLY B 98 -11.72 11.76 15.44
N SER B 99 -12.02 11.62 14.14
CA SER B 99 -13.30 10.98 13.75
C SER B 99 -13.25 10.31 12.39
N HIS B 100 -14.34 9.62 12.07
CA HIS B 100 -14.60 9.05 10.73
C HIS B 100 -14.63 10.09 9.59
N ILE B 102 -12.55 12.18 8.53
CA ILE B 102 -11.33 12.18 7.71
C ILE B 102 -11.43 11.27 6.47
N ASN B 103 -12.15 10.15 6.58
CA ASN B 103 -12.29 9.21 5.46
C ASN B 103 -12.99 9.85 4.27
N ASN B 104 -14.03 10.60 4.57
CA ASN B 104 -14.78 11.33 3.58
C ASN B 104 -13.96 12.43 2.91
N VAL B 105 -13.36 13.30 3.71
CA VAL B 105 -12.62 14.46 3.15
C VAL B 105 -11.41 14.06 2.33
N LEU B 106 -10.71 13.01 2.71
CA LEU B 106 -9.61 12.49 1.90
C LEU B 106 -10.08 12.05 0.50
N GLY B 107 -11.17 11.31 0.43
CA GLY B 107 -11.77 10.88 -0.84
C GLY B 107 -12.16 12.04 -1.73
N GLN B 108 -12.93 12.98 -1.18
CA GLN B 108 -13.44 14.11 -1.92
C GLN B 108 -12.35 15.12 -2.33
N ALA B 109 -11.33 15.27 -1.50
CA ALA B 109 -10.23 16.18 -1.80
C ALA B 109 -9.36 15.57 -2.90
N LEU B 110 -9.15 14.25 -2.85
CA LEU B 110 -8.52 13.55 -3.99
C LEU B 110 -9.31 13.75 -5.28
N LEU B 111 -10.64 13.65 -5.18
CA LEU B 111 -11.51 13.83 -6.32
C LEU B 111 -11.43 15.24 -6.86
N ALA B 112 -11.35 16.23 -5.99
CA ALA B 112 -11.19 17.63 -6.42
C ALA B 112 -9.92 17.87 -7.24
N ARG B 113 -8.79 17.31 -6.81
N ARG B 113 -8.80 17.31 -6.79
CA ARG B 113 -7.53 17.36 -7.58
CA ARG B 113 -7.52 17.31 -7.53
C ARG B 113 -7.64 16.63 -8.92
C ARG B 113 -7.66 16.64 -8.90
N ARG B 114 -8.34 15.50 -8.95
CA ARG B 114 -8.58 14.76 -10.19
C ARG B 114 -9.38 15.58 -11.19
N MET B 115 -10.34 16.34 -10.68
CA MET B 115 -11.19 17.20 -11.51
C MET B 115 -10.54 18.50 -11.98
N GLY B 116 -9.31 18.77 -11.55
CA GLY B 116 -8.61 20.00 -11.90
C GLY B 116 -8.97 21.21 -11.03
N LYS B 117 -9.75 20.99 -9.98
CA LYS B 117 -10.15 22.07 -9.08
C LYS B 117 -8.94 22.46 -8.22
N THR B 118 -8.79 23.77 -8.01
CA THR B 118 -7.70 24.34 -7.21
C THR B 118 -8.15 24.74 -5.80
N ARG B 119 -9.46 24.81 -5.60
CA ARG B 119 -10.09 25.47 -4.49
C ARG B 119 -11.26 24.63 -3.99
N VAL B 120 -11.36 24.46 -2.66
CA VAL B 120 -12.45 23.70 -2.02
C VAL B 120 -13.19 24.57 -1.02
N ILE B 121 -14.50 24.40 -0.94
CA ILE B 121 -15.32 25.08 0.05
C ILE B 121 -16.18 24.08 0.80
N ALA B 122 -16.57 24.45 2.00
CA ALA B 122 -17.40 23.62 2.84
C ALA B 122 -17.99 24.52 3.89
N GLU B 123 -18.90 23.97 4.65
CA GLU B 123 -19.51 24.70 5.75
C GLU B 123 -19.41 23.85 6.99
N THR B 124 -19.59 24.48 8.15
CA THR B 124 -19.60 23.72 9.39
C THR B 124 -20.43 24.40 10.50
N GLY B 125 -21.00 23.57 11.37
CA GLY B 125 -21.73 24.04 12.55
C GLY B 125 -20.80 24.30 13.74
N ALA B 126 -20.54 23.26 14.53
CA ALA B 126 -19.63 23.36 15.67
C ALA B 126 -18.17 23.47 15.23
N GLY B 127 -17.84 22.82 14.12
CA GLY B 127 -16.51 22.95 13.49
C GLY B 127 -15.77 21.70 13.04
N GLN B 128 -16.31 20.53 13.32
N GLN B 128 -16.30 20.52 13.33
CA GLN B 128 -15.59 19.29 13.08
CA GLN B 128 -15.58 19.27 13.09
C GLN B 128 -15.36 19.04 11.59
C GLN B 128 -15.36 19.03 11.59
N HIS B 129 -16.41 19.18 10.78
CA HIS B 129 -16.28 19.03 9.32
C HIS B 129 -15.41 20.13 8.67
N GLY B 130 -15.42 21.32 9.24
CA GLY B 130 -14.55 22.40 8.79
C GLY B 130 -13.06 22.12 8.99
N VAL B 131 -12.72 21.51 10.13
CA VAL B 131 -11.36 21.14 10.46
C VAL B 131 -10.91 19.98 9.57
N ALA B 132 -11.78 18.98 9.44
CA ALA B 132 -11.51 17.82 8.57
C ALA B 132 -11.25 18.26 7.14
N THR B 133 -12.10 19.11 6.61
CA THR B 133 -11.92 19.64 5.25
C THR B 133 -10.64 20.46 5.12
N ALA B 134 -10.37 21.32 6.09
CA ALA B 134 -9.16 22.13 6.05
C ALA B 134 -7.88 21.28 6.15
N THR B 135 -7.95 20.20 6.93
CA THR B 135 -6.85 19.22 7.05
C THR B 135 -6.52 18.61 5.68
N ALA B 136 -7.54 18.09 4.99
CA ALA B 136 -7.37 17.46 3.67
C ALA B 136 -6.88 18.44 2.59
N CYS B 137 -7.37 19.67 2.63
CA CYS B 137 -6.89 20.72 1.72
C CYS B 137 -5.43 21.10 1.92
N ALA B 138 -4.98 21.15 3.17
CA ALA B 138 -3.58 21.51 3.48
C ALA B 138 -2.62 20.45 2.92
N LEU B 139 -2.97 19.19 3.21
CA LEU B 139 -2.30 18.00 2.67
C LEU B 139 -2.18 18.00 1.15
N LEU B 140 -3.26 18.29 0.46
CA LEU B 140 -3.24 18.24 -1.02
C LEU B 140 -2.98 19.57 -1.71
N GLY B 141 -2.70 20.61 -0.94
CA GLY B 141 -2.35 21.93 -1.48
C GLY B 141 -3.49 22.66 -2.15
N LEU B 142 -4.70 22.46 -1.64
CA LEU B 142 -5.90 23.08 -2.17
C LEU B 142 -6.18 24.32 -1.35
N ASP B 143 -6.67 25.37 -2.02
CA ASP B 143 -7.17 26.55 -1.33
C ASP B 143 -8.48 26.19 -0.68
N CYS B 144 -8.62 26.50 0.61
CA CYS B 144 -9.77 26.11 1.40
C CYS B 144 -10.51 27.33 1.90
N VAL B 145 -11.83 27.30 1.79
CA VAL B 145 -12.69 28.32 2.38
C VAL B 145 -13.79 27.61 3.13
N ILE B 146 -13.91 27.93 4.42
CA ILE B 146 -14.96 27.34 5.27
C ILE B 146 -15.98 28.41 5.62
N TYR B 147 -17.25 28.05 5.46
CA TYR B 147 -18.37 28.93 5.71
C TYR B 147 -18.97 28.50 7.05
N MET B 148 -19.12 29.49 7.93
CA MET B 148 -19.53 29.27 9.31
C MET B 148 -20.37 30.48 9.70
N GLY B 149 -21.47 30.24 10.39
CA GLY B 149 -22.30 31.33 10.91
C GLY B 149 -21.58 32.09 12.03
N GLY B 150 -21.77 33.41 12.06
CA GLY B 150 -21.24 34.29 13.13
C GLY B 150 -21.55 33.89 14.58
N ILE B 151 -22.70 33.25 14.81
CA ILE B 151 -23.08 32.71 16.14
C ILE B 151 -22.24 31.50 16.50
N ASP B 152 -22.01 30.63 15.52
CA ASP B 152 -21.08 29.51 15.65
C ASP B 152 -19.60 29.96 15.74
N THR B 153 -19.25 30.98 14.96
CA THR B 153 -17.87 31.47 14.86
C THR B 153 -17.38 31.97 16.24
N ALA B 154 -18.14 32.88 16.83
CA ALA B 154 -17.75 33.53 18.08
C ALA B 154 -17.76 32.58 19.29
N ARG B 155 -18.58 31.52 19.23
CA ARG B 155 -18.59 30.51 20.30
C ARG B 155 -17.74 29.24 20.01
N GLN B 156 -16.93 29.28 18.95
CA GLN B 156 -16.01 28.17 18.61
C GLN B 156 -14.65 28.71 18.21
N ALA B 157 -14.13 29.62 19.02
CA ALA B 157 -12.90 30.37 18.71
C ALA B 157 -11.72 29.47 18.38
N LEU B 158 -11.60 28.33 19.07
CA LEU B 158 -10.47 27.43 18.90
C LEU B 158 -10.53 26.63 17.62
N ASN B 159 -11.74 26.18 17.23
CA ASN B 159 -11.91 25.51 15.96
C ASN B 159 -11.71 26.46 14.77
N VAL B 160 -12.10 27.72 14.92
CA VAL B 160 -11.83 28.73 13.89
C VAL B 160 -10.33 28.91 13.72
N ALA B 161 -9.63 29.02 14.85
CA ALA B 161 -8.17 29.13 14.87
C ALA B 161 -7.47 27.87 14.35
N ARG B 162 -7.97 26.68 14.67
CA ARG B 162 -7.49 25.44 14.03
C ARG B 162 -7.51 25.53 12.50
N MET B 163 -8.65 25.95 11.95
CA MET B 163 -8.85 26.03 10.51
C MET B 163 -7.91 27.03 9.86
N ARG B 164 -7.68 28.13 10.55
CA ARG B 164 -6.75 29.15 10.08
C ARG B 164 -5.31 28.70 10.16
N LEU B 165 -4.92 27.98 11.21
CA LEU B 165 -3.58 27.38 11.30
C LEU B 165 -3.36 26.40 10.15
N LEU B 166 -4.42 25.68 9.77
CA LEU B 166 -4.38 24.76 8.64
C LEU B 166 -4.37 25.47 7.28
N GLY B 167 -4.36 26.80 7.26
CA GLY B 167 -4.24 27.57 6.03
C GLY B 167 -5.57 27.91 5.39
N ALA B 168 -6.68 27.50 5.99
CA ALA B 168 -7.98 27.80 5.43
C ALA B 168 -8.40 29.21 5.81
N GLU B 169 -9.23 29.79 4.95
CA GLU B 169 -9.87 31.07 5.19
C GLU B 169 -11.22 30.73 5.81
N VAL B 170 -11.56 31.33 6.93
CA VAL B 170 -12.88 31.13 7.54
C VAL B 170 -13.68 32.39 7.30
N VAL B 171 -14.88 32.21 6.78
CA VAL B 171 -15.74 33.31 6.43
C VAL B 171 -16.93 33.23 7.38
N ALA B 172 -16.97 34.23 8.26
CA ALA B 172 -18.04 34.42 9.22
C ALA B 172 -19.16 35.15 8.50
N VAL B 173 -20.30 34.47 8.34
CA VAL B 173 -21.43 35.06 7.62
C VAL B 173 -22.23 35.91 8.60
N GLN B 174 -22.26 37.22 8.35
CA GLN B 174 -22.90 38.20 9.25
C GLN B 174 -24.19 38.76 8.64
N THR B 175 -25.00 37.87 8.05
CA THR B 175 -26.29 38.22 7.44
C THR B 175 -27.36 37.19 7.87
N GLY B 176 -28.60 37.65 7.98
CA GLY B 176 -29.72 36.78 8.38
C GLY B 176 -29.58 36.27 9.80
N SER B 177 -29.90 34.99 10.01
CA SER B 177 -29.78 34.34 11.33
C SER B 177 -28.33 34.03 11.78
N LYS B 178 -27.33 34.30 10.92
CA LYS B 178 -25.90 34.13 11.24
C LYS B 178 -25.56 32.73 11.77
N THR B 179 -26.22 31.70 11.23
CA THR B 179 -26.01 30.32 11.70
C THR B 179 -25.73 29.39 10.48
N LEU B 180 -25.86 28.06 10.68
CA LEU B 180 -25.47 27.05 9.69
C LEU B 180 -26.06 27.27 8.28
N LYS B 181 -27.34 27.66 8.22
CA LYS B 181 -28.03 27.86 6.93
C LYS B 181 -27.54 29.03 6.08
N ASP B 182 -27.28 30.19 6.69
CA ASP B 182 -26.70 31.36 5.97
C ASP B 182 -25.30 31.05 5.41
N ALA B 183 -24.54 30.24 6.15
CA ALA B 183 -23.26 29.69 5.68
C ALA B 183 -23.44 28.76 4.46
N ILE B 184 -24.28 27.73 4.60
CA ILE B 184 -24.63 26.85 3.48
C ILE B 184 -25.02 27.68 2.26
N ASN B 185 -26.06 28.48 2.42
CA ASN B 185 -26.58 29.36 1.37
C ASN B 185 -25.47 30.08 0.59
N GLU B 186 -24.50 30.63 1.32
CA GLU B 186 -23.34 31.33 0.71
C GLU B 186 -22.33 30.37 0.04
N ALA B 187 -22.18 29.17 0.59
CA ALA B 187 -21.34 28.13 -0.01
C ALA B 187 -21.90 27.68 -1.36
N PHE B 188 -23.11 27.08 -1.37
CA PHE B 188 -23.85 26.78 -2.61
C PHE B 188 -23.64 27.85 -3.72
N ARG B 189 -23.78 29.13 -3.36
CA ARG B 189 -23.64 30.23 -4.33
C ARG B 189 -22.20 30.52 -4.76
N ASP B 190 -21.24 30.32 -3.84
CA ASP B 190 -19.80 30.38 -4.14
C ASP B 190 -19.48 29.36 -5.24
N TRP B 191 -20.00 28.14 -5.03
CA TRP B 191 -19.78 27.01 -5.94
C TRP B 191 -20.17 27.34 -7.38
N VAL B 192 -21.42 27.76 -7.54
CA VAL B 192 -21.95 28.21 -8.85
C VAL B 192 -21.02 29.25 -9.52
N ALA B 193 -20.66 30.29 -8.78
CA ALA B 193 -19.88 31.40 -9.35
C ALA B 193 -18.44 31.01 -9.74
N ASN B 194 -17.85 30.04 -9.04
CA ASN B 194 -16.45 29.66 -9.27
C ASN B 194 -16.29 28.17 -9.62
N ALA B 195 -17.33 27.63 -10.26
CA ALA B 195 -17.45 26.21 -10.56
C ALA B 195 -16.30 25.68 -11.39
N ASP B 196 -15.71 26.51 -12.24
CA ASP B 196 -14.59 26.06 -13.08
C ASP B 196 -13.34 25.71 -12.28
N ASN B 197 -13.18 26.31 -11.09
CA ASN B 197 -12.02 26.05 -10.20
C ASN B 197 -12.36 25.52 -8.80
N THR B 198 -13.66 25.45 -8.45
CA THR B 198 -14.09 25.15 -7.08
C THR B 198 -14.93 23.87 -6.92
N TYR B 199 -14.55 23.08 -5.91
CA TYR B 199 -15.23 21.85 -5.51
C TYR B 199 -15.91 22.06 -4.15
N TYR B 200 -17.09 21.47 -3.98
CA TYR B 200 -17.83 21.57 -2.73
C TYR B 200 -17.80 20.27 -1.95
N CYS B 201 -17.09 20.28 -0.83
CA CYS B 201 -16.88 19.10 0.01
C CYS B 201 -17.96 19.01 1.09
N PHE B 202 -18.94 18.12 0.86
CA PHE B 202 -20.10 17.96 1.74
C PHE B 202 -19.82 16.91 2.77
N GLY B 203 -20.25 17.15 4.00
CA GLY B 203 -19.79 16.40 5.16
C GLY B 203 -20.54 15.16 5.61
N THR B 204 -21.62 14.79 4.94
CA THR B 204 -22.39 13.62 5.34
C THR B 204 -23.10 12.93 4.17
N ALA B 205 -23.69 11.78 4.48
CA ALA B 205 -24.29 10.88 3.47
C ALA B 205 -25.70 11.32 3.11
N ALA B 206 -25.78 12.52 2.56
CA ALA B 206 -27.06 13.15 2.27
C ALA B 206 -26.83 14.13 1.12
N GLY B 207 -27.81 14.97 0.84
CA GLY B 207 -27.70 15.90 -0.28
C GLY B 207 -28.20 15.27 -1.56
N PRO B 208 -28.09 16.01 -2.67
CA PRO B 208 -28.47 15.45 -3.96
C PRO B 208 -27.46 14.40 -4.40
N HIS B 209 -27.88 13.56 -5.33
CA HIS B 209 -27.00 12.59 -5.98
C HIS B 209 -25.90 13.38 -6.70
N PRO B 210 -24.63 12.98 -6.54
CA PRO B 210 -24.05 11.74 -6.06
C PRO B 210 -23.59 11.66 -4.61
N PHE B 211 -23.99 12.62 -3.76
CA PHE B 211 -23.38 12.73 -2.44
C PHE B 211 -23.64 11.62 -1.45
N PRO B 212 -24.88 11.12 -1.37
CA PRO B 212 -25.14 10.00 -0.45
C PRO B 212 -24.35 8.74 -0.78
N THR B 213 -24.25 8.43 -2.05
CA THR B 213 -23.51 7.26 -2.51
C THR B 213 -22.00 7.46 -2.38
N MET B 214 -21.50 8.62 -2.78
CA MET B 214 -20.06 8.90 -2.70
C MET B 214 -19.59 8.90 -1.25
N VAL B 215 -20.29 9.61 -0.38
CA VAL B 215 -19.85 9.71 1.02
C VAL B 215 -19.87 8.32 1.66
N ARG B 216 -20.96 7.59 1.47
CA ARG B 216 -21.06 6.22 1.93
C ARG B 216 -19.91 5.33 1.40
N ASP B 217 -19.56 5.51 0.11
CA ASP B 217 -18.44 4.74 -0.47
C ASP B 217 -17.08 5.04 0.20
N PHE B 218 -16.87 6.29 0.60
CA PHE B 218 -15.66 6.63 1.33
C PHE B 218 -15.68 6.20 2.81
N GLN B 219 -16.86 5.86 3.34
CA GLN B 219 -16.96 5.30 4.70
C GLN B 219 -17.16 3.79 4.75
N ARG B 220 -17.32 3.14 3.59
CA ARG B 220 -17.51 1.66 3.57
C ARG B 220 -16.39 0.90 4.24
N ILE B 221 -15.19 1.48 4.21
CA ILE B 221 -13.99 0.92 4.80
C ILE B 221 -14.16 0.53 6.27
N ILE B 222 -14.94 1.31 7.03
CA ILE B 222 -15.21 1.02 8.43
C ILE B 222 -15.86 -0.37 8.61
N GLY B 223 -16.97 -0.59 7.92
CA GLY B 223 -17.68 -1.86 7.97
C GLY B 223 -16.88 -3.00 7.38
N MET B 224 -16.14 -2.74 6.31
CA MET B 224 -15.30 -3.77 5.71
C MET B 224 -14.21 -4.27 6.64
N GLU B 225 -13.52 -3.35 7.30
CA GLU B 225 -12.52 -3.71 8.31
C GLU B 225 -13.19 -4.45 9.47
N ALA B 226 -14.27 -3.84 9.99
CA ALA B 226 -15.02 -4.39 11.14
C ALA B 226 -15.57 -5.78 10.94
N ARG B 227 -16.08 -6.08 9.73
CA ARG B 227 -16.56 -7.43 9.42
C ARG B 227 -15.45 -8.49 9.55
N VAL B 228 -14.24 -8.15 9.15
CA VAL B 228 -13.09 -9.06 9.24
C VAL B 228 -12.65 -9.20 10.68
N GLN B 229 -12.52 -8.09 11.36
CA GLN B 229 -12.03 -8.03 12.74
C GLN B 229 -12.89 -8.78 13.76
N ILE B 230 -14.22 -8.57 13.70
CA ILE B 230 -15.14 -9.23 14.62
C ILE B 230 -15.15 -10.75 14.43
N GLN B 231 -15.00 -11.23 13.19
CA GLN B 231 -14.91 -12.69 12.95
C GLN B 231 -13.62 -13.26 13.53
N GLY B 232 -12.54 -12.48 13.46
CA GLY B 232 -11.28 -12.82 14.12
C GLY B 232 -11.34 -12.90 15.63
N GLN B 233 -11.92 -11.88 16.28
CA GLN B 233 -12.00 -11.81 17.75
C GLN B 233 -13.17 -12.61 18.34
N ALA B 234 -14.35 -12.48 17.76
CA ALA B 234 -15.52 -13.19 18.27
C ALA B 234 -15.64 -14.61 17.75
N GLY B 235 -15.05 -14.92 16.60
CA GLY B 235 -15.18 -16.26 15.99
C GLY B 235 -16.40 -16.47 15.11
N ARG B 236 -17.13 -15.38 14.85
CA ARG B 236 -18.40 -15.42 14.14
C ARG B 236 -18.88 -14.00 13.85
N LEU B 237 -19.87 -13.89 12.97
CA LEU B 237 -20.56 -12.64 12.74
C LEU B 237 -21.30 -12.17 13.99
N PRO B 238 -21.40 -10.85 14.16
CA PRO B 238 -22.05 -10.34 15.36
C PRO B 238 -23.55 -10.53 15.33
N ASP B 239 -24.17 -10.44 16.49
CA ASP B 239 -25.62 -10.43 16.58
C ASP B 239 -26.18 -9.08 16.15
N ALA B 240 -25.39 -8.02 16.32
CA ALA B 240 -25.82 -6.69 15.93
C ALA B 240 -24.66 -5.74 15.67
N VAL B 241 -24.88 -4.78 14.78
CA VAL B 241 -23.95 -3.69 14.51
C VAL B 241 -24.74 -2.41 14.68
N VAL B 242 -24.23 -1.44 15.43
CA VAL B 242 -25.00 -0.22 15.75
C VAL B 242 -24.13 1.02 15.59
N ALA B 243 -24.77 2.18 15.47
CA ALA B 243 -24.08 3.46 15.29
C ALA B 243 -25.01 4.62 15.54
N CYS B 244 -24.43 5.79 15.85
CA CYS B 244 -25.22 7.01 15.95
C CYS B 244 -25.52 7.51 14.54
N VAL B 245 -26.61 8.26 14.42
CA VAL B 245 -27.10 8.74 13.13
C VAL B 245 -27.40 10.24 13.15
N GLY B 246 -26.47 11.03 12.61
CA GLY B 246 -26.73 12.44 12.25
C GLY B 246 -27.37 12.49 10.86
N GLY B 247 -26.58 12.90 9.87
CA GLY B 247 -26.94 12.74 8.45
C GLY B 247 -26.74 11.30 7.97
N GLY B 248 -25.85 10.58 8.63
CA GLY B 248 -25.75 9.14 8.49
C GLY B 248 -24.50 8.54 7.88
N SER B 249 -23.41 9.30 7.77
CA SER B 249 -22.19 8.81 7.12
C SER B 249 -21.50 7.67 7.87
N ASN B 250 -21.31 7.84 9.19
CA ASN B 250 -20.63 6.81 9.97
C ASN B 250 -21.48 5.54 10.08
N ALA B 251 -22.80 5.68 10.27
CA ALA B 251 -23.67 4.52 10.38
C ALA B 251 -23.71 3.71 9.09
N ILE B 252 -23.96 4.38 7.97
CA ILE B 252 -24.04 3.69 6.68
C ILE B 252 -22.68 3.06 6.35
N GLY B 253 -21.60 3.74 6.73
CA GLY B 253 -20.25 3.24 6.48
C GLY B 253 -19.93 1.94 7.21
N ILE B 254 -20.39 1.79 8.46
CA ILE B 254 -20.23 0.53 9.17
C ILE B 254 -21.30 -0.51 8.79
N PHE B 255 -22.53 -0.07 8.49
CA PHE B 255 -23.61 -0.99 8.14
C PHE B 255 -23.36 -1.75 6.86
N HIS B 256 -22.77 -1.09 5.85
CA HIS B 256 -22.89 -1.54 4.47
C HIS B 256 -22.41 -2.97 4.25
N ALA B 257 -21.23 -3.29 4.79
CA ALA B 257 -20.63 -4.61 4.65
C ALA B 257 -21.47 -5.76 5.24
N PHE B 258 -22.36 -5.41 6.17
CA PHE B 258 -23.23 -6.35 6.85
C PHE B 258 -24.64 -6.44 6.26
N LEU B 259 -24.93 -5.67 5.20
CA LEU B 259 -26.31 -5.63 4.69
C LEU B 259 -26.86 -7.00 4.29
N ASP B 260 -26.03 -7.81 3.64
CA ASP B 260 -26.46 -9.14 3.14
C ASP B 260 -26.20 -10.29 4.13
N ASP B 261 -25.81 -9.97 5.37
CA ASP B 261 -25.73 -10.94 6.47
C ASP B 261 -27.07 -10.97 7.21
N PRO B 262 -27.95 -11.94 6.86
CA PRO B 262 -29.32 -11.82 7.38
C PRO B 262 -29.49 -12.01 8.89
N GLY B 263 -28.54 -12.67 9.54
CA GLY B 263 -28.55 -12.80 11.00
C GLY B 263 -28.12 -11.56 11.79
N VAL B 264 -27.51 -10.58 11.13
CA VAL B 264 -26.96 -9.39 11.80
C VAL B 264 -27.98 -8.25 11.84
N ARG B 265 -28.39 -7.88 13.06
CA ARG B 265 -29.29 -6.75 13.29
C ARG B 265 -28.50 -5.47 13.14
N LEU B 266 -29.14 -4.51 12.49
CA LEU B 266 -28.54 -3.21 12.25
C LEU B 266 -29.43 -2.21 12.95
N VAL B 267 -28.81 -1.39 13.80
CA VAL B 267 -29.55 -0.40 14.58
C VAL B 267 -28.88 0.96 14.56
N GLY B 268 -29.59 1.95 14.06
CA GLY B 268 -29.15 3.34 14.11
C GLY B 268 -29.75 4.04 15.32
N PHE B 269 -28.94 4.84 16.02
CA PHE B 269 -29.40 5.58 17.19
C PHE B 269 -29.37 7.07 16.93
N GLU B 270 -30.52 7.72 17.12
CA GLU B 270 -30.69 9.15 16.81
C GLU B 270 -30.94 9.96 18.08
N ALA B 271 -30.67 11.27 18.01
CA ALA B 271 -30.70 12.15 19.20
C ALA B 271 -32.11 12.55 19.59
N ALA B 272 -32.55 12.13 20.77
CA ALA B 272 -33.86 12.53 21.28
C ALA B 272 -33.82 13.78 22.17
N GLY B 273 -32.62 14.35 22.39
CA GLY B 273 -32.52 15.60 23.13
C GLY B 273 -33.08 15.48 24.53
N ASP B 274 -34.04 16.35 24.86
CA ASP B 274 -34.77 16.30 26.12
C ASP B 274 -35.88 15.24 26.15
N GLY B 275 -36.14 14.60 25.01
CA GLY B 275 -37.21 13.61 24.87
C GLY B 275 -38.02 13.93 23.63
N VAL B 276 -38.52 12.88 22.99
CA VAL B 276 -39.26 13.03 21.71
C VAL B 276 -40.60 13.76 21.90
N GLU B 277 -41.19 13.60 23.07
CA GLU B 277 -42.44 14.30 23.43
C GLU B 277 -42.28 15.81 23.73
N THR B 278 -41.04 16.29 23.93
CA THR B 278 -40.79 17.69 24.35
C THR B 278 -40.68 18.70 23.21
N GLY B 279 -40.53 18.22 21.97
CA GLY B 279 -40.22 19.11 20.86
C GLY B 279 -38.85 19.78 20.92
N ARG B 280 -37.92 19.21 21.69
CA ARG B 280 -36.51 19.60 21.71
C ARG B 280 -35.72 18.32 21.51
N HIS B 281 -35.60 17.93 20.25
CA HIS B 281 -35.01 16.66 19.86
C HIS B 281 -34.56 16.75 18.42
N ALA B 282 -33.86 15.72 17.97
CA ALA B 282 -33.51 15.54 16.56
C ALA B 282 -33.82 14.13 16.08
N ALA B 283 -34.84 13.52 16.69
CA ALA B 283 -35.29 12.17 16.38
C ALA B 283 -36.03 12.13 15.06
N THR B 284 -35.23 12.17 13.99
CA THR B 284 -35.72 12.27 12.63
C THR B 284 -36.68 11.13 12.22
N PHE B 285 -36.26 9.88 12.36
CA PHE B 285 -37.14 8.73 12.04
C PHE B 285 -38.28 8.52 13.03
N THR B 286 -38.01 8.73 14.32
CA THR B 286 -39.03 8.56 15.37
C THR B 286 -40.19 9.53 15.30
N ALA B 287 -39.91 10.81 15.00
CA ALA B 287 -40.93 11.88 14.96
C ALA B 287 -41.14 12.56 13.59
N GLY B 288 -40.23 12.36 12.65
CA GLY B 288 -40.31 13.03 11.35
C GLY B 288 -41.18 12.28 10.37
N SER B 289 -41.30 12.82 9.16
CA SER B 289 -42.03 12.18 8.06
C SER B 289 -41.30 12.42 6.74
N PRO B 290 -41.63 11.64 5.67
CA PRO B 290 -41.02 11.84 4.35
C PRO B 290 -41.14 13.26 3.78
N GLY B 291 -40.09 13.75 3.13
CA GLY B 291 -40.11 15.04 2.44
C GLY B 291 -38.82 15.39 1.72
N ALA B 292 -38.89 16.47 0.92
CA ALA B 292 -37.73 16.99 0.20
C ALA B 292 -36.97 17.94 1.11
N PHE B 293 -35.69 17.70 1.31
CA PHE B 293 -34.92 18.55 2.18
C PHE B 293 -33.44 18.43 1.91
N HIS B 294 -32.77 19.59 1.84
N HIS B 294 -32.75 19.57 1.81
CA HIS B 294 -31.33 19.67 1.64
CA HIS B 294 -31.30 19.58 1.67
C HIS B 294 -30.89 18.75 0.48
C HIS B 294 -30.87 18.73 0.47
N GLY B 295 -31.59 18.87 -0.65
CA GLY B 295 -31.27 18.13 -1.87
C GLY B 295 -31.80 16.72 -2.10
N SER B 296 -32.41 16.08 -1.09
CA SER B 296 -32.91 14.70 -1.22
C SER B 296 -34.34 14.53 -0.71
N PHE B 297 -34.99 13.46 -1.19
CA PHE B 297 -36.25 12.99 -0.62
C PHE B 297 -35.91 11.97 0.47
N SER B 298 -36.22 12.34 1.71
CA SER B 298 -35.91 11.50 2.85
C SER B 298 -36.88 11.80 3.96
N TYR B 299 -36.50 11.47 5.20
CA TYR B 299 -37.26 11.84 6.35
C TYR B 299 -36.71 13.16 6.86
N LEU B 300 -37.61 14.02 7.33
CA LEU B 300 -37.18 15.16 8.12
C LEU B 300 -38.21 15.52 9.18
N LEU B 301 -37.74 16.28 10.16
CA LEU B 301 -38.61 16.97 11.10
C LEU B 301 -39.23 18.19 10.43
N GLN B 302 -40.55 18.15 10.23
CA GLN B 302 -41.26 19.22 9.53
C GLN B 302 -42.65 19.43 10.14
N ASP B 303 -43.15 20.66 10.07
CA ASP B 303 -44.46 21.00 10.63
C ASP B 303 -45.58 20.66 9.62
N GLU B 304 -46.82 21.07 9.90
CA GLU B 304 -47.94 20.71 9.04
C GLU B 304 -47.89 21.33 7.64
N ASP B 305 -47.14 22.41 7.46
CA ASP B 305 -47.01 23.07 6.15
C ASP B 305 -45.79 22.59 5.39
N GLY B 306 -44.92 21.84 6.06
CA GLY B 306 -43.70 21.36 5.46
C GLY B 306 -42.47 22.21 5.76
N GLN B 307 -42.57 23.13 6.72
CA GLN B 307 -41.44 23.96 7.13
C GLN B 307 -40.57 23.12 8.04
N THR B 308 -39.27 23.34 7.95
CA THR B 308 -38.31 22.58 8.75
C THR B 308 -38.35 23.08 10.19
N ILE B 309 -38.41 22.13 11.12
CA ILE B 309 -38.43 22.40 12.56
C ILE B 309 -37.00 22.42 13.07
N GLU B 310 -36.66 23.41 13.90
CA GLU B 310 -35.33 23.43 14.55
C GLU B 310 -35.21 22.18 15.42
N SER B 311 -34.11 21.44 15.22
CA SER B 311 -33.74 20.33 16.07
C SER B 311 -32.91 20.80 17.26
N HIS B 312 -32.80 19.95 18.27
CA HIS B 312 -31.99 20.23 19.45
C HIS B 312 -31.36 18.93 19.95
N SER B 313 -30.10 19.02 20.34
CA SER B 313 -29.38 17.91 20.98
C SER B 313 -28.23 18.52 21.75
N ILE B 314 -27.81 17.86 22.81
CA ILE B 314 -26.59 18.26 23.48
C ILE B 314 -25.36 18.04 22.59
N SER B 315 -25.43 17.10 21.65
CA SER B 315 -24.35 16.89 20.70
C SER B 315 -24.58 17.71 19.43
N ALA B 316 -23.52 18.34 18.92
CA ALA B 316 -23.61 19.17 17.70
C ALA B 316 -23.80 18.35 16.44
N GLY B 317 -23.04 17.27 16.30
CA GLY B 317 -23.11 16.41 15.13
C GLY B 317 -24.43 15.66 14.88
N LEU B 318 -25.21 15.39 15.93
CA LEU B 318 -26.53 14.77 15.75
C LEU B 318 -27.65 15.78 15.62
N ASP B 319 -27.35 17.06 15.86
CA ASP B 319 -28.32 18.15 15.82
C ASP B 319 -28.61 18.54 14.36
N TYR B 320 -29.45 17.74 13.71
CA TYR B 320 -29.75 17.87 12.30
C TYR B 320 -31.18 17.35 12.13
N PRO B 321 -32.07 18.14 11.49
CA PRO B 321 -33.49 17.74 11.37
C PRO B 321 -33.77 16.70 10.32
N GLY B 322 -32.77 16.33 9.52
CA GLY B 322 -32.93 15.35 8.46
C GLY B 322 -32.09 14.12 8.65
N VAL B 323 -32.03 13.31 7.60
CA VAL B 323 -31.23 12.10 7.54
C VAL B 323 -31.03 11.69 6.07
N GLY B 324 -29.92 11.01 5.79
CA GLY B 324 -29.62 10.57 4.44
C GLY B 324 -30.64 9.60 3.88
N PRO B 325 -30.86 9.64 2.56
CA PRO B 325 -31.89 8.83 1.91
C PRO B 325 -31.61 7.33 1.88
N GLU B 326 -30.35 6.92 2.00
CA GLU B 326 -30.09 5.48 2.04
C GLU B 326 -30.64 4.90 3.33
N HIS B 327 -30.55 5.66 4.41
CA HIS B 327 -31.17 5.27 5.69
C HIS B 327 -32.70 5.23 5.58
N ALA B 328 -33.29 6.14 4.83
CA ALA B 328 -34.75 6.10 4.62
C ALA B 328 -35.19 4.82 3.92
N TRP B 329 -34.43 4.41 2.91
CA TRP B 329 -34.67 3.20 2.15
C TRP B 329 -34.53 1.96 3.03
N LEU B 330 -33.44 1.90 3.78
CA LEU B 330 -33.19 0.78 4.68
C LEU B 330 -34.23 0.68 5.80
N LYS B 331 -34.76 1.81 6.25
CA LYS B 331 -35.91 1.80 7.17
C LYS B 331 -37.18 1.27 6.52
N GLU B 332 -37.56 1.81 5.37
CA GLU B 332 -38.78 1.36 4.68
C GLU B 332 -38.68 -0.16 4.41
N ALA B 333 -37.52 -0.63 3.95
CA ALA B 333 -37.29 -2.05 3.64
C ALA B 333 -37.19 -2.99 4.85
N GLY B 334 -37.19 -2.46 6.07
CA GLY B 334 -37.14 -3.27 7.28
C GLY B 334 -35.76 -3.83 7.63
N ARG B 335 -34.71 -3.40 6.93
CA ARG B 335 -33.34 -3.89 7.16
C ARG B 335 -32.66 -3.28 8.38
N VAL B 336 -32.93 -2.02 8.67
CA VAL B 336 -32.32 -1.33 9.81
C VAL B 336 -33.41 -0.74 10.66
N ASP B 337 -33.29 -0.88 11.98
CA ASP B 337 -34.15 -0.19 12.95
C ASP B 337 -33.49 1.11 13.40
N TYR B 338 -34.28 2.16 13.61
CA TYR B 338 -33.78 3.42 14.13
C TYR B 338 -34.51 3.78 15.43
N ARG B 339 -33.74 4.07 16.47
CA ARG B 339 -34.25 4.24 17.82
C ARG B 339 -33.73 5.56 18.42
N PRO B 340 -34.54 6.22 19.28
CA PRO B 340 -34.14 7.46 19.95
C PRO B 340 -33.29 7.21 21.21
N ILE B 341 -32.28 8.07 21.44
CA ILE B 341 -31.46 8.10 22.65
C ILE B 341 -31.40 9.55 23.14
N THR B 342 -31.79 9.80 24.38
CA THR B 342 -31.86 11.17 24.95
C THR B 342 -30.46 11.72 25.30
N ASP B 343 -30.41 13.01 25.63
CA ASP B 343 -29.18 13.64 26.13
C ASP B 343 -28.64 12.89 27.35
N SER B 344 -29.55 12.56 28.28
CA SER B 344 -29.18 11.96 29.56
C SER B 344 -28.61 10.56 29.42
N GLU B 345 -29.28 9.75 28.63
CA GLU B 345 -28.81 8.40 28.30
C GLU B 345 -27.40 8.45 27.69
N ALA B 346 -27.20 9.38 26.77
CA ALA B 346 -25.90 9.54 26.12
C ALA B 346 -24.84 10.04 27.10
N MET B 347 -25.17 11.02 27.92
CA MET B 347 -24.20 11.52 28.88
C MET B 347 -23.82 10.46 29.91
N ASP B 348 -24.77 9.64 30.36
CA ASP B 348 -24.48 8.50 31.27
C ASP B 348 -23.50 7.54 30.63
N ALA B 349 -23.73 7.23 29.36
CA ALA B 349 -22.85 6.37 28.59
C ALA B 349 -21.47 6.98 28.39
N PHE B 350 -21.43 8.30 28.19
CA PHE B 350 -20.17 9.03 28.05
C PHE B 350 -19.32 8.80 29.30
N GLY B 351 -19.92 9.09 30.44
CA GLY B 351 -19.23 8.99 31.71
C GLY B 351 -18.81 7.56 31.98
N LEU B 352 -19.69 6.62 31.63
CA LEU B 352 -19.43 5.20 31.89
C LEU B 352 -18.25 4.72 31.07
N LEU B 353 -18.22 5.10 29.80
CA LEU B 353 -17.10 4.75 28.95
C LEU B 353 -15.79 5.33 29.47
N CYS B 354 -15.83 6.55 30.01
CA CYS B 354 -14.62 7.16 30.58
C CYS B 354 -14.07 6.38 31.79
N ARG B 355 -14.97 5.98 32.70
CA ARG B 355 -14.58 5.31 33.96
C ARG B 355 -14.14 3.86 33.81
N MET B 356 -14.80 3.14 32.89
CA MET B 356 -14.65 1.69 32.75
C MET B 356 -13.55 1.29 31.78
N GLU B 357 -13.45 1.99 30.66
CA GLU B 357 -12.46 1.66 29.63
C GLU B 357 -11.40 2.74 29.39
N GLY B 358 -11.52 3.91 30.02
CA GLY B 358 -10.58 5.00 29.77
C GLY B 358 -10.67 5.62 28.38
N ILE B 359 -11.81 5.46 27.71
CA ILE B 359 -12.02 6.09 26.41
C ILE B 359 -13.02 7.21 26.57
N ILE B 360 -12.62 8.42 26.14
CA ILE B 360 -13.48 9.59 26.16
C ILE B 360 -14.13 9.68 24.82
N PRO B 361 -15.41 9.31 24.70
CA PRO B 361 -16.01 9.33 23.39
C PRO B 361 -16.58 10.70 23.05
N ALA B 362 -16.69 10.98 21.76
CA ALA B 362 -17.55 12.06 21.30
C ALA B 362 -18.96 11.82 21.84
N ILE B 363 -19.65 12.91 22.15
CA ILE B 363 -21.01 12.80 22.67
C ILE B 363 -21.91 12.18 21.60
N GLU B 364 -21.59 12.41 20.33
CA GLU B 364 -22.31 11.77 19.23
C GLU B 364 -22.24 10.26 19.44
N SER B 365 -21.01 9.78 19.58
CA SER B 365 -20.71 8.36 19.73
C SER B 365 -21.33 7.75 21.00
N ALA B 366 -21.41 8.56 22.05
CA ALA B 366 -22.02 8.13 23.28
C ALA B 366 -23.50 7.74 23.14
N HIS B 367 -24.20 8.33 22.17
CA HIS B 367 -25.58 7.92 21.86
C HIS B 367 -25.59 6.46 21.38
N ALA B 368 -24.59 6.09 20.58
CA ALA B 368 -24.45 4.71 20.10
C ALA B 368 -24.06 3.76 21.21
N VAL B 369 -23.18 4.19 22.10
CA VAL B 369 -22.81 3.40 23.26
C VAL B 369 -24.04 3.18 24.15
N ALA B 370 -24.77 4.27 24.40
CA ALA B 370 -25.96 4.21 25.23
C ALA B 370 -26.97 3.20 24.68
N GLY B 371 -27.20 3.28 23.38
CA GLY B 371 -28.09 2.36 22.69
C GLY B 371 -27.58 0.93 22.67
N ALA B 372 -26.26 0.78 22.56
CA ALA B 372 -25.65 -0.55 22.63
C ALA B 372 -25.82 -1.21 24.00
N LEU B 373 -25.77 -0.42 25.07
CA LEU B 373 -26.07 -0.95 26.41
C LEU B 373 -27.52 -1.46 26.54
N LYS B 374 -28.48 -0.74 25.96
CA LYS B 374 -29.88 -1.18 26.00
C LYS B 374 -30.14 -2.42 25.14
N LEU B 375 -29.50 -2.48 23.97
CA LEU B 375 -29.61 -3.63 23.09
C LEU B 375 -28.98 -4.88 23.72
N GLY B 376 -27.88 -4.69 24.45
CA GLY B 376 -27.26 -5.75 25.24
C GLY B 376 -28.18 -6.33 26.29
N VAL B 377 -28.93 -5.48 26.98
CA VAL B 377 -29.95 -5.93 27.91
C VAL B 377 -31.03 -6.75 27.18
N GLU B 378 -31.54 -6.22 26.07
N GLU B 378 -31.55 -6.21 26.07
CA GLU B 378 -32.58 -6.90 25.29
CA GLU B 378 -32.56 -6.90 25.26
C GLU B 378 -32.10 -8.25 24.71
C GLU B 378 -32.07 -8.26 24.76
N LEU B 379 -30.89 -8.28 24.14
CA LEU B 379 -30.34 -9.50 23.51
C LEU B 379 -29.74 -10.51 24.49
N GLY B 380 -29.13 -10.03 25.56
CA GLY B 380 -28.75 -10.88 26.69
C GLY B 380 -27.31 -11.35 26.70
N ARG B 381 -27.00 -12.13 27.74
CA ARG B 381 -25.68 -12.70 28.02
C ARG B 381 -25.00 -13.33 26.80
N GLY B 382 -23.74 -12.96 26.59
CA GLY B 382 -22.92 -13.51 25.50
C GLY B 382 -23.21 -12.98 24.09
N ALA B 383 -24.23 -12.13 23.91
CA ALA B 383 -24.51 -11.57 22.61
C ALA B 383 -23.38 -10.62 22.20
N VAL B 384 -23.13 -10.56 20.89
CA VAL B 384 -21.99 -9.86 20.33
C VAL B 384 -22.51 -8.67 19.56
N ILE B 385 -22.14 -7.47 20.03
CA ILE B 385 -22.59 -6.19 19.47
C ILE B 385 -21.36 -5.38 19.09
N VAL B 386 -21.30 -4.97 17.83
CA VAL B 386 -20.25 -4.07 17.33
C VAL B 386 -20.82 -2.66 17.37
N VAL B 387 -20.09 -1.72 17.96
CA VAL B 387 -20.51 -0.33 18.08
C VAL B 387 -19.52 0.56 17.35
N ASN B 388 -20.01 1.43 16.48
CA ASN B 388 -19.13 2.39 15.84
C ASN B 388 -18.85 3.52 16.81
N LEU B 389 -17.61 3.65 17.22
CA LEU B 389 -17.18 4.77 18.05
C LEU B 389 -16.65 5.85 17.13
N SER B 390 -17.57 6.61 16.58
CA SER B 390 -17.32 7.50 15.47
C SER B 390 -16.27 8.59 15.76
N GLY B 391 -16.13 9.02 17.02
CA GLY B 391 -15.09 10.00 17.37
C GLY B 391 -14.66 10.03 18.82
N ARG B 392 -13.55 10.74 19.06
CA ARG B 392 -13.03 11.00 20.39
C ARG B 392 -13.70 12.25 20.99
N GLY B 393 -13.70 12.33 22.32
CA GLY B 393 -14.46 13.34 23.05
C GLY B 393 -13.70 14.54 23.56
N ASP B 394 -12.48 14.76 23.10
CA ASP B 394 -11.69 15.95 23.49
C ASP B 394 -12.43 17.27 23.28
N LYS B 395 -13.06 17.40 22.12
CA LYS B 395 -13.92 18.55 21.82
C LYS B 395 -15.08 18.72 22.77
N ASP B 396 -15.51 17.63 23.40
CA ASP B 396 -16.68 17.60 24.28
C ASP B 396 -16.40 17.65 25.79
N VAL B 397 -15.12 17.75 26.18
CA VAL B 397 -14.75 17.70 27.60
C VAL B 397 -15.42 18.82 28.42
N GLU B 398 -15.44 20.04 27.89
CA GLU B 398 -16.05 21.18 28.57
C GLU B 398 -17.55 20.97 28.77
N THR B 399 -18.25 20.55 27.73
CA THR B 399 -19.69 20.26 27.83
C THR B 399 -20.00 19.19 28.88
N ALA B 400 -19.18 18.14 28.90
CA ALA B 400 -19.35 17.03 29.82
C ALA B 400 -19.04 17.41 31.26
N ALA B 401 -17.95 18.15 31.45
CA ALA B 401 -17.55 18.64 32.75
C ALA B 401 -18.63 19.50 33.38
N LYS B 402 -19.25 20.37 32.58
CA LYS B 402 -20.43 21.15 33.02
C LYS B 402 -21.57 20.24 33.43
N TRP B 403 -21.93 19.30 32.56
CA TRP B 403 -22.98 18.33 32.86
C TRP B 403 -22.80 17.64 34.22
N PHE B 404 -21.58 17.17 34.48
CA PHE B 404 -21.23 16.42 35.70
C PHE B 404 -20.73 17.26 36.87
N GLY B 405 -20.92 18.57 36.82
CA GLY B 405 -20.55 19.49 37.90
C GLY B 405 -19.07 19.61 38.22
N LEU B 406 -18.22 19.30 37.25
CA LEU B 406 -16.78 19.28 37.46
C LEU B 406 -16.11 20.64 37.30
N LEU B 407 -16.78 21.61 36.71
CA LEU B 407 -16.24 22.97 36.69
C LEU B 407 -16.63 23.83 37.92
N GLY B 408 -17.82 23.61 38.49
CA GLY B 408 -18.40 24.49 39.52
C GLY B 408 -19.02 25.71 38.85
N ASN B 409 -18.86 26.90 39.49
CA ASN B 409 -19.34 28.18 38.94
C ASN B 409 -18.30 29.30 39.01
N ALA C 9 11.44 -53.84 32.40
CA ALA C 9 12.74 -53.74 31.66
C ALA C 9 12.52 -53.64 30.14
N SER C 10 13.38 -52.89 29.48
CA SER C 10 13.37 -52.87 28.02
C SER C 10 13.93 -54.19 27.51
N ARG C 11 13.67 -54.47 26.25
CA ARG C 11 14.11 -55.69 25.59
C ARG C 11 15.63 -55.70 25.33
N LEU C 12 16.21 -54.52 25.13
CA LEU C 12 17.67 -54.38 24.97
C LEU C 12 18.45 -54.10 26.26
N GLY C 13 17.76 -53.87 27.38
CA GLY C 13 18.39 -53.64 28.68
C GLY C 13 19.45 -54.65 29.09
N PRO C 14 19.13 -55.96 29.03
CA PRO C 14 20.11 -57.02 29.31
C PRO C 14 21.39 -56.98 28.45
N VAL C 15 21.28 -56.52 27.21
CA VAL C 15 22.45 -56.37 26.35
C VAL C 15 23.37 -55.29 26.88
N PHE C 16 22.80 -54.14 27.25
CA PHE C 16 23.57 -53.00 27.76
C PHE C 16 24.10 -53.19 29.18
N ASP C 17 23.37 -53.90 30.03
CA ASP C 17 23.86 -54.32 31.36
C ASP C 17 25.11 -55.19 31.25
N SER C 18 25.05 -56.15 30.33
CA SER C 18 26.14 -57.08 30.03
C SER C 18 27.39 -56.37 29.51
N CYS C 19 27.19 -55.44 28.57
CA CYS C 19 28.27 -54.60 28.09
C CYS C 19 28.86 -53.75 29.22
N ARG C 20 28.01 -53.06 29.97
CA ARG C 20 28.47 -52.24 31.10
C ARG C 20 29.16 -53.07 32.22
N ALA C 21 28.72 -54.32 32.40
CA ALA C 21 29.39 -55.26 33.32
C ALA C 21 30.78 -55.72 32.83
N ASN C 22 31.00 -55.71 31.51
CA ASN C 22 32.30 -56.03 30.89
C ASN C 22 33.11 -54.78 30.44
N ASN C 23 32.77 -53.61 31.01
CA ASN C 23 33.50 -52.35 30.76
C ASN C 23 33.69 -52.02 29.28
N ARG C 24 32.58 -52.06 28.55
CA ARG C 24 32.57 -51.80 27.12
C ARG C 24 31.25 -51.24 26.60
N ALA C 25 31.30 -50.73 25.39
CA ALA C 25 30.12 -50.30 24.68
C ALA C 25 29.61 -51.47 23.84
N ALA C 26 28.30 -51.46 23.56
CA ALA C 26 27.71 -52.39 22.60
C ALA C 26 28.09 -51.96 21.18
N LEU C 27 28.44 -52.92 20.32
CA LEU C 27 28.56 -52.66 18.88
C LEU C 27 27.19 -52.84 18.23
N ILE C 28 26.75 -51.81 17.50
CA ILE C 28 25.43 -51.82 16.84
C ILE C 28 25.63 -51.66 15.32
N GLY C 29 25.29 -52.71 14.58
CA GLY C 29 25.59 -52.80 13.15
C GLY C 29 24.34 -52.67 12.29
N TYR C 30 24.36 -51.70 11.37
CA TYR C 30 23.29 -51.51 10.38
C TYR C 30 23.65 -52.12 9.02
N LEU C 31 22.73 -52.89 8.47
CA LEU C 31 22.75 -53.29 7.08
C LEU C 31 21.33 -53.23 6.49
N PRO C 32 21.20 -52.71 5.26
CA PRO C 32 19.91 -52.70 4.61
C PRO C 32 19.53 -54.08 4.06
N THR C 33 18.27 -54.47 4.24
CA THR C 33 17.79 -55.73 3.68
C THR C 33 17.86 -55.68 2.15
N GLY C 34 18.22 -56.80 1.54
CA GLY C 34 18.30 -56.90 0.09
C GLY C 34 19.48 -56.26 -0.64
N TYR C 35 20.53 -55.85 0.06
CA TYR C 35 21.76 -55.39 -0.60
C TYR C 35 22.88 -56.41 -0.38
N PRO C 36 23.56 -56.87 -1.47
CA PRO C 36 23.32 -56.63 -2.91
C PRO C 36 22.08 -57.37 -3.49
N ASP C 37 21.63 -58.42 -2.79
CA ASP C 37 20.34 -59.05 -3.05
C ASP C 37 19.85 -59.61 -1.71
N VAL C 38 18.65 -60.20 -1.67
CA VAL C 38 18.07 -60.66 -0.37
C VAL C 38 18.90 -61.77 0.34
N PRO C 39 19.22 -62.90 -0.33
CA PRO C 39 20.08 -63.94 0.31
C PRO C 39 21.46 -63.45 0.80
N ALA C 40 22.14 -62.64 -0.01
CA ALA C 40 23.45 -62.10 0.34
C ALA C 40 23.38 -61.17 1.57
N SER C 41 22.31 -60.39 1.68
CA SER C 41 22.05 -59.56 2.87
C SER C 41 21.77 -60.39 4.13
N VAL C 42 21.09 -61.53 4.00
CA VAL C 42 20.85 -62.41 5.16
C VAL C 42 22.15 -63.10 5.60
N ALA C 43 22.98 -63.52 4.64
CA ALA C 43 24.30 -64.05 4.95
C ALA C 43 25.18 -62.95 5.58
N ALA C 44 25.08 -61.73 5.06
CA ALA C 44 25.85 -60.60 5.61
C ALA C 44 25.46 -60.31 7.06
N MET C 45 24.16 -60.32 7.33
CA MET C 45 23.63 -60.01 8.67
C MET C 45 23.97 -61.10 9.68
N THR C 46 23.94 -62.34 9.22
CA THR C 46 24.37 -63.51 10.01
C THR C 46 25.85 -63.39 10.38
N ALA C 47 26.67 -62.96 9.43
CA ALA C 47 28.09 -62.75 9.66
C ALA C 47 28.41 -61.66 10.69
N LEU C 48 27.54 -60.64 10.78
CA LEU C 48 27.66 -59.61 11.83
C LEU C 48 27.52 -60.21 13.23
N VAL C 49 26.56 -61.14 13.39
CA VAL C 49 26.37 -61.84 14.67
C VAL C 49 27.61 -62.70 15.00
N GLU C 50 28.08 -63.45 14.00
CA GLU C 50 29.26 -64.31 14.13
C GLU C 50 30.55 -63.52 14.43
N SER C 51 30.66 -62.29 13.89
CA SER C 51 31.85 -61.42 14.05
C SER C 51 31.84 -60.44 15.25
N GLY C 52 30.76 -60.40 16.04
CA GLY C 52 30.76 -59.66 17.33
C GLY C 52 29.85 -58.44 17.48
N CYS C 53 28.91 -58.25 16.56
CA CYS C 53 27.83 -57.26 16.74
C CYS C 53 26.91 -57.70 17.86
N ASP C 54 26.65 -56.80 18.80
CA ASP C 54 25.77 -57.06 19.93
C ASP C 54 24.30 -56.88 19.54
N ILE C 55 24.02 -55.89 18.69
CA ILE C 55 22.70 -55.58 18.17
C ILE C 55 22.80 -55.33 16.67
N ILE C 56 21.82 -55.82 15.90
CA ILE C 56 21.75 -55.58 14.43
C ILE C 56 20.57 -54.67 14.14
N GLU C 57 20.83 -53.57 13.43
CA GLU C 57 19.78 -52.75 12.85
C GLU C 57 19.53 -53.28 11.45
N VAL C 58 18.36 -53.87 11.25
CA VAL C 58 17.94 -54.31 9.92
C VAL C 58 17.24 -53.14 9.24
N GLY C 59 17.88 -52.57 8.23
CA GLY C 59 17.30 -51.45 7.48
C GLY C 59 16.25 -51.86 6.48
N VAL C 60 15.10 -51.18 6.48
CA VAL C 60 14.06 -51.36 5.48
C VAL C 60 14.27 -50.36 4.35
N PRO C 61 14.69 -50.82 3.15
CA PRO C 61 14.87 -49.85 2.08
C PRO C 61 13.58 -49.10 1.73
N TYR C 62 13.70 -47.77 1.57
CA TYR C 62 12.57 -46.88 1.33
C TYR C 62 12.94 -45.97 0.16
N SER C 63 11.95 -45.67 -0.67
CA SER C 63 12.13 -44.91 -1.91
C SER C 63 12.61 -43.47 -1.71
N ASP C 64 12.27 -42.87 -0.56
CA ASP C 64 12.55 -41.46 -0.25
C ASP C 64 13.24 -41.26 1.13
N PRO C 65 14.45 -41.81 1.31
CA PRO C 65 15.11 -41.75 2.62
C PRO C 65 15.82 -40.40 2.89
N GLY C 66 15.32 -39.64 3.86
CA GLY C 66 15.88 -38.32 4.17
C GLY C 66 17.20 -38.36 4.91
N MET C 67 17.26 -39.18 5.94
CA MET C 67 18.44 -39.29 6.78
C MET C 67 19.63 -40.05 6.18
N ASP C 68 19.38 -40.98 5.26
CA ASP C 68 20.46 -41.81 4.68
C ASP C 68 21.52 -41.01 3.93
N GLY C 69 22.79 -41.28 4.25
CA GLY C 69 23.91 -40.69 3.51
C GLY C 69 24.09 -41.36 2.15
N PRO C 70 25.00 -40.84 1.32
CA PRO C 70 25.21 -41.35 -0.03
C PRO C 70 25.42 -42.88 -0.14
N THR C 71 26.28 -43.45 0.70
CA THR C 71 26.58 -44.89 0.65
C THR C 71 25.35 -45.79 0.90
N ILE C 72 24.59 -45.49 1.95
CA ILE C 72 23.38 -46.26 2.29
C ILE C 72 22.24 -46.02 1.29
N ALA C 73 22.16 -44.80 0.76
CA ALA C 73 21.15 -44.47 -0.25
C ALA C 73 21.34 -45.26 -1.56
N ARG C 74 22.58 -45.30 -2.08
CA ARG C 74 22.91 -46.14 -3.26
C ARG C 74 22.50 -47.59 -3.00
N ALA C 75 22.88 -48.10 -1.85
CA ALA C 75 22.60 -49.49 -1.49
C ALA C 75 21.09 -49.78 -1.36
N THR C 76 20.32 -48.84 -0.83
CA THR C 76 18.88 -49.06 -0.68
C THR C 76 18.17 -48.92 -2.02
N GLU C 77 18.62 -47.99 -2.85
CA GLU C 77 18.15 -47.87 -4.25
C GLU C 77 18.34 -49.16 -5.03
N ALA C 78 19.52 -49.78 -4.87
CA ALA C 78 19.85 -51.05 -5.56
C ALA C 78 18.98 -52.18 -5.04
N ALA C 79 18.81 -52.23 -3.73
CA ALA C 79 17.92 -53.21 -3.10
C ALA C 79 16.49 -53.08 -3.65
N LEU C 80 16.00 -51.85 -3.75
CA LEU C 80 14.69 -51.60 -4.37
C LEU C 80 14.61 -51.99 -5.85
N ARG C 81 15.66 -51.71 -6.63
CA ARG C 81 15.76 -52.22 -8.01
C ARG C 81 15.74 -53.75 -8.09
N GLY C 82 16.38 -54.42 -7.11
CA GLY C 82 16.33 -55.88 -6.98
C GLY C 82 15.01 -56.49 -6.50
N GLY C 83 14.03 -55.66 -6.14
CA GLY C 83 12.69 -56.12 -5.80
C GLY C 83 12.49 -56.49 -4.35
N VAL C 84 13.34 -55.97 -3.47
CA VAL C 84 13.20 -56.17 -2.02
C VAL C 84 11.83 -55.75 -1.53
N ARG C 85 11.29 -56.51 -0.60
CA ARG C 85 9.98 -56.26 -0.02
C ARG C 85 10.13 -56.10 1.48
N VAL C 86 9.15 -55.46 2.10
CA VAL C 86 9.14 -55.28 3.55
C VAL C 86 9.13 -56.63 4.30
N ARG C 87 8.40 -57.62 3.77
CA ARG C 87 8.41 -58.96 4.38
C ARG C 87 9.80 -59.62 4.43
N ASP C 88 10.69 -59.28 3.48
CA ASP C 88 12.09 -59.74 3.50
C ASP C 88 12.86 -59.22 4.71
N THR C 89 12.52 -58.03 5.19
CA THR C 89 13.07 -57.52 6.43
C THR C 89 12.64 -58.39 7.62
N LEU C 90 11.37 -58.80 7.65
CA LEU C 90 10.89 -59.73 8.71
C LEU C 90 11.65 -61.05 8.68
N ALA C 91 11.83 -61.60 7.48
CA ALA C 91 12.59 -62.83 7.28
C ALA C 91 14.03 -62.71 7.78
N ALA C 92 14.68 -61.59 7.46
CA ALA C 92 16.04 -61.27 7.94
C ALA C 92 16.12 -61.23 9.47
N VAL C 93 15.12 -60.63 10.09
CA VAL C 93 15.01 -60.56 11.56
C VAL C 93 14.93 -61.97 12.14
N GLU C 94 14.14 -62.84 11.50
CA GLU C 94 14.04 -64.23 11.94
C GLU C 94 15.37 -65.00 11.81
N ALA C 95 16.06 -64.82 10.68
CA ALA C 95 17.36 -65.47 10.47
C ALA C 95 18.40 -65.01 11.49
N ILE C 96 18.41 -63.70 11.76
CA ILE C 96 19.27 -63.14 12.80
C ILE C 96 18.94 -63.72 14.18
N SER C 97 17.66 -63.79 14.52
CA SER C 97 17.23 -64.33 15.83
C SER C 97 17.62 -65.78 16.01
N ILE C 98 17.44 -66.60 14.96
CA ILE C 98 17.78 -68.04 14.99
C ILE C 98 19.28 -68.27 15.22
N ALA C 99 20.11 -67.47 14.54
CA ALA C 99 21.57 -67.52 14.70
C ALA C 99 22.08 -66.96 16.03
N GLY C 100 21.18 -66.52 16.92
CA GLY C 100 21.51 -66.09 18.28
C GLY C 100 21.76 -64.60 18.47
N GLY C 101 21.47 -63.79 17.44
CA GLY C 101 21.64 -62.34 17.49
C GLY C 101 20.41 -61.59 17.98
N ARG C 102 20.60 -60.29 18.19
CA ARG C 102 19.57 -59.40 18.73
C ARG C 102 19.27 -58.36 17.67
N ALA C 103 18.04 -58.36 17.16
CA ALA C 103 17.69 -57.54 16.00
C ALA C 103 16.64 -56.50 16.32
N VAL C 104 16.92 -55.27 15.88
CA VAL C 104 15.92 -54.23 15.76
C VAL C 104 15.81 -53.84 14.29
N VAL C 105 14.69 -53.23 13.91
CA VAL C 105 14.46 -52.79 12.55
C VAL C 105 14.50 -51.27 12.50
N MET C 106 15.26 -50.73 11.53
CA MET C 106 15.28 -49.30 11.28
C MET C 106 14.52 -49.04 9.98
N THR C 107 13.48 -48.22 10.08
CA THR C 107 12.58 -47.98 8.96
C THR C 107 12.01 -46.57 9.06
N TYR C 108 11.80 -45.97 7.90
CA TYR C 108 11.01 -44.76 7.77
C TYR C 108 9.54 -45.17 8.02
N TRP C 109 8.69 -44.17 8.29
CA TRP C 109 7.37 -44.45 8.83
C TRP C 109 6.31 -44.91 7.82
N ASN C 110 6.35 -44.44 6.58
CA ASN C 110 5.27 -44.77 5.65
C ASN C 110 5.11 -46.26 5.34
N PRO C 111 6.21 -47.02 5.22
CA PRO C 111 6.05 -48.45 5.06
C PRO C 111 5.36 -49.16 6.24
N VAL C 112 5.54 -48.65 7.45
CA VAL C 112 4.87 -49.17 8.64
C VAL C 112 3.38 -48.81 8.59
N LEU C 113 3.07 -47.56 8.23
CA LEU C 113 1.68 -47.11 8.05
C LEU C 113 0.92 -47.92 7.00
N ARG C 114 1.58 -48.16 5.85
CA ARG C 114 0.98 -48.97 4.78
C ARG C 114 0.72 -50.39 5.24
N TYR C 115 1.67 -50.93 6.02
CA TYR C 115 1.59 -52.31 6.54
C TYR C 115 0.47 -52.42 7.59
N GLY C 116 0.30 -51.36 8.38
CA GLY C 116 -0.50 -51.35 9.61
C GLY C 116 0.47 -51.34 10.78
N VAL C 117 0.30 -50.39 11.71
CA VAL C 117 1.25 -50.19 12.83
C VAL C 117 1.16 -51.36 13.81
N ASP C 118 -0.07 -51.67 14.24
CA ASP C 118 -0.30 -52.84 15.08
C ASP C 118 0.18 -54.13 14.41
N ALA C 119 -0.21 -54.31 13.15
CA ALA C 119 0.15 -55.51 12.38
C ALA C 119 1.68 -55.69 12.25
N PHE C 120 2.39 -54.60 11.95
CA PHE C 120 3.86 -54.66 11.81
C PHE C 120 4.55 -54.96 13.13
N ALA C 121 4.09 -54.29 14.19
CA ALA C 121 4.56 -54.56 15.55
C ALA C 121 4.41 -56.06 15.93
N ARG C 122 3.21 -56.61 15.71
CA ARG C 122 2.97 -58.05 15.94
C ARG C 122 3.90 -58.97 15.12
N ASP C 123 4.03 -58.70 13.82
CA ASP C 123 4.88 -59.50 12.94
C ASP C 123 6.35 -59.34 13.27
N LEU C 124 6.73 -58.14 13.68
CA LEU C 124 8.10 -57.92 14.13
C LEU C 124 8.41 -58.75 15.38
N ALA C 125 7.47 -58.74 16.34
CA ALA C 125 7.62 -59.55 17.56
C ALA C 125 7.60 -61.04 17.24
N ALA C 126 6.75 -61.44 16.31
CA ALA C 126 6.68 -62.85 15.88
C ALA C 126 7.95 -63.33 15.13
N ALA C 127 8.63 -62.41 14.45
CA ALA C 127 9.94 -62.69 13.84
C ALA C 127 11.09 -62.81 14.85
N GLY C 128 10.87 -62.37 16.09
CA GLY C 128 11.92 -62.31 17.11
C GLY C 128 12.56 -60.94 17.20
N GLY C 129 11.94 -59.93 16.59
CA GLY C 129 12.44 -58.56 16.67
C GLY C 129 12.26 -57.97 18.05
N LEU C 130 13.18 -57.07 18.40
CA LEU C 130 13.25 -56.49 19.74
C LEU C 130 12.81 -55.03 19.81
N GLY C 131 12.81 -54.34 18.68
CA GLY C 131 12.30 -52.99 18.63
C GLY C 131 12.42 -52.35 17.28
N LEU C 132 12.14 -51.05 17.25
CA LEU C 132 12.07 -50.29 16.04
C LEU C 132 12.84 -48.96 16.21
N ILE C 133 13.66 -48.59 15.23
CA ILE C 133 14.32 -47.28 15.18
C ILE C 133 13.61 -46.46 14.11
N THR C 134 13.14 -45.26 14.47
CA THR C 134 12.20 -44.49 13.66
C THR C 134 12.74 -43.10 13.28
N PRO C 135 13.61 -43.02 12.25
CA PRO C 135 14.26 -41.76 11.94
C PRO C 135 13.39 -40.59 11.44
N ASP C 136 12.20 -40.85 10.89
CA ASP C 136 11.27 -39.74 10.55
C ASP C 136 9.94 -39.73 11.35
N LEU C 137 9.91 -40.47 12.46
CA LEU C 137 8.81 -40.41 13.43
C LEU C 137 9.32 -39.73 14.70
N ILE C 138 8.77 -38.56 14.98
CA ILE C 138 8.96 -37.91 16.27
C ILE C 138 7.87 -38.37 17.26
N PRO C 139 8.13 -38.28 18.57
CA PRO C 139 7.09 -38.56 19.60
C PRO C 139 5.74 -37.85 19.38
N ASP C 140 5.79 -36.61 18.86
CA ASP C 140 4.62 -35.78 18.57
C ASP C 140 3.60 -36.48 17.65
N GLU C 141 4.07 -37.38 16.78
CA GLU C 141 3.21 -38.15 15.87
C GLU C 141 3.11 -39.64 16.19
N ALA C 142 3.62 -40.07 17.34
CA ALA C 142 3.88 -41.49 17.61
C ALA C 142 2.82 -42.22 18.47
N GLN C 143 1.59 -41.71 18.54
CA GLN C 143 0.54 -42.22 19.46
C GLN C 143 0.20 -43.70 19.20
N GLN C 144 -0.07 -44.05 17.95
CA GLN C 144 -0.32 -45.44 17.57
C GLN C 144 0.89 -46.33 17.88
N TRP C 145 2.09 -45.81 17.60
CA TRP C 145 3.33 -46.57 17.84
C TRP C 145 3.61 -46.77 19.33
N LEU C 146 3.37 -45.76 20.16
CA LEU C 146 3.55 -45.90 21.60
C LEU C 146 2.60 -46.95 22.18
N ALA C 147 1.37 -47.02 21.68
CA ALA C 147 0.43 -48.06 22.10
C ALA C 147 0.92 -49.45 21.67
N ALA C 148 1.28 -49.62 20.40
CA ALA C 148 1.78 -50.92 19.87
C ALA C 148 3.06 -51.41 20.55
N SER C 149 4.01 -50.50 20.73
CA SER C 149 5.27 -50.75 21.43
C SER C 149 5.05 -51.32 22.84
N GLU C 150 4.18 -50.68 23.62
CA GLU C 150 3.84 -51.15 24.97
C GLU C 150 3.13 -52.50 24.92
N GLU C 151 2.12 -52.62 24.05
CA GLU C 151 1.28 -53.81 23.99
C GLU C 151 2.04 -55.07 23.55
N HIS C 152 2.95 -54.94 22.57
CA HIS C 152 3.67 -56.08 22.02
C HIS C 152 5.13 -56.16 22.43
N ARG C 153 5.50 -55.42 23.48
CA ARG C 153 6.80 -55.54 24.13
C ARG C 153 7.93 -55.29 23.15
N LEU C 154 7.91 -54.14 22.49
CA LEU C 154 8.97 -53.74 21.58
C LEU C 154 9.60 -52.45 22.07
N ASP C 155 10.90 -52.36 21.92
CA ASP C 155 11.62 -51.13 22.22
C ASP C 155 11.35 -50.07 21.15
N ARG C 156 11.45 -48.81 21.55
CA ARG C 156 11.22 -47.68 20.67
C ARG C 156 12.36 -46.69 20.78
N ILE C 157 13.19 -46.67 19.74
CA ILE C 157 14.36 -45.82 19.68
C ILE C 157 14.09 -44.59 18.81
N PHE C 158 13.89 -43.46 19.46
CA PHE C 158 13.82 -42.18 18.78
C PHE C 158 15.22 -41.57 18.67
N LEU C 159 15.33 -40.60 17.77
CA LEU C 159 16.59 -39.90 17.52
C LEU C 159 16.60 -38.50 18.16
N VAL C 160 17.77 -38.12 18.66
CA VAL C 160 18.06 -36.77 19.09
C VAL C 160 19.21 -36.28 18.22
N ALA C 161 19.35 -34.96 18.16
CA ALA C 161 20.35 -34.30 17.32
C ALA C 161 21.02 -33.18 18.14
N PRO C 162 22.21 -32.69 17.71
CA PRO C 162 22.85 -31.53 18.38
C PRO C 162 21.94 -30.30 18.52
N SER C 163 21.14 -30.06 17.49
CA SER C 163 20.21 -28.93 17.46
C SER C 163 19.00 -29.06 18.40
N SER C 164 18.72 -30.28 18.90
CA SER C 164 17.53 -30.52 19.73
C SER C 164 17.45 -29.51 20.86
N THR C 165 16.30 -28.87 21.02
CA THR C 165 16.10 -27.94 22.15
C THR C 165 16.02 -28.76 23.45
N PRO C 166 16.23 -28.12 24.62
CA PRO C 166 16.10 -28.85 25.90
C PRO C 166 14.74 -29.52 26.12
N GLU C 167 13.66 -28.84 25.74
CA GLU C 167 12.29 -29.35 25.92
C GLU C 167 12.04 -30.62 25.08
N ARG C 168 12.40 -30.54 23.79
CA ARG C 168 12.26 -31.67 22.86
C ARG C 168 13.22 -32.83 23.15
N LEU C 169 14.42 -32.53 23.63
CA LEU C 169 15.35 -33.58 24.03
C LEU C 169 14.83 -34.39 25.21
N ALA C 170 14.33 -33.70 26.24
CA ALA C 170 13.70 -34.36 27.39
C ALA C 170 12.49 -35.22 26.97
N ALA C 171 11.64 -34.66 26.11
CA ALA C 171 10.45 -35.36 25.60
C ALA C 171 10.81 -36.59 24.78
N THR C 172 11.85 -36.46 23.95
CA THR C 172 12.30 -37.56 23.11
C THR C 172 12.92 -38.69 23.93
N VAL C 173 13.73 -38.32 24.92
CA VAL C 173 14.34 -39.30 25.82
C VAL C 173 13.29 -40.08 26.63
N GLU C 174 12.34 -39.35 27.19
CA GLU C 174 11.27 -39.94 27.99
C GLU C 174 10.37 -40.89 27.17
N ALA C 175 10.21 -40.61 25.88
CA ALA C 175 9.40 -41.45 25.00
C ALA C 175 10.13 -42.70 24.50
N SER C 176 11.47 -42.73 24.63
CA SER C 176 12.29 -43.86 24.15
C SER C 176 12.38 -45.01 25.15
N ARG C 177 12.49 -46.23 24.62
CA ARG C 177 12.81 -47.43 25.40
C ARG C 177 13.87 -48.23 24.64
N GLY C 178 14.83 -48.80 25.37
CA GLY C 178 15.92 -49.58 24.78
C GLY C 178 17.16 -48.73 24.74
N PHE C 179 17.21 -47.85 23.74
CA PHE C 179 18.19 -46.77 23.74
C PHE C 179 17.67 -45.57 22.97
N VAL C 180 18.35 -44.44 23.16
CA VAL C 180 18.07 -43.24 22.39
C VAL C 180 19.25 -43.05 21.42
N TYR C 181 18.93 -42.70 20.18
CA TYR C 181 19.91 -42.66 19.09
C TYR C 181 20.38 -41.21 18.94
N ALA C 182 21.60 -40.94 19.41
CA ALA C 182 22.23 -39.63 19.23
C ALA C 182 22.92 -39.57 17.85
N ALA C 183 22.22 -38.95 16.90
CA ALA C 183 22.65 -38.89 15.50
C ALA C 183 23.30 -37.53 15.18
N SER C 184 24.43 -37.60 14.47
CA SER C 184 25.25 -36.42 14.13
C SER C 184 26.05 -36.71 12.85
N SER C 196 32.68 -30.98 15.86
CA SER C 196 33.31 -32.29 16.11
C SER C 196 33.43 -32.66 17.62
N GLN C 197 33.09 -31.73 18.50
CA GLN C 197 32.81 -32.03 19.93
C GLN C 197 31.30 -32.25 20.20
N ALA C 198 30.48 -32.19 19.15
CA ALA C 198 29.03 -32.16 19.28
C ALA C 198 28.42 -33.47 19.78
N ALA C 199 29.02 -34.60 19.44
CA ALA C 199 28.54 -35.92 19.90
C ALA C 199 28.63 -36.12 21.43
N PRO C 200 29.83 -35.91 22.04
CA PRO C 200 29.88 -36.04 23.51
C PRO C 200 29.00 -35.03 24.27
N GLU C 201 28.95 -33.79 23.81
CA GLU C 201 28.07 -32.77 24.43
C GLU C 201 26.59 -33.14 24.33
N LEU C 202 26.19 -33.74 23.20
CA LEU C 202 24.82 -34.25 23.03
C LEU C 202 24.52 -35.46 23.96
N VAL C 203 25.47 -36.38 24.06
CA VAL C 203 25.37 -37.51 24.99
C VAL C 203 25.29 -37.01 26.45
N GLY C 204 26.05 -35.98 26.79
CA GLY C 204 26.01 -35.36 28.09
C GLY C 204 24.64 -34.79 28.44
N ARG C 205 24.00 -34.13 27.47
CA ARG C 205 22.69 -33.52 27.69
C ARG C 205 21.60 -34.59 27.94
N VAL C 206 21.75 -35.76 27.32
CA VAL C 206 20.87 -36.90 27.58
C VAL C 206 21.06 -37.47 28.99
N LYS C 207 22.31 -37.64 29.43
CA LYS C 207 22.59 -38.25 30.74
C LYS C 207 22.21 -37.39 31.93
N ALA C 208 22.17 -36.07 31.75
CA ALA C 208 21.70 -35.16 32.79
C ALA C 208 20.21 -35.39 33.14
N VAL C 209 19.43 -35.94 32.22
CA VAL C 209 17.98 -36.14 32.42
C VAL C 209 17.49 -37.60 32.49
N SER C 210 18.37 -38.57 32.20
CA SER C 210 17.95 -39.98 32.13
C SER C 210 19.13 -40.95 32.12
N ASP C 211 18.90 -42.12 32.68
CA ASP C 211 19.87 -43.22 32.68
C ASP C 211 19.79 -44.11 31.41
N ILE C 212 18.87 -43.83 30.50
CA ILE C 212 18.68 -44.68 29.34
C ILE C 212 19.99 -44.79 28.54
N PRO C 213 20.35 -46.01 28.08
CA PRO C 213 21.54 -46.14 27.24
C PRO C 213 21.47 -45.26 25.98
N VAL C 214 22.60 -44.67 25.60
CA VAL C 214 22.66 -43.79 24.44
C VAL C 214 23.60 -44.41 23.41
N GLY C 215 23.08 -44.59 22.20
CA GLY C 215 23.86 -45.07 21.06
C GLY C 215 24.27 -43.90 20.21
N VAL C 216 25.51 -43.90 19.71
CA VAL C 216 26.04 -42.80 18.93
C VAL C 216 26.50 -43.29 17.55
N GLY C 217 25.94 -42.66 16.51
CA GLY C 217 26.42 -42.79 15.14
C GLY C 217 27.15 -41.52 14.77
N LEU C 218 28.26 -41.67 14.06
CA LEU C 218 29.13 -40.55 13.71
C LEU C 218 30.06 -40.96 12.54
N GLY C 219 29.48 -41.48 11.47
CA GLY C 219 30.24 -42.00 10.33
C GLY C 219 31.46 -42.85 10.66
N VAL C 220 31.32 -43.76 11.61
CA VAL C 220 32.43 -44.58 12.11
C VAL C 220 32.99 -45.53 11.05
N ARG C 221 34.30 -45.43 10.81
CA ARG C 221 35.03 -46.25 9.82
C ARG C 221 36.08 -47.22 10.41
N SER C 222 36.58 -46.96 11.61
CA SER C 222 37.76 -47.65 12.16
C SER C 222 37.57 -48.13 13.59
N ARG C 223 38.49 -49.00 14.01
CA ARG C 223 38.62 -49.44 15.40
C ARG C 223 38.74 -48.22 16.32
N ALA C 224 39.67 -47.33 15.96
CA ALA C 224 39.96 -46.14 16.74
C ALA C 224 38.74 -45.23 16.97
N GLN C 225 37.96 -45.00 15.90
CA GLN C 225 36.73 -44.19 16.01
C GLN C 225 35.65 -44.87 16.86
N ALA C 226 35.54 -46.19 16.75
CA ALA C 226 34.64 -46.94 17.61
C ALA C 226 35.07 -46.84 19.08
N ALA C 227 36.38 -46.87 19.33
CA ALA C 227 36.94 -46.72 20.67
C ALA C 227 36.73 -45.33 21.28
N GLN C 228 36.91 -44.28 20.50
CA GLN C 228 36.68 -42.91 20.95
C GLN C 228 35.24 -42.74 21.48
N ILE C 229 34.28 -43.21 20.70
CA ILE C 229 32.86 -43.09 21.05
C ILE C 229 32.50 -43.90 22.29
N ALA C 230 33.13 -45.06 22.45
CA ALA C 230 32.92 -45.91 23.64
C ALA C 230 33.36 -45.30 24.98
N GLN C 231 34.19 -44.26 24.95
CA GLN C 231 34.57 -43.57 26.17
C GLN C 231 33.42 -42.78 26.81
N TYR C 232 32.44 -42.39 26.00
CA TYR C 232 31.26 -41.64 26.49
C TYR C 232 29.88 -42.23 26.20
N ALA C 233 29.73 -43.06 25.17
CA ALA C 233 28.42 -43.61 24.78
C ALA C 233 28.28 -45.06 25.24
N ASP C 234 27.04 -45.52 25.35
CA ASP C 234 26.77 -46.90 25.76
C ASP C 234 26.84 -47.88 24.60
N GLY C 235 26.48 -47.41 23.41
CA GLY C 235 26.58 -48.17 22.18
C GLY C 235 27.15 -47.34 21.03
N VAL C 236 27.93 -47.98 20.17
CA VAL C 236 28.53 -47.37 19.00
C VAL C 236 27.82 -47.94 17.79
N ILE C 237 27.16 -47.06 17.05
CA ILE C 237 26.39 -47.42 15.86
C ILE C 237 27.25 -47.26 14.62
N VAL C 238 27.25 -48.29 13.77
CA VAL C 238 28.02 -48.29 12.52
C VAL C 238 27.13 -48.83 11.38
N GLY C 239 27.09 -48.10 10.27
CA GLY C 239 26.24 -48.45 9.12
C GLY C 239 26.97 -48.28 7.79
N SER C 240 27.17 -47.03 7.38
CA SER C 240 27.87 -46.71 6.13
C SER C 240 29.10 -47.60 5.84
N ALA C 241 29.98 -47.74 6.84
CA ALA C 241 31.24 -48.48 6.68
C ALA C 241 31.02 -49.99 6.52
N LEU C 242 29.95 -50.52 7.11
CA LEU C 242 29.56 -51.91 6.93
C LEU C 242 29.06 -52.15 5.50
N VAL C 243 28.25 -51.22 4.99
CA VAL C 243 27.76 -51.28 3.61
C VAL C 243 28.92 -51.22 2.61
N THR C 244 29.84 -50.28 2.81
CA THR C 244 31.05 -50.16 1.98
C THR C 244 31.87 -51.46 2.00
N ALA C 245 32.04 -52.03 3.21
CA ALA C 245 32.81 -53.26 3.39
C ALA C 245 32.18 -54.46 2.68
N LEU C 246 30.87 -54.59 2.79
CA LEU C 246 30.13 -55.67 2.12
C LEU C 246 30.21 -55.57 0.60
N THR C 247 30.20 -54.34 0.08
CA THR C 247 30.31 -54.10 -1.37
C THR C 247 31.59 -54.69 -1.94
N GLU C 248 32.69 -54.58 -1.18
CA GLU C 248 33.97 -55.22 -1.52
C GLU C 248 33.83 -56.74 -1.40
N GLY C 249 33.25 -57.20 -0.29
CA GLY C 249 32.95 -58.62 -0.11
C GLY C 249 32.66 -58.99 1.33
N LEU C 250 32.22 -60.22 1.50
CA LEU C 250 31.87 -60.75 2.82
C LEU C 250 33.10 -60.94 3.75
N PRO C 251 34.24 -61.43 3.23
CA PRO C 251 35.49 -61.49 4.05
C PRO C 251 35.94 -60.16 4.68
N ARG C 252 35.72 -59.06 3.96
CA ARG C 252 36.09 -57.72 4.40
C ARG C 252 35.14 -57.22 5.49
N LEU C 253 33.86 -57.57 5.37
CA LEU C 253 32.86 -57.23 6.38
C LEU C 253 33.17 -57.92 7.71
N ARG C 254 33.59 -59.19 7.64
CA ARG C 254 33.96 -59.95 8.85
C ARG C 254 35.17 -59.35 9.57
N ALA C 255 36.16 -58.90 8.79
CA ALA C 255 37.37 -58.28 9.35
C ALA C 255 37.11 -56.89 9.91
N LEU C 256 36.27 -56.09 9.24
CA LEU C 256 35.94 -54.74 9.74
C LEU C 256 35.10 -54.81 11.03
N THR C 257 34.12 -55.70 11.07
CA THR C 257 33.30 -55.92 12.25
C THR C 257 34.11 -56.38 13.45
N GLY C 258 35.06 -57.29 13.22
CA GLY C 258 35.99 -57.74 14.26
C GLY C 258 36.89 -56.65 14.80
N GLU C 259 37.32 -55.74 13.93
CA GLU C 259 38.05 -54.52 14.32
C GLU C 259 37.19 -53.62 15.21
N LEU C 260 35.92 -53.46 14.84
CA LEU C 260 34.99 -52.59 15.56
C LEU C 260 34.63 -53.14 16.93
N ALA C 261 34.45 -54.47 17.02
CA ALA C 261 34.20 -55.15 18.29
C ALA C 261 35.37 -54.99 19.25
N ALA C 262 36.60 -55.16 18.73
CA ALA C 262 37.80 -54.89 19.50
C ALA C 262 37.83 -53.43 19.97
N GLY C 263 37.43 -52.51 19.09
CA GLY C 263 37.39 -51.08 19.39
C GLY C 263 36.48 -50.66 20.53
N VAL C 264 35.28 -51.24 20.62
CA VAL C 264 34.33 -50.91 21.69
C VAL C 264 34.76 -51.36 23.09
N ARG C 265 35.72 -52.28 23.17
CA ARG C 265 36.24 -52.79 24.44
C ARG C 265 37.30 -51.90 25.12
N LEU C 266 37.88 -50.96 24.37
CA LEU C 266 38.98 -50.12 24.87
C LEU C 266 38.48 -48.97 25.75
N ALA D 4 -4.09 -6.02 4.14
CA ALA D 4 -4.69 -4.90 4.91
C ALA D 4 -5.05 -5.29 6.37
N ILE D 5 -5.73 -6.44 6.57
CA ILE D 5 -6.01 -6.96 7.94
C ILE D 5 -5.76 -8.49 8.03
N ALA D 6 -5.31 -8.93 9.21
CA ALA D 6 -5.18 -10.37 9.53
C ALA D 6 -6.55 -11.09 9.59
N GLU D 7 -6.68 -12.17 8.82
CA GLU D 7 -7.95 -12.89 8.63
C GLU D 7 -8.21 -13.97 9.72
N PRO D 8 -9.47 -14.50 9.80
CA PRO D 8 -9.75 -15.50 10.85
C PRO D 8 -9.06 -16.88 10.66
N THR D 9 -9.12 -17.69 11.72
CA THR D 9 -8.39 -18.96 11.81
C THR D 9 -9.37 -20.16 11.89
N SER D 10 -10.54 -20.04 11.26
CA SER D 10 -11.60 -21.05 11.35
C SER D 10 -11.15 -22.41 10.78
N HIS D 11 -10.45 -22.38 9.64
CA HIS D 11 -10.05 -23.61 8.94
C HIS D 11 -8.60 -24.03 9.22
N ASP D 12 -7.99 -23.45 10.25
CA ASP D 12 -6.59 -23.70 10.57
C ASP D 12 -6.40 -25.03 11.30
N PRO D 13 -5.20 -25.64 11.18
CA PRO D 13 -4.97 -26.89 11.91
C PRO D 13 -4.70 -26.60 13.39
N ASP D 14 -4.56 -27.64 14.21
CA ASP D 14 -4.09 -27.46 15.60
C ASP D 14 -2.61 -27.04 15.64
N SER D 15 -2.07 -26.76 16.83
CA SER D 15 -0.67 -26.35 16.95
C SER D 15 0.35 -27.40 16.48
N GLY D 16 -0.04 -28.67 16.41
CA GLY D 16 0.78 -29.70 15.78
C GLY D 16 0.71 -29.76 14.25
N GLY D 17 -0.17 -28.97 13.64
CA GLY D 17 -0.34 -28.93 12.19
C GLY D 17 -1.33 -29.93 11.63
N HIS D 18 -2.23 -30.44 12.48
CA HIS D 18 -3.18 -31.45 12.07
C HIS D 18 -4.51 -30.81 11.67
N PHE D 19 -5.03 -31.18 10.51
CA PHE D 19 -6.36 -30.77 10.05
C PHE D 19 -7.40 -31.82 10.41
N GLY D 20 -8.49 -31.39 11.06
CA GLY D 20 -9.62 -32.28 11.34
C GLY D 20 -9.43 -33.32 12.42
N GLY D 21 -8.72 -32.96 13.50
CA GLY D 21 -8.49 -33.85 14.65
C GLY D 21 -7.02 -34.03 14.95
N PRO D 22 -6.66 -34.38 16.21
CA PRO D 22 -5.24 -34.41 16.66
C PRO D 22 -4.33 -35.48 16.02
N SER D 23 -4.92 -36.53 15.44
CA SER D 23 -4.18 -37.52 14.64
C SER D 23 -4.63 -37.50 13.15
N GLY D 24 -4.96 -36.31 12.64
CA GLY D 24 -5.52 -36.18 11.31
C GLY D 24 -4.47 -35.83 10.26
N TRP D 25 -4.89 -35.08 9.27
CA TRP D 25 -4.08 -34.80 8.09
C TRP D 25 -3.03 -33.76 8.42
N GLY D 26 -1.87 -33.84 7.80
CA GLY D 26 -0.81 -32.84 7.97
C GLY D 26 0.22 -33.29 8.96
N GLY D 27 0.44 -32.49 10.00
CA GLY D 27 1.37 -32.85 11.06
C GLY D 27 2.81 -32.57 10.65
N ARG D 28 3.73 -33.27 11.31
CA ARG D 28 5.15 -33.13 11.06
C ARG D 28 5.86 -34.50 10.99
N TYR D 29 5.97 -35.03 9.77
CA TYR D 29 6.64 -36.33 9.56
C TYR D 29 8.04 -36.10 9.03
N VAL D 30 8.88 -35.65 9.97
CA VAL D 30 10.23 -35.23 9.70
C VAL D 30 11.15 -35.75 10.81
N PRO D 31 12.46 -35.75 10.56
CA PRO D 31 13.39 -36.17 11.60
C PRO D 31 13.55 -35.10 12.65
N GLU D 32 13.88 -35.51 13.87
CA GLU D 32 14.17 -34.59 14.98
C GLU D 32 15.27 -33.59 14.61
N ALA D 33 16.22 -33.99 13.76
CA ALA D 33 17.26 -33.09 13.26
C ALA D 33 16.70 -31.75 12.71
N LEU D 34 15.55 -31.82 12.05
CA LEU D 34 14.91 -30.64 11.46
C LEU D 34 14.01 -29.85 12.40
N MET D 35 13.76 -30.34 13.60
CA MET D 35 12.69 -29.77 14.40
C MET D 35 13.00 -28.41 15.00
N ALA D 36 14.27 -28.13 15.32
CA ALA D 36 14.65 -26.79 15.83
C ALA D 36 14.31 -25.71 14.82
N VAL D 37 14.76 -25.91 13.60
CA VAL D 37 14.55 -24.93 12.54
C VAL D 37 13.08 -24.82 12.10
N ILE D 38 12.35 -25.93 12.09
CA ILE D 38 10.90 -25.91 11.83
C ILE D 38 10.13 -25.20 12.94
N GLU D 39 10.51 -25.43 14.20
CA GLU D 39 9.93 -24.65 15.31
C GLU D 39 10.26 -23.15 15.21
N GLU D 40 11.48 -22.83 14.78
CA GLU D 40 11.91 -21.43 14.56
C GLU D 40 11.06 -20.76 13.46
N VAL D 41 10.88 -21.43 12.33
CA VAL D 41 10.07 -20.89 11.24
C VAL D 41 8.59 -20.76 11.66
N THR D 42 8.09 -21.75 12.41
CA THR D 42 6.72 -21.72 12.91
C THR D 42 6.48 -20.52 13.82
N ALA D 43 7.33 -20.32 14.82
CA ALA D 43 7.21 -19.18 15.71
C ALA D 43 7.37 -17.84 14.94
N ALA D 44 8.33 -17.78 14.04
CA ALA D 44 8.52 -16.57 13.22
C ALA D 44 7.26 -16.24 12.44
N TYR D 45 6.65 -17.27 11.84
CA TYR D 45 5.44 -17.09 11.06
C TYR D 45 4.21 -16.71 11.91
N GLN D 46 4.06 -17.30 13.09
CA GLN D 46 2.98 -16.92 14.02
C GLN D 46 3.04 -15.43 14.34
N LYS D 47 4.24 -14.95 14.64
CA LYS D 47 4.47 -13.54 14.95
C LYS D 47 4.16 -12.64 13.76
N GLU D 48 4.67 -13.00 12.59
CA GLU D 48 4.58 -12.11 11.43
C GLU D 48 3.22 -12.13 10.75
N ARG D 49 2.48 -13.23 10.80
CA ARG D 49 1.14 -13.31 10.13
C ARG D 49 0.08 -12.37 10.74
N VAL D 50 0.27 -11.93 11.98
CA VAL D 50 -0.62 -10.97 12.65
C VAL D 50 0.00 -9.59 12.79
N SER D 51 1.19 -9.37 12.23
CA SER D 51 1.88 -8.06 12.30
C SER D 51 1.38 -7.21 11.13
N GLN D 52 0.76 -6.07 11.42
CA GLN D 52 0.28 -5.18 10.37
C GLN D 52 1.42 -4.69 9.47
N ASP D 53 2.60 -4.45 10.04
CA ASP D 53 3.76 -3.99 9.26
C ASP D 53 4.28 -5.02 8.26
N PHE D 54 4.23 -6.30 8.64
CA PHE D 54 4.54 -7.42 7.73
C PHE D 54 3.55 -7.50 6.58
N LEU D 55 2.27 -7.41 6.91
CA LEU D 55 1.22 -7.50 5.88
C LEU D 55 1.29 -6.30 4.94
N ASP D 56 1.67 -5.13 5.46
CA ASP D 56 1.85 -3.94 4.61
C ASP D 56 3.02 -4.11 3.63
N ASP D 57 4.15 -4.63 4.11
CA ASP D 57 5.32 -4.94 3.28
C ASP D 57 4.97 -5.90 2.16
N LEU D 58 4.24 -6.96 2.52
CA LEU D 58 3.86 -7.94 1.53
C LEU D 58 2.89 -7.30 0.54
N ASP D 59 1.89 -6.57 1.03
CA ASP D 59 0.92 -5.90 0.17
C ASP D 59 1.53 -4.89 -0.81
N ARG D 60 2.52 -4.12 -0.34
CA ARG D 60 3.20 -3.10 -1.14
C ARG D 60 3.98 -3.72 -2.30
N LEU D 61 4.63 -4.86 -2.03
CA LEU D 61 5.29 -5.65 -3.08
C LEU D 61 4.28 -6.31 -4.04
N GLN D 62 3.22 -6.92 -3.50
CA GLN D 62 2.15 -7.47 -4.34
C GLN D 62 1.63 -6.44 -5.37
N ALA D 63 1.38 -5.22 -4.90
CA ALA D 63 0.80 -4.16 -5.72
C ALA D 63 1.77 -3.63 -6.77
N ASN D 64 2.89 -3.06 -6.31
CA ASN D 64 3.84 -2.33 -7.16
C ASN D 64 4.87 -3.22 -7.87
N TYR D 65 5.32 -4.28 -7.22
CA TYR D 65 6.31 -5.17 -7.83
C TYR D 65 5.67 -6.31 -8.62
N ALA D 66 4.65 -6.97 -8.05
CA ALA D 66 4.02 -8.15 -8.67
C ALA D 66 2.82 -7.84 -9.56
N GLY D 67 2.21 -6.67 -9.38
CA GLY D 67 1.12 -6.20 -10.24
C GLY D 67 -0.28 -6.68 -9.87
N ARG D 68 -0.51 -6.92 -8.59
CA ARG D 68 -1.84 -7.31 -8.09
C ARG D 68 -2.74 -6.06 -7.98
N PRO D 69 -4.07 -6.22 -8.09
CA PRO D 69 -4.77 -7.48 -8.30
C PRO D 69 -4.65 -7.97 -9.74
N SER D 70 -4.61 -9.28 -9.90
CA SER D 70 -4.77 -9.88 -11.21
C SER D 70 -6.25 -9.70 -11.57
N PRO D 71 -6.55 -9.48 -12.86
CA PRO D 71 -7.94 -9.29 -13.26
C PRO D 71 -8.72 -10.60 -13.39
N LEU D 72 -10.03 -10.46 -13.56
CA LEU D 72 -10.94 -11.59 -13.74
C LEU D 72 -11.57 -11.40 -15.09
N TYR D 73 -11.37 -12.35 -15.99
CA TYR D 73 -11.74 -12.20 -17.39
C TYR D 73 -12.78 -13.23 -17.76
N GLU D 74 -13.94 -12.76 -18.21
CA GLU D 74 -14.99 -13.64 -18.73
C GLU D 74 -14.64 -14.05 -20.15
N ALA D 75 -14.29 -15.32 -20.30
CA ALA D 75 -13.93 -15.90 -21.61
C ALA D 75 -15.18 -16.27 -22.41
N THR D 76 -15.81 -15.25 -22.99
CA THR D 76 -17.09 -15.41 -23.73
C THR D 76 -17.00 -16.39 -24.91
N ARG D 77 -15.84 -16.46 -25.54
CA ARG D 77 -15.64 -17.38 -26.65
C ARG D 77 -15.35 -18.84 -26.28
N LEU D 78 -15.17 -19.14 -24.99
CA LEU D 78 -15.14 -20.52 -24.50
C LEU D 78 -16.52 -21.07 -24.21
N SER D 79 -17.50 -20.18 -24.06
CA SER D 79 -18.83 -20.54 -23.55
C SER D 79 -19.50 -21.69 -24.33
N GLN D 80 -19.52 -21.58 -25.65
CA GLN D 80 -20.01 -22.64 -26.56
C GLN D 80 -19.44 -24.06 -26.27
N HIS D 81 -18.19 -24.12 -25.82
CA HIS D 81 -17.50 -25.38 -25.46
C HIS D 81 -17.65 -25.81 -24.00
N ALA D 82 -18.37 -25.02 -23.19
CA ALA D 82 -18.61 -25.34 -21.79
C ALA D 82 -20.10 -25.31 -21.50
N GLY D 83 -20.89 -25.90 -22.40
CA GLY D 83 -22.35 -25.97 -22.27
C GLY D 83 -23.06 -24.63 -22.24
N SER D 84 -22.42 -23.59 -22.78
CA SER D 84 -22.89 -22.19 -22.65
C SER D 84 -22.91 -21.66 -21.20
N ALA D 85 -22.11 -22.29 -20.33
CA ALA D 85 -21.77 -21.71 -19.04
C ALA D 85 -20.88 -20.51 -19.26
N ARG D 86 -20.76 -19.68 -18.23
CA ARG D 86 -19.92 -18.51 -18.26
C ARG D 86 -18.66 -18.83 -17.51
N ILE D 87 -17.55 -18.84 -18.23
CA ILE D 87 -16.22 -19.13 -17.70
C ILE D 87 -15.51 -17.81 -17.42
N PHE D 88 -15.12 -17.63 -16.15
CA PHE D 88 -14.36 -16.47 -15.73
C PHE D 88 -12.95 -16.94 -15.35
N LEU D 89 -11.93 -16.36 -15.99
CA LEU D 89 -10.54 -16.73 -15.77
C LEU D 89 -9.88 -15.76 -14.82
N LYS D 90 -9.48 -16.27 -13.64
CA LYS D 90 -8.73 -15.50 -12.69
C LYS D 90 -7.29 -15.49 -13.20
N ARG D 91 -6.80 -14.32 -13.59
CA ARG D 91 -5.61 -14.19 -14.44
C ARG D 91 -4.27 -14.14 -13.69
N GLU D 92 -3.94 -15.19 -12.95
CA GLU D 92 -2.64 -15.30 -12.30
C GLU D 92 -1.46 -15.40 -13.32
N ASP D 93 -1.77 -15.81 -14.56
CA ASP D 93 -0.85 -15.78 -15.69
C ASP D 93 -0.21 -14.41 -15.97
N LEU D 94 -0.81 -13.33 -15.48
CA LEU D 94 -0.26 -11.98 -15.64
C LEU D 94 0.63 -11.51 -14.49
N ASN D 95 0.83 -12.33 -13.45
CA ASN D 95 1.69 -11.93 -12.35
C ASN D 95 3.12 -11.82 -12.85
N HIS D 96 3.93 -10.98 -12.19
CA HIS D 96 5.38 -11.03 -12.37
C HIS D 96 5.91 -12.47 -12.21
N THR D 97 6.73 -12.90 -13.18
CA THR D 97 7.27 -14.28 -13.36
C THR D 97 6.30 -15.27 -14.01
N GLY D 98 5.04 -14.92 -14.14
CA GLY D 98 4.08 -15.66 -14.97
C GLY D 98 3.23 -16.73 -14.29
N SER D 99 3.23 -16.77 -12.98
CA SER D 99 2.35 -17.67 -12.24
C SER D 99 2.11 -17.16 -10.83
N HIS D 100 1.22 -17.85 -10.15
CA HIS D 100 0.93 -17.64 -8.74
C HIS D 100 2.11 -17.89 -7.79
N ILE D 102 4.92 -16.62 -7.46
CA ILE D 102 5.48 -15.36 -6.92
C ILE D 102 4.84 -14.90 -5.60
N ASN D 103 3.54 -15.18 -5.42
CA ASN D 103 2.82 -14.83 -4.17
C ASN D 103 3.47 -15.49 -2.99
N ASN D 104 3.82 -16.77 -3.16
CA ASN D 104 4.43 -17.57 -2.10
C ASN D 104 5.86 -17.13 -1.78
N VAL D 105 6.69 -16.98 -2.81
CA VAL D 105 8.10 -16.59 -2.61
C VAL D 105 8.31 -15.19 -2.06
N LEU D 106 7.40 -14.26 -2.34
CA LEU D 106 7.50 -12.92 -1.73
C LEU D 106 7.25 -12.94 -0.21
N GLY D 107 6.22 -13.67 0.21
CA GLY D 107 5.94 -13.87 1.63
C GLY D 107 7.07 -14.55 2.39
N GLN D 108 7.57 -15.65 1.85
CA GLN D 108 8.62 -16.42 2.51
C GLN D 108 9.98 -15.74 2.53
N ALA D 109 10.29 -14.94 1.51
CA ALA D 109 11.53 -14.20 1.46
C ALA D 109 11.51 -13.02 2.44
N LEU D 110 10.37 -12.32 2.51
CA LEU D 110 10.15 -11.31 3.56
C LEU D 110 10.32 -11.93 4.93
N LEU D 111 9.73 -13.11 5.12
CA LEU D 111 9.85 -13.82 6.37
C LEU D 111 11.31 -14.17 6.67
N ALA D 112 12.03 -14.66 5.66
CA ALA D 112 13.45 -15.00 5.82
C ALA D 112 14.28 -13.81 6.28
N ARG D 113 14.03 -12.61 5.72
CA ARG D 113 14.71 -11.38 6.20
C ARG D 113 14.33 -11.03 7.63
N ARG D 114 13.05 -11.15 7.98
CA ARG D 114 12.57 -10.87 9.34
C ARG D 114 13.25 -11.78 10.37
N MET D 115 13.52 -13.02 9.96
CA MET D 115 14.25 -14.01 10.78
C MET D 115 15.76 -13.81 10.85
N GLY D 116 16.30 -12.85 10.11
CA GLY D 116 17.74 -12.58 10.09
C GLY D 116 18.56 -13.58 9.30
N LYS D 117 17.89 -14.40 8.47
CA LYS D 117 18.56 -15.37 7.59
C LYS D 117 19.11 -14.58 6.41
N THR D 118 20.33 -14.87 5.98
CA THR D 118 20.96 -14.19 4.83
C THR D 118 20.98 -15.05 3.55
N ARG D 119 20.58 -16.31 3.69
CA ARG D 119 20.73 -17.33 2.67
C ARG D 119 19.41 -18.07 2.47
N VAL D 120 18.98 -18.26 1.23
CA VAL D 120 17.76 -19.01 0.90
C VAL D 120 18.07 -20.18 -0.03
N ILE D 121 17.41 -21.32 0.19
CA ILE D 121 17.56 -22.50 -0.66
C ILE D 121 16.20 -23.00 -1.12
N ALA D 122 16.19 -23.73 -2.23
CA ALA D 122 14.94 -24.24 -2.79
C ALA D 122 15.10 -25.43 -3.76
N GLU D 123 14.01 -26.19 -3.89
CA GLU D 123 13.87 -27.28 -4.82
C GLU D 123 13.30 -26.72 -6.10
N THR D 124 13.60 -27.34 -7.24
CA THR D 124 12.78 -27.10 -8.43
C THR D 124 12.78 -28.30 -9.38
N GLY D 125 11.66 -28.48 -10.07
CA GLY D 125 11.51 -29.58 -11.04
C GLY D 125 12.03 -29.16 -12.39
N ALA D 126 11.14 -28.56 -13.17
CA ALA D 126 11.49 -27.95 -14.46
C ALA D 126 12.03 -26.52 -14.33
N GLY D 127 12.04 -25.96 -13.11
CA GLY D 127 12.65 -24.65 -12.87
C GLY D 127 11.72 -23.51 -12.50
N GLN D 128 10.41 -23.74 -12.49
CA GLN D 128 9.47 -22.63 -12.27
C GLN D 128 9.62 -22.06 -10.84
N HIS D 129 9.58 -22.92 -9.82
CA HIS D 129 9.75 -22.48 -8.44
C HIS D 129 11.14 -21.90 -8.14
N GLY D 130 12.16 -22.47 -8.77
CA GLY D 130 13.54 -22.00 -8.60
C GLY D 130 13.74 -20.59 -9.14
N VAL D 131 13.09 -20.31 -10.28
CA VAL D 131 13.11 -18.98 -10.90
C VAL D 131 12.41 -17.97 -9.99
N ALA D 132 11.24 -18.36 -9.49
CA ALA D 132 10.46 -17.53 -8.59
C ALA D 132 11.26 -17.23 -7.32
N THR D 133 11.86 -18.25 -6.74
CA THR D 133 12.68 -18.10 -5.55
C THR D 133 13.86 -17.18 -5.80
N ALA D 134 14.59 -17.40 -6.89
CA ALA D 134 15.72 -16.53 -7.27
C ALA D 134 15.31 -15.08 -7.51
N THR D 135 14.10 -14.89 -8.01
CA THR D 135 13.52 -13.58 -8.24
C THR D 135 13.34 -12.81 -6.93
N ALA D 136 12.67 -13.46 -5.98
CA ALA D 136 12.44 -12.91 -4.64
C ALA D 136 13.73 -12.64 -3.90
N CYS D 137 14.69 -13.56 -4.04
CA CYS D 137 15.99 -13.39 -3.39
C CYS D 137 16.81 -12.25 -3.96
N ALA D 138 16.72 -12.04 -5.26
CA ALA D 138 17.42 -10.94 -5.91
C ALA D 138 16.83 -9.60 -5.47
N LEU D 139 15.50 -9.51 -5.43
CA LEU D 139 14.75 -8.34 -4.95
C LEU D 139 15.17 -7.89 -3.55
N LEU D 140 15.23 -8.86 -2.64
CA LEU D 140 15.51 -8.58 -1.24
C LEU D 140 16.95 -8.76 -0.82
N GLY D 141 17.85 -8.94 -1.79
CA GLY D 141 19.29 -9.06 -1.51
C GLY D 141 19.69 -10.28 -0.70
N LEU D 142 18.98 -11.39 -0.89
CA LEU D 142 19.29 -12.64 -0.22
C LEU D 142 20.16 -13.51 -1.12
N ASP D 143 21.12 -14.21 -0.54
CA ASP D 143 21.90 -15.22 -1.26
C ASP D 143 20.99 -16.41 -1.50
N CYS D 144 21.00 -16.90 -2.74
CA CYS D 144 20.07 -17.93 -3.19
C CYS D 144 20.86 -19.10 -3.77
N VAL D 145 20.41 -20.31 -3.43
CA VAL D 145 21.00 -21.54 -3.94
C VAL D 145 19.84 -22.47 -4.30
N ILE D 146 19.78 -22.90 -5.56
CA ILE D 146 18.70 -23.75 -6.05
C ILE D 146 19.21 -25.17 -6.32
N TYR D 147 18.49 -26.16 -5.81
CA TYR D 147 18.81 -27.58 -6.03
C TYR D 147 17.82 -28.12 -7.06
N MET D 148 18.37 -28.78 -8.08
CA MET D 148 17.62 -29.21 -9.26
C MET D 148 18.06 -30.60 -9.71
N GLY D 149 17.09 -31.42 -10.12
CA GLY D 149 17.39 -32.72 -10.72
C GLY D 149 18.37 -32.66 -11.89
N GLY D 150 19.49 -33.37 -11.78
CA GLY D 150 20.56 -33.33 -12.78
C GLY D 150 20.19 -33.79 -14.18
N ILE D 151 19.11 -34.56 -14.27
CA ILE D 151 18.46 -34.88 -15.53
C ILE D 151 17.70 -33.63 -15.98
N ASP D 152 16.86 -33.09 -15.09
CA ASP D 152 16.18 -31.80 -15.33
C ASP D 152 17.11 -30.63 -15.70
N THR D 153 18.30 -30.56 -15.10
CA THR D 153 19.34 -29.57 -15.46
C THR D 153 19.80 -29.68 -16.92
N ALA D 154 19.99 -30.89 -17.40
CA ALA D 154 20.41 -31.12 -18.79
C ALA D 154 19.34 -30.68 -19.81
N ARG D 155 18.06 -30.82 -19.48
CA ARG D 155 16.97 -30.42 -20.38
C ARG D 155 16.30 -29.06 -20.07
N GLN D 156 16.92 -28.24 -19.21
CA GLN D 156 16.36 -26.93 -18.83
C GLN D 156 17.45 -25.86 -18.77
N ALA D 157 18.23 -25.78 -19.86
CA ALA D 157 19.37 -24.85 -19.94
C ALA D 157 18.96 -23.37 -19.79
N LEU D 158 17.80 -23.00 -20.32
CA LEU D 158 17.36 -21.60 -20.25
C LEU D 158 16.89 -21.19 -18.86
N ASN D 159 16.13 -22.05 -18.18
CA ASN D 159 15.76 -21.77 -16.79
C ASN D 159 16.95 -21.75 -15.84
N VAL D 160 17.93 -22.61 -16.07
CA VAL D 160 19.19 -22.55 -15.33
C VAL D 160 19.90 -21.21 -15.59
N ALA D 161 19.89 -20.74 -16.84
CA ALA D 161 20.47 -19.44 -17.15
C ALA D 161 19.67 -18.28 -16.55
N ARG D 162 18.35 -18.39 -16.53
CA ARG D 162 17.51 -17.42 -15.80
C ARG D 162 17.97 -17.31 -14.34
N MET D 163 18.08 -18.45 -13.66
CA MET D 163 18.41 -18.44 -12.24
C MET D 163 19.76 -17.77 -11.99
N ARG D 164 20.74 -18.08 -12.83
CA ARG D 164 22.08 -17.49 -12.71
C ARG D 164 22.13 -16.01 -13.06
N LEU D 165 21.33 -15.58 -14.04
CA LEU D 165 21.14 -14.16 -14.35
C LEU D 165 20.52 -13.37 -13.19
N LEU D 166 19.60 -14.01 -12.45
CA LEU D 166 19.04 -13.45 -11.22
C LEU D 166 19.99 -13.56 -10.02
N GLY D 167 21.16 -14.17 -10.22
CA GLY D 167 22.22 -14.17 -9.21
C GLY D 167 22.25 -15.40 -8.33
N ALA D 168 21.37 -16.38 -8.59
CA ALA D 168 21.36 -17.62 -7.84
C ALA D 168 22.43 -18.60 -8.31
N GLU D 169 22.85 -19.48 -7.41
CA GLU D 169 23.75 -20.59 -7.71
C GLU D 169 22.87 -21.81 -7.91
N VAL D 170 23.09 -22.53 -9.01
N VAL D 170 23.10 -22.58 -8.99
CA VAL D 170 22.32 -23.74 -9.35
CA VAL D 170 22.31 -23.79 -9.26
C VAL D 170 23.22 -24.97 -9.25
C VAL D 170 23.13 -25.06 -9.00
N VAL D 171 23.81 -25.17 -8.08
N VAL D 171 22.47 -26.09 -8.48
CA VAL D 171 24.65 -26.34 -7.85
CA VAL D 171 23.09 -27.35 -8.08
C VAL D 171 24.04 -27.55 -8.54
C VAL D 171 22.32 -28.56 -8.66
N ALA D 172 24.83 -28.22 -9.37
N ALA D 172 23.06 -29.47 -9.29
CA ALA D 172 24.39 -29.42 -10.05
CA ALA D 172 22.48 -30.65 -9.96
C ALA D 172 24.82 -30.67 -9.27
C ALA D 172 22.52 -31.95 -9.09
N VAL D 173 23.85 -31.39 -8.74
N VAL D 173 21.39 -32.67 -9.08
CA VAL D 173 24.12 -32.60 -7.97
CA VAL D 173 21.14 -33.86 -8.24
C VAL D 173 24.27 -33.78 -8.92
C VAL D 173 21.14 -35.21 -9.03
N GLN D 174 25.44 -34.38 -8.95
N GLN D 174 22.04 -36.14 -8.69
CA GLN D 174 25.70 -35.47 -9.87
CA GLN D 174 22.13 -37.48 -9.32
C GLN D 174 26.01 -36.76 -9.11
C GLN D 174 21.86 -38.65 -8.33
N THR D 175 25.08 -37.15 -8.24
N THR D 175 21.07 -38.36 -7.30
CA THR D 175 25.29 -38.30 -7.38
CA THR D 175 20.60 -39.36 -6.32
C THR D 175 24.02 -39.13 -7.19
C THR D 175 19.17 -39.78 -6.69
N GLY D 176 24.03 -40.37 -7.67
N GLY D 176 18.85 -41.06 -6.44
CA GLY D 176 22.89 -41.27 -7.51
CA GLY D 176 17.49 -41.59 -6.62
C GLY D 176 22.04 -41.35 -8.76
C GLY D 176 17.02 -41.62 -8.06
N SER D 177 20.78 -40.97 -8.65
N SER D 177 15.77 -41.19 -8.29
CA SER D 177 19.85 -40.98 -9.78
CA SER D 177 15.19 -41.05 -9.64
C SER D 177 19.72 -39.58 -10.38
C SER D 177 15.48 -39.67 -10.31
N LYS D 178 20.32 -38.60 -9.72
N LYS D 178 16.20 -38.78 -9.61
CA LYS D 178 20.41 -37.25 -10.28
CA LYS D 178 16.85 -37.58 -10.19
C LYS D 178 19.05 -36.63 -10.59
C LYS D 178 15.90 -36.53 -10.82
N THR D 179 18.14 -36.64 -9.62
N THR D 179 14.72 -36.35 -10.23
CA THR D 179 16.80 -36.10 -9.85
CA THR D 179 13.72 -35.37 -10.69
C THR D 179 16.33 -35.19 -8.71
C THR D 179 13.21 -34.52 -9.48
N LEU D 180 15.05 -34.83 -8.76
N LEU D 180 11.97 -34.02 -9.54
CA LEU D 180 14.47 -33.92 -7.79
CA LEU D 180 11.40 -33.09 -8.52
C LEU D 180 14.78 -34.35 -6.36
C LEU D 180 11.50 -33.62 -7.09
N LYS D 181 14.44 -35.59 -6.02
N LYS D 181 10.90 -34.79 -6.83
CA LYS D 181 14.64 -36.06 -4.65
CA LYS D 181 10.83 -35.37 -5.47
C LYS D 181 16.09 -35.85 -4.26
C LYS D 181 12.20 -35.67 -4.85
N ASP D 182 16.99 -36.29 -5.13
N ASP D 182 13.20 -35.94 -5.69
CA ASP D 182 18.42 -36.11 -4.91
CA ASP D 182 14.59 -36.27 -5.24
C ASP D 182 18.72 -34.65 -4.60
C ASP D 182 15.48 -35.05 -5.09
N ALA D 183 18.00 -33.76 -5.28
N ALA D 183 15.09 -33.95 -5.74
CA ALA D 183 18.19 -32.33 -5.10
CA ALA D 183 15.65 -32.63 -5.46
C ALA D 183 17.59 -31.87 -3.78
C ALA D 183 15.27 -32.17 -4.03
N ILE D 184 16.40 -32.39 -3.48
N ILE D 184 13.99 -32.36 -3.67
CA ILE D 184 15.74 -32.13 -2.22
CA ILE D 184 13.47 -31.94 -2.35
C ILE D 184 16.60 -32.66 -1.09
C ILE D 184 14.09 -32.74 -1.20
N ASN D 185 17.48 -33.59 -1.44
N ASN D 185 14.41 -34.00 -1.46
CA ASN D 185 18.29 -34.30 -0.45
CA ASN D 185 15.25 -34.78 -0.53
C ASN D 185 19.41 -33.44 0.11
C ASN D 185 16.62 -34.11 -0.29
N GLU D 186 20.23 -32.85 -0.76
N GLU D 186 17.28 -33.64 -1.35
CA GLU D 186 21.33 -31.99 -0.32
CA GLU D 186 18.62 -32.99 -1.24
C GLU D 186 20.85 -30.65 0.21
C GLU D 186 18.60 -31.59 -0.62
N ALA D 187 19.66 -30.24 -0.22
N ALA D 187 17.51 -30.84 -0.84
CA ALA D 187 19.06 -28.98 0.23
CA ALA D 187 17.31 -29.53 -0.23
C ALA D 187 18.71 -29.01 1.71
C ALA D 187 17.12 -29.66 1.27
N PHE D 188 17.83 -29.94 2.08
N PHE D 188 16.20 -30.57 1.64
CA PHE D 188 17.45 -30.09 3.48
CA PHE D 188 15.97 -31.01 3.03
C PHE D 188 18.71 -30.17 4.36
C PHE D 188 17.22 -31.40 3.80
N ARG D 189 19.63 -31.04 3.96
N ARG D 189 18.30 -31.77 3.10
CA ARG D 189 20.83 -31.32 4.74
CA ARG D 189 19.62 -32.04 3.72
C ARG D 189 21.69 -30.07 4.97
C ARG D 189 20.54 -30.80 3.86
N ASP D 190 21.49 -29.07 4.12
N ASP D 190 20.45 -29.81 2.96
CA ASP D 190 22.28 -27.84 4.18
CA ASP D 190 21.19 -28.52 3.13
C ASP D 190 21.56 -26.80 5.03
C ASP D 190 20.69 -27.82 4.39
N TRP D 191 20.24 -26.82 4.96
N TRP D 191 19.38 -27.84 4.59
CA TRP D 191 19.40 -26.00 5.82
CA TRP D 191 18.73 -27.15 5.69
C TRP D 191 19.82 -26.18 7.27
C TRP D 191 19.10 -27.74 7.06
N VAL D 192 20.13 -27.43 7.62
N VAL D 192 19.08 -29.07 7.17
CA VAL D 192 20.43 -27.81 9.00
CA VAL D 192 19.57 -29.81 8.36
C VAL D 192 21.79 -27.27 9.47
C VAL D 192 20.95 -29.30 8.82
N ALA D 193 22.83 -27.51 8.69
N ALA D 193 21.85 -29.07 7.85
CA ALA D 193 24.17 -27.08 9.06
CA ALA D 193 23.24 -28.71 8.14
C ALA D 193 24.21 -25.57 9.29
C ALA D 193 23.49 -27.21 8.37
N ASN D 194 23.97 -24.82 8.23
N ASN D 194 22.73 -26.36 7.67
CA ASN D 194 24.01 -23.36 8.27
CA ASN D 194 22.98 -24.91 7.65
C ASN D 194 22.70 -22.77 8.78
C ASN D 194 21.84 -24.04 8.21
N ALA D 195 22.12 -23.40 9.79
N ALA D 195 20.90 -24.66 8.94
CA ALA D 195 20.83 -22.95 10.33
CA ALA D 195 19.72 -23.97 9.52
C ALA D 195 20.93 -21.50 10.80
C ALA D 195 19.96 -22.66 10.30
N ASP D 196 22.10 -21.09 11.26
N ASP D 196 21.14 -22.52 10.91
CA ASP D 196 22.28 -19.76 11.82
CA ASP D 196 21.51 -21.28 11.60
C ASP D 196 22.02 -18.63 10.82
C ASP D 196 21.34 -20.01 10.78
N ASN D 197 21.89 -18.98 9.54
N ASN D 197 21.69 -20.07 9.48
CA ASN D 197 21.80 -17.97 8.49
CA ASN D 197 21.59 -18.90 8.57
C ASN D 197 20.94 -18.38 7.28
C ASN D 197 20.75 -19.11 7.29
N THR D 198 20.46 -19.63 7.26
N THR D 198 20.24 -20.33 7.08
CA THR D 198 19.80 -20.15 6.07
CA THR D 198 19.55 -20.70 5.86
C THR D 198 18.30 -20.46 6.24
C THR D 198 18.06 -20.88 6.11
N TYR D 199 17.55 -20.24 5.17
N TYR D 199 17.25 -20.26 5.24
CA TYR D 199 16.10 -20.49 5.15
CA TYR D 199 15.82 -20.44 5.17
C TYR D 199 15.71 -21.42 3.99
C TYR D 199 15.49 -21.34 3.98
N TYR D 200 14.63 -22.17 4.15
N TYR D 200 14.65 -22.35 4.18
CA TYR D 200 14.20 -23.13 3.13
CA TYR D 200 14.18 -23.21 3.08
C TYR D 200 12.83 -22.75 2.55
C TYR D 200 12.83 -22.74 2.55
N CYS D 201 12.85 -22.21 1.34
CA CYS D 201 11.66 -21.69 0.69
C CYS D 201 10.97 -22.81 -0.09
N PHE D 202 9.94 -23.41 0.50
CA PHE D 202 9.25 -24.53 -0.09
C PHE D 202 8.16 -24.03 -1.02
N GLY D 203 7.97 -24.74 -2.14
CA GLY D 203 7.21 -24.23 -3.29
C GLY D 203 5.74 -24.59 -3.42
N THR D 204 5.21 -25.35 -2.48
CA THR D 204 3.78 -25.68 -2.51
C THR D 204 3.16 -25.84 -1.10
N ALA D 205 1.87 -26.13 -1.05
CA ALA D 205 1.10 -26.15 0.18
C ALA D 205 1.07 -27.57 0.71
N ALA D 206 2.25 -28.08 0.96
CA ALA D 206 2.45 -29.41 1.47
C ALA D 206 3.64 -29.33 2.44
N GLY D 207 4.20 -30.45 2.83
CA GLY D 207 5.31 -30.43 3.77
C GLY D 207 4.83 -30.47 5.19
N PRO D 208 5.77 -30.50 6.14
CA PRO D 208 5.42 -30.44 7.55
C PRO D 208 4.93 -29.05 7.95
N HIS D 209 4.15 -29.00 9.02
CA HIS D 209 3.71 -27.73 9.65
C HIS D 209 4.94 -26.86 9.92
N PRO D 210 4.92 -25.55 9.55
CA PRO D 210 3.84 -24.68 9.13
C PRO D 210 3.59 -24.53 7.65
N PHE D 211 4.25 -25.30 6.80
CA PHE D 211 4.29 -24.98 5.37
C PHE D 211 2.93 -25.01 4.65
N PRO D 212 2.09 -26.02 4.94
CA PRO D 212 0.76 -26.03 4.30
C PRO D 212 -0.10 -24.82 4.63
N THR D 213 -0.11 -24.45 5.90
CA THR D 213 -0.81 -23.25 6.35
C THR D 213 -0.14 -21.97 5.83
N MET D 214 1.18 -21.86 5.95
CA MET D 214 1.89 -20.64 5.53
C MET D 214 1.76 -20.35 4.03
N VAL D 215 1.96 -21.39 3.20
CA VAL D 215 1.96 -21.23 1.76
C VAL D 215 0.55 -20.88 1.30
N ARG D 216 -0.42 -21.56 1.88
CA ARG D 216 -1.83 -21.23 1.66
C ARG D 216 -2.15 -19.79 2.04
N ASP D 217 -1.69 -19.33 3.20
CA ASP D 217 -1.92 -17.93 3.57
C ASP D 217 -1.33 -16.91 2.56
N PHE D 218 -0.19 -17.23 1.94
CA PHE D 218 0.37 -16.34 0.92
C PHE D 218 -0.37 -16.42 -0.43
N GLN D 219 -1.18 -17.47 -0.63
CA GLN D 219 -2.02 -17.61 -1.82
C GLN D 219 -3.49 -17.22 -1.64
N ARG D 220 -3.92 -17.07 -0.39
CA ARG D 220 -5.29 -16.63 -0.05
C ARG D 220 -5.77 -15.42 -0.86
N ILE D 221 -4.85 -14.48 -1.10
CA ILE D 221 -5.13 -13.25 -1.85
C ILE D 221 -5.87 -13.52 -3.17
N ILE D 222 -5.61 -14.64 -3.83
CA ILE D 222 -6.24 -14.99 -5.12
C ILE D 222 -7.75 -15.10 -4.94
N GLY D 223 -8.19 -15.96 -4.03
CA GLY D 223 -9.61 -16.15 -3.77
C GLY D 223 -10.29 -14.93 -3.19
N MET D 224 -9.57 -14.15 -2.39
CA MET D 224 -10.11 -12.94 -1.79
C MET D 224 -10.48 -11.90 -2.84
N GLU D 225 -9.58 -11.71 -3.81
CA GLU D 225 -9.82 -10.84 -4.93
C GLU D 225 -10.95 -11.38 -5.81
N ALA D 226 -10.84 -12.65 -6.18
CA ALA D 226 -11.82 -13.30 -7.05
C ALA D 226 -13.24 -13.21 -6.53
N ARG D 227 -13.40 -13.35 -5.22
CA ARG D 227 -14.71 -13.32 -4.58
C ARG D 227 -15.39 -11.96 -4.71
N VAL D 228 -14.60 -10.89 -4.56
CA VAL D 228 -15.07 -9.53 -4.79
C VAL D 228 -15.35 -9.34 -6.28
N GLN D 229 -14.42 -9.76 -7.13
CA GLN D 229 -14.49 -9.57 -8.58
C GLN D 229 -15.69 -10.26 -9.22
N ILE D 230 -15.93 -11.51 -8.85
CA ILE D 230 -17.03 -12.29 -9.42
C ILE D 230 -18.38 -11.71 -9.04
N GLN D 231 -18.49 -11.19 -7.82
CA GLN D 231 -19.72 -10.53 -7.41
C GLN D 231 -19.99 -9.23 -8.19
N GLY D 232 -18.94 -8.45 -8.43
CA GLY D 232 -19.02 -7.28 -9.31
C GLY D 232 -19.38 -7.60 -10.75
N GLN D 233 -18.80 -8.65 -11.32
CA GLN D 233 -19.00 -8.96 -12.75
C GLN D 233 -20.24 -9.80 -13.05
N ALA D 234 -20.48 -10.86 -12.28
CA ALA D 234 -21.66 -11.70 -12.46
C ALA D 234 -22.86 -11.24 -11.66
N GLY D 235 -22.70 -10.30 -10.74
CA GLY D 235 -23.80 -9.89 -9.85
C GLY D 235 -24.14 -10.85 -8.72
N ARG D 236 -23.35 -11.91 -8.54
CA ARG D 236 -23.61 -12.94 -7.53
C ARG D 236 -22.38 -13.81 -7.34
N LEU D 237 -22.43 -14.69 -6.35
CA LEU D 237 -21.38 -15.67 -6.11
C LEU D 237 -21.44 -16.73 -7.19
N PRO D 238 -20.29 -17.35 -7.51
CA PRO D 238 -20.31 -18.31 -8.62
C PRO D 238 -20.94 -19.62 -8.22
N ASP D 239 -21.33 -20.40 -9.22
CA ASP D 239 -21.82 -21.75 -8.98
C ASP D 239 -20.67 -22.68 -8.62
N ALA D 240 -19.48 -22.39 -9.14
CA ALA D 240 -18.32 -23.23 -8.91
C ALA D 240 -17.02 -22.45 -9.03
N VAL D 241 -16.02 -22.85 -8.23
CA VAL D 241 -14.66 -22.33 -8.36
C VAL D 241 -13.76 -23.54 -8.56
N VAL D 242 -12.92 -23.53 -9.59
CA VAL D 242 -12.06 -24.66 -9.89
C VAL D 242 -10.59 -24.28 -10.13
N ALA D 243 -9.70 -25.24 -9.90
CA ALA D 243 -8.28 -25.06 -10.12
C ALA D 243 -7.59 -26.41 -10.34
N CYS D 244 -6.39 -26.39 -10.90
CA CYS D 244 -5.55 -27.58 -11.02
C CYS D 244 -4.83 -27.80 -9.70
N VAL D 245 -4.49 -29.06 -9.43
CA VAL D 245 -3.91 -29.47 -8.14
C VAL D 245 -2.65 -30.30 -8.36
N GLY D 246 -1.50 -29.68 -8.15
CA GLY D 246 -0.23 -30.39 -8.10
C GLY D 246 -0.04 -30.70 -6.64
N GLY D 247 0.84 -29.94 -5.99
CA GLY D 247 0.93 -29.95 -4.54
C GLY D 247 -0.23 -29.28 -3.82
N GLY D 248 -0.84 -28.28 -4.45
CA GLY D 248 -2.07 -27.70 -3.95
C GLY D 248 -2.17 -26.21 -3.69
N SER D 249 -1.09 -25.44 -3.94
CA SER D 249 -1.02 -24.03 -3.52
C SER D 249 -1.94 -23.07 -4.28
N ASN D 250 -1.99 -23.15 -5.60
CA ASN D 250 -2.89 -22.27 -6.36
C ASN D 250 -4.38 -22.60 -6.09
N ALA D 251 -4.69 -23.89 -6.00
CA ALA D 251 -6.06 -24.31 -5.72
C ALA D 251 -6.54 -23.89 -4.32
N ILE D 252 -5.74 -24.15 -3.29
CA ILE D 252 -6.09 -23.76 -1.93
C ILE D 252 -6.20 -22.22 -1.82
N GLY D 253 -5.34 -21.51 -2.54
CA GLY D 253 -5.38 -20.05 -2.57
C GLY D 253 -6.70 -19.48 -3.07
N ILE D 254 -7.20 -20.01 -4.17
CA ILE D 254 -8.46 -19.53 -4.73
C ILE D 254 -9.67 -20.09 -3.98
N PHE D 255 -9.58 -21.30 -3.46
CA PHE D 255 -10.72 -21.90 -2.75
C PHE D 255 -11.04 -21.26 -1.42
N HIS D 256 -10.02 -20.75 -0.73
CA HIS D 256 -10.14 -20.52 0.71
C HIS D 256 -11.22 -19.53 1.07
N ALA D 257 -11.31 -18.44 0.31
CA ALA D 257 -12.32 -17.40 0.51
C ALA D 257 -13.76 -17.86 0.27
N PHE D 258 -13.94 -18.95 -0.48
CA PHE D 258 -15.26 -19.51 -0.75
C PHE D 258 -15.66 -20.70 0.14
N LEU D 259 -14.84 -21.07 1.13
CA LEU D 259 -15.13 -22.30 1.89
C LEU D 259 -16.44 -22.26 2.66
N ASP D 260 -16.78 -21.09 3.22
CA ASP D 260 -18.02 -20.90 3.99
C ASP D 260 -19.21 -20.43 3.16
N ASP D 261 -19.04 -20.39 1.83
CA ASP D 261 -20.14 -20.17 0.90
C ASP D 261 -20.73 -21.53 0.49
N PRO D 262 -21.74 -22.02 1.23
CA PRO D 262 -22.18 -23.42 1.00
C PRO D 262 -22.74 -23.72 -0.40
N GLY D 263 -23.27 -22.71 -1.11
CA GLY D 263 -23.74 -22.88 -2.49
C GLY D 263 -22.65 -22.97 -3.56
N VAL D 264 -21.40 -22.70 -3.20
CA VAL D 264 -20.31 -22.65 -4.17
C VAL D 264 -19.60 -24.01 -4.19
N ARG D 265 -19.75 -24.74 -5.31
N ARG D 265 -19.73 -24.72 -5.31
CA ARG D 265 -19.02 -25.98 -5.56
CA ARG D 265 -19.06 -25.99 -5.52
C ARG D 265 -17.55 -25.67 -5.71
C ARG D 265 -17.57 -25.71 -5.76
N LEU D 266 -16.70 -26.54 -5.17
CA LEU D 266 -15.26 -26.39 -5.32
C LEU D 266 -14.73 -27.66 -5.94
N VAL D 267 -13.99 -27.52 -7.04
CA VAL D 267 -13.44 -28.67 -7.76
C VAL D 267 -11.97 -28.47 -8.09
N GLY D 268 -11.15 -29.42 -7.64
CA GLY D 268 -9.75 -29.49 -8.01
C GLY D 268 -9.56 -30.54 -9.08
N PHE D 269 -8.80 -30.20 -10.12
CA PHE D 269 -8.53 -31.09 -11.21
C PHE D 269 -7.07 -31.51 -11.15
N GLU D 270 -6.84 -32.82 -11.13
CA GLU D 270 -5.49 -33.39 -11.02
C GLU D 270 -5.12 -34.12 -12.31
N ALA D 271 -3.82 -34.34 -12.50
CA ALA D 271 -3.27 -34.82 -13.76
C ALA D 271 -3.40 -36.32 -13.87
N ALA D 272 -4.11 -36.80 -14.89
CA ALA D 272 -4.29 -38.22 -15.13
C ALA D 272 -3.37 -38.80 -16.23
N GLY D 273 -2.52 -37.98 -16.84
CA GLY D 273 -1.49 -38.47 -17.75
C GLY D 273 -2.05 -39.21 -18.94
N ASP D 274 -1.55 -40.42 -19.21
CA ASP D 274 -2.14 -41.28 -20.25
C ASP D 274 -3.53 -41.81 -19.85
N GLY D 275 -3.84 -41.77 -18.56
CA GLY D 275 -5.10 -42.30 -18.05
C GLY D 275 -4.87 -42.96 -16.71
N VAL D 276 -5.85 -42.82 -15.83
CA VAL D 276 -5.75 -43.36 -14.46
C VAL D 276 -5.62 -44.88 -14.43
N GLU D 277 -6.08 -45.56 -15.48
CA GLU D 277 -5.97 -47.04 -15.58
C GLU D 277 -4.65 -47.56 -16.20
N THR D 278 -3.78 -46.66 -16.69
CA THR D 278 -2.53 -47.03 -17.35
C THR D 278 -1.30 -47.11 -16.44
N GLY D 279 -1.41 -46.65 -15.20
CA GLY D 279 -0.24 -46.48 -14.35
C GLY D 279 0.75 -45.43 -14.82
N ARG D 280 0.29 -44.47 -15.64
CA ARG D 280 1.13 -43.37 -16.10
C ARG D 280 0.34 -42.07 -15.92
N HIS D 281 0.24 -41.66 -14.65
CA HIS D 281 -0.59 -40.54 -14.22
C HIS D 281 -0.01 -39.87 -12.96
N ALA D 282 -0.66 -38.80 -12.53
CA ALA D 282 -0.35 -38.14 -11.26
C ALA D 282 -1.62 -37.88 -10.45
N ALA D 283 -2.61 -38.75 -10.61
CA ALA D 283 -3.93 -38.58 -10.05
C ALA D 283 -3.95 -39.09 -8.61
N THR D 284 -3.56 -38.21 -7.71
CA THR D 284 -3.21 -38.58 -6.35
C THR D 284 -4.45 -39.01 -5.56
N PHE D 285 -5.49 -38.20 -5.60
CA PHE D 285 -6.76 -38.55 -4.94
C PHE D 285 -7.52 -39.67 -5.64
N THR D 286 -7.47 -39.70 -6.97
CA THR D 286 -8.24 -40.68 -7.73
C THR D 286 -7.72 -42.09 -7.59
N ALA D 287 -6.39 -42.24 -7.51
CA ALA D 287 -5.73 -43.57 -7.45
C ALA D 287 -4.78 -43.79 -6.28
N GLY D 288 -4.48 -42.76 -5.51
CA GLY D 288 -3.58 -42.89 -4.37
C GLY D 288 -4.34 -43.28 -3.14
N SER D 289 -3.59 -43.40 -2.05
CA SER D 289 -4.16 -43.73 -0.74
C SER D 289 -3.45 -42.92 0.36
N PRO D 290 -4.07 -42.83 1.57
CA PRO D 290 -3.45 -42.03 2.62
C PRO D 290 -2.06 -42.53 3.05
N GLY D 291 -1.14 -41.62 3.32
CA GLY D 291 0.17 -41.99 3.81
C GLY D 291 1.03 -40.82 4.22
N ALA D 292 2.17 -41.13 4.82
CA ALA D 292 3.16 -40.13 5.21
C ALA D 292 4.16 -39.93 4.07
N PHE D 293 4.26 -38.70 3.59
CA PHE D 293 5.15 -38.39 2.48
C PHE D 293 5.51 -36.92 2.55
N HIS D 294 6.81 -36.64 2.49
N HIS D 294 6.82 -36.66 2.38
CA HIS D 294 7.25 -35.27 2.29
CA HIS D 294 7.38 -35.30 2.32
C HIS D 294 6.97 -34.38 3.49
C HIS D 294 6.93 -34.41 3.48
N GLY D 295 7.03 -34.94 4.70
CA GLY D 295 6.71 -34.19 5.91
C GLY D 295 5.28 -34.17 6.43
N SER D 296 4.29 -34.61 5.63
CA SER D 296 2.87 -34.57 6.04
C SER D 296 2.17 -35.92 5.89
N PHE D 297 1.07 -36.09 6.62
CA PHE D 297 0.13 -37.18 6.36
C PHE D 297 -0.95 -36.65 5.40
N SER D 298 -1.01 -37.25 4.21
CA SER D 298 -1.94 -36.83 3.16
C SER D 298 -2.16 -38.02 2.23
N TYR D 299 -2.52 -37.76 0.98
CA TYR D 299 -2.61 -38.83 -0.03
C TYR D 299 -1.32 -38.87 -0.82
N LEU D 300 -0.96 -40.07 -1.26
CA LEU D 300 0.12 -40.22 -2.24
C LEU D 300 -0.04 -41.45 -3.11
N LEU D 301 0.61 -41.41 -4.27
CA LEU D 301 0.74 -42.59 -5.11
C LEU D 301 1.81 -43.49 -4.52
N GLN D 302 1.41 -44.67 -4.07
CA GLN D 302 2.32 -45.62 -3.40
C GLN D 302 1.95 -47.08 -3.69
N ASP D 303 2.94 -47.97 -3.67
CA ASP D 303 2.71 -49.39 -3.93
C ASP D 303 2.31 -50.15 -2.65
N GLU D 304 2.22 -51.48 -2.70
CA GLU D 304 1.75 -52.29 -1.57
C GLU D 304 2.63 -52.22 -0.31
N ASP D 305 3.90 -51.87 -0.48
CA ASP D 305 4.84 -51.64 0.64
C ASP D 305 4.91 -50.18 1.10
N GLY D 306 4.22 -49.28 0.42
CA GLY D 306 4.31 -47.85 0.71
C GLY D 306 5.51 -47.13 0.10
N GLN D 307 6.12 -47.72 -0.93
CA GLN D 307 7.17 -47.06 -1.70
C GLN D 307 6.49 -46.10 -2.64
N THR D 308 7.11 -44.95 -2.87
CA THR D 308 6.55 -43.95 -3.74
C THR D 308 6.61 -44.43 -5.19
N ILE D 309 5.50 -44.24 -5.90
CA ILE D 309 5.36 -44.61 -7.31
C ILE D 309 5.72 -43.38 -8.15
N GLU D 310 6.56 -43.59 -9.16
CA GLU D 310 6.89 -42.54 -10.11
C GLU D 310 5.60 -42.08 -10.81
N SER D 311 5.38 -40.77 -10.85
CA SER D 311 4.23 -40.21 -11.56
C SER D 311 4.63 -39.75 -12.97
N HIS D 312 3.62 -39.46 -13.78
CA HIS D 312 3.79 -39.02 -15.17
C HIS D 312 2.66 -38.05 -15.52
N SER D 313 3.03 -36.92 -16.10
CA SER D 313 2.08 -35.98 -16.71
C SER D 313 2.84 -35.20 -17.76
N ILE D 314 2.15 -34.75 -18.80
CA ILE D 314 2.76 -33.88 -19.79
C ILE D 314 3.13 -32.52 -19.21
N SER D 315 2.43 -32.12 -18.14
CA SER D 315 2.79 -30.92 -17.42
C SER D 315 3.73 -31.25 -16.26
N ALA D 316 4.81 -30.48 -16.16
CA ALA D 316 5.80 -30.66 -15.08
C ALA D 316 5.28 -30.26 -13.70
N GLY D 317 4.52 -29.18 -13.60
CA GLY D 317 3.98 -28.70 -12.32
C GLY D 317 2.98 -29.61 -11.61
N LEU D 318 2.26 -30.45 -12.35
CA LEU D 318 1.30 -31.40 -11.77
C LEU D 318 1.90 -32.79 -11.61
N ASP D 319 3.16 -32.95 -12.00
CA ASP D 319 3.85 -34.24 -12.02
C ASP D 319 4.44 -34.46 -10.62
N TYR D 320 3.54 -34.74 -9.69
CA TYR D 320 3.87 -34.82 -8.28
C TYR D 320 3.00 -35.93 -7.68
N PRO D 321 3.64 -36.91 -7.01
CA PRO D 321 2.84 -38.03 -6.51
C PRO D 321 2.15 -37.73 -5.17
N GLY D 322 2.44 -36.59 -4.57
CA GLY D 322 1.79 -36.16 -3.34
C GLY D 322 0.68 -35.16 -3.56
N VAL D 323 0.10 -34.72 -2.44
CA VAL D 323 -0.82 -33.58 -2.40
C VAL D 323 -0.87 -33.06 -0.97
N GLY D 324 -1.12 -31.77 -0.83
CA GLY D 324 -1.10 -31.13 0.47
C GLY D 324 -2.19 -31.61 1.40
N PRO D 325 -1.89 -31.66 2.71
CA PRO D 325 -2.83 -32.23 3.67
C PRO D 325 -4.13 -31.45 3.78
N GLU D 326 -4.13 -30.13 3.56
CA GLU D 326 -5.38 -29.36 3.68
C GLU D 326 -6.39 -29.81 2.63
N HIS D 327 -5.92 -30.19 1.44
CA HIS D 327 -6.79 -30.78 0.42
C HIS D 327 -7.34 -32.15 0.84
N ALA D 328 -6.51 -32.97 1.49
CA ALA D 328 -6.98 -34.26 1.98
C ALA D 328 -8.12 -34.12 2.98
N TRP D 329 -8.04 -33.13 3.87
CA TRP D 329 -9.11 -32.83 4.81
C TRP D 329 -10.41 -32.38 4.12
N LEU D 330 -10.29 -31.46 3.16
CA LEU D 330 -11.46 -30.97 2.42
C LEU D 330 -12.15 -32.06 1.58
N LYS D 331 -11.37 -33.03 1.11
CA LYS D 331 -11.93 -34.19 0.41
C LYS D 331 -12.72 -35.06 1.38
N GLU D 332 -12.11 -35.40 2.51
CA GLU D 332 -12.77 -36.19 3.51
C GLU D 332 -14.03 -35.50 4.04
N ALA D 333 -13.97 -34.18 4.27
CA ALA D 333 -15.10 -33.44 4.82
C ALA D 333 -16.24 -33.22 3.83
N GLY D 334 -16.01 -33.51 2.56
CA GLY D 334 -17.02 -33.37 1.52
C GLY D 334 -17.05 -32.01 0.84
N ARG D 335 -16.17 -31.08 1.24
CA ARG D 335 -16.23 -29.70 0.76
C ARG D 335 -15.71 -29.47 -0.68
N VAL D 336 -14.67 -30.21 -1.07
CA VAL D 336 -14.09 -30.14 -2.40
C VAL D 336 -14.06 -31.52 -3.01
N ASP D 337 -14.44 -31.62 -4.29
CA ASP D 337 -14.25 -32.83 -5.08
C ASP D 337 -12.99 -32.69 -5.93
N TYR D 338 -12.29 -33.79 -6.12
CA TYR D 338 -11.06 -33.83 -6.89
C TYR D 338 -11.26 -34.80 -8.04
N ARG D 339 -10.94 -34.34 -9.25
CA ARG D 339 -11.31 -35.05 -10.48
C ARG D 339 -10.11 -35.15 -11.44
N PRO D 340 -9.99 -36.28 -12.16
CA PRO D 340 -8.88 -36.51 -13.10
C PRO D 340 -9.07 -35.86 -14.46
N ILE D 341 -8.00 -35.29 -15.00
CA ILE D 341 -7.96 -34.76 -16.35
C ILE D 341 -6.70 -35.29 -17.06
N THR D 342 -6.88 -35.87 -18.25
CA THR D 342 -5.78 -36.49 -18.99
C THR D 342 -4.93 -35.45 -19.73
N ASP D 343 -3.71 -35.87 -20.12
CA ASP D 343 -2.85 -35.13 -21.03
C ASP D 343 -3.64 -34.59 -22.23
N SER D 344 -4.48 -35.42 -22.82
CA SER D 344 -5.23 -35.06 -24.04
C SER D 344 -6.27 -34.00 -23.79
N GLU D 345 -7.08 -34.21 -22.77
CA GLU D 345 -8.10 -33.24 -22.36
C GLU D 345 -7.46 -31.88 -22.08
N ALA D 346 -6.30 -31.89 -21.42
CA ALA D 346 -5.54 -30.68 -21.11
C ALA D 346 -5.03 -29.97 -22.34
N MET D 347 -4.40 -30.72 -23.25
CA MET D 347 -3.83 -30.14 -24.47
C MET D 347 -4.91 -29.58 -25.39
N ASP D 348 -6.05 -30.28 -25.49
CA ASP D 348 -7.23 -29.73 -26.16
C ASP D 348 -7.60 -28.36 -25.63
N ALA D 349 -7.72 -28.27 -24.31
CA ALA D 349 -8.06 -27.00 -23.66
C ALA D 349 -7.00 -25.94 -23.93
N PHE D 350 -5.73 -26.34 -23.91
CA PHE D 350 -4.62 -25.44 -24.21
C PHE D 350 -4.85 -24.80 -25.57
N GLY D 351 -5.05 -25.66 -26.57
CA GLY D 351 -5.32 -25.21 -27.94
C GLY D 351 -6.52 -24.30 -28.02
N LEU D 352 -7.60 -24.69 -27.36
CA LEU D 352 -8.86 -23.97 -27.43
C LEU D 352 -8.75 -22.58 -26.85
N LEU D 353 -8.13 -22.47 -25.70
CA LEU D 353 -7.92 -21.17 -25.07
C LEU D 353 -7.09 -20.24 -25.94
N CYS D 354 -6.07 -20.79 -26.61
CA CYS D 354 -5.23 -20.03 -27.53
C CYS D 354 -6.02 -19.46 -28.71
N ARG D 355 -6.82 -20.32 -29.34
CA ARG D 355 -7.59 -19.95 -30.54
C ARG D 355 -8.72 -19.00 -30.25
N MET D 356 -9.39 -19.21 -29.12
CA MET D 356 -10.64 -18.52 -28.81
C MET D 356 -10.46 -17.24 -28.04
N GLU D 357 -9.48 -17.19 -27.14
CA GLU D 357 -9.25 -16.01 -26.30
C GLU D 357 -7.88 -15.33 -26.47
N GLY D 358 -6.97 -15.95 -27.21
CA GLY D 358 -5.61 -15.42 -27.35
C GLY D 358 -4.76 -15.53 -26.10
N ILE D 359 -5.08 -16.49 -25.24
CA ILE D 359 -4.33 -16.68 -24.00
C ILE D 359 -3.69 -18.04 -24.06
N ILE D 360 -2.36 -18.05 -23.95
CA ILE D 360 -1.57 -19.27 -23.93
C ILE D 360 -1.41 -19.63 -22.47
N PRO D 361 -2.11 -20.68 -22.00
CA PRO D 361 -2.01 -21.01 -20.59
C PRO D 361 -0.83 -21.94 -20.34
N ALA D 362 -0.42 -22.01 -19.09
CA ALA D 362 0.43 -23.10 -18.68
C ALA D 362 -0.36 -24.40 -18.88
N ILE D 363 0.34 -25.49 -19.19
CA ILE D 363 -0.31 -26.78 -19.35
C ILE D 363 -0.95 -27.24 -18.05
N GLU D 364 -0.39 -26.82 -16.92
CA GLU D 364 -0.99 -27.04 -15.60
C GLU D 364 -2.39 -26.44 -15.57
N SER D 365 -2.46 -25.13 -15.81
CA SER D 365 -3.71 -24.38 -15.82
C SER D 365 -4.71 -24.95 -16.81
N ALA D 366 -4.22 -25.42 -17.95
CA ALA D 366 -5.05 -26.05 -19.00
C ALA D 366 -5.81 -27.30 -18.53
N HIS D 367 -5.31 -27.96 -17.50
CA HIS D 367 -6.06 -29.02 -16.85
C HIS D 367 -7.33 -28.45 -16.19
N ALA D 368 -7.20 -27.28 -15.53
CA ALA D 368 -8.36 -26.61 -14.92
C ALA D 368 -9.37 -26.14 -15.96
N VAL D 369 -8.86 -25.65 -17.09
CA VAL D 369 -9.73 -25.13 -18.14
C VAL D 369 -10.54 -26.27 -18.73
N ALA D 370 -9.88 -27.38 -19.01
CA ALA D 370 -10.52 -28.60 -19.48
C ALA D 370 -11.58 -29.09 -18.52
N GLY D 371 -11.26 -29.10 -17.23
CA GLY D 371 -12.23 -29.47 -16.21
C GLY D 371 -13.44 -28.54 -16.14
N ALA D 372 -13.20 -27.25 -16.28
CA ALA D 372 -14.25 -26.25 -16.30
C ALA D 372 -15.18 -26.39 -17.52
N LEU D 373 -14.63 -26.82 -18.65
CA LEU D 373 -15.44 -27.12 -19.83
C LEU D 373 -16.41 -28.27 -19.55
N LYS D 374 -15.92 -29.39 -19.02
CA LYS D 374 -16.78 -30.51 -18.58
C LYS D 374 -17.79 -30.08 -17.53
N LEU D 375 -17.35 -29.32 -16.53
CA LEU D 375 -18.24 -28.86 -15.45
C LEU D 375 -19.35 -27.91 -15.97
N GLY D 376 -18.98 -27.05 -16.92
CA GLY D 376 -19.94 -26.20 -17.64
C GLY D 376 -21.03 -26.97 -18.36
N VAL D 377 -20.65 -28.07 -19.00
CA VAL D 377 -21.62 -28.95 -19.66
C VAL D 377 -22.54 -29.61 -18.62
N GLU D 378 -21.95 -30.06 -17.53
CA GLU D 378 -22.69 -30.65 -16.41
C GLU D 378 -23.65 -29.65 -15.70
N LEU D 379 -23.20 -28.42 -15.46
CA LEU D 379 -24.02 -27.41 -14.78
C LEU D 379 -24.97 -26.69 -15.71
N GLY D 380 -24.54 -26.48 -16.95
CA GLY D 380 -25.41 -26.02 -18.01
C GLY D 380 -25.34 -24.55 -18.26
N ARG D 381 -26.06 -24.12 -19.29
CA ARG D 381 -26.20 -22.73 -19.76
C ARG D 381 -26.50 -21.75 -18.63
N GLY D 382 -25.71 -20.68 -18.56
CA GLY D 382 -25.94 -19.61 -17.59
C GLY D 382 -25.11 -19.69 -16.32
N ALA D 383 -24.63 -20.91 -16.00
CA ALA D 383 -23.84 -21.16 -14.80
C ALA D 383 -22.56 -20.36 -14.80
N VAL D 384 -22.14 -19.95 -13.61
CA VAL D 384 -21.00 -19.08 -13.42
C VAL D 384 -19.90 -19.91 -12.77
N ILE D 385 -18.79 -20.06 -13.49
CA ILE D 385 -17.66 -20.85 -13.06
C ILE D 385 -16.40 -19.99 -13.10
N VAL D 386 -15.68 -19.94 -11.97
CA VAL D 386 -14.40 -19.25 -11.87
C VAL D 386 -13.29 -20.29 -11.95
N VAL D 387 -12.28 -20.01 -12.78
CA VAL D 387 -11.14 -20.89 -13.01
C VAL D 387 -9.87 -20.15 -12.62
N ASN D 388 -9.03 -20.79 -11.81
CA ASN D 388 -7.70 -20.25 -11.52
C ASN D 388 -6.79 -20.56 -12.69
N LEU D 389 -6.49 -19.53 -13.49
CA LEU D 389 -5.58 -19.71 -14.60
C LEU D 389 -4.21 -19.48 -14.04
N SER D 390 -3.66 -20.55 -13.46
CA SER D 390 -2.55 -20.45 -12.53
C SER D 390 -1.29 -19.86 -13.13
N GLY D 391 -1.06 -20.03 -14.42
CA GLY D 391 0.12 -19.45 -15.07
C GLY D 391 0.04 -19.32 -16.58
N ARG D 392 1.03 -18.64 -17.13
CA ARG D 392 1.14 -18.47 -18.57
C ARG D 392 1.94 -19.59 -19.21
N GLY D 393 1.70 -19.77 -20.51
CA GLY D 393 2.23 -20.91 -21.24
C GLY D 393 3.43 -20.70 -22.11
N ASP D 394 4.10 -19.55 -22.01
CA ASP D 394 5.36 -19.33 -22.74
C ASP D 394 6.33 -20.51 -22.58
N LYS D 395 6.55 -20.94 -21.35
CA LYS D 395 7.40 -22.11 -21.07
C LYS D 395 6.95 -23.42 -21.73
N ASP D 396 5.69 -23.53 -22.14
CA ASP D 396 5.15 -24.75 -22.74
C ASP D 396 4.96 -24.72 -24.24
N VAL D 397 5.37 -23.64 -24.90
CA VAL D 397 5.12 -23.48 -26.33
C VAL D 397 5.72 -24.64 -27.14
N GLU D 398 6.93 -25.06 -26.78
CA GLU D 398 7.63 -26.14 -27.50
C GLU D 398 6.93 -27.48 -27.32
N THR D 399 6.54 -27.79 -26.09
CA THR D 399 5.76 -28.98 -25.83
C THR D 399 4.44 -28.97 -26.62
N ALA D 400 3.73 -27.86 -26.60
CA ALA D 400 2.46 -27.73 -27.33
C ALA D 400 2.65 -27.78 -28.86
N ALA D 401 3.69 -27.12 -29.35
CA ALA D 401 4.04 -27.19 -30.78
C ALA D 401 4.31 -28.61 -31.25
N LYS D 402 5.03 -29.39 -30.46
CA LYS D 402 5.26 -30.81 -30.79
C LYS D 402 3.96 -31.60 -30.80
N TRP D 403 3.17 -31.41 -29.74
CA TRP D 403 1.88 -32.08 -29.60
C TRP D 403 1.02 -31.89 -30.85
N PHE D 404 0.93 -30.65 -31.30
CA PHE D 404 0.08 -30.24 -32.42
C PHE D 404 0.79 -30.21 -33.80
N GLY D 405 1.93 -30.90 -33.95
CA GLY D 405 2.62 -31.05 -35.22
C GLY D 405 3.15 -29.77 -35.85
N LEU D 406 3.40 -28.74 -35.05
CA LEU D 406 3.81 -27.44 -35.56
C LEU D 406 5.32 -27.30 -35.77
N LEU D 407 6.13 -28.16 -35.16
CA LEU D 407 7.56 -28.20 -35.44
C LEU D 407 7.94 -29.18 -36.56
N GLY D 408 7.14 -30.22 -36.76
CA GLY D 408 7.41 -31.27 -37.75
C GLY D 408 8.46 -32.27 -37.27
N ASN D 409 8.80 -33.20 -38.17
CA ASN D 409 9.84 -34.22 -37.95
C ASN D 409 9.50 -35.13 -36.76
N ALA E 9 1.42 24.35 -73.43
CA ALA E 9 1.68 22.95 -73.89
C ALA E 9 2.63 22.18 -72.95
N SER E 10 2.36 20.90 -72.76
CA SER E 10 3.30 20.01 -72.07
C SER E 10 4.48 19.63 -72.96
N ARG E 11 5.45 18.93 -72.38
CA ARG E 11 6.64 18.44 -73.10
C ARG E 11 6.38 17.16 -73.90
N LEU E 12 5.55 16.27 -73.38
CA LEU E 12 5.16 15.03 -74.07
C LEU E 12 3.88 15.18 -74.91
N GLY E 13 3.34 16.40 -75.02
CA GLY E 13 2.21 16.69 -75.90
C GLY E 13 2.43 16.29 -77.36
N PRO E 14 3.51 16.81 -77.98
CA PRO E 14 3.86 16.49 -79.38
C PRO E 14 3.96 14.99 -79.75
N VAL E 15 4.36 14.14 -78.81
CA VAL E 15 4.46 12.70 -79.08
C VAL E 15 3.07 12.06 -79.19
N PHE E 16 2.19 12.39 -78.25
CA PHE E 16 0.80 11.88 -78.25
C PHE E 16 -0.08 12.50 -79.34
N ASP E 17 0.27 13.70 -79.80
CA ASP E 17 -0.33 14.27 -81.02
C ASP E 17 0.10 13.46 -82.23
N SER E 18 1.41 13.28 -82.37
CA SER E 18 2.00 12.49 -83.44
C SER E 18 1.48 11.05 -83.50
N CYS E 19 1.39 10.40 -82.35
CA CYS E 19 0.90 9.01 -82.27
C CYS E 19 -0.57 8.91 -82.66
N ARG E 20 -1.41 9.78 -82.08
CA ARG E 20 -2.85 9.84 -82.44
C ARG E 20 -3.05 10.20 -83.93
N ALA E 21 -2.17 11.02 -84.49
CA ALA E 21 -2.18 11.36 -85.92
C ALA E 21 -1.87 10.17 -86.84
N ASN E 22 -1.11 9.18 -86.33
CA ASN E 22 -0.75 7.98 -87.11
C ASN E 22 -1.49 6.70 -86.70
N ASN E 23 -2.70 6.83 -86.15
CA ASN E 23 -3.61 5.69 -85.90
C ASN E 23 -3.01 4.64 -84.94
N ARG E 24 -2.40 5.13 -83.86
CA ARG E 24 -1.63 4.29 -82.94
C ARG E 24 -1.47 4.92 -81.57
N ALA E 25 -1.09 4.08 -80.61
CA ALA E 25 -0.69 4.53 -79.29
C ALA E 25 0.83 4.64 -79.23
N ALA E 26 1.31 5.44 -78.30
CA ALA E 26 2.73 5.50 -77.99
C ALA E 26 3.13 4.22 -77.26
N LEU E 27 4.31 3.68 -77.60
CA LEU E 27 4.94 2.62 -76.82
C LEU E 27 5.84 3.26 -75.74
N ILE E 28 5.61 2.91 -74.47
CA ILE E 28 6.38 3.46 -73.34
C ILE E 28 7.11 2.32 -72.60
N GLY E 29 8.44 2.38 -72.61
CA GLY E 29 9.29 1.24 -72.25
C GLY E 29 10.15 1.51 -71.04
N TYR E 30 9.97 0.73 -69.98
CA TYR E 30 10.74 0.86 -68.75
C TYR E 30 11.96 -0.04 -68.76
N LEU E 31 13.12 0.54 -68.42
CA LEU E 31 14.30 -0.23 -68.01
C LEU E 31 14.96 0.45 -66.82
N PRO E 32 15.44 -0.33 -65.83
CA PRO E 32 16.14 0.26 -64.69
C PRO E 32 17.60 0.53 -65.00
N THR E 33 18.05 1.75 -64.69
CA THR E 33 19.47 2.08 -64.75
C THR E 33 20.32 1.07 -63.96
N GLY E 34 21.42 0.64 -64.57
CA GLY E 34 22.38 -0.25 -63.91
C GLY E 34 22.13 -1.74 -63.96
N TYR E 35 21.07 -2.21 -64.62
CA TYR E 35 20.87 -3.65 -64.82
C TYR E 35 21.14 -4.08 -66.26
N PRO E 36 22.02 -5.09 -66.46
CA PRO E 36 22.83 -5.81 -65.46
C PRO E 36 24.00 -5.01 -64.86
N ASP E 37 24.52 -4.02 -65.60
CA ASP E 37 25.46 -3.02 -65.08
C ASP E 37 25.15 -1.66 -65.76
N VAL E 38 25.91 -0.61 -65.47
CA VAL E 38 25.61 0.73 -66.02
C VAL E 38 25.78 0.86 -67.55
N PRO E 39 26.94 0.46 -68.12
CA PRO E 39 27.08 0.47 -69.59
C PRO E 39 26.04 -0.36 -70.35
N ALA E 40 25.76 -1.57 -69.89
CA ALA E 40 24.79 -2.46 -70.57
C ALA E 40 23.35 -1.92 -70.51
N SER E 41 23.00 -1.23 -69.44
CA SER E 41 21.67 -0.61 -69.29
C SER E 41 21.48 0.60 -70.22
N VAL E 42 22.57 1.31 -70.52
CA VAL E 42 22.56 2.40 -71.51
C VAL E 42 22.47 1.82 -72.92
N ALA E 43 23.28 0.80 -73.22
CA ALA E 43 23.19 0.09 -74.52
C ALA E 43 21.76 -0.48 -74.76
N ALA E 44 21.14 -1.01 -73.70
CA ALA E 44 19.75 -1.47 -73.77
C ALA E 44 18.73 -0.34 -74.00
N MET E 45 18.94 0.81 -73.33
CA MET E 45 18.06 1.97 -73.52
C MET E 45 18.23 2.63 -74.89
N THR E 46 19.44 2.67 -75.41
CA THR E 46 19.69 3.10 -76.79
C THR E 46 18.95 2.17 -77.77
N ALA E 47 19.01 0.86 -77.50
CA ALA E 47 18.33 -0.16 -78.32
C ALA E 47 16.80 -0.01 -78.34
N LEU E 48 16.21 0.44 -77.24
CA LEU E 48 14.77 0.78 -77.21
C LEU E 48 14.44 1.94 -78.15
N VAL E 49 15.29 2.96 -78.22
CA VAL E 49 15.09 4.06 -79.17
C VAL E 49 15.16 3.54 -80.61
N GLU E 50 16.19 2.73 -80.88
CA GLU E 50 16.42 2.16 -82.21
C GLU E 50 15.41 1.07 -82.62
N SER E 51 14.74 0.45 -81.64
CA SER E 51 13.69 -0.56 -81.90
C SER E 51 12.26 0.01 -81.90
N GLY E 52 12.10 1.32 -81.70
CA GLY E 52 10.81 2.01 -81.85
C GLY E 52 10.01 2.28 -80.59
N CYS E 53 10.69 2.53 -79.47
CA CYS E 53 10.04 3.07 -78.27
C CYS E 53 9.96 4.59 -78.41
N ASP E 54 8.77 5.14 -78.23
CA ASP E 54 8.55 6.57 -78.38
C ASP E 54 8.99 7.36 -77.14
N ILE E 55 8.60 6.86 -75.97
CA ILE E 55 9.03 7.41 -74.68
C ILE E 55 9.73 6.30 -73.90
N ILE E 56 10.85 6.63 -73.26
CA ILE E 56 11.56 5.67 -72.39
C ILE E 56 11.43 6.11 -70.93
N GLU E 57 11.02 5.18 -70.06
CA GLU E 57 11.03 5.36 -68.61
C GLU E 57 12.36 4.86 -68.06
N VAL E 58 13.22 5.79 -67.67
CA VAL E 58 14.49 5.44 -67.06
C VAL E 58 14.22 5.27 -65.57
N GLY E 59 14.42 4.06 -65.07
CA GLY E 59 14.10 3.69 -63.69
C GLY E 59 15.26 3.95 -62.76
N VAL E 60 14.98 4.53 -61.59
CA VAL E 60 15.98 4.76 -60.54
C VAL E 60 15.86 3.63 -59.52
N PRO E 61 16.82 2.68 -59.50
CA PRO E 61 16.78 1.61 -58.50
C PRO E 61 16.73 2.15 -57.06
N TYR E 62 15.70 1.72 -56.34
CA TYR E 62 15.48 2.09 -54.95
C TYR E 62 15.47 0.81 -54.13
N SER E 63 16.03 0.89 -52.93
CA SER E 63 16.20 -0.25 -52.02
C SER E 63 14.88 -0.87 -51.50
N ASP E 64 13.79 -0.10 -51.48
CA ASP E 64 12.48 -0.60 -51.00
C ASP E 64 11.34 -0.22 -51.99
N PRO E 65 11.28 -0.92 -53.14
CA PRO E 65 10.35 -0.57 -54.20
C PRO E 65 8.99 -1.28 -54.01
N GLY E 66 8.08 -0.58 -53.32
CA GLY E 66 6.84 -1.18 -52.88
C GLY E 66 5.87 -1.51 -53.99
N MET E 67 5.74 -0.61 -54.96
CA MET E 67 4.81 -0.80 -56.09
C MET E 67 5.33 -1.75 -57.19
N ASP E 68 6.61 -2.12 -57.13
CA ASP E 68 7.20 -3.01 -58.12
C ASP E 68 7.04 -4.48 -57.75
N GLY E 69 6.79 -5.31 -58.76
CA GLY E 69 6.81 -6.76 -58.60
C GLY E 69 8.23 -7.30 -58.66
N PRO E 70 8.40 -8.60 -58.40
CA PRO E 70 9.75 -9.19 -58.23
C PRO E 70 10.68 -9.17 -59.45
N THR E 71 10.15 -9.04 -60.68
CA THR E 71 11.00 -8.95 -61.88
C THR E 71 11.86 -7.67 -61.88
N ILE E 72 11.21 -6.53 -61.67
CA ILE E 72 11.90 -5.23 -61.60
C ILE E 72 12.67 -5.09 -60.26
N ALA E 73 12.07 -5.57 -59.17
CA ALA E 73 12.71 -5.56 -57.86
C ALA E 73 14.04 -6.31 -57.85
N ARG E 74 14.07 -7.53 -58.41
CA ARG E 74 15.30 -8.33 -58.45
C ARG E 74 16.36 -7.68 -59.35
N ALA E 75 15.89 -7.01 -60.41
CA ALA E 75 16.76 -6.30 -61.32
C ALA E 75 17.36 -5.07 -60.64
N THR E 76 16.53 -4.31 -59.91
CA THR E 76 17.01 -3.14 -59.17
C THR E 76 17.91 -3.56 -57.99
N GLU E 77 17.60 -4.69 -57.34
CA GLU E 77 18.49 -5.26 -56.31
C GLU E 77 19.87 -5.52 -56.86
N ALA E 78 19.90 -6.14 -58.04
CA ALA E 78 21.15 -6.44 -58.76
C ALA E 78 21.92 -5.17 -59.16
N ALA E 79 21.20 -4.20 -59.71
CA ALA E 79 21.78 -2.89 -60.03
C ALA E 79 22.45 -2.23 -58.83
N LEU E 80 21.79 -2.27 -57.67
CA LEU E 80 22.32 -1.70 -56.43
C LEU E 80 23.49 -2.50 -55.83
N ARG E 81 23.47 -3.82 -55.95
CA ARG E 81 24.65 -4.65 -55.57
C ARG E 81 25.87 -4.24 -56.40
N GLY E 82 25.64 -3.96 -57.68
CA GLY E 82 26.67 -3.46 -58.59
C GLY E 82 27.15 -2.03 -58.39
N GLY E 83 26.60 -1.29 -57.42
CA GLY E 83 27.06 0.07 -57.11
C GLY E 83 26.43 1.21 -57.90
N VAL E 84 25.23 0.98 -58.45
CA VAL E 84 24.53 2.00 -59.24
C VAL E 84 24.18 3.24 -58.42
N ARG E 85 24.34 4.40 -59.04
CA ARG E 85 24.19 5.68 -58.38
C ARG E 85 23.08 6.47 -59.04
N VAL E 86 22.48 7.41 -58.32
CA VAL E 86 21.41 8.25 -58.87
C VAL E 86 21.88 9.09 -60.05
N ARG E 87 23.09 9.65 -59.98
CA ARG E 87 23.66 10.38 -61.12
C ARG E 87 23.82 9.53 -62.42
N ASP E 88 23.91 8.21 -62.29
CA ASP E 88 23.92 7.29 -63.44
C ASP E 88 22.61 7.34 -64.24
N THR E 89 21.49 7.56 -63.56
CA THR E 89 20.20 7.82 -64.22
C THR E 89 20.23 9.10 -65.06
N LEU E 90 20.86 10.16 -64.56
CA LEU E 90 21.03 11.39 -65.35
C LEU E 90 21.91 11.18 -66.58
N ALA E 91 22.96 10.38 -66.45
CA ALA E 91 23.83 10.00 -67.58
C ALA E 91 23.07 9.24 -68.65
N ALA E 92 22.22 8.30 -68.21
CA ALA E 92 21.36 7.53 -69.12
C ALA E 92 20.38 8.43 -69.88
N VAL E 93 19.82 9.41 -69.18
CA VAL E 93 18.92 10.41 -69.80
C VAL E 93 19.67 11.24 -70.83
N GLU E 94 20.91 11.64 -70.52
CA GLU E 94 21.76 12.36 -71.48
C GLU E 94 22.03 11.52 -72.74
N ALA E 95 22.39 10.25 -72.56
CA ALA E 95 22.70 9.36 -73.69
C ALA E 95 21.49 9.07 -74.58
N ILE E 96 20.31 8.92 -73.97
CA ILE E 96 19.06 8.71 -74.69
C ILE E 96 18.63 9.94 -75.48
N SER E 97 18.81 11.14 -74.90
CA SER E 97 18.45 12.39 -75.57
C SER E 97 19.38 12.66 -76.77
N ILE E 98 20.68 12.41 -76.58
CA ILE E 98 21.69 12.56 -77.65
C ILE E 98 21.44 11.59 -78.83
N ALA E 99 20.88 10.40 -78.54
CA ALA E 99 20.57 9.40 -79.57
C ALA E 99 19.16 9.54 -80.18
N GLY E 100 18.51 10.70 -79.97
CA GLY E 100 17.21 10.99 -80.57
C GLY E 100 16.00 10.63 -79.72
N GLY E 101 16.22 9.97 -78.59
CA GLY E 101 15.14 9.48 -77.74
C GLY E 101 14.44 10.56 -76.94
N ARG E 102 13.26 10.21 -76.43
CA ARG E 102 12.52 11.04 -75.48
C ARG E 102 12.48 10.24 -74.17
N ALA E 103 12.98 10.83 -73.08
CA ALA E 103 13.11 10.11 -71.82
C ALA E 103 12.47 10.85 -70.64
N VAL E 104 11.83 10.07 -69.78
CA VAL E 104 11.34 10.53 -68.47
C VAL E 104 11.96 9.63 -67.39
N VAL E 105 12.00 10.11 -66.16
CA VAL E 105 12.51 9.33 -65.02
C VAL E 105 11.35 8.77 -64.21
N MET E 106 11.46 7.50 -63.82
CA MET E 106 10.55 6.91 -62.85
C MET E 106 11.36 6.61 -61.59
N THR E 107 10.96 7.25 -60.50
CA THR E 107 11.66 7.10 -59.24
C THR E 107 10.68 7.13 -58.08
N TYR E 108 11.08 6.48 -56.99
CA TYR E 108 10.45 6.69 -55.69
C TYR E 108 10.96 8.04 -55.16
N TRP E 109 10.27 8.64 -54.20
CA TRP E 109 10.49 10.05 -53.87
C TRP E 109 11.72 10.36 -52.97
N ASN E 110 12.13 9.41 -52.13
CA ASN E 110 13.24 9.66 -51.19
C ASN E 110 14.60 9.91 -51.86
N PRO E 111 14.91 9.21 -52.96
CA PRO E 111 16.11 9.57 -53.71
C PRO E 111 16.11 11.02 -54.23
N VAL E 112 14.94 11.49 -54.69
CA VAL E 112 14.74 12.87 -55.14
C VAL E 112 14.90 13.85 -53.96
N LEU E 113 14.34 13.51 -52.80
CA LEU E 113 14.49 14.35 -51.60
C LEU E 113 15.93 14.47 -51.15
N ARG E 114 16.65 13.36 -51.24
CA ARG E 114 18.06 13.29 -50.85
C ARG E 114 18.93 14.19 -51.73
N TYR E 115 18.75 14.06 -53.05
CA TYR E 115 19.45 14.88 -54.04
C TYR E 115 19.12 16.37 -53.87
N GLY E 116 17.86 16.65 -53.54
CA GLY E 116 17.29 18.00 -53.54
C GLY E 116 16.27 18.03 -54.67
N VAL E 117 15.04 18.48 -54.38
CA VAL E 117 13.95 18.43 -55.37
C VAL E 117 14.23 19.43 -56.49
N ASP E 118 14.49 20.67 -56.12
CA ASP E 118 14.76 21.72 -57.09
C ASP E 118 16.02 21.43 -57.91
N ALA E 119 17.05 20.88 -57.25
CA ALA E 119 18.30 20.52 -57.91
C ALA E 119 18.12 19.36 -58.90
N PHE E 120 17.40 18.32 -58.49
CA PHE E 120 17.20 17.14 -59.34
C PHE E 120 16.41 17.47 -60.59
N ALA E 121 15.36 18.27 -60.42
CA ALA E 121 14.61 18.81 -61.55
C ALA E 121 15.49 19.64 -62.51
N ARG E 122 16.39 20.46 -61.94
CA ARG E 122 17.34 21.27 -62.73
C ARG E 122 18.29 20.39 -63.56
N ASP E 123 18.91 19.41 -62.91
CA ASP E 123 19.90 18.54 -63.57
C ASP E 123 19.28 17.58 -64.59
N LEU E 124 18.08 17.09 -64.29
CA LEU E 124 17.31 16.25 -65.23
C LEU E 124 16.87 17.02 -66.48
N ALA E 125 16.38 18.24 -66.27
CA ALA E 125 16.05 19.14 -67.38
C ALA E 125 17.26 19.42 -68.25
N ALA E 126 18.40 19.72 -67.62
CA ALA E 126 19.67 20.00 -68.32
C ALA E 126 20.24 18.78 -69.07
N ALA E 127 19.91 17.57 -68.64
CA ALA E 127 20.27 16.34 -69.36
C ALA E 127 19.29 15.98 -70.49
N GLY E 128 18.24 16.78 -70.71
CA GLY E 128 17.24 16.51 -71.74
C GLY E 128 16.05 15.63 -71.32
N GLY E 129 15.97 15.25 -70.05
CA GLY E 129 14.84 14.48 -69.55
C GLY E 129 13.58 15.32 -69.57
N LEU E 130 12.45 14.70 -69.94
CA LEU E 130 11.21 15.44 -70.21
C LEU E 130 10.17 15.35 -69.10
N GLY E 131 10.35 14.41 -68.18
CA GLY E 131 9.37 14.25 -67.10
C GLY E 131 9.82 13.38 -65.95
N LEU E 132 8.92 13.28 -64.97
CA LEU E 132 9.11 12.49 -63.78
C LEU E 132 7.84 11.69 -63.50
N ILE E 133 7.99 10.37 -63.35
CA ILE E 133 6.89 9.49 -62.95
C ILE E 133 7.06 9.15 -61.47
N THR E 134 6.06 9.51 -60.65
CA THR E 134 6.20 9.50 -59.20
C THR E 134 5.22 8.55 -58.49
N PRO E 135 5.52 7.23 -58.51
CA PRO E 135 4.59 6.24 -57.96
C PRO E 135 4.29 6.33 -56.45
N ASP E 136 5.16 6.97 -55.64
CA ASP E 136 4.85 7.17 -54.19
C ASP E 136 4.68 8.63 -53.73
N LEU E 137 4.62 9.54 -54.70
CA LEU E 137 4.24 10.91 -54.45
C LEU E 137 2.84 11.08 -54.97
N ILE E 138 1.94 11.51 -54.09
CA ILE E 138 0.59 11.94 -54.49
C ILE E 138 0.56 13.47 -54.49
N PRO E 139 -0.40 14.08 -55.20
CA PRO E 139 -0.56 15.54 -55.23
C PRO E 139 -0.53 16.21 -53.86
N ASP E 140 -1.10 15.54 -52.86
CA ASP E 140 -1.16 16.03 -51.47
C ASP E 140 0.21 16.37 -50.87
N GLU E 141 1.28 15.71 -51.32
CA GLU E 141 2.64 15.98 -50.83
C GLU E 141 3.55 16.64 -51.90
N ALA E 142 2.96 17.19 -52.95
CA ALA E 142 3.71 17.58 -54.16
C ALA E 142 3.92 19.09 -54.31
N GLN E 143 4.02 19.83 -53.20
CA GLN E 143 4.11 21.30 -53.23
C GLN E 143 5.44 21.75 -53.81
N GLN E 144 6.52 21.13 -53.35
CA GLN E 144 7.86 21.39 -53.88
C GLN E 144 8.00 20.91 -55.32
N TRP E 145 7.38 19.78 -55.62
CA TRP E 145 7.46 19.18 -56.96
C TRP E 145 6.74 20.04 -58.02
N LEU E 146 5.58 20.58 -57.70
CA LEU E 146 4.87 21.48 -58.62
C LEU E 146 5.70 22.73 -58.92
N ALA E 147 6.33 23.30 -57.88
CA ALA E 147 7.15 24.50 -58.05
C ALA E 147 8.38 24.23 -58.93
N ALA E 148 9.01 23.07 -58.73
CA ALA E 148 10.17 22.67 -59.52
C ALA E 148 9.81 22.29 -60.94
N SER E 149 8.68 21.61 -61.10
CA SER E 149 8.23 21.20 -62.44
C SER E 149 7.73 22.37 -63.26
N GLU E 150 7.19 23.41 -62.62
CA GLU E 150 6.83 24.65 -63.33
C GLU E 150 8.06 25.43 -63.78
N GLU E 151 9.06 25.58 -62.91
CA GLU E 151 10.23 26.40 -63.22
C GLU E 151 11.23 25.76 -64.18
N HIS E 152 11.45 24.45 -64.04
CA HIS E 152 12.38 23.72 -64.93
C HIS E 152 11.70 23.02 -66.11
N ARG E 153 10.41 23.30 -66.32
CA ARG E 153 9.67 22.92 -67.53
C ARG E 153 9.57 21.39 -67.73
N LEU E 154 9.28 20.66 -66.66
CA LEU E 154 9.18 19.19 -66.69
C LEU E 154 7.75 18.72 -66.51
N ASP E 155 7.36 17.70 -67.27
CA ASP E 155 6.06 17.06 -67.07
C ASP E 155 6.04 16.27 -65.76
N ARG E 156 4.85 16.18 -65.18
CA ARG E 156 4.66 15.53 -63.89
C ARG E 156 3.57 14.48 -64.06
N ILE E 157 4.00 13.22 -64.14
CA ILE E 157 3.12 12.08 -64.36
C ILE E 157 2.78 11.40 -63.01
N PHE E 158 1.56 11.60 -62.53
CA PHE E 158 1.06 10.90 -61.35
C PHE E 158 0.32 9.63 -61.76
N LEU E 159 0.11 8.72 -60.79
CA LEU E 159 -0.61 7.47 -61.03
C LEU E 159 -2.04 7.57 -60.53
N VAL E 160 -2.93 6.84 -61.19
CA VAL E 160 -4.26 6.54 -60.66
C VAL E 160 -4.46 5.02 -60.57
N ALA E 161 -5.51 4.62 -59.88
CA ALA E 161 -5.81 3.20 -59.67
C ALA E 161 -7.30 2.94 -59.79
N PRO E 162 -7.70 1.67 -59.96
CA PRO E 162 -9.13 1.30 -59.94
C PRO E 162 -9.85 1.74 -58.67
N SER E 163 -9.18 1.65 -57.52
CA SER E 163 -9.76 2.04 -56.22
C SER E 163 -9.88 3.56 -56.00
N SER E 164 -9.15 4.37 -56.78
CA SER E 164 -9.19 5.84 -56.65
C SER E 164 -10.62 6.37 -56.65
N THR E 165 -10.94 7.23 -55.69
CA THR E 165 -12.29 7.80 -55.56
C THR E 165 -12.51 8.85 -56.64
N PRO E 166 -13.78 9.21 -56.95
CA PRO E 166 -14.01 10.29 -57.93
C PRO E 166 -13.26 11.60 -57.60
N GLU E 167 -13.24 11.99 -56.33
CA GLU E 167 -12.57 13.22 -55.88
C GLU E 167 -11.06 13.20 -56.14
N ARG E 168 -10.43 12.08 -55.76
CA ARG E 168 -8.98 11.91 -55.90
C ARG E 168 -8.50 11.73 -57.34
N LEU E 169 -9.27 11.00 -58.13
CA LEU E 169 -9.03 10.89 -59.59
C LEU E 169 -9.00 12.27 -60.25
N ALA E 170 -10.01 13.09 -59.95
CA ALA E 170 -10.15 14.43 -60.54
C ALA E 170 -9.03 15.37 -60.09
N ALA E 171 -8.62 15.25 -58.84
CA ALA E 171 -7.49 16.03 -58.32
C ALA E 171 -6.16 15.59 -58.93
N THR E 172 -5.94 14.29 -59.05
CA THR E 172 -4.67 13.74 -59.58
C THR E 172 -4.50 14.06 -61.07
N VAL E 173 -5.60 14.00 -61.80
CA VAL E 173 -5.60 14.39 -63.22
C VAL E 173 -5.23 15.87 -63.39
N GLU E 174 -5.88 16.74 -62.62
CA GLU E 174 -5.58 18.18 -62.59
C GLU E 174 -4.11 18.48 -62.28
N ALA E 175 -3.54 17.75 -61.32
CA ALA E 175 -2.14 17.91 -60.93
C ALA E 175 -1.14 17.39 -61.97
N SER E 176 -1.58 16.47 -62.83
CA SER E 176 -0.69 15.87 -63.85
C SER E 176 -0.45 16.76 -65.05
N ARG E 177 0.70 16.56 -65.68
CA ARG E 177 1.04 17.12 -67.01
C ARG E 177 1.79 16.04 -67.78
N GLY E 178 1.63 16.05 -69.11
CA GLY E 178 2.24 15.05 -69.98
C GLY E 178 1.28 13.91 -70.21
N PHE E 179 1.26 12.97 -69.29
CA PHE E 179 0.23 11.92 -69.28
C PHE E 179 -0.05 11.42 -67.86
N VAL E 180 -1.13 10.65 -67.72
CA VAL E 180 -1.57 10.05 -66.46
C VAL E 180 -1.37 8.54 -66.55
N TYR E 181 -0.68 7.97 -65.56
CA TYR E 181 -0.34 6.55 -65.54
C TYR E 181 -1.48 5.78 -64.87
N ALA E 182 -2.24 5.02 -65.68
CA ALA E 182 -3.29 4.14 -65.15
C ALA E 182 -2.74 2.73 -64.89
N ALA E 183 -2.44 2.44 -63.61
CA ALA E 183 -1.84 1.15 -63.20
C ALA E 183 -2.87 0.24 -62.52
N SER E 184 -2.75 -1.08 -62.76
CA SER E 184 -3.68 -2.09 -62.23
C SER E 184 -2.92 -3.17 -61.46
N GLN E 197 -10.55 -6.18 -67.79
CA GLN E 197 -11.79 -5.45 -67.62
C GLN E 197 -11.67 -4.13 -66.82
N ALA E 198 -10.72 -4.08 -65.88
CA ALA E 198 -10.53 -2.89 -65.02
C ALA E 198 -9.83 -1.71 -65.70
N ALA E 199 -8.82 -1.99 -66.53
CA ALA E 199 -8.04 -0.94 -67.17
C ALA E 199 -8.84 0.01 -68.08
N PRO E 200 -9.71 -0.53 -68.97
CA PRO E 200 -10.57 0.36 -69.76
C PRO E 200 -11.60 1.13 -68.91
N GLU E 201 -12.13 0.51 -67.86
CA GLU E 201 -12.98 1.22 -66.90
C GLU E 201 -12.27 2.38 -66.22
N LEU E 202 -10.98 2.23 -65.92
CA LEU E 202 -10.17 3.30 -65.34
C LEU E 202 -9.86 4.40 -66.35
N VAL E 203 -9.38 4.01 -67.53
CA VAL E 203 -9.09 4.96 -68.61
C VAL E 203 -10.34 5.78 -68.95
N GLY E 204 -11.50 5.10 -69.00
CA GLY E 204 -12.79 5.75 -69.24
C GLY E 204 -13.14 6.83 -68.23
N ARG E 205 -12.88 6.55 -66.96
CA ARG E 205 -13.12 7.52 -65.89
C ARG E 205 -12.20 8.73 -65.99
N VAL E 206 -10.98 8.52 -66.49
CA VAL E 206 -10.05 9.63 -66.77
C VAL E 206 -10.52 10.50 -67.95
N LYS E 207 -11.02 9.85 -69.00
CA LYS E 207 -11.55 10.56 -70.19
C LYS E 207 -12.88 11.29 -69.92
N ALA E 208 -13.54 10.98 -68.80
CA ALA E 208 -14.76 11.69 -68.38
C ALA E 208 -14.45 13.09 -67.83
N VAL E 209 -13.24 13.31 -67.32
CA VAL E 209 -12.86 14.58 -66.66
C VAL E 209 -11.81 15.42 -67.42
N SER E 210 -10.95 14.78 -68.21
CA SER E 210 -9.86 15.46 -68.92
C SER E 210 -9.54 14.82 -70.27
N ASP E 211 -9.03 15.64 -71.20
CA ASP E 211 -8.51 15.19 -72.49
C ASP E 211 -7.00 14.89 -72.45
N ILE E 212 -6.42 14.81 -71.25
CA ILE E 212 -5.00 14.52 -71.09
C ILE E 212 -4.70 13.08 -71.56
N PRO E 213 -3.51 12.83 -72.15
CA PRO E 213 -3.17 11.46 -72.55
C PRO E 213 -3.04 10.48 -71.37
N VAL E 214 -3.43 9.22 -71.61
CA VAL E 214 -3.45 8.18 -70.59
C VAL E 214 -2.62 6.97 -71.03
N GLY E 215 -1.60 6.65 -70.25
CA GLY E 215 -0.79 5.45 -70.43
C GLY E 215 -1.36 4.33 -69.57
N VAL E 216 -1.19 3.09 -70.04
CA VAL E 216 -1.66 1.91 -69.31
C VAL E 216 -0.56 0.87 -69.23
N GLY E 217 -0.29 0.41 -68.02
CA GLY E 217 0.62 -0.71 -67.75
C GLY E 217 -0.22 -1.82 -67.15
N LEU E 218 -0.13 -3.01 -67.74
CA LEU E 218 -1.05 -4.10 -67.44
C LEU E 218 -0.33 -5.45 -67.32
N GLY E 219 0.98 -5.44 -67.04
CA GLY E 219 1.80 -6.65 -67.13
C GLY E 219 1.86 -7.19 -68.54
N VAL E 220 2.15 -6.29 -69.50
CA VAL E 220 2.07 -6.62 -70.93
C VAL E 220 3.26 -7.49 -71.35
N ARG E 221 2.96 -8.64 -71.97
CA ARG E 221 3.98 -9.58 -72.43
C ARG E 221 4.14 -9.66 -73.96
N SER E 222 3.05 -9.50 -74.71
CA SER E 222 3.03 -9.87 -76.12
C SER E 222 2.45 -8.80 -77.03
N ARG E 223 2.60 -9.07 -78.33
CA ARG E 223 2.03 -8.27 -79.42
C ARG E 223 0.52 -8.09 -79.23
N ALA E 224 -0.21 -9.20 -79.13
CA ALA E 224 -1.68 -9.22 -79.04
C ALA E 224 -2.22 -8.39 -77.86
N GLN E 225 -1.55 -8.46 -76.71
CA GLN E 225 -1.92 -7.67 -75.54
C GLN E 225 -1.66 -6.18 -75.73
N ALA E 226 -0.56 -5.84 -76.41
CA ALA E 226 -0.24 -4.45 -76.76
C ALA E 226 -1.32 -3.81 -77.67
N ALA E 227 -1.85 -4.60 -78.60
CA ALA E 227 -2.92 -4.14 -79.49
C ALA E 227 -4.25 -3.95 -78.78
N GLN E 228 -4.55 -4.85 -77.85
CA GLN E 228 -5.80 -4.79 -77.08
C GLN E 228 -5.89 -3.47 -76.29
N ILE E 229 -4.75 -3.05 -75.72
CA ILE E 229 -4.67 -1.82 -74.93
C ILE E 229 -4.72 -0.56 -75.81
N ALA E 230 -4.15 -0.62 -77.01
CA ALA E 230 -4.10 0.54 -77.92
C ALA E 230 -5.46 1.09 -78.40
N GLN E 231 -6.54 0.30 -78.29
CA GLN E 231 -7.88 0.77 -78.68
C GLN E 231 -8.38 1.89 -77.76
N TYR E 232 -8.27 1.67 -76.45
CA TYR E 232 -8.81 2.58 -75.44
C TYR E 232 -7.76 3.51 -74.82
N ALA E 233 -6.49 3.09 -74.79
CA ALA E 233 -5.41 3.88 -74.15
C ALA E 233 -4.52 4.60 -75.17
N ASP E 234 -4.01 5.76 -74.79
CA ASP E 234 -3.11 6.54 -75.63
C ASP E 234 -1.68 6.03 -75.59
N GLY E 235 -1.30 5.36 -74.50
CA GLY E 235 0.03 4.81 -74.34
C GLY E 235 0.04 3.42 -73.75
N VAL E 236 0.80 2.50 -74.35
CA VAL E 236 1.06 1.18 -73.78
C VAL E 236 2.39 1.22 -73.02
N ILE E 237 2.33 0.97 -71.72
CA ILE E 237 3.53 0.95 -70.87
C ILE E 237 3.97 -0.50 -70.68
N VAL E 238 5.24 -0.80 -70.98
CA VAL E 238 5.80 -2.14 -70.79
C VAL E 238 7.12 -2.04 -70.00
N GLY E 239 7.32 -2.94 -69.04
CA GLY E 239 8.50 -2.94 -68.18
C GLY E 239 9.00 -4.32 -67.80
N SER E 240 8.17 -5.10 -67.10
CA SER E 240 8.56 -6.43 -66.63
C SER E 240 9.03 -7.35 -67.76
N ALA E 241 8.27 -7.37 -68.86
CA ALA E 241 8.65 -8.15 -70.05
C ALA E 241 9.95 -7.67 -70.70
N LEU E 242 10.21 -6.35 -70.70
CA LEU E 242 11.47 -5.80 -71.23
C LEU E 242 12.68 -6.22 -70.41
N VAL E 243 12.52 -6.31 -69.10
CA VAL E 243 13.59 -6.72 -68.21
C VAL E 243 13.89 -8.21 -68.37
N THR E 244 12.85 -9.05 -68.36
CA THR E 244 12.97 -10.49 -68.64
C THR E 244 13.63 -10.76 -70.02
N ALA E 245 13.37 -9.90 -70.99
CA ALA E 245 14.02 -9.97 -72.31
C ALA E 245 15.52 -9.71 -72.23
N LEU E 246 15.90 -8.65 -71.53
CA LEU E 246 17.31 -8.25 -71.41
C LEU E 246 18.15 -9.30 -70.68
N THR E 247 17.54 -9.95 -69.69
CA THR E 247 18.16 -11.07 -68.99
C THR E 247 18.53 -12.22 -69.92
N GLU E 248 17.65 -12.56 -70.87
CA GLU E 248 17.98 -13.53 -71.93
C GLU E 248 19.10 -12.99 -72.83
N GLY E 249 18.95 -11.73 -73.25
CA GLY E 249 19.94 -11.06 -74.08
C GLY E 249 19.43 -9.82 -74.76
N LEU E 250 20.36 -8.97 -75.18
CA LEU E 250 20.07 -7.76 -75.94
C LEU E 250 19.32 -8.06 -77.27
N PRO E 251 19.65 -9.19 -77.95
CA PRO E 251 18.87 -9.56 -79.15
C PRO E 251 17.40 -9.84 -78.89
N ARG E 252 17.10 -10.54 -77.80
CA ARG E 252 15.71 -10.76 -77.35
C ARG E 252 14.98 -9.44 -77.10
N LEU E 253 15.69 -8.43 -76.61
CA LEU E 253 15.10 -7.12 -76.33
C LEU E 253 14.65 -6.39 -77.59
N ARG E 254 15.50 -6.33 -78.61
CA ARG E 254 15.13 -5.71 -79.89
C ARG E 254 13.93 -6.41 -80.51
N ALA E 255 13.98 -7.73 -80.57
CA ALA E 255 12.92 -8.55 -81.16
C ALA E 255 11.57 -8.35 -80.45
N LEU E 256 11.57 -8.40 -79.12
CA LEU E 256 10.36 -8.18 -78.32
C LEU E 256 9.81 -6.75 -78.45
N THR E 257 10.70 -5.77 -78.44
CA THR E 257 10.31 -4.36 -78.61
C THR E 257 9.71 -4.11 -80.00
N GLY E 258 10.30 -4.71 -81.03
CA GLY E 258 9.75 -4.64 -82.39
C GLY E 258 8.32 -5.15 -82.43
N GLU E 259 8.08 -6.29 -81.80
CA GLU E 259 6.74 -6.90 -81.73
C GLU E 259 5.70 -5.98 -81.04
N LEU E 260 6.12 -5.26 -80.00
CA LEU E 260 5.24 -4.31 -79.30
C LEU E 260 5.02 -3.04 -80.12
N ALA E 261 6.05 -2.60 -80.85
CA ALA E 261 5.90 -1.49 -81.81
C ALA E 261 4.89 -1.82 -82.91
N ALA E 262 4.82 -3.09 -83.32
CA ALA E 262 3.80 -3.58 -84.25
C ALA E 262 2.42 -3.66 -83.59
N GLY E 263 2.40 -4.09 -82.32
CA GLY E 263 1.18 -4.17 -81.52
C GLY E 263 0.45 -2.85 -81.33
N VAL E 264 1.19 -1.77 -81.05
CA VAL E 264 0.56 -0.43 -80.89
C VAL E 264 -0.08 0.10 -82.17
N ARG E 265 0.34 -0.43 -83.32
CA ARG E 265 -0.25 -0.13 -84.62
C ARG E 265 -1.60 -0.84 -84.76
N THR F 9 -4.75 17.75 -28.55
CA THR F 9 -5.27 18.51 -29.73
C THR F 9 -4.25 19.53 -30.28
N SER F 10 -3.51 20.21 -29.40
CA SER F 10 -2.40 21.09 -29.83
C SER F 10 -1.15 20.28 -30.24
N HIS F 11 -1.13 18.99 -29.91
CA HIS F 11 -0.07 18.08 -30.33
C HIS F 11 -0.46 17.24 -31.54
N ASP F 12 -1.73 17.28 -31.95
CA ASP F 12 -2.19 16.53 -33.11
C ASP F 12 -1.70 17.18 -34.41
N PRO F 13 -1.51 16.37 -35.47
CA PRO F 13 -1.10 16.91 -36.75
C PRO F 13 -2.27 17.56 -37.48
N ASP F 14 -2.00 18.18 -38.62
CA ASP F 14 -3.05 18.75 -39.47
C ASP F 14 -3.79 17.62 -40.19
N SER F 15 -4.81 17.95 -41.00
CA SER F 15 -5.66 16.93 -41.62
C SER F 15 -4.95 16.07 -42.67
N GLY F 16 -3.86 16.60 -43.25
CA GLY F 16 -2.95 15.81 -44.09
C GLY F 16 -1.93 14.96 -43.31
N GLY F 17 -1.94 15.04 -41.98
CA GLY F 17 -1.02 14.26 -41.13
C GLY F 17 0.33 14.89 -40.80
N HIS F 18 0.48 16.18 -41.05
CA HIS F 18 1.76 16.86 -40.84
C HIS F 18 1.89 17.42 -39.43
N PHE F 19 3.04 17.17 -38.81
CA PHE F 19 3.45 17.81 -37.54
C PHE F 19 4.41 18.96 -37.83
N GLY F 20 4.27 20.04 -37.07
CA GLY F 20 5.19 21.18 -37.15
C GLY F 20 5.00 22.10 -38.33
N GLY F 21 3.82 22.05 -38.96
CA GLY F 21 3.50 22.91 -40.09
C GLY F 21 4.45 22.78 -41.29
N PRO F 22 5.26 23.84 -41.60
CA PRO F 22 6.15 23.82 -42.79
C PRO F 22 7.31 22.81 -42.77
N SER F 23 7.81 22.48 -41.58
CA SER F 23 8.80 21.39 -41.43
C SER F 23 8.31 20.08 -42.07
N GLY F 24 7.00 19.84 -41.95
CA GLY F 24 6.30 18.80 -42.71
C GLY F 24 6.56 17.37 -42.28
N TRP F 25 6.73 17.14 -40.97
CA TRP F 25 6.97 15.77 -40.47
C TRP F 25 5.70 14.94 -40.60
N GLY F 26 5.83 13.67 -40.98
CA GLY F 26 4.69 12.77 -41.11
C GLY F 26 4.14 12.74 -42.52
N GLY F 27 2.85 13.04 -42.65
CA GLY F 27 2.19 13.12 -43.97
C GLY F 27 1.79 11.74 -44.47
N ARG F 28 1.74 11.59 -45.79
CA ARG F 28 1.28 10.38 -46.48
C ARG F 28 2.06 10.13 -47.79
N TYR F 29 3.18 9.43 -47.66
CA TYR F 29 4.09 9.17 -48.75
C TYR F 29 3.84 7.75 -49.23
N VAL F 30 2.69 7.61 -49.87
CA VAL F 30 2.15 6.33 -50.28
C VAL F 30 1.64 6.49 -51.69
N PRO F 31 1.48 5.39 -52.44
CA PRO F 31 0.89 5.49 -53.77
C PRO F 31 -0.60 5.79 -53.72
N GLU F 32 -1.11 6.32 -54.82
CA GLU F 32 -2.54 6.60 -54.97
C GLU F 32 -3.41 5.35 -54.77
N ALA F 33 -2.87 4.18 -55.12
CA ALA F 33 -3.57 2.91 -54.96
C ALA F 33 -3.94 2.54 -53.52
N LEU F 34 -3.22 3.11 -52.54
CA LEU F 34 -3.51 2.90 -51.13
C LEU F 34 -4.45 3.92 -50.51
N MET F 35 -4.62 5.07 -51.18
CA MET F 35 -5.34 6.19 -50.57
C MET F 35 -6.81 5.94 -50.25
N ALA F 36 -7.49 5.07 -51.00
CA ALA F 36 -8.90 4.76 -50.69
C ALA F 36 -9.03 4.12 -49.30
N VAL F 37 -8.19 3.12 -49.03
CA VAL F 37 -8.21 2.44 -47.73
C VAL F 37 -7.61 3.27 -46.59
N ILE F 38 -6.56 4.03 -46.87
CA ILE F 38 -6.02 4.97 -45.88
C ILE F 38 -7.05 6.03 -45.46
N GLU F 39 -7.77 6.62 -46.42
CA GLU F 39 -8.87 7.52 -46.09
C GLU F 39 -10.00 6.83 -45.32
N GLU F 40 -10.27 5.58 -45.65
CA GLU F 40 -11.28 4.78 -44.97
C GLU F 40 -10.92 4.60 -43.50
N VAL F 41 -9.66 4.23 -43.26
CA VAL F 41 -9.14 4.01 -41.89
C VAL F 41 -9.09 5.33 -41.10
N THR F 42 -8.79 6.43 -41.77
CA THR F 42 -8.71 7.73 -41.13
C THR F 42 -10.10 8.17 -40.67
N ALA F 43 -11.08 8.04 -41.56
CA ALA F 43 -12.47 8.37 -41.26
C ALA F 43 -13.05 7.50 -40.15
N ALA F 44 -12.70 6.22 -40.15
CA ALA F 44 -13.20 5.29 -39.14
C ALA F 44 -12.60 5.60 -37.78
N TYR F 45 -11.30 5.91 -37.77
CA TYR F 45 -10.63 6.27 -36.52
C TYR F 45 -11.18 7.59 -35.94
N GLN F 46 -11.47 8.55 -36.82
CA GLN F 46 -12.07 9.83 -36.41
C GLN F 46 -13.45 9.64 -35.78
N LYS F 47 -14.24 8.76 -36.39
CA LYS F 47 -15.55 8.42 -35.85
C LYS F 47 -15.42 7.72 -34.49
N GLU F 48 -14.59 6.69 -34.40
CA GLU F 48 -14.55 5.83 -33.21
C GLU F 48 -13.75 6.38 -32.00
N ARG F 49 -12.77 7.25 -32.22
CA ARG F 49 -12.02 7.84 -31.09
C ARG F 49 -12.91 8.70 -30.14
N VAL F 50 -14.04 9.20 -30.65
CA VAL F 50 -15.02 9.97 -29.86
C VAL F 50 -16.31 9.19 -29.56
N SER F 51 -16.29 7.87 -29.76
CA SER F 51 -17.48 7.02 -29.58
C SER F 51 -17.36 6.29 -28.24
N GLN F 52 -18.33 6.51 -27.37
CA GLN F 52 -18.28 5.98 -26.00
C GLN F 52 -18.31 4.46 -25.98
N ASP F 53 -19.13 3.84 -26.84
CA ASP F 53 -19.14 2.38 -26.99
C ASP F 53 -17.75 1.82 -27.30
N PHE F 54 -16.98 2.53 -28.15
CA PHE F 54 -15.65 2.11 -28.54
C PHE F 54 -14.65 2.26 -27.40
N LEU F 55 -14.65 3.42 -26.74
CA LEU F 55 -13.72 3.67 -25.62
C LEU F 55 -14.04 2.76 -24.42
N ASP F 56 -15.32 2.54 -24.16
CA ASP F 56 -15.74 1.58 -23.14
C ASP F 56 -15.29 0.14 -23.45
N ASP F 57 -15.46 -0.30 -24.71
CA ASP F 57 -14.99 -1.62 -25.14
C ASP F 57 -13.49 -1.80 -24.90
N LEU F 58 -12.74 -0.79 -25.32
CA LEU F 58 -11.30 -0.74 -25.20
C LEU F 58 -10.85 -0.69 -23.74
N ASP F 59 -11.50 0.15 -22.94
CA ASP F 59 -11.23 0.24 -21.51
C ASP F 59 -11.43 -1.11 -20.81
N ARG F 60 -12.50 -1.81 -21.16
CA ARG F 60 -12.87 -3.06 -20.53
C ARG F 60 -11.87 -4.18 -20.87
N LEU F 61 -11.42 -4.24 -22.13
CA LEU F 61 -10.34 -5.15 -22.51
C LEU F 61 -9.01 -4.80 -21.83
N GLN F 62 -8.68 -3.51 -21.77
CA GLN F 62 -7.49 -3.07 -21.05
C GLN F 62 -7.46 -3.54 -19.60
N ALA F 63 -8.54 -3.31 -18.86
CA ALA F 63 -8.65 -3.75 -17.46
C ALA F 63 -8.64 -5.29 -17.35
N ASN F 64 -9.68 -5.92 -17.89
CA ASN F 64 -9.94 -7.34 -17.59
C ASN F 64 -9.13 -8.32 -18.39
N TYR F 65 -8.66 -7.94 -19.57
CA TYR F 65 -7.92 -8.86 -20.45
C TYR F 65 -6.41 -8.62 -20.42
N ALA F 66 -6.00 -7.35 -20.59
CA ALA F 66 -4.57 -7.00 -20.66
C ALA F 66 -3.89 -6.78 -19.30
N GLY F 67 -4.69 -6.49 -18.27
CA GLY F 67 -4.18 -6.33 -16.90
C GLY F 67 -3.82 -4.90 -16.49
N ARG F 68 -4.51 -3.92 -17.05
CA ARG F 68 -4.24 -2.49 -16.80
C ARG F 68 -5.00 -2.02 -15.56
N PRO F 69 -4.44 -1.06 -14.80
CA PRO F 69 -3.15 -0.40 -15.03
C PRO F 69 -1.96 -1.29 -14.66
N SER F 70 -0.84 -1.06 -15.33
CA SER F 70 0.41 -1.70 -14.97
C SER F 70 0.94 -0.92 -13.77
N PRO F 71 1.65 -1.59 -12.85
CA PRO F 71 2.16 -0.86 -11.70
C PRO F 71 3.37 0.02 -12.02
N LEU F 72 3.66 0.93 -11.10
CA LEU F 72 4.88 1.72 -11.10
C LEU F 72 5.69 1.28 -9.91
N TYR F 73 6.92 0.84 -10.13
CA TYR F 73 7.73 0.25 -9.07
C TYR F 73 9.03 1.04 -8.86
N GLU F 74 9.26 1.49 -7.62
CA GLU F 74 10.51 2.18 -7.25
C GLU F 74 11.61 1.12 -7.05
N ALA F 75 12.57 1.08 -7.97
CA ALA F 75 13.66 0.10 -7.92
C ALA F 75 14.80 0.65 -7.05
N THR F 76 14.62 0.52 -5.74
CA THR F 76 15.53 1.07 -4.73
C THR F 76 16.91 0.42 -4.72
N ARG F 77 17.00 -0.84 -5.14
CA ARG F 77 18.30 -1.50 -5.27
C ARG F 77 19.12 -1.05 -6.49
N LEU F 78 18.51 -0.39 -7.46
CA LEU F 78 19.23 0.27 -8.54
C LEU F 78 19.80 1.63 -8.16
N SER F 79 19.27 2.26 -7.12
CA SER F 79 19.63 3.64 -6.76
C SER F 79 21.12 3.89 -6.67
N GLN F 80 21.84 3.01 -5.96
CA GLN F 80 23.29 3.16 -5.81
C GLN F 80 24.05 3.05 -7.15
N HIS F 81 23.45 2.42 -8.16
CA HIS F 81 24.05 2.32 -9.48
C HIS F 81 23.62 3.48 -10.40
N ALA F 82 22.83 4.41 -9.86
CA ALA F 82 22.35 5.58 -10.59
C ALA F 82 22.55 6.88 -9.81
N GLY F 83 23.70 7.04 -9.15
CA GLY F 83 24.04 8.26 -8.41
C GLY F 83 23.13 8.54 -7.22
N SER F 84 22.48 7.50 -6.72
CA SER F 84 21.43 7.62 -5.70
C SER F 84 20.21 8.44 -6.15
N ALA F 85 19.95 8.52 -7.46
CA ALA F 85 18.66 8.95 -7.96
C ALA F 85 17.63 7.85 -7.68
N ARG F 86 16.36 8.17 -7.86
CA ARG F 86 15.27 7.24 -7.53
C ARG F 86 14.65 6.79 -8.83
N ILE F 87 14.86 5.53 -9.20
CA ILE F 87 14.46 4.99 -10.51
C ILE F 87 13.11 4.26 -10.41
N PHE F 88 12.07 4.85 -11.00
CA PHE F 88 10.72 4.29 -10.99
C PHE F 88 10.48 3.59 -12.31
N LEU F 89 10.09 2.32 -12.27
CA LEU F 89 9.89 1.49 -13.45
C LEU F 89 8.40 1.34 -13.74
N LYS F 90 7.94 1.85 -14.88
CA LYS F 90 6.57 1.67 -15.34
C LYS F 90 6.52 0.28 -15.97
N ARG F 91 5.79 -0.64 -15.35
CA ARG F 91 5.96 -2.07 -15.60
C ARG F 91 5.09 -2.60 -16.74
N GLU F 92 5.28 -2.10 -17.95
CA GLU F 92 4.57 -2.65 -19.13
C GLU F 92 4.93 -4.11 -19.41
N ASP F 93 6.06 -4.58 -18.88
CA ASP F 93 6.44 -5.98 -18.88
C ASP F 93 5.42 -6.97 -18.28
N LEU F 94 4.50 -6.48 -17.42
CA LEU F 94 3.48 -7.33 -16.79
C LEU F 94 2.18 -7.42 -17.60
N ASN F 95 2.10 -6.70 -18.72
CA ASN F 95 0.93 -6.76 -19.57
C ASN F 95 0.80 -8.16 -20.17
N HIS F 96 -0.43 -8.53 -20.52
CA HIS F 96 -0.68 -9.71 -21.32
C HIS F 96 0.15 -9.63 -22.61
N THR F 97 0.89 -10.69 -22.88
CA THR F 97 1.90 -10.78 -23.96
C THR F 97 3.28 -10.24 -23.60
N GLY F 98 3.40 -9.43 -22.56
CA GLY F 98 4.70 -9.09 -21.98
C GLY F 98 5.31 -7.81 -22.52
N SER F 99 4.52 -6.99 -23.23
CA SER F 99 4.99 -5.69 -23.66
C SER F 99 3.85 -4.71 -23.85
N HIS F 100 4.23 -3.48 -24.11
CA HIS F 100 3.28 -2.44 -24.50
C HIS F 100 2.53 -2.69 -25.82
N ILE F 102 0.58 -4.91 -26.85
CA ILE F 102 -0.83 -5.28 -26.62
C ILE F 102 -1.82 -4.08 -26.64
N ASN F 103 -1.37 -2.91 -26.17
CA ASN F 103 -2.21 -1.70 -26.16
C ASN F 103 -2.63 -1.27 -27.57
N ASN F 104 -1.67 -1.34 -28.49
CA ASN F 104 -1.82 -0.95 -29.88
C ASN F 104 -2.74 -1.91 -30.63
N VAL F 105 -2.46 -3.19 -30.52
CA VAL F 105 -3.23 -4.22 -31.25
C VAL F 105 -4.68 -4.36 -30.77
N LEU F 106 -4.94 -4.16 -29.48
CA LEU F 106 -6.32 -4.17 -28.99
C LEU F 106 -7.15 -3.05 -29.62
N GLY F 107 -6.56 -1.84 -29.68
CA GLY F 107 -7.21 -0.71 -30.29
C GLY F 107 -7.47 -0.89 -31.76
N GLN F 108 -6.42 -1.24 -32.51
CA GLN F 108 -6.53 -1.40 -33.97
C GLN F 108 -7.40 -2.57 -34.39
N ALA F 109 -7.41 -3.65 -33.60
CA ALA F 109 -8.25 -4.81 -33.87
C ALA F 109 -9.73 -4.53 -33.59
N LEU F 110 -10.03 -3.81 -32.52
CA LEU F 110 -11.40 -3.31 -32.32
C LEU F 110 -11.87 -2.44 -33.46
N LEU F 111 -11.00 -1.55 -33.94
CA LEU F 111 -11.32 -0.66 -35.06
C LEU F 111 -11.58 -1.46 -36.33
N ALA F 112 -10.73 -2.46 -36.57
CA ALA F 112 -10.87 -3.35 -37.73
C ALA F 112 -12.24 -4.05 -37.75
N ARG F 113 -12.67 -4.58 -36.60
CA ARG F 113 -13.98 -5.22 -36.52
C ARG F 113 -15.13 -4.22 -36.67
N ARG F 114 -14.99 -3.02 -36.12
CA ARG F 114 -16.01 -1.97 -36.33
C ARG F 114 -16.10 -1.51 -37.77
N MET F 115 -14.97 -1.48 -38.48
CA MET F 115 -14.92 -1.17 -39.91
C MET F 115 -15.54 -2.22 -40.82
N GLY F 116 -15.75 -3.43 -40.31
CA GLY F 116 -16.28 -4.54 -41.11
C GLY F 116 -15.22 -5.41 -41.75
N LYS F 117 -13.94 -5.16 -41.44
CA LYS F 117 -12.84 -5.95 -42.00
C LYS F 117 -12.80 -7.30 -41.31
N THR F 118 -12.62 -8.35 -42.11
CA THR F 118 -12.63 -9.71 -41.62
C THR F 118 -11.21 -10.26 -41.49
N ARG F 119 -10.23 -9.55 -42.05
CA ARG F 119 -8.88 -10.06 -42.19
C ARG F 119 -7.88 -8.99 -41.74
N VAL F 120 -6.97 -9.34 -40.85
CA VAL F 120 -5.98 -8.42 -40.32
C VAL F 120 -4.61 -8.96 -40.69
N ILE F 121 -3.78 -8.11 -41.29
CA ILE F 121 -2.37 -8.45 -41.55
C ILE F 121 -1.46 -7.58 -40.72
N ALA F 122 -0.25 -8.07 -40.48
CA ALA F 122 0.74 -7.35 -39.69
C ALA F 122 2.14 -7.86 -39.95
N GLU F 123 3.12 -6.95 -39.88
CA GLU F 123 4.53 -7.30 -39.96
C GLU F 123 5.01 -7.75 -38.61
N THR F 124 6.11 -8.48 -38.59
CA THR F 124 6.87 -8.66 -37.37
C THR F 124 8.34 -8.86 -37.67
N GLY F 125 9.18 -8.46 -36.72
CA GLY F 125 10.64 -8.59 -36.82
C GLY F 125 11.09 -9.95 -36.33
N ALA F 126 11.28 -10.09 -35.02
CA ALA F 126 11.60 -11.36 -34.37
C ALA F 126 10.37 -12.11 -33.79
N GLY F 127 9.18 -11.51 -33.90
CA GLY F 127 7.94 -12.15 -33.50
C GLY F 127 7.03 -11.40 -32.55
N GLN F 128 7.53 -10.34 -31.91
CA GLN F 128 6.79 -9.68 -30.85
C GLN F 128 5.45 -9.08 -31.28
N HIS F 129 5.44 -8.22 -32.29
CA HIS F 129 4.20 -7.61 -32.76
C HIS F 129 3.29 -8.61 -33.49
N GLY F 130 3.89 -9.62 -34.12
CA GLY F 130 3.12 -10.71 -34.72
C GLY F 130 2.31 -11.50 -33.71
N VAL F 131 2.94 -11.85 -32.59
CA VAL F 131 2.29 -12.57 -31.52
C VAL F 131 1.21 -11.71 -30.87
N ALA F 132 1.53 -10.45 -30.60
CA ALA F 132 0.54 -9.49 -30.13
C ALA F 132 -0.69 -9.36 -31.06
N THR F 133 -0.45 -9.21 -32.37
CA THR F 133 -1.55 -9.07 -33.35
C THR F 133 -2.39 -10.35 -33.46
N ALA F 134 -1.72 -11.51 -33.45
CA ALA F 134 -2.39 -12.80 -33.45
C ALA F 134 -3.23 -12.98 -32.20
N THR F 135 -2.74 -12.47 -31.06
CA THR F 135 -3.47 -12.53 -29.77
C THR F 135 -4.81 -11.78 -29.86
N ALA F 136 -4.77 -10.51 -30.25
CA ALA F 136 -5.96 -9.68 -30.43
C ALA F 136 -6.92 -10.22 -31.49
N CYS F 137 -6.39 -10.83 -32.55
CA CYS F 137 -7.24 -11.43 -33.61
C CYS F 137 -7.95 -12.69 -33.13
N ALA F 138 -7.28 -13.50 -32.33
CA ALA F 138 -7.91 -14.65 -31.70
C ALA F 138 -9.03 -14.20 -30.75
N LEU F 139 -8.74 -13.18 -29.93
CA LEU F 139 -9.73 -12.62 -28.99
C LEU F 139 -11.00 -12.16 -29.69
N LEU F 140 -10.84 -11.42 -30.77
CA LEU F 140 -11.96 -10.79 -31.42
C LEU F 140 -12.51 -11.58 -32.59
N GLY F 141 -11.94 -12.76 -32.84
CA GLY F 141 -12.39 -13.66 -33.89
C GLY F 141 -12.10 -13.22 -35.32
N LEU F 142 -10.98 -12.55 -35.52
CA LEU F 142 -10.55 -12.08 -36.84
C LEU F 142 -9.48 -13.03 -37.39
N ASP F 143 -9.50 -13.24 -38.71
CA ASP F 143 -8.47 -14.01 -39.40
C ASP F 143 -7.22 -13.16 -39.44
N CYS F 144 -6.07 -13.82 -39.27
CA CYS F 144 -4.79 -13.15 -39.09
C CYS F 144 -3.71 -13.75 -39.98
N VAL F 145 -2.96 -12.88 -40.66
CA VAL F 145 -1.81 -13.28 -41.49
C VAL F 145 -0.63 -12.41 -41.10
N ILE F 146 0.42 -13.03 -40.56
CA ILE F 146 1.60 -12.31 -40.11
C ILE F 146 2.68 -12.46 -41.18
N TYR F 147 3.27 -11.33 -41.59
CA TYR F 147 4.42 -11.31 -42.50
C TYR F 147 5.72 -11.13 -41.71
N MET F 148 6.70 -11.98 -42.00
CA MET F 148 7.95 -12.09 -41.25
C MET F 148 9.05 -12.43 -42.25
N GLY F 149 10.15 -11.67 -42.25
CA GLY F 149 11.27 -11.94 -43.14
C GLY F 149 11.79 -13.36 -42.98
N GLY F 150 12.20 -13.98 -44.09
CA GLY F 150 12.68 -15.37 -44.09
C GLY F 150 13.93 -15.66 -43.25
N ILE F 151 14.76 -14.64 -43.08
CA ILE F 151 15.92 -14.70 -42.17
C ILE F 151 15.41 -14.77 -40.71
N ASP F 152 14.31 -14.09 -40.42
CA ASP F 152 13.70 -14.13 -39.09
C ASP F 152 12.90 -15.39 -38.82
N THR F 153 12.10 -15.85 -39.79
CA THR F 153 11.29 -17.05 -39.57
C THR F 153 12.16 -18.27 -39.29
N ALA F 154 13.27 -18.38 -40.03
CA ALA F 154 14.18 -19.55 -39.91
C ALA F 154 14.90 -19.66 -38.58
N ARG F 155 15.04 -18.56 -37.86
CA ARG F 155 15.66 -18.60 -36.52
C ARG F 155 14.72 -18.27 -35.36
N GLN F 156 13.41 -18.13 -35.62
CA GLN F 156 12.38 -17.89 -34.59
C GLN F 156 11.26 -18.95 -34.64
N ALA F 157 11.62 -20.22 -34.79
CA ALA F 157 10.64 -21.32 -34.95
C ALA F 157 9.53 -21.35 -33.88
N LEU F 158 9.86 -20.99 -32.64
CA LEU F 158 8.89 -21.05 -31.54
C LEU F 158 7.86 -19.93 -31.56
N ASN F 159 8.26 -18.74 -32.00
CA ASN F 159 7.32 -17.63 -32.11
C ASN F 159 6.34 -17.87 -33.26
N VAL F 160 6.83 -18.53 -34.31
CA VAL F 160 5.99 -18.96 -35.44
C VAL F 160 4.95 -19.97 -34.94
N ALA F 161 5.39 -20.89 -34.10
CA ALA F 161 4.49 -21.85 -33.47
C ALA F 161 3.48 -21.16 -32.57
N ARG F 162 3.89 -20.14 -31.80
CA ARG F 162 2.98 -19.33 -30.98
C ARG F 162 1.85 -18.77 -31.84
N MET F 163 2.23 -18.09 -32.92
CA MET F 163 1.27 -17.49 -33.86
C MET F 163 0.30 -18.51 -34.46
N ARG F 164 0.82 -19.69 -34.79
CA ARG F 164 -0.01 -20.77 -35.32
C ARG F 164 -0.97 -21.35 -34.26
N LEU F 165 -0.51 -21.49 -33.02
CA LEU F 165 -1.39 -21.89 -31.90
C LEU F 165 -2.50 -20.87 -31.63
N LEU F 166 -2.19 -19.60 -31.86
CA LEU F 166 -3.17 -18.52 -31.77
C LEU F 166 -4.15 -18.46 -32.97
N GLY F 167 -3.99 -19.31 -33.98
CA GLY F 167 -4.91 -19.35 -35.11
C GLY F 167 -4.51 -18.54 -36.33
N ALA F 168 -3.38 -17.84 -36.26
CA ALA F 168 -2.87 -17.04 -37.37
C ALA F 168 -2.04 -17.87 -38.35
N GLU F 169 -1.97 -17.38 -39.59
CA GLU F 169 -1.05 -17.91 -40.60
C GLU F 169 0.21 -17.02 -40.60
N VAL F 170 1.34 -17.60 -41.00
CA VAL F 170 2.61 -16.88 -41.03
C VAL F 170 3.20 -17.06 -42.41
N VAL F 171 3.56 -15.95 -43.04
CA VAL F 171 4.17 -15.95 -44.35
C VAL F 171 5.62 -15.52 -44.19
N ALA F 172 6.53 -16.43 -44.56
CA ALA F 172 7.95 -16.14 -44.65
C ALA F 172 8.19 -15.28 -45.89
N VAL F 173 8.78 -14.11 -45.71
CA VAL F 173 8.99 -13.17 -46.79
C VAL F 173 10.42 -13.36 -47.29
N GLN F 174 10.54 -13.88 -48.52
CA GLN F 174 11.84 -14.13 -49.15
C GLN F 174 12.32 -13.03 -50.11
N THR F 175 11.61 -11.91 -50.17
CA THR F 175 11.96 -10.78 -51.06
C THR F 175 12.79 -9.72 -50.35
N GLY F 176 13.50 -8.92 -51.14
CA GLY F 176 14.45 -7.93 -50.61
C GLY F 176 15.56 -8.55 -49.77
N SER F 177 15.89 -7.87 -48.67
CA SER F 177 16.86 -8.38 -47.70
C SER F 177 16.19 -9.25 -46.59
N LYS F 178 14.94 -9.64 -46.80
CA LYS F 178 14.31 -10.76 -46.09
C LYS F 178 14.22 -10.55 -44.57
N THR F 179 13.96 -9.32 -44.16
CA THR F 179 13.87 -8.97 -42.74
C THR F 179 12.74 -7.94 -42.49
N LEU F 180 12.74 -7.31 -41.32
CA LEU F 180 11.61 -6.50 -40.87
C LEU F 180 11.06 -5.57 -41.93
N LYS F 181 11.93 -4.76 -42.52
CA LYS F 181 11.48 -3.72 -43.44
C LYS F 181 10.86 -4.35 -44.69
N ASP F 182 11.37 -5.51 -45.09
CA ASP F 182 10.84 -6.20 -46.26
C ASP F 182 9.51 -6.91 -45.94
N ALA F 183 9.36 -7.38 -44.70
CA ALA F 183 8.04 -7.86 -44.27
C ALA F 183 6.99 -6.74 -44.32
N ILE F 184 7.39 -5.52 -43.91
CA ILE F 184 6.52 -4.35 -44.00
C ILE F 184 6.14 -4.09 -45.45
N ASN F 185 7.12 -4.16 -46.34
CA ASN F 185 6.88 -3.94 -47.77
C ASN F 185 5.89 -4.95 -48.36
N GLU F 186 6.01 -6.22 -47.95
CA GLU F 186 5.15 -7.29 -48.49
C GLU F 186 3.74 -7.18 -47.93
N ALA F 187 3.63 -6.82 -46.65
CA ALA F 187 2.33 -6.54 -46.03
C ALA F 187 1.63 -5.37 -46.70
N PHE F 188 2.42 -4.34 -47.02
CA PHE F 188 1.92 -3.19 -47.77
C PHE F 188 1.34 -3.64 -49.11
N ARG F 189 2.05 -4.52 -49.82
CA ARG F 189 1.57 -5.05 -51.11
C ARG F 189 0.30 -5.90 -50.98
N ASP F 190 0.22 -6.71 -49.92
CA ASP F 190 -0.99 -7.46 -49.59
C ASP F 190 -2.17 -6.51 -49.42
N TRP F 191 -1.95 -5.42 -48.68
CA TRP F 191 -3.02 -4.46 -48.37
C TRP F 191 -3.58 -3.73 -49.60
N VAL F 192 -2.70 -3.37 -50.55
CA VAL F 192 -3.12 -2.80 -51.83
C VAL F 192 -4.08 -3.74 -52.57
N ALA F 193 -3.77 -5.04 -52.56
CA ALA F 193 -4.55 -6.04 -53.30
C ALA F 193 -5.84 -6.45 -52.59
N ASN F 194 -5.86 -6.41 -51.25
CA ASN F 194 -6.98 -6.98 -50.49
C ASN F 194 -7.70 -5.97 -49.58
N ALA F 195 -7.64 -4.68 -49.95
CA ALA F 195 -8.15 -3.57 -49.12
C ALA F 195 -9.62 -3.65 -48.73
N ASP F 196 -10.48 -4.19 -49.59
CA ASP F 196 -11.93 -4.26 -49.28
C ASP F 196 -12.26 -5.03 -47.99
N ASN F 197 -11.49 -6.05 -47.68
CA ASN F 197 -11.74 -6.84 -46.47
C ASN F 197 -10.58 -6.92 -45.47
N THR F 198 -9.40 -6.43 -45.85
CA THR F 198 -8.21 -6.51 -45.02
C THR F 198 -7.91 -5.19 -44.32
N TYR F 199 -7.47 -5.30 -43.07
CA TYR F 199 -6.99 -4.19 -42.27
C TYR F 199 -5.52 -4.45 -41.99
N TYR F 200 -4.69 -3.41 -42.07
CA TYR F 200 -3.26 -3.50 -41.72
C TYR F 200 -2.98 -2.95 -40.32
N CYS F 201 -2.67 -3.87 -39.41
CA CYS F 201 -2.34 -3.56 -38.02
C CYS F 201 -0.82 -3.28 -37.90
N PHE F 202 -0.43 -2.03 -38.14
CA PHE F 202 0.96 -1.61 -38.13
C PHE F 202 1.50 -1.45 -36.71
N GLY F 203 2.74 -1.90 -36.49
CA GLY F 203 3.28 -2.15 -35.14
C GLY F 203 3.95 -1.04 -34.36
N THR F 204 4.10 0.15 -34.95
CA THR F 204 4.73 1.26 -34.26
C THR F 204 4.13 2.62 -34.67
N ALA F 205 4.64 3.67 -34.05
CA ALA F 205 4.10 5.02 -34.21
C ALA F 205 4.74 5.73 -35.40
N ALA F 206 4.72 5.05 -36.54
CA ALA F 206 5.23 5.58 -37.79
C ALA F 206 4.19 5.23 -38.87
N GLY F 207 4.58 5.38 -40.12
CA GLY F 207 3.68 5.12 -41.23
C GLY F 207 2.99 6.39 -41.69
N PRO F 208 2.15 6.28 -42.73
CA PRO F 208 1.33 7.41 -43.14
C PRO F 208 0.22 7.68 -42.13
N HIS F 209 -0.21 8.94 -42.09
CA HIS F 209 -1.42 9.34 -41.37
C HIS F 209 -2.52 8.37 -41.81
N PRO F 210 -3.23 7.76 -40.85
CA PRO F 210 -3.36 8.07 -39.43
C PRO F 210 -2.51 7.27 -38.44
N PHE F 211 -1.59 6.42 -38.90
CA PHE F 211 -0.91 5.47 -38.01
C PHE F 211 -0.07 6.08 -36.88
N PRO F 212 0.71 7.15 -37.14
CA PRO F 212 1.45 7.75 -36.02
C PRO F 212 0.56 8.28 -34.90
N THR F 213 -0.47 9.04 -35.27
CA THR F 213 -1.41 9.58 -34.30
C THR F 213 -2.22 8.47 -33.60
N MET F 214 -2.77 7.57 -34.39
CA MET F 214 -3.57 6.45 -33.87
C MET F 214 -2.80 5.57 -32.88
N VAL F 215 -1.61 5.15 -33.27
CA VAL F 215 -0.80 4.26 -32.43
C VAL F 215 -0.42 4.97 -31.14
N ARG F 216 -0.05 6.24 -31.26
CA ARG F 216 0.22 7.09 -30.09
C ARG F 216 -0.99 7.20 -29.17
N ASP F 217 -2.19 7.40 -29.72
CA ASP F 217 -3.43 7.45 -28.90
C ASP F 217 -3.75 6.14 -28.17
N PHE F 218 -3.43 5.00 -28.76
CA PHE F 218 -3.66 3.72 -28.10
C PHE F 218 -2.56 3.43 -27.06
N GLN F 219 -1.42 4.12 -27.16
CA GLN F 219 -0.33 4.01 -26.16
C GLN F 219 -0.31 5.14 -25.11
N ARG F 220 -1.03 6.24 -25.35
CA ARG F 220 -1.18 7.36 -24.39
C ARG F 220 -1.44 6.90 -22.96
N ILE F 221 -2.20 5.82 -22.82
CA ILE F 221 -2.58 5.26 -21.52
C ILE F 221 -1.38 5.02 -20.60
N ILE F 222 -0.25 4.60 -21.14
CA ILE F 222 0.96 4.35 -20.34
C ILE F 222 1.25 5.61 -19.55
N GLY F 223 1.42 6.73 -20.26
CA GLY F 223 1.79 8.01 -19.65
C GLY F 223 0.73 8.63 -18.74
N MET F 224 -0.54 8.52 -19.14
CA MET F 224 -1.65 8.95 -18.29
C MET F 224 -1.64 8.23 -16.94
N GLU F 225 -1.37 6.93 -16.94
CA GLU F 225 -1.21 6.17 -15.69
C GLU F 225 0.04 6.62 -14.93
N ALA F 226 1.20 6.64 -15.60
CA ALA F 226 2.47 7.00 -14.97
C ALA F 226 2.45 8.37 -14.27
N ARG F 227 1.74 9.33 -14.86
CA ARG F 227 1.66 10.66 -14.29
C ARG F 227 0.87 10.69 -12.99
N VAL F 228 -0.27 10.00 -12.99
CA VAL F 228 -1.09 9.81 -11.78
C VAL F 228 -0.29 9.06 -10.70
N GLN F 229 0.34 7.96 -11.08
CA GLN F 229 1.05 7.08 -10.15
C GLN F 229 2.30 7.70 -9.51
N ILE F 230 3.07 8.44 -10.29
CA ILE F 230 4.27 9.07 -9.76
C ILE F 230 3.94 10.21 -8.78
N GLN F 231 2.86 10.93 -9.04
CA GLN F 231 2.38 11.94 -8.12
C GLN F 231 1.94 11.29 -6.81
N GLY F 232 1.24 10.16 -6.90
CA GLY F 232 0.78 9.44 -5.73
C GLY F 232 1.86 8.84 -4.85
N GLN F 233 2.92 8.32 -5.48
CA GLN F 233 3.99 7.61 -4.78
C GLN F 233 5.12 8.50 -4.35
N ALA F 234 5.53 9.41 -5.23
CA ALA F 234 6.65 10.32 -4.94
C ALA F 234 6.21 11.65 -4.40
N GLY F 235 4.92 11.96 -4.52
CA GLY F 235 4.40 13.25 -4.08
C GLY F 235 4.65 14.41 -5.04
N ARG F 236 5.11 14.12 -6.26
CA ARG F 236 5.39 15.16 -7.25
C ARG F 236 5.62 14.60 -8.65
N LEU F 237 5.66 15.50 -9.63
CA LEU F 237 6.04 15.16 -11.01
C LEU F 237 7.53 14.81 -11.04
N PRO F 238 7.90 13.86 -11.91
CA PRO F 238 9.29 13.43 -12.00
C PRO F 238 10.20 14.49 -12.61
N ASP F 239 11.49 14.34 -12.33
CA ASP F 239 12.52 15.19 -12.92
C ASP F 239 12.78 14.79 -14.35
N ALA F 240 12.64 13.49 -14.64
CA ALA F 240 12.70 12.99 -16.00
C ALA F 240 11.80 11.76 -16.26
N VAL F 241 11.36 11.62 -17.51
CA VAL F 241 10.67 10.42 -17.97
C VAL F 241 11.46 9.90 -19.17
N VAL F 242 11.80 8.61 -19.17
CA VAL F 242 12.64 8.05 -20.23
C VAL F 242 12.09 6.75 -20.80
N ALA F 243 12.48 6.46 -22.04
CA ALA F 243 12.02 5.27 -22.73
C ALA F 243 12.95 4.95 -23.86
N CYS F 244 12.94 3.67 -24.28
CA CYS F 244 13.67 3.25 -25.48
C CYS F 244 12.84 3.62 -26.72
N VAL F 245 13.55 3.86 -27.83
CA VAL F 245 12.95 4.32 -29.10
C VAL F 245 13.41 3.44 -30.28
N GLY F 246 12.49 2.64 -30.81
CA GLY F 246 12.69 1.91 -32.06
C GLY F 246 11.92 2.71 -33.09
N GLY F 247 10.72 2.27 -33.40
CA GLY F 247 9.80 3.08 -34.17
C GLY F 247 9.19 4.24 -33.38
N GLY F 248 9.13 4.08 -32.05
CA GLY F 248 8.65 5.12 -31.14
C GLY F 248 7.33 4.93 -30.38
N SER F 249 6.67 3.78 -30.50
CA SER F 249 5.36 3.58 -29.86
C SER F 249 5.37 3.66 -28.31
N ASN F 250 6.26 2.93 -27.64
CA ASN F 250 6.30 2.95 -26.16
C ASN F 250 6.75 4.31 -25.61
N ALA F 251 7.70 4.95 -26.29
CA ALA F 251 8.23 6.23 -25.85
C ALA F 251 7.18 7.33 -25.96
N ILE F 252 6.52 7.41 -27.10
CA ILE F 252 5.49 8.43 -27.31
C ILE F 252 4.32 8.20 -26.36
N GLY F 253 4.03 6.94 -26.07
CA GLY F 253 2.98 6.56 -25.13
C GLY F 253 3.20 7.07 -23.73
N ILE F 254 4.41 6.89 -23.19
CA ILE F 254 4.72 7.37 -21.87
C ILE F 254 4.99 8.88 -21.86
N PHE F 255 5.57 9.44 -22.93
CA PHE F 255 5.86 10.87 -22.98
C PHE F 255 4.63 11.77 -23.03
N HIS F 256 3.55 11.33 -23.67
CA HIS F 256 2.55 12.27 -24.20
C HIS F 256 1.86 13.06 -23.09
N ALA F 257 1.50 12.35 -22.03
CA ALA F 257 0.91 12.93 -20.82
C ALA F 257 1.74 14.02 -20.14
N PHE F 258 3.06 13.99 -20.33
CA PHE F 258 3.98 14.94 -19.72
C PHE F 258 4.46 16.08 -20.63
N LEU F 259 3.95 16.19 -21.87
CA LEU F 259 4.47 17.19 -22.83
C LEU F 259 4.32 18.63 -22.38
N ASP F 260 3.22 18.94 -21.70
CA ASP F 260 2.93 20.31 -21.24
C ASP F 260 3.34 20.55 -19.77
N ASP F 261 4.21 19.68 -19.25
CA ASP F 261 4.84 19.85 -17.93
C ASP F 261 6.27 20.34 -18.16
N PRO F 262 6.49 21.66 -18.06
CA PRO F 262 7.78 22.21 -18.53
C PRO F 262 9.03 21.77 -17.73
N GLY F 263 8.88 21.39 -16.46
CA GLY F 263 10.02 20.93 -15.66
C GLY F 263 10.36 19.44 -15.78
N VAL F 264 9.64 18.69 -16.60
CA VAL F 264 9.85 17.27 -16.76
C VAL F 264 10.70 17.02 -18.03
N ARG F 265 11.94 16.59 -17.83
CA ARG F 265 12.83 16.22 -18.94
C ARG F 265 12.32 14.94 -19.60
N LEU F 266 12.37 14.92 -20.91
CA LEU F 266 11.97 13.77 -21.68
C LEU F 266 13.17 13.33 -22.51
N VAL F 267 13.52 12.05 -22.40
CA VAL F 267 14.72 11.51 -23.03
C VAL F 267 14.40 10.16 -23.66
N GLY F 268 14.55 10.08 -24.99
CA GLY F 268 14.47 8.82 -25.73
C GLY F 268 15.85 8.25 -25.93
N PHE F 269 16.05 6.96 -25.62
CA PHE F 269 17.34 6.31 -25.81
C PHE F 269 17.26 5.35 -26.97
N GLU F 270 18.25 5.40 -27.87
CA GLU F 270 18.29 4.56 -29.09
C GLU F 270 19.41 3.54 -29.04
N ALA F 271 19.26 2.49 -29.85
CA ALA F 271 20.24 1.41 -29.95
C ALA F 271 21.43 1.86 -30.80
N ALA F 272 22.59 1.96 -30.17
CA ALA F 272 23.82 2.39 -30.83
C ALA F 272 24.71 1.23 -31.27
N GLY F 273 24.31 0.00 -30.94
CA GLY F 273 25.02 -1.20 -31.39
C GLY F 273 26.44 -1.25 -30.87
N ASP F 274 27.41 -1.38 -31.78
CA ASP F 274 28.83 -1.30 -31.40
C ASP F 274 29.22 0.14 -31.07
N GLY F 275 28.46 1.11 -31.60
CA GLY F 275 28.75 2.53 -31.44
C GLY F 275 28.35 3.29 -32.71
N VAL F 276 27.81 4.49 -32.55
CA VAL F 276 27.38 5.30 -33.70
C VAL F 276 28.56 5.66 -34.60
N GLU F 277 29.77 5.72 -34.03
CA GLU F 277 31.01 5.89 -34.81
C GLU F 277 31.44 4.69 -35.67
N THR F 278 30.84 3.51 -35.47
CA THR F 278 31.26 2.27 -36.18
C THR F 278 30.45 1.92 -37.44
N GLY F 279 29.29 2.53 -37.64
CA GLY F 279 28.38 2.08 -38.69
C GLY F 279 27.70 0.71 -38.46
N ARG F 280 27.65 0.25 -37.21
CA ARG F 280 26.90 -0.96 -36.81
C ARG F 280 25.98 -0.55 -35.68
N HIS F 281 24.93 0.19 -36.03
CA HIS F 281 24.03 0.80 -35.07
C HIS F 281 22.63 0.87 -35.61
N ALA F 282 21.69 1.30 -34.78
CA ALA F 282 20.31 1.58 -35.21
C ALA F 282 19.81 2.89 -34.60
N ALA F 283 20.70 3.87 -34.45
CA ALA F 283 20.41 5.14 -33.80
C ALA F 283 19.93 6.17 -34.81
N THR F 284 18.63 6.09 -35.08
CA THR F 284 17.98 6.80 -36.18
C THR F 284 18.14 8.33 -36.08
N PHE F 285 17.92 8.91 -34.90
CA PHE F 285 18.12 10.36 -34.70
C PHE F 285 19.59 10.79 -34.59
N THR F 286 20.41 9.98 -33.92
CA THR F 286 21.81 10.32 -33.68
C THR F 286 22.66 10.29 -34.94
N ALA F 287 22.39 9.32 -35.82
CA ALA F 287 23.21 9.08 -37.01
C ALA F 287 22.44 8.94 -38.35
N GLY F 288 21.12 9.10 -38.34
CA GLY F 288 20.34 9.03 -39.59
C GLY F 288 20.09 10.43 -40.10
N SER F 289 19.23 10.57 -41.09
CA SER F 289 18.87 11.90 -41.62
C SER F 289 17.42 11.93 -42.15
N PRO F 290 16.86 13.14 -42.39
CA PRO F 290 15.47 13.22 -42.85
C PRO F 290 15.22 12.63 -44.23
N GLY F 291 14.08 11.96 -44.37
CA GLY F 291 13.64 11.44 -45.65
C GLY F 291 12.28 10.77 -45.57
N ALA F 292 11.80 10.28 -46.71
CA ALA F 292 10.53 9.59 -46.82
C ALA F 292 10.71 8.07 -46.87
N PHE F 293 10.04 7.39 -45.94
CA PHE F 293 10.18 5.95 -45.76
C PHE F 293 8.96 5.37 -45.03
N HIS F 294 8.39 4.31 -45.63
CA HIS F 294 7.20 3.63 -45.11
C HIS F 294 6.03 4.58 -44.86
N GLY F 295 5.86 5.55 -45.75
CA GLY F 295 4.71 6.45 -45.71
C GLY F 295 4.81 7.72 -44.91
N SER F 296 5.96 8.03 -44.32
CA SER F 296 6.13 9.29 -43.59
C SER F 296 7.46 9.97 -43.89
N PHE F 297 7.49 11.29 -43.73
CA PHE F 297 8.73 12.04 -43.70
C PHE F 297 9.20 12.06 -42.26
N SER F 298 10.31 11.38 -41.99
CA SER F 298 10.92 11.38 -40.66
C SER F 298 12.43 11.16 -40.84
N TYR F 299 13.14 10.82 -39.77
CA TYR F 299 14.52 10.36 -39.87
C TYR F 299 14.57 8.88 -40.24
N LEU F 300 15.53 8.52 -41.08
CA LEU F 300 15.90 7.13 -41.30
C LEU F 300 17.41 6.98 -41.48
N LEU F 301 17.87 5.74 -41.34
CA LEU F 301 19.24 5.39 -41.72
C LEU F 301 19.27 5.20 -43.24
N GLN F 302 19.98 6.08 -43.94
CA GLN F 302 20.05 6.03 -45.39
C GLN F 302 21.43 6.47 -45.89
N ASP F 303 21.82 6.02 -47.08
CA ASP F 303 23.13 6.36 -47.65
C ASP F 303 23.07 7.69 -48.44
N GLU F 304 24.09 7.98 -49.24
CA GLU F 304 24.26 9.27 -49.92
C GLU F 304 23.15 9.54 -50.94
N ASP F 305 22.62 8.47 -51.55
CA ASP F 305 21.56 8.55 -52.55
C ASP F 305 20.14 8.42 -52.00
N GLY F 306 19.99 8.14 -50.71
CA GLY F 306 18.70 7.93 -50.08
C GLY F 306 18.25 6.47 -50.03
N GLN F 307 19.18 5.55 -50.27
CA GLN F 307 18.88 4.12 -50.15
C GLN F 307 18.93 3.74 -48.68
N THR F 308 18.03 2.87 -48.25
CA THR F 308 17.99 2.40 -46.88
C THR F 308 19.21 1.53 -46.60
N ILE F 309 19.88 1.78 -45.46
CA ILE F 309 21.01 0.96 -45.02
C ILE F 309 20.63 0.02 -43.87
N GLU F 310 21.47 -0.99 -43.70
CA GLU F 310 21.27 -2.04 -42.74
C GLU F 310 21.56 -1.51 -41.32
N SER F 311 20.69 -1.86 -40.37
CA SER F 311 20.93 -1.56 -38.97
C SER F 311 21.43 -2.79 -38.21
N HIS F 312 22.12 -2.53 -37.09
CA HIS F 312 22.65 -3.58 -36.21
C HIS F 312 22.42 -3.21 -34.76
N SER F 313 21.83 -4.12 -34.01
CA SER F 313 21.67 -3.97 -32.57
C SER F 313 21.56 -5.35 -31.97
N ILE F 314 22.05 -5.51 -30.76
CA ILE F 314 21.83 -6.75 -30.03
C ILE F 314 20.33 -6.97 -29.74
N SER F 315 19.53 -5.91 -29.70
CA SER F 315 18.08 -6.05 -29.58
C SER F 315 17.39 -6.03 -30.94
N ALA F 316 16.45 -6.96 -31.11
CA ALA F 316 15.66 -7.06 -32.33
C ALA F 316 14.62 -5.93 -32.47
N GLY F 317 13.96 -5.58 -31.37
CA GLY F 317 12.93 -4.53 -31.38
C GLY F 317 13.37 -3.11 -31.67
N LEU F 318 14.63 -2.76 -31.41
CA LEU F 318 15.15 -1.44 -31.79
C LEU F 318 15.86 -1.43 -33.16
N ASP F 319 15.82 -2.55 -33.85
CA ASP F 319 16.50 -2.81 -35.14
C ASP F 319 15.86 -2.11 -36.38
N TYR F 320 14.73 -1.43 -36.22
CA TYR F 320 14.08 -0.73 -37.32
C TYR F 320 14.96 0.46 -37.82
N PRO F 321 15.15 0.59 -39.16
CA PRO F 321 15.94 1.73 -39.66
C PRO F 321 15.24 3.08 -39.65
N GLY F 322 13.95 3.11 -39.30
CA GLY F 322 13.19 4.36 -39.19
C GLY F 322 12.81 4.75 -37.77
N VAL F 323 12.05 5.83 -37.68
CA VAL F 323 11.50 6.35 -36.42
C VAL F 323 10.28 7.23 -36.76
N GLY F 324 9.35 7.35 -35.81
CA GLY F 324 8.08 8.00 -36.07
C GLY F 324 8.16 9.51 -36.17
N PRO F 325 7.32 10.12 -37.02
CA PRO F 325 7.34 11.56 -37.25
C PRO F 325 6.98 12.45 -36.07
N GLU F 326 6.17 11.98 -35.12
CA GLU F 326 5.88 12.80 -33.95
C GLU F 326 7.15 13.05 -33.13
N HIS F 327 8.01 12.03 -33.01
CA HIS F 327 9.32 12.19 -32.38
C HIS F 327 10.26 13.15 -33.10
N ALA F 328 10.22 13.15 -34.44
CA ALA F 328 11.01 14.08 -35.24
C ALA F 328 10.59 15.51 -34.96
N TRP F 329 9.28 15.73 -34.79
CA TRP F 329 8.77 17.06 -34.44
C TRP F 329 9.20 17.49 -33.03
N LEU F 330 9.07 16.57 -32.07
CA LEU F 330 9.46 16.85 -30.67
C LEU F 330 10.96 17.11 -30.53
N LYS F 331 11.78 16.44 -31.33
CA LYS F 331 13.22 16.75 -31.43
C LYS F 331 13.46 18.15 -32.01
N GLU F 332 12.84 18.47 -33.15
CA GLU F 332 12.99 19.80 -33.76
C GLU F 332 12.61 20.92 -32.79
N ALA F 333 11.52 20.71 -32.04
CA ALA F 333 11.03 21.68 -31.06
C ALA F 333 11.83 21.70 -29.74
N GLY F 334 12.80 20.81 -29.59
CA GLY F 334 13.63 20.75 -28.40
C GLY F 334 12.91 20.25 -27.16
N ARG F 335 11.79 19.55 -27.34
CA ARG F 335 11.01 19.06 -26.22
C ARG F 335 11.53 17.72 -25.73
N VAL F 336 12.08 16.90 -26.63
CA VAL F 336 12.67 15.61 -26.26
C VAL F 336 14.09 15.53 -26.81
N ASP F 337 15.03 15.10 -25.97
CA ASP F 337 16.41 14.78 -26.37
C ASP F 337 16.45 13.27 -26.66
N TYR F 338 17.24 12.88 -27.65
CA TYR F 338 17.36 11.49 -28.05
C TYR F 338 18.82 11.14 -28.02
N ARG F 339 19.17 10.06 -27.33
CA ARG F 339 20.57 9.74 -27.02
C ARG F 339 20.92 8.27 -27.28
N PRO F 340 22.17 8.01 -27.71
CA PRO F 340 22.59 6.66 -28.04
C PRO F 340 22.98 5.84 -26.80
N ILE F 341 22.60 4.57 -26.79
CA ILE F 341 23.06 3.60 -25.80
C ILE F 341 23.59 2.41 -26.57
N THR F 342 24.81 2.00 -26.26
CA THR F 342 25.44 0.85 -26.92
C THR F 342 24.88 -0.50 -26.46
N ASP F 343 25.25 -1.55 -27.19
CA ASP F 343 24.97 -2.92 -26.81
C ASP F 343 25.49 -3.19 -25.41
N SER F 344 26.75 -2.82 -25.18
CA SER F 344 27.40 -3.09 -23.89
C SER F 344 26.72 -2.44 -22.70
N GLU F 345 26.33 -1.18 -22.83
CA GLU F 345 25.64 -0.48 -21.74
C GLU F 345 24.29 -1.14 -21.44
N ALA F 346 23.56 -1.52 -22.49
CA ALA F 346 22.26 -2.17 -22.38
C ALA F 346 22.33 -3.54 -21.67
N MET F 347 23.29 -4.37 -22.08
CA MET F 347 23.47 -5.67 -21.46
C MET F 347 23.99 -5.57 -20.01
N ASP F 348 24.82 -4.58 -19.71
CA ASP F 348 25.22 -4.33 -18.30
C ASP F 348 24.02 -3.96 -17.44
N ALA F 349 23.10 -3.17 -17.99
CA ALA F 349 21.87 -2.81 -17.32
C ALA F 349 20.89 -3.98 -17.20
N PHE F 350 20.77 -4.77 -18.27
CA PHE F 350 19.98 -6.00 -18.26
C PHE F 350 20.38 -6.86 -17.07
N GLY F 351 21.69 -7.10 -16.97
CA GLY F 351 22.27 -7.93 -15.93
C GLY F 351 22.06 -7.34 -14.55
N LEU F 352 22.19 -6.02 -14.45
CA LEU F 352 22.02 -5.32 -13.19
C LEU F 352 20.58 -5.42 -12.69
N LEU F 353 19.62 -5.29 -13.61
CA LEU F 353 18.22 -5.32 -13.25
C LEU F 353 17.76 -6.69 -12.77
N CYS F 354 18.32 -7.76 -13.35
CA CYS F 354 18.06 -9.13 -12.89
C CYS F 354 18.57 -9.35 -11.49
N ARG F 355 19.81 -8.94 -11.24
CA ARG F 355 20.48 -9.18 -9.95
C ARG F 355 19.94 -8.32 -8.81
N MET F 356 19.51 -7.11 -9.13
CA MET F 356 19.14 -6.14 -8.12
C MET F 356 17.66 -6.16 -7.77
N GLU F 357 16.82 -6.31 -8.79
CA GLU F 357 15.37 -6.26 -8.64
C GLU F 357 14.65 -7.55 -9.00
N GLY F 358 15.37 -8.55 -9.52
CA GLY F 358 14.73 -9.77 -9.98
C GLY F 358 13.79 -9.58 -11.17
N ILE F 359 14.01 -8.54 -11.95
CA ILE F 359 13.20 -8.27 -13.13
C ILE F 359 14.10 -8.51 -14.31
N ILE F 360 13.67 -9.39 -15.22
CA ILE F 360 14.40 -9.70 -16.44
C ILE F 360 13.76 -8.86 -17.52
N PRO F 361 14.49 -7.83 -17.99
CA PRO F 361 13.89 -6.92 -18.95
C PRO F 361 14.13 -7.36 -20.39
N ALA F 362 13.22 -6.96 -21.25
CA ALA F 362 13.52 -6.97 -22.66
C ALA F 362 14.83 -6.19 -22.94
N ILE F 363 15.66 -6.71 -23.84
CA ILE F 363 16.92 -6.05 -24.19
C ILE F 363 16.69 -4.62 -24.71
N GLU F 364 15.57 -4.41 -25.39
CA GLU F 364 15.11 -3.08 -25.77
C GLU F 364 14.96 -2.15 -24.56
N SER F 365 14.19 -2.62 -23.59
CA SER F 365 13.92 -1.91 -22.34
C SER F 365 15.18 -1.62 -21.55
N ALA F 366 16.14 -2.55 -21.61
CA ALA F 366 17.42 -2.37 -20.95
C ALA F 366 18.23 -1.17 -21.47
N HIS F 367 17.98 -0.74 -22.71
CA HIS F 367 18.58 0.49 -23.24
C HIS F 367 18.08 1.69 -22.45
N ALA F 368 16.78 1.70 -22.15
CA ALA F 368 16.16 2.77 -21.36
C ALA F 368 16.66 2.77 -19.93
N VAL F 369 16.83 1.56 -19.38
CA VAL F 369 17.34 1.41 -18.03
C VAL F 369 18.75 1.93 -17.96
N ALA F 370 19.58 1.52 -18.92
CA ALA F 370 20.97 1.99 -19.03
C ALA F 370 21.02 3.49 -19.10
N GLY F 371 20.12 4.08 -19.89
CA GLY F 371 20.04 5.52 -20.01
C GLY F 371 19.65 6.18 -18.71
N ALA F 372 18.71 5.55 -17.99
CA ALA F 372 18.28 6.03 -16.68
C ALA F 372 19.42 6.07 -15.65
N LEU F 373 20.32 5.09 -15.69
CA LEU F 373 21.46 5.01 -14.77
C LEU F 373 22.44 6.15 -14.98
N LYS F 374 22.73 6.46 -16.24
CA LYS F 374 23.56 7.62 -16.59
C LYS F 374 22.87 8.91 -16.20
N LEU F 375 21.57 9.01 -16.49
CA LEU F 375 20.84 10.22 -16.19
C LEU F 375 20.75 10.45 -14.68
N GLY F 376 20.66 9.37 -13.91
CA GLY F 376 20.72 9.43 -12.45
C GLY F 376 22.01 10.03 -11.91
N VAL F 377 23.15 9.61 -12.44
CA VAL F 377 24.45 10.16 -12.07
C VAL F 377 24.50 11.65 -12.43
N GLU F 378 23.92 11.99 -13.57
CA GLU F 378 23.91 13.35 -14.09
C GLU F 378 23.05 14.29 -13.23
N LEU F 379 21.87 13.84 -12.80
CA LEU F 379 20.90 14.67 -12.07
C LEU F 379 21.07 14.64 -10.54
N GLY F 380 21.65 13.56 -10.02
CA GLY F 380 22.11 13.50 -8.63
C GLY F 380 21.13 12.86 -7.66
N ARG F 381 21.50 12.90 -6.38
CA ARG F 381 20.80 12.19 -5.33
C ARG F 381 19.35 12.68 -5.18
N GLY F 382 18.43 11.75 -5.00
CA GLY F 382 17.02 12.06 -4.78
C GLY F 382 16.21 12.49 -6.00
N ALA F 383 16.85 12.62 -7.17
CA ALA F 383 16.12 12.91 -8.39
C ALA F 383 15.21 11.74 -8.77
N VAL F 384 14.03 12.07 -9.31
CA VAL F 384 13.01 11.10 -9.62
C VAL F 384 12.97 10.89 -11.13
N ILE F 385 13.23 9.66 -11.55
CA ILE F 385 13.29 9.29 -12.95
C ILE F 385 12.32 8.16 -13.23
N VAL F 386 11.36 8.42 -14.12
CA VAL F 386 10.40 7.40 -14.53
C VAL F 386 10.91 6.77 -15.82
N VAL F 387 10.92 5.44 -15.84
CA VAL F 387 11.50 4.64 -16.90
C VAL F 387 10.46 3.65 -17.42
N ASN F 388 10.21 3.70 -18.73
CA ASN F 388 9.28 2.79 -19.34
C ASN F 388 9.95 1.45 -19.53
N LEU F 389 9.51 0.46 -18.75
CA LEU F 389 10.02 -0.87 -18.86
C LEU F 389 9.13 -1.58 -19.86
N SER F 390 9.46 -1.38 -21.13
CA SER F 390 8.52 -1.62 -22.22
C SER F 390 8.12 -3.08 -22.36
N GLY F 391 9.01 -4.00 -21.96
CA GLY F 391 8.68 -5.41 -22.00
C GLY F 391 9.56 -6.27 -21.13
N ARG F 392 9.17 -7.54 -21.02
CA ARG F 392 9.90 -8.54 -20.28
C ARG F 392 10.87 -9.28 -21.18
N GLY F 393 11.89 -9.87 -20.56
CA GLY F 393 13.02 -10.43 -21.26
C GLY F 393 13.11 -11.93 -21.28
N ASP F 394 11.99 -12.62 -21.09
CA ASP F 394 11.93 -14.09 -21.28
C ASP F 394 12.49 -14.48 -22.66
N LYS F 395 12.01 -13.79 -23.69
CA LYS F 395 12.49 -13.93 -25.09
C LYS F 395 14.00 -13.70 -25.30
N ASP F 396 14.63 -12.96 -24.41
CA ASP F 396 16.04 -12.60 -24.52
C ASP F 396 16.99 -13.39 -23.62
N VAL F 397 16.50 -14.41 -22.92
CA VAL F 397 17.33 -15.13 -21.96
C VAL F 397 18.52 -15.81 -22.67
N GLU F 398 18.31 -16.40 -23.83
CA GLU F 398 19.39 -17.07 -24.55
C GLU F 398 20.46 -16.10 -25.02
N THR F 399 20.04 -14.98 -25.61
CA THR F 399 20.97 -13.92 -26.02
C THR F 399 21.84 -13.41 -24.86
N ALA F 400 21.20 -13.09 -23.73
CA ALA F 400 21.89 -12.63 -22.53
C ALA F 400 22.81 -13.69 -21.91
N ALA F 401 22.35 -14.94 -21.88
CA ALA F 401 23.16 -16.03 -21.36
C ALA F 401 24.43 -16.22 -22.19
N LYS F 402 24.31 -16.09 -23.51
CA LYS F 402 25.50 -16.07 -24.38
C LYS F 402 26.38 -14.85 -24.14
N TRP F 403 25.78 -13.69 -23.98
CA TRP F 403 26.53 -12.47 -23.71
C TRP F 403 27.43 -12.63 -22.49
N PHE F 404 26.89 -13.17 -21.41
CA PHE F 404 27.61 -13.32 -20.13
C PHE F 404 28.36 -14.66 -19.94
N GLY F 405 28.42 -15.48 -20.99
CA GLY F 405 29.13 -16.76 -20.94
C GLY F 405 28.51 -17.83 -20.04
N LEU F 406 27.18 -17.79 -19.89
CA LEU F 406 26.46 -18.73 -19.02
C LEU F 406 26.01 -20.01 -19.74
N LEU F 407 26.20 -20.09 -21.07
CA LEU F 407 26.02 -21.35 -21.81
C LEU F 407 27.37 -21.86 -22.32
N GLU G 8 40.09 3.90 64.92
CA GLU G 8 39.23 2.74 65.32
C GLU G 8 37.86 3.19 65.85
N ALA G 9 37.86 4.01 66.91
CA ALA G 9 36.63 4.59 67.46
C ALA G 9 36.06 5.64 66.51
N SER G 10 34.74 5.79 66.49
CA SER G 10 34.10 6.87 65.73
C SER G 10 34.33 8.22 66.42
N ARG G 11 34.13 9.30 65.68
CA ARG G 11 34.27 10.66 66.23
C ARG G 11 33.20 11.00 67.28
N LEU G 12 31.99 10.47 67.10
CA LEU G 12 30.89 10.66 68.04
C LEU G 12 30.83 9.57 69.14
N GLY G 13 31.71 8.58 69.06
CA GLY G 13 31.84 7.54 70.09
C GLY G 13 31.97 8.05 71.52
N PRO G 14 32.88 9.02 71.78
CA PRO G 14 33.03 9.63 73.12
C PRO G 14 31.78 10.35 73.64
N VAL G 15 30.99 10.95 72.75
CA VAL G 15 29.78 11.69 73.15
C VAL G 15 28.69 10.75 73.65
N PHE G 16 28.45 9.67 72.91
CA PHE G 16 27.50 8.62 73.33
C PHE G 16 28.01 7.81 74.53
N ASP G 17 29.33 7.72 74.72
CA ASP G 17 29.89 7.12 75.96
C ASP G 17 29.57 7.97 77.19
N SER G 18 29.81 9.27 77.07
CA SER G 18 29.52 10.25 78.13
C SER G 18 28.04 10.28 78.51
N CYS G 19 27.17 10.19 77.50
CA CYS G 19 25.72 10.14 77.73
C CYS G 19 25.27 8.89 78.50
N ARG G 20 25.73 7.72 78.05
CA ARG G 20 25.35 6.44 78.67
C ARG G 20 25.96 6.27 80.07
N ALA G 21 27.12 6.90 80.31
CA ALA G 21 27.71 6.96 81.65
C ALA G 21 26.87 7.81 82.60
N ASN G 22 26.27 8.88 82.08
CA ASN G 22 25.36 9.76 82.85
C ASN G 22 23.88 9.38 82.75
N ASN G 23 23.58 8.13 82.40
CA ASN G 23 22.23 7.58 82.49
C ASN G 23 21.17 8.31 81.61
N ARG G 24 21.58 8.72 80.42
CA ARG G 24 20.74 9.54 79.55
C ARG G 24 21.02 9.30 78.07
N ALA G 25 20.13 9.78 77.22
CA ALA G 25 20.35 9.79 75.79
C ALA G 25 20.97 11.13 75.38
N ALA G 26 21.50 11.18 74.16
CA ALA G 26 22.05 12.41 73.61
C ALA G 26 20.94 13.24 72.97
N LEU G 27 20.91 14.54 73.24
CA LEU G 27 20.02 15.45 72.52
C LEU G 27 20.72 15.86 71.24
N ILE G 28 20.08 15.59 70.10
CA ILE G 28 20.62 15.90 68.77
C ILE G 28 19.69 16.91 68.09
N GLY G 29 20.19 18.13 67.88
CA GLY G 29 19.35 19.25 67.42
C GLY G 29 19.70 19.68 66.00
N TYR G 30 18.69 19.73 65.13
CA TYR G 30 18.87 20.17 63.75
C TYR G 30 18.39 21.60 63.55
N LEU G 31 19.19 22.39 62.83
CA LEU G 31 18.75 23.66 62.28
C LEU G 31 19.34 23.85 60.89
N PRO G 32 18.60 24.55 60.00
CA PRO G 32 19.13 24.82 58.66
C PRO G 32 19.95 26.11 58.60
N THR G 33 21.10 26.06 57.94
CA THR G 33 21.92 27.26 57.69
C THR G 33 21.16 28.33 56.91
N GLY G 34 21.31 29.58 57.31
CA GLY G 34 20.67 30.71 56.62
C GLY G 34 19.22 31.03 56.96
N TYR G 35 18.63 30.36 57.95
CA TYR G 35 17.26 30.69 58.36
C TYR G 35 17.24 31.34 59.74
N PRO G 36 16.60 32.52 59.90
CA PRO G 36 15.98 33.39 58.88
C PRO G 36 16.99 34.12 57.97
N ASP G 37 18.25 34.24 58.42
CA ASP G 37 19.40 34.63 57.56
C ASP G 37 20.66 33.97 58.13
N VAL G 38 21.83 34.16 57.50
CA VAL G 38 23.04 33.43 57.92
C VAL G 38 23.52 33.77 59.35
N PRO G 39 23.78 35.06 59.66
CA PRO G 39 24.16 35.37 61.05
C PRO G 39 23.13 34.94 62.12
N ALA G 40 21.83 35.14 61.84
CA ALA G 40 20.79 34.72 62.79
C ALA G 40 20.81 33.20 63.01
N SER G 41 21.07 32.43 61.94
CA SER G 41 21.17 30.98 62.04
C SER G 41 22.37 30.48 62.84
N VAL G 42 23.50 31.18 62.77
CA VAL G 42 24.70 30.84 63.55
C VAL G 42 24.47 31.16 65.04
N ALA G 43 23.83 32.30 65.32
CA ALA G 43 23.44 32.65 66.69
C ALA G 43 22.51 31.59 67.30
N ALA G 44 21.60 31.06 66.49
CA ALA G 44 20.71 29.99 66.94
C ALA G 44 21.45 28.67 67.21
N MET G 45 22.39 28.31 66.33
CA MET G 45 23.19 27.08 66.49
C MET G 45 24.12 27.14 67.71
N THR G 46 24.71 28.31 67.96
CA THR G 46 25.52 28.56 69.16
C THR G 46 24.65 28.51 70.42
N ALA G 47 23.43 29.04 70.33
CA ALA G 47 22.49 29.01 71.45
C ALA G 47 21.98 27.59 71.79
N LEU G 48 22.02 26.67 70.81
CA LEU G 48 21.75 25.25 71.07
C LEU G 48 22.85 24.63 71.92
N VAL G 49 24.11 24.94 71.60
CA VAL G 49 25.25 24.46 72.38
C VAL G 49 25.18 24.99 73.83
N GLU G 50 24.93 26.30 73.97
CA GLU G 50 24.73 26.94 75.28
C GLU G 50 23.54 26.36 76.08
N SER G 51 22.47 25.99 75.38
CA SER G 51 21.22 25.51 75.99
C SER G 51 21.14 23.99 76.25
N GLY G 52 22.14 23.21 75.83
CA GLY G 52 22.24 21.80 76.23
C GLY G 52 22.20 20.74 75.14
N CYS G 53 22.25 21.13 73.86
CA CYS G 53 22.43 20.15 72.78
C CYS G 53 23.80 19.49 72.86
N ASP G 54 23.82 18.17 72.71
CA ASP G 54 25.04 17.39 72.72
C ASP G 54 25.65 17.28 71.33
N ILE G 55 24.80 17.17 70.30
CA ILE G 55 25.23 17.13 68.91
C ILE G 55 24.31 18.06 68.10
N ILE G 56 24.90 18.85 67.19
CA ILE G 56 24.13 19.77 66.32
C ILE G 56 24.16 19.26 64.88
N GLU G 57 22.99 19.07 64.27
CA GLU G 57 22.89 18.75 62.85
C GLU G 57 22.77 20.05 62.09
N VAL G 58 23.84 20.45 61.40
CA VAL G 58 23.78 21.65 60.58
C VAL G 58 23.20 21.28 59.21
N GLY G 59 22.01 21.81 58.91
CA GLY G 59 21.32 21.49 57.65
C GLY G 59 21.85 22.33 56.50
N VAL G 60 22.12 21.70 55.35
CA VAL G 60 22.47 22.40 54.10
C VAL G 60 21.18 22.55 53.30
N PRO G 61 20.64 23.78 53.18
CA PRO G 61 19.43 23.98 52.41
C PRO G 61 19.52 23.47 50.97
N TYR G 62 18.48 22.76 50.53
CA TYR G 62 18.41 22.17 49.21
C TYR G 62 17.08 22.53 48.57
N SER G 63 17.15 22.87 47.29
CA SER G 63 16.00 23.30 46.49
C SER G 63 14.90 22.24 46.37
N ASP G 64 15.25 20.96 46.52
CA ASP G 64 14.29 19.84 46.35
C ASP G 64 14.42 18.76 47.46
N PRO G 65 14.05 19.11 48.71
CA PRO G 65 14.32 18.21 49.83
C PRO G 65 13.15 17.26 50.05
N GLY G 66 13.24 16.09 49.43
CA GLY G 66 12.12 15.16 49.38
C GLY G 66 11.73 14.56 50.71
N MET G 67 12.71 14.29 51.55
CA MET G 67 12.48 13.69 52.85
C MET G 67 12.06 14.69 53.94
N ASP G 68 12.10 15.98 53.66
CA ASP G 68 11.72 16.98 54.65
C ASP G 68 10.24 17.36 54.58
N GLY G 69 9.66 17.59 55.75
CA GLY G 69 8.33 18.15 55.87
C GLY G 69 8.33 19.65 55.62
N PRO G 70 7.13 20.27 55.63
CA PRO G 70 6.99 21.70 55.26
C PRO G 70 7.58 22.72 56.26
N THR G 71 7.79 22.34 57.52
CA THR G 71 8.42 23.25 58.49
C THR G 71 9.89 23.49 58.12
N ILE G 72 10.62 22.41 57.91
CA ILE G 72 12.01 22.50 57.45
C ILE G 72 12.12 22.97 55.99
N ALA G 73 11.22 22.51 55.12
CA ALA G 73 11.23 22.89 53.70
C ALA G 73 11.01 24.38 53.46
N ARG G 74 10.02 24.96 54.17
CA ARG G 74 9.73 26.41 54.07
C ARG G 74 10.87 27.25 54.62
N ALA G 75 11.50 26.78 55.70
CA ALA G 75 12.69 27.46 56.22
C ALA G 75 13.84 27.42 55.22
N THR G 76 14.08 26.26 54.62
CA THR G 76 15.15 26.09 53.63
C THR G 76 14.86 26.88 52.36
N GLU G 77 13.57 27.01 52.00
CA GLU G 77 13.15 27.87 50.88
C GLU G 77 13.45 29.32 51.17
N ALA G 78 13.14 29.76 52.39
CA ALA G 78 13.44 31.13 52.86
C ALA G 78 14.95 31.40 52.89
N ALA G 79 15.70 30.44 53.43
CA ALA G 79 17.17 30.51 53.41
C ALA G 79 17.74 30.66 51.99
N LEU G 80 17.19 29.91 51.02
CA LEU G 80 17.63 30.02 49.62
C LEU G 80 17.21 31.33 48.97
N ARG G 81 15.98 31.78 49.20
CA ARG G 81 15.58 33.15 48.80
C ARG G 81 16.53 34.25 49.36
N GLY G 82 16.98 34.09 50.61
CA GLY G 82 18.00 34.96 51.20
C GLY G 82 19.44 34.76 50.70
N GLY G 83 19.66 33.82 49.79
CA GLY G 83 20.93 33.65 49.11
C GLY G 83 21.95 32.78 49.83
N VAL G 84 21.49 31.88 50.70
CA VAL G 84 22.41 31.00 51.44
C VAL G 84 23.25 30.15 50.48
N ARG G 85 24.49 29.94 50.87
CA ARG G 85 25.43 29.16 50.10
C ARG G 85 25.93 27.99 50.95
N VAL G 86 26.37 26.92 50.26
CA VAL G 86 26.96 25.75 50.91
C VAL G 86 28.14 26.16 51.81
N ARG G 87 28.99 27.09 51.38
CA ARG G 87 30.08 27.56 52.22
C ARG G 87 29.66 28.14 53.58
N ASP G 88 28.48 28.76 53.63
CA ASP G 88 27.90 29.27 54.88
C ASP G 88 27.70 28.12 55.90
N THR G 89 27.35 26.93 55.42
CA THR G 89 27.25 25.72 56.28
C THR G 89 28.59 25.34 56.93
N LEU G 90 29.69 25.47 56.21
CA LEU G 90 31.00 25.19 56.77
C LEU G 90 31.46 26.27 57.76
N ALA G 91 31.12 27.54 57.51
CA ALA G 91 31.34 28.61 58.52
C ALA G 91 30.54 28.36 59.81
N ALA G 92 29.30 27.90 59.68
CA ALA G 92 28.49 27.52 60.84
C ALA G 92 29.10 26.37 61.65
N VAL G 93 29.65 25.37 60.95
CA VAL G 93 30.33 24.23 61.59
C VAL G 93 31.55 24.68 62.39
N GLU G 94 32.25 25.69 61.87
CA GLU G 94 33.38 26.29 62.58
C GLU G 94 32.97 27.10 63.81
N ALA G 95 31.89 27.89 63.70
CA ALA G 95 31.39 28.66 64.84
C ALA G 95 30.93 27.77 66.00
N ILE G 96 30.28 26.64 65.69
CA ILE G 96 29.85 25.66 66.70
C ILE G 96 31.05 25.00 67.40
N SER G 97 32.04 24.55 66.62
CA SER G 97 33.24 23.88 67.16
C SER G 97 34.03 24.79 68.12
N ILE G 98 34.23 26.04 67.71
CA ILE G 98 34.91 27.08 68.51
C ILE G 98 34.15 27.40 69.81
N ALA G 99 32.82 27.32 69.76
CA ALA G 99 31.97 27.47 70.96
C ALA G 99 31.92 26.20 71.82
N GLY G 100 32.61 25.13 71.40
CA GLY G 100 32.73 23.91 72.20
C GLY G 100 31.69 22.84 71.89
N GLY G 101 30.85 23.08 70.89
CA GLY G 101 29.83 22.12 70.46
C GLY G 101 30.32 21.11 69.46
N ARG G 102 29.48 20.12 69.18
CA ARG G 102 29.83 18.98 68.35
C ARG G 102 28.89 18.94 67.14
N ALA G 103 29.43 19.19 65.95
CA ALA G 103 28.64 19.42 64.73
C ALA G 103 28.84 18.35 63.65
N VAL G 104 27.71 17.87 63.12
CA VAL G 104 27.66 17.04 61.92
C VAL G 104 26.81 17.80 60.91
N VAL G 105 26.96 17.48 59.64
CA VAL G 105 26.16 18.11 58.58
C VAL G 105 25.12 17.14 58.05
N MET G 106 23.89 17.62 57.87
CA MET G 106 22.86 16.89 57.14
C MET G 106 22.66 17.56 55.80
N THR G 107 22.82 16.79 54.72
CA THR G 107 22.71 17.33 53.36
C THR G 107 22.23 16.26 52.39
N TYR G 108 21.48 16.70 51.38
CA TYR G 108 21.19 15.88 50.21
C TYR G 108 22.50 15.77 49.40
N TRP G 109 22.59 14.77 48.53
CA TRP G 109 23.86 14.43 47.92
C TRP G 109 24.29 15.34 46.79
N ASN G 110 23.36 16.00 46.10
CA ASN G 110 23.80 16.79 44.94
C ASN G 110 24.73 17.96 45.28
N PRO G 111 24.44 18.73 46.34
CA PRO G 111 25.38 19.77 46.72
C PRO G 111 26.77 19.27 47.04
N VAL G 112 26.87 18.05 47.57
CA VAL G 112 28.16 17.44 47.88
C VAL G 112 28.89 17.05 46.59
N LEU G 113 28.16 16.46 45.63
CA LEU G 113 28.70 16.14 44.30
C LEU G 113 29.20 17.38 43.58
N ARG G 114 28.43 18.45 43.68
CA ARG G 114 28.78 19.71 43.01
C ARG G 114 30.02 20.38 43.64
N TYR G 115 30.14 20.29 44.96
CA TYR G 115 31.32 20.72 45.70
C TYR G 115 32.55 19.89 45.32
N GLY G 116 32.36 18.57 45.19
CA GLY G 116 33.44 17.59 45.14
C GLY G 116 33.35 16.85 46.46
N VAL G 117 33.21 15.52 46.40
CA VAL G 117 32.95 14.71 47.60
C VAL G 117 34.15 14.77 48.52
N ASP G 118 35.31 14.42 47.96
CA ASP G 118 36.59 14.47 48.66
C ASP G 118 36.88 15.89 49.21
N ALA G 119 36.62 16.92 48.39
CA ALA G 119 36.84 18.33 48.80
C ALA G 119 35.93 18.72 49.97
N PHE G 120 34.67 18.32 49.91
CA PHE G 120 33.70 18.66 50.95
C PHE G 120 34.03 18.00 52.30
N ALA G 121 34.47 16.75 52.25
CA ALA G 121 34.85 16.01 53.43
C ALA G 121 36.09 16.64 54.07
N ARG G 122 37.10 16.97 53.24
CA ARG G 122 38.31 17.68 53.69
C ARG G 122 37.97 18.99 54.40
N ASP G 123 37.07 19.77 53.77
CA ASP G 123 36.69 21.10 54.29
C ASP G 123 35.75 21.06 55.49
N LEU G 124 34.91 20.04 55.54
CA LEU G 124 34.11 19.75 56.73
C LEU G 124 34.98 19.36 57.90
N ALA G 125 35.98 18.50 57.64
CA ALA G 125 36.95 18.11 58.68
C ALA G 125 37.75 19.30 59.21
N ALA G 126 38.21 20.16 58.31
CA ALA G 126 39.00 21.36 58.68
C ALA G 126 38.20 22.40 59.46
N ALA G 127 36.88 22.41 59.25
CA ALA G 127 35.98 23.22 60.06
C ALA G 127 35.69 22.65 61.47
N GLY G 128 36.18 21.43 61.77
CA GLY G 128 35.85 20.73 63.01
C GLY G 128 34.61 19.86 62.93
N GLY G 129 34.01 19.72 61.75
CA GLY G 129 32.84 18.85 61.56
C GLY G 129 33.19 17.39 61.78
N LEU G 130 32.26 16.65 62.40
CA LEU G 130 32.55 15.28 62.84
C LEU G 130 31.87 14.21 61.99
N GLY G 131 30.97 14.60 61.09
CA GLY G 131 30.29 13.62 60.28
C GLY G 131 29.24 14.16 59.35
N LEU G 132 28.67 13.26 58.58
CA LEU G 132 27.69 13.59 57.55
C LEU G 132 26.46 12.66 57.68
N ILE G 133 25.27 13.26 57.70
CA ILE G 133 24.02 12.54 57.61
C ILE G 133 23.55 12.69 56.16
N THR G 134 23.15 11.58 55.54
CA THR G 134 22.97 11.50 54.09
C THR G 134 21.65 10.84 53.75
N PRO G 135 20.55 11.60 53.83
CA PRO G 135 19.22 11.01 53.68
C PRO G 135 18.91 10.42 52.30
N ASP G 136 19.51 10.94 51.23
CA ASP G 136 19.28 10.37 49.87
C ASP G 136 20.53 9.65 49.29
N LEU G 137 21.52 9.37 50.15
CA LEU G 137 22.63 8.50 49.77
C LEU G 137 22.49 7.20 50.54
N ILE G 138 22.44 6.10 49.80
CA ILE G 138 22.44 4.75 50.39
C ILE G 138 23.85 4.18 50.18
N PRO G 139 24.25 3.17 50.97
CA PRO G 139 25.58 2.55 50.82
C PRO G 139 25.87 2.06 49.42
N ASP G 140 24.82 1.62 48.72
CA ASP G 140 24.88 1.19 47.32
C ASP G 140 25.56 2.23 46.42
N GLU G 141 25.31 3.52 46.65
CA GLU G 141 25.96 4.61 45.85
C GLU G 141 27.08 5.32 46.60
N ALA G 142 27.57 4.76 47.71
CA ALA G 142 28.43 5.48 48.65
C ALA G 142 29.92 5.16 48.52
N GLN G 143 30.36 4.70 47.36
CA GLN G 143 31.74 4.25 47.16
C GLN G 143 32.70 5.39 47.45
N GLN G 144 32.47 6.53 46.79
CA GLN G 144 33.29 7.74 46.97
C GLN G 144 33.20 8.30 48.38
N TRP G 145 32.00 8.28 48.95
CA TRP G 145 31.79 8.76 50.31
C TRP G 145 32.54 7.91 51.37
N LEU G 146 32.54 6.57 51.22
CA LEU G 146 33.27 5.68 52.14
C LEU G 146 34.77 5.99 52.14
N ALA G 147 35.32 6.17 50.94
CA ALA G 147 36.74 6.53 50.79
C ALA G 147 37.05 7.89 51.45
N ALA G 148 36.21 8.88 51.20
CA ALA G 148 36.39 10.21 51.78
C ALA G 148 36.20 10.22 53.30
N SER G 149 35.19 9.48 53.76
CA SER G 149 34.95 9.31 55.19
C SER G 149 36.16 8.74 55.95
N GLU G 150 36.77 7.69 55.41
CA GLU G 150 37.97 7.10 56.03
C GLU G 150 39.15 8.07 55.97
N GLU G 151 39.39 8.61 54.78
CA GLU G 151 40.49 9.57 54.54
C GLU G 151 40.48 10.75 55.53
N HIS G 152 39.33 11.38 55.70
CA HIS G 152 39.23 12.59 56.50
C HIS G 152 38.63 12.39 57.91
N ARG G 153 38.45 11.13 58.30
CA ARG G 153 37.99 10.71 59.65
C ARG G 153 36.66 11.35 60.09
N LEU G 154 35.64 11.16 59.26
CA LEU G 154 34.28 11.63 59.54
C LEU G 154 33.34 10.44 59.74
N ASP G 155 32.40 10.59 60.66
CA ASP G 155 31.33 9.62 60.82
C ASP G 155 30.37 9.69 59.64
N ARG G 156 29.72 8.56 59.37
CA ARG G 156 28.78 8.43 58.25
C ARG G 156 27.51 7.84 58.80
N ILE G 157 26.51 8.70 58.91
CA ILE G 157 25.23 8.37 59.47
C ILE G 157 24.28 8.12 58.32
N PHE G 158 24.04 6.85 58.01
CA PHE G 158 22.99 6.46 57.07
C PHE G 158 21.68 6.28 57.84
N LEU G 159 20.58 6.32 57.08
CA LEU G 159 19.25 6.19 57.63
C LEU G 159 18.75 4.76 57.44
N VAL G 160 17.96 4.29 58.39
CA VAL G 160 17.13 3.09 58.23
C VAL G 160 15.66 3.48 58.41
N ALA G 161 14.76 2.59 57.95
CA ALA G 161 13.33 2.86 58.02
C ALA G 161 12.60 1.61 58.47
N PRO G 162 11.31 1.75 58.87
CA PRO G 162 10.48 0.60 59.21
C PRO G 162 10.36 -0.44 58.09
N SER G 163 10.36 0.01 56.83
CA SER G 163 10.24 -0.85 55.65
C SER G 163 11.54 -1.63 55.30
N SER G 164 12.69 -1.16 55.78
CA SER G 164 13.99 -1.77 55.49
C SER G 164 13.95 -3.29 55.60
N THR G 165 14.41 -3.98 54.55
CA THR G 165 14.50 -5.45 54.59
C THR G 165 15.56 -5.88 55.61
N PRO G 166 15.51 -7.13 56.11
CA PRO G 166 16.56 -7.58 57.04
C PRO G 166 17.97 -7.43 56.46
N GLU G 167 18.12 -7.80 55.18
CA GLU G 167 19.40 -7.78 54.47
C GLU G 167 19.93 -6.34 54.30
N ARG G 168 19.06 -5.43 53.87
CA ARG G 168 19.43 -4.02 53.69
C ARG G 168 19.70 -3.29 55.00
N LEU G 169 19.00 -3.67 56.07
CA LEU G 169 19.19 -3.05 57.37
C LEU G 169 20.57 -3.39 57.95
N ALA G 170 20.93 -4.67 57.91
CA ALA G 170 22.26 -5.12 58.33
C ALA G 170 23.40 -4.43 57.56
N ALA G 171 23.25 -4.30 56.24
CA ALA G 171 24.26 -3.64 55.40
C ALA G 171 24.36 -2.13 55.66
N THR G 172 23.23 -1.48 55.93
CA THR G 172 23.19 -0.05 56.20
C THR G 172 23.83 0.24 57.55
N VAL G 173 23.52 -0.63 58.53
CA VAL G 173 24.13 -0.57 59.85
C VAL G 173 25.65 -0.82 59.78
N GLU G 174 26.06 -1.86 59.06
CA GLU G 174 27.50 -2.17 58.88
C GLU G 174 28.28 -1.03 58.18
N ALA G 175 27.66 -0.31 57.25
CA ALA G 175 28.30 0.82 56.56
C ALA G 175 28.32 2.14 57.37
N SER G 176 27.51 2.21 58.43
CA SER G 176 27.43 3.39 59.28
C SER G 176 28.54 3.42 60.36
N ARG G 177 29.03 4.62 60.66
CA ARG G 177 29.94 4.89 61.79
C ARG G 177 29.34 6.07 62.54
N GLY G 178 29.49 6.08 63.85
CA GLY G 178 29.02 7.19 64.70
C GLY G 178 27.65 6.90 65.28
N PHE G 179 26.61 7.09 64.47
CA PHE G 179 25.28 6.60 64.80
C PHE G 179 24.44 6.33 63.54
N VAL G 180 23.41 5.51 63.72
CA VAL G 180 22.41 5.24 62.69
C VAL G 180 21.17 6.08 63.02
N TYR G 181 20.63 6.74 61.99
CA TYR G 181 19.44 7.55 62.11
C TYR G 181 18.27 6.63 61.81
N ALA G 182 17.44 6.33 62.81
CA ALA G 182 16.19 5.60 62.59
C ALA G 182 15.08 6.60 62.32
N ALA G 183 14.86 6.91 61.04
CA ALA G 183 13.84 7.86 60.61
C ALA G 183 12.48 7.16 60.55
N SER G 184 11.45 7.83 61.06
CA SER G 184 10.11 7.21 61.20
C SER G 184 8.96 8.25 61.20
N THR G 185 9.07 9.27 60.34
CA THR G 185 8.13 10.40 60.26
C THR G 185 7.14 10.22 59.09
N SER G 196 2.83 4.01 66.53
CA SER G 196 3.29 4.12 67.92
C SER G 196 4.54 3.27 68.15
N GLN G 197 4.41 1.98 67.83
CA GLN G 197 5.47 0.98 68.06
C GLN G 197 6.50 0.79 66.91
N ALA G 198 6.41 1.58 65.84
CA ALA G 198 7.32 1.43 64.70
C ALA G 198 8.76 1.81 65.04
N ALA G 199 8.93 2.96 65.70
CA ALA G 199 10.25 3.42 66.14
C ALA G 199 11.03 2.48 67.11
N PRO G 200 10.41 2.08 68.24
CA PRO G 200 11.14 1.15 69.14
C PRO G 200 11.45 -0.25 68.56
N GLU G 201 10.58 -0.73 67.65
CA GLU G 201 10.84 -1.98 66.90
C GLU G 201 12.00 -1.81 65.94
N LEU G 202 12.06 -0.69 65.24
CA LEU G 202 13.20 -0.40 64.36
C LEU G 202 14.51 -0.31 65.14
N VAL G 203 14.48 0.31 66.32
CA VAL G 203 15.66 0.37 67.19
C VAL G 203 16.08 -1.02 67.66
N GLY G 204 15.10 -1.87 68.00
CA GLY G 204 15.34 -3.24 68.37
C GLY G 204 16.00 -4.07 67.27
N ARG G 205 15.58 -3.85 66.03
CA ARG G 205 16.15 -4.55 64.88
C ARG G 205 17.60 -4.15 64.60
N VAL G 206 17.97 -2.90 64.90
CA VAL G 206 19.37 -2.46 64.80
C VAL G 206 20.19 -3.11 65.91
N LYS G 207 19.72 -2.98 67.15
CA LYS G 207 20.41 -3.57 68.32
C LYS G 207 20.71 -5.08 68.19
N ALA G 208 19.82 -5.82 67.52
CA ALA G 208 19.99 -7.28 67.34
C ALA G 208 21.19 -7.66 66.46
N VAL G 209 21.70 -6.73 65.65
CA VAL G 209 22.89 -6.95 64.82
C VAL G 209 24.09 -6.06 65.13
N SER G 210 23.93 -5.04 65.97
CA SER G 210 25.01 -4.06 66.18
C SER G 210 24.87 -3.24 67.45
N ASP G 211 26.01 -2.87 68.03
CA ASP G 211 26.07 -2.01 69.22
C ASP G 211 26.40 -0.53 68.86
N ILE G 212 26.32 -0.17 67.57
CA ILE G 212 26.42 1.23 67.14
C ILE G 212 25.27 2.03 67.77
N PRO G 213 25.51 3.29 68.21
CA PRO G 213 24.40 4.10 68.72
C PRO G 213 23.28 4.36 67.70
N VAL G 214 22.05 4.47 68.18
CA VAL G 214 20.91 4.78 67.32
C VAL G 214 20.20 6.06 67.76
N GLY G 215 20.03 6.98 66.81
CA GLY G 215 19.24 8.19 66.99
C GLY G 215 17.85 7.99 66.42
N VAL G 216 16.85 8.62 67.03
CA VAL G 216 15.47 8.50 66.61
C VAL G 216 14.87 9.89 66.42
N GLY G 217 14.38 10.16 65.21
CA GLY G 217 13.55 11.32 64.91
C GLY G 217 12.12 10.85 64.78
N LEU G 218 11.21 11.49 65.51
CA LEU G 218 9.79 11.11 65.50
C LEU G 218 8.88 12.34 65.64
N GLY G 219 9.31 13.49 65.08
CA GLY G 219 8.59 14.77 65.22
C GLY G 219 8.41 15.22 66.66
N VAL G 220 9.45 15.08 67.47
CA VAL G 220 9.41 15.45 68.90
C VAL G 220 9.20 16.96 69.07
N ARG G 221 8.23 17.36 69.87
CA ARG G 221 8.02 18.78 70.20
C ARG G 221 7.93 19.11 71.69
N SER G 222 8.14 18.14 72.58
CA SER G 222 7.95 18.35 74.02
C SER G 222 8.95 17.59 74.87
N ARG G 223 9.02 17.99 76.13
CA ARG G 223 9.79 17.29 77.16
C ARG G 223 9.37 15.83 77.28
N ALA G 224 8.07 15.58 77.41
CA ALA G 224 7.53 14.22 77.59
C ALA G 224 7.84 13.30 76.42
N GLN G 225 7.71 13.82 75.20
CA GLN G 225 8.04 13.05 74.00
C GLN G 225 9.52 12.66 73.94
N ALA G 226 10.41 13.56 74.33
CA ALA G 226 11.85 13.27 74.36
C ALA G 226 12.21 12.20 75.38
N ALA G 227 11.62 12.27 76.56
CA ALA G 227 11.82 11.28 77.63
C ALA G 227 11.40 9.86 77.23
N GLN G 228 10.26 9.76 76.54
CA GLN G 228 9.76 8.48 76.02
C GLN G 228 10.78 7.83 75.04
N ILE G 229 11.42 8.65 74.22
CA ILE G 229 12.38 8.14 73.24
C ILE G 229 13.72 7.76 73.87
N ALA G 230 14.18 8.54 74.86
CA ALA G 230 15.43 8.22 75.60
C ALA G 230 15.41 6.87 76.33
N GLN G 231 14.22 6.34 76.60
CA GLN G 231 14.05 5.02 77.23
C GLN G 231 14.55 3.85 76.40
N TYR G 232 14.57 4.00 75.06
CA TYR G 232 15.07 2.95 74.15
C TYR G 232 16.17 3.40 73.17
N ALA G 233 16.07 4.62 72.65
CA ALA G 233 17.05 5.13 71.68
C ALA G 233 18.26 5.80 72.36
N ASP G 234 19.45 5.66 71.76
CA ASP G 234 20.67 6.33 72.25
C ASP G 234 20.67 7.83 71.99
N GLY G 235 19.86 8.31 71.06
CA GLY G 235 19.84 9.73 70.69
C GLY G 235 18.43 10.19 70.36
N VAL G 236 18.08 11.39 70.80
CA VAL G 236 16.79 11.99 70.47
C VAL G 236 17.05 13.13 69.50
N ILE G 237 16.58 12.96 68.27
CA ILE G 237 16.77 13.93 67.20
C ILE G 237 15.55 14.84 67.14
N VAL G 238 15.79 16.14 67.16
CA VAL G 238 14.74 17.15 67.09
C VAL G 238 15.13 18.14 66.02
N GLY G 239 14.18 18.45 65.13
CA GLY G 239 14.43 19.32 63.97
C GLY G 239 13.32 20.33 63.82
N SER G 240 12.17 19.85 63.32
CA SER G 240 11.01 20.69 63.01
C SER G 240 10.63 21.63 64.16
N ALA G 241 10.57 21.10 65.37
CA ALA G 241 10.17 21.90 66.53
C ALA G 241 11.16 23.01 66.89
N LEU G 242 12.45 22.78 66.63
CA LEU G 242 13.49 23.81 66.84
C LEU G 242 13.34 24.97 65.85
N VAL G 243 12.97 24.65 64.61
CA VAL G 243 12.74 25.65 63.56
C VAL G 243 11.49 26.49 63.88
N THR G 244 10.40 25.83 64.29
CA THR G 244 9.19 26.53 64.72
C THR G 244 9.48 27.47 65.90
N ALA G 245 10.30 27.00 66.85
CA ALA G 245 10.68 27.79 68.02
C ALA G 245 11.48 29.02 67.60
N LEU G 246 12.51 28.83 66.77
CA LEU G 246 13.33 29.94 66.28
C LEU G 246 12.53 30.99 65.50
N THR G 247 11.49 30.57 64.80
CA THR G 247 10.59 31.49 64.09
C THR G 247 9.89 32.46 65.05
N GLU G 248 9.45 31.95 66.20
CA GLU G 248 8.88 32.78 67.25
C GLU G 248 9.96 33.72 67.80
N GLY G 249 11.09 33.14 68.16
CA GLY G 249 12.23 33.91 68.61
C GLY G 249 13.33 33.04 69.19
N LEU G 250 14.48 33.67 69.40
CA LEU G 250 15.65 32.99 69.96
C LEU G 250 15.46 32.58 71.44
N PRO G 251 14.77 33.41 72.25
CA PRO G 251 14.45 32.97 73.62
C PRO G 251 13.48 31.78 73.71
N ARG G 252 12.57 31.66 72.75
CA ARG G 252 11.70 30.49 72.65
C ARG G 252 12.49 29.23 72.29
N LEU G 253 13.52 29.37 71.45
CA LEU G 253 14.42 28.27 71.12
C LEU G 253 15.19 27.78 72.34
N ARG G 254 15.77 28.72 73.09
CA ARG G 254 16.50 28.42 74.33
C ARG G 254 15.64 27.65 75.33
N ALA G 255 14.43 28.17 75.59
CA ALA G 255 13.50 27.56 76.54
C ALA G 255 13.11 26.14 76.13
N LEU G 256 12.74 25.96 74.86
CA LEU G 256 12.39 24.64 74.30
C LEU G 256 13.56 23.66 74.33
N THR G 257 14.77 24.14 74.03
CA THR G 257 15.96 23.27 74.10
C THR G 257 16.26 22.86 75.55
N GLY G 258 16.01 23.76 76.51
CA GLY G 258 16.14 23.45 77.93
C GLY G 258 15.20 22.35 78.38
N GLU G 259 13.96 22.40 77.89
CA GLU G 259 12.96 21.37 78.19
C GLU G 259 13.36 19.99 77.64
N LEU G 260 13.89 19.98 76.41
CA LEU G 260 14.34 18.74 75.76
C LEU G 260 15.62 18.15 76.40
N ALA G 261 16.56 19.01 76.76
CA ALA G 261 17.77 18.57 77.48
C ALA G 261 17.44 17.88 78.82
N ALA G 262 16.38 18.34 79.49
CA ALA G 262 15.89 17.72 80.73
C ALA G 262 15.07 16.44 80.47
N GLY G 263 14.34 16.43 79.36
CA GLY G 263 13.62 15.23 78.92
C GLY G 263 14.51 14.02 78.68
N VAL G 264 15.65 14.23 78.02
CA VAL G 264 16.59 13.14 77.73
C VAL G 264 17.28 12.53 78.96
N ARG G 265 17.38 13.31 80.04
CA ARG G 265 17.90 12.80 81.32
C ARG G 265 16.89 11.94 82.09
N LEU G 266 15.61 12.01 81.70
CA LEU G 266 14.56 11.12 82.22
C LEU G 266 14.53 9.81 81.42
N SER H 10 23.14 -5.69 26.65
CA SER H 10 24.17 -5.04 25.79
C SER H 10 24.16 -3.52 25.97
N HIS H 11 22.99 -2.91 25.84
CA HIS H 11 22.76 -1.51 26.19
C HIS H 11 22.16 -1.35 27.58
N ASP H 12 21.89 -2.44 28.27
CA ASP H 12 21.28 -2.39 29.60
C ASP H 12 22.29 -1.97 30.68
N PRO H 13 21.78 -1.39 31.77
CA PRO H 13 22.66 -1.03 32.87
C PRO H 13 23.06 -2.26 33.68
N ASP H 14 23.98 -2.10 34.63
CA ASP H 14 24.31 -3.16 35.57
C ASP H 14 23.15 -3.37 36.57
N SER H 15 23.31 -4.26 37.55
CA SER H 15 22.22 -4.58 38.50
C SER H 15 21.83 -3.41 39.43
N GLY H 16 22.80 -2.54 39.70
CA GLY H 16 22.56 -1.29 40.44
C GLY H 16 21.92 -0.15 39.64
N GLY H 17 21.80 -0.32 38.32
CA GLY H 17 21.19 0.67 37.45
C GLY H 17 22.14 1.65 36.79
N HIS H 18 23.43 1.30 36.74
CA HIS H 18 24.47 2.18 36.19
C HIS H 18 24.75 1.88 34.72
N PHE H 19 24.74 2.93 33.89
CA PHE H 19 25.12 2.86 32.48
C PHE H 19 26.53 3.37 32.34
N GLY H 20 27.35 2.67 31.57
CA GLY H 20 28.68 3.13 31.21
C GLY H 20 29.71 2.87 32.27
N GLY H 21 29.40 1.97 33.22
CA GLY H 21 30.37 1.54 34.22
C GLY H 21 30.76 2.63 35.22
N PRO H 22 32.05 3.09 35.19
CA PRO H 22 32.56 4.06 36.19
C PRO H 22 32.11 5.53 36.06
N SER H 23 31.59 5.95 34.89
CA SER H 23 30.87 7.24 34.78
C SER H 23 29.70 7.26 35.78
N GLY H 24 29.02 6.12 35.90
CA GLY H 24 27.99 5.90 36.91
C GLY H 24 26.70 6.65 36.63
N TRP H 25 26.32 6.75 35.35
CA TRP H 25 25.06 7.40 34.97
C TRP H 25 23.91 6.48 35.44
N GLY H 26 22.85 7.09 35.99
CA GLY H 26 21.69 6.37 36.50
C GLY H 26 21.84 6.08 37.98
N GLY H 27 21.72 4.83 38.37
CA GLY H 27 21.81 4.43 39.77
C GLY H 27 20.51 4.66 40.53
N ARG H 28 20.63 4.74 41.85
CA ARG H 28 19.51 4.93 42.77
C ARG H 28 19.90 5.93 43.85
N TYR H 29 19.54 7.20 43.63
CA TYR H 29 19.78 8.28 44.58
C TYR H 29 18.46 8.59 45.26
N VAL H 30 18.11 7.68 46.15
CA VAL H 30 16.85 7.69 46.87
C VAL H 30 17.17 7.38 48.34
N PRO H 31 16.24 7.69 49.24
CA PRO H 31 16.41 7.29 50.61
C PRO H 31 16.13 5.81 50.84
N GLU H 32 16.68 5.28 51.92
CA GLU H 32 16.46 3.90 52.35
C GLU H 32 14.97 3.56 52.53
N ALA H 33 14.16 4.54 52.93
CA ALA H 33 12.70 4.37 53.06
C ALA H 33 11.99 3.86 51.79
N LEU H 34 12.50 4.24 50.62
CA LEU H 34 11.92 3.84 49.33
C LEU H 34 12.47 2.54 48.77
N MET H 35 13.54 2.00 49.34
CA MET H 35 14.23 0.86 48.74
C MET H 35 13.49 -0.49 48.79
N ALA H 36 12.70 -0.75 49.83
CA ALA H 36 11.87 -1.98 49.82
C ALA H 36 11.02 -2.02 48.54
N VAL H 37 10.28 -0.93 48.28
CA VAL H 37 9.34 -0.90 47.15
C VAL H 37 10.05 -0.79 45.79
N ILE H 38 11.20 -0.13 45.75
CA ILE H 38 12.06 -0.12 44.56
C ILE H 38 12.64 -1.49 44.21
N GLU H 39 13.12 -2.24 45.19
CA GLU H 39 13.53 -3.62 44.95
C GLU H 39 12.36 -4.49 44.51
N GLU H 40 11.19 -4.24 45.09
CA GLU H 40 9.96 -4.96 44.72
C GLU H 40 9.57 -4.69 43.25
N VAL H 41 9.60 -3.43 42.82
CA VAL H 41 9.25 -3.08 41.44
C VAL H 41 10.24 -3.70 40.47
N THR H 42 11.53 -3.63 40.81
CA THR H 42 12.59 -4.18 40.00
C THR H 42 12.45 -5.70 39.85
N ALA H 43 12.28 -6.41 40.96
CA ALA H 43 12.05 -7.86 40.91
C ALA H 43 10.81 -8.21 40.08
N ALA H 44 9.73 -7.47 40.29
CA ALA H 44 8.51 -7.66 39.51
C ALA H 44 8.75 -7.42 38.03
N TYR H 45 9.50 -6.39 37.69
CA TYR H 45 9.75 -6.06 36.28
C TYR H 45 10.64 -7.12 35.62
N GLN H 46 11.71 -7.52 36.30
CA GLN H 46 12.57 -8.60 35.82
C GLN H 46 11.77 -9.87 35.55
N LYS H 47 10.77 -10.14 36.37
CA LYS H 47 9.96 -11.33 36.23
C LYS H 47 9.01 -11.23 35.03
N GLU H 48 8.32 -10.11 34.93
CA GLU H 48 7.27 -9.96 33.93
C GLU H 48 7.81 -9.65 32.53
N ARG H 49 9.00 -9.04 32.40
CA ARG H 49 9.58 -8.76 31.05
C ARG H 49 9.83 -10.03 30.20
N VAL H 50 10.06 -11.17 30.87
CA VAL H 50 10.27 -12.47 30.20
C VAL H 50 9.08 -13.44 30.36
N SER H 51 7.92 -12.92 30.73
CA SER H 51 6.71 -13.74 30.92
C SER H 51 5.87 -13.61 29.66
N GLN H 52 5.48 -14.73 29.08
CA GLN H 52 4.72 -14.71 27.84
C GLN H 52 3.31 -14.12 28.04
N ASP H 53 2.65 -14.46 29.15
CA ASP H 53 1.34 -13.90 29.50
C ASP H 53 1.33 -12.36 29.56
N PHE H 54 2.37 -11.79 30.17
CA PHE H 54 2.49 -10.34 30.31
C PHE H 54 2.73 -9.66 28.97
N LEU H 55 3.69 -10.16 28.19
CA LEU H 55 4.00 -9.58 26.86
C LEU H 55 2.82 -9.71 25.89
N ASP H 56 2.07 -10.81 26.03
CA ASP H 56 0.85 -11.03 25.26
C ASP H 56 -0.21 -10.02 25.66
N ASP H 57 -0.44 -9.86 26.96
CA ASP H 57 -1.39 -8.86 27.47
C ASP H 57 -1.06 -7.46 26.96
N LEU H 58 0.21 -7.10 27.03
CA LEU H 58 0.64 -5.77 26.60
C LEU H 58 0.47 -5.57 25.09
N ASP H 59 0.88 -6.55 24.30
CA ASP H 59 0.73 -6.49 22.83
C ASP H 59 -0.75 -6.38 22.44
N ARG H 60 -1.61 -7.10 23.15
CA ARG H 60 -3.03 -7.08 22.86
C ARG H 60 -3.62 -5.70 23.11
N LEU H 61 -3.24 -5.09 24.24
CA LEU H 61 -3.60 -3.71 24.54
C LEU H 61 -2.96 -2.72 23.57
N GLN H 62 -1.69 -2.88 23.24
CA GLN H 62 -1.06 -1.99 22.26
C GLN H 62 -1.81 -1.98 20.93
N ALA H 63 -2.25 -3.14 20.47
CA ALA H 63 -2.92 -3.25 19.18
C ALA H 63 -4.36 -2.75 19.24
N ASN H 64 -5.18 -3.43 20.04
CA ASN H 64 -6.62 -3.22 20.01
C ASN H 64 -7.11 -1.98 20.76
N TYR H 65 -6.38 -1.55 21.77
CA TYR H 65 -6.80 -0.43 22.61
C TYR H 65 -6.12 0.88 22.20
N ALA H 66 -4.79 0.85 22.09
CA ALA H 66 -3.99 2.06 21.80
C ALA H 66 -3.76 2.36 20.31
N GLY H 67 -4.02 1.39 19.44
CA GLY H 67 -3.97 1.60 18.00
C GLY H 67 -2.65 1.33 17.27
N ARG H 68 -1.77 0.53 17.89
CA ARG H 68 -0.45 0.22 17.30
C ARG H 68 -0.53 -0.85 16.21
N PRO H 69 0.36 -0.78 15.20
CA PRO H 69 1.43 0.18 15.03
C PRO H 69 0.88 1.53 14.55
N SER H 70 1.62 2.58 14.88
CA SER H 70 1.36 3.89 14.33
C SER H 70 2.02 3.93 12.95
N PRO H 71 1.47 4.70 12.02
CA PRO H 71 2.06 4.73 10.70
C PRO H 71 3.31 5.61 10.61
N LEU H 72 4.09 5.38 9.54
CA LEU H 72 5.19 6.23 9.17
C LEU H 72 4.77 6.97 7.90
N TYR H 73 4.80 8.30 7.92
CA TYR H 73 4.24 9.12 6.83
C TYR H 73 5.29 10.01 6.15
N GLU H 74 5.46 9.88 4.83
CA GLU H 74 6.41 10.72 4.10
C GLU H 74 5.77 12.10 3.87
N ALA H 75 6.29 13.12 4.55
CA ALA H 75 5.73 14.48 4.47
C ALA H 75 6.35 15.22 3.29
N THR H 76 5.84 14.92 2.10
CA THR H 76 6.43 15.40 0.85
C THR H 76 6.31 16.91 0.67
N ARG H 77 5.27 17.52 1.24
CA ARG H 77 5.12 18.98 1.18
C ARG H 77 6.05 19.78 2.11
N LEU H 78 6.70 19.11 3.08
CA LEU H 78 7.79 19.70 3.86
C LEU H 78 9.14 19.71 3.16
N SER H 79 9.32 18.81 2.19
CA SER H 79 10.61 18.57 1.56
C SER H 79 11.28 19.86 1.08
N GLN H 80 10.52 20.73 0.42
CA GLN H 80 11.08 21.98 -0.12
C GLN H 80 11.58 22.93 0.99
N HIS H 81 11.03 22.77 2.21
CA HIS H 81 11.48 23.52 3.41
C HIS H 81 12.57 22.79 4.21
N ALA H 82 13.08 21.69 3.67
CA ALA H 82 14.10 20.89 4.33
C ALA H 82 15.23 20.55 3.37
N GLY H 83 15.57 21.48 2.46
CA GLY H 83 16.61 21.25 1.45
C GLY H 83 16.33 20.10 0.48
N SER H 84 15.05 19.82 0.24
CA SER H 84 14.61 18.67 -0.55
C SER H 84 14.99 17.31 0.04
N ALA H 85 15.27 17.25 1.35
CA ALA H 85 15.41 15.97 2.02
C ALA H 85 14.03 15.35 2.12
N ARG H 86 13.96 14.10 2.58
CA ARG H 86 12.70 13.37 2.68
C ARG H 86 12.43 13.12 4.16
N ILE H 87 11.44 13.84 4.70
CA ILE H 87 11.09 13.79 6.09
C ILE H 87 9.97 12.76 6.26
N PHE H 88 10.21 11.74 7.09
CA PHE H 88 9.21 10.71 7.38
C PHE H 88 8.79 10.91 8.83
N LEU H 89 7.49 11.03 9.08
CA LEU H 89 7.00 11.29 10.43
C LEU H 89 6.44 10.02 11.04
N LYS H 90 7.04 9.58 12.14
CA LYS H 90 6.55 8.44 12.90
C LYS H 90 5.39 8.98 13.73
N ARG H 91 4.18 8.54 13.43
CA ARG H 91 2.96 9.22 13.86
C ARG H 91 2.44 8.75 15.22
N GLU H 92 3.18 9.01 16.29
CA GLU H 92 2.71 8.67 17.65
C GLU H 92 1.55 9.58 18.06
N ASP H 93 1.38 10.70 17.36
CA ASP H 93 0.22 11.59 17.50
C ASP H 93 -1.14 10.92 17.25
N LEU H 94 -1.16 9.77 16.58
CA LEU H 94 -2.39 9.02 16.33
C LEU H 94 -2.73 7.97 17.39
N ASN H 95 -1.87 7.78 18.39
CA ASN H 95 -2.14 6.84 19.46
C ASN H 95 -3.31 7.33 20.31
N HIS H 96 -4.01 6.39 20.93
CA HIS H 96 -5.00 6.68 21.95
C HIS H 96 -4.39 7.62 23.00
N THR H 97 -5.09 8.71 23.30
CA THR H 97 -4.65 9.81 24.20
C THR H 97 -3.79 10.90 23.52
N GLY H 98 -3.28 10.60 22.33
CA GLY H 98 -2.66 11.61 21.46
C GLY H 98 -1.16 11.74 21.58
N SER H 99 -0.51 10.81 22.27
CA SER H 99 0.94 10.81 22.37
C SER H 99 1.52 9.44 22.70
N HIS H 100 2.84 9.39 22.62
CA HIS H 100 3.62 8.22 23.03
C HIS H 100 3.44 7.79 24.49
N ILE H 102 1.02 6.86 26.21
CA ILE H 102 0.19 5.68 26.40
C ILE H 102 0.99 4.36 26.43
N ASN H 103 2.08 4.31 25.69
CA ASN H 103 2.94 3.13 25.66
C ASN H 103 3.51 2.80 27.05
N ASN H 104 3.92 3.85 27.75
CA ASN H 104 4.53 3.75 29.06
C ASN H 104 3.53 3.37 30.16
N VAL H 105 2.39 4.05 30.18
CA VAL H 105 1.42 3.84 31.23
C VAL H 105 0.72 2.49 31.13
N LEU H 106 0.54 1.95 29.91
CA LEU H 106 -0.01 0.58 29.78
C LEU H 106 0.92 -0.47 30.37
N GLY H 107 2.19 -0.37 30.05
CA GLY H 107 3.21 -1.26 30.62
C GLY H 107 3.25 -1.21 32.14
N GLN H 108 3.35 0.00 32.69
CA GLN H 108 3.46 0.19 34.14
C GLN H 108 2.18 -0.16 34.88
N ALA H 109 1.02 0.18 34.32
CA ALA H 109 -0.26 -0.18 34.94
C ALA H 109 -0.52 -1.67 34.95
N LEU H 110 -0.11 -2.39 33.90
CA LEU H 110 -0.20 -3.86 33.91
C LEU H 110 0.70 -4.44 34.97
N LEU H 111 1.89 -3.88 35.09
CA LEU H 111 2.82 -4.30 36.12
C LEU H 111 2.23 -4.07 37.51
N ALA H 112 1.64 -2.89 37.71
CA ALA H 112 1.01 -2.53 38.99
C ALA H 112 -0.01 -3.59 39.41
N ARG H 113 -0.87 -3.99 38.49
CA ARG H 113 -1.87 -5.01 38.77
C ARG H 113 -1.25 -6.41 38.98
N ARG H 114 -0.26 -6.78 38.19
CA ARG H 114 0.53 -8.02 38.43
C ARG H 114 1.20 -8.03 39.82
N MET H 115 1.66 -6.86 40.29
CA MET H 115 2.26 -6.74 41.64
C MET H 115 1.27 -6.83 42.80
N GLY H 116 -0.01 -6.70 42.53
CA GLY H 116 -1.01 -6.68 43.57
C GLY H 116 -1.28 -5.32 44.15
N LYS H 117 -0.67 -4.27 43.59
CA LYS H 117 -0.90 -2.90 44.03
C LYS H 117 -2.29 -2.47 43.57
N THR H 118 -3.02 -1.77 44.44
CA THR H 118 -4.37 -1.32 44.11
C THR H 118 -4.49 0.18 43.80
N ARG H 119 -3.42 0.92 44.06
CA ARG H 119 -3.41 2.37 43.93
C ARG H 119 -2.22 2.78 43.07
N VAL H 120 -2.45 3.66 42.11
CA VAL H 120 -1.38 4.18 41.27
C VAL H 120 -1.33 5.69 41.40
N ILE H 121 -0.15 6.23 41.65
CA ILE H 121 0.08 7.69 41.61
C ILE H 121 0.96 8.08 40.44
N ALA H 122 0.85 9.33 40.02
CA ALA H 122 1.70 9.87 38.98
C ALA H 122 1.71 11.38 39.01
N GLU H 123 2.79 11.95 38.48
CA GLU H 123 2.99 13.40 38.39
C GLU H 123 2.45 13.88 37.07
N THR H 124 2.22 15.17 36.94
CA THR H 124 2.00 15.75 35.62
C THR H 124 2.32 17.24 35.59
N GLY H 125 2.63 17.75 34.39
CA GLY H 125 2.95 19.16 34.18
C GLY H 125 1.69 19.91 33.80
N ALA H 126 1.41 19.99 32.50
CA ALA H 126 0.20 20.63 32.01
C ALA H 126 -0.98 19.64 31.92
N GLY H 127 -0.72 18.35 32.10
CA GLY H 127 -1.77 17.32 32.15
C GLY H 127 -1.59 16.04 31.32
N GLN H 128 -0.59 16.00 30.44
CA GLN H 128 -0.50 14.92 29.47
C GLN H 128 -0.30 13.55 30.12
N HIS H 129 0.73 13.42 30.94
CA HIS H 129 1.02 12.17 31.64
C HIS H 129 -0.04 11.83 32.71
N GLY H 130 -0.67 12.85 33.28
CA GLY H 130 -1.76 12.62 34.23
C GLY H 130 -2.94 11.99 33.56
N VAL H 131 -3.31 12.55 32.40
CA VAL H 131 -4.41 12.02 31.59
C VAL H 131 -4.09 10.61 31.10
N ALA H 132 -2.85 10.40 30.66
CA ALA H 132 -2.43 9.08 30.21
C ALA H 132 -2.50 8.05 31.33
N THR H 133 -2.03 8.43 32.52
CA THR H 133 -2.04 7.53 33.66
C THR H 133 -3.46 7.22 34.12
N ALA H 134 -4.31 8.23 34.18
CA ALA H 134 -5.71 8.05 34.53
C ALA H 134 -6.44 7.18 33.49
N THR H 135 -6.06 7.29 32.22
CA THR H 135 -6.59 6.43 31.17
C THR H 135 -6.28 4.95 31.44
N ALA H 136 -5.01 4.62 31.69
CA ALA H 136 -4.62 3.21 31.98
C ALA H 136 -5.22 2.64 33.27
N CYS H 137 -5.42 3.48 34.28
CA CYS H 137 -6.03 3.04 35.54
C CYS H 137 -7.53 2.78 35.42
N ALA H 138 -8.22 3.61 34.66
CA ALA H 138 -9.63 3.36 34.37
C ALA H 138 -9.82 2.01 33.65
N LEU H 139 -8.97 1.79 32.62
CA LEU H 139 -8.97 0.55 31.83
C LEU H 139 -8.79 -0.68 32.70
N LEU H 140 -7.82 -0.63 33.61
CA LEU H 140 -7.43 -1.79 34.42
C LEU H 140 -8.08 -1.84 35.81
N GLY H 141 -8.96 -0.89 36.14
CA GLY H 141 -9.62 -0.86 37.46
C GLY H 141 -8.73 -0.47 38.64
N LEU H 142 -7.62 0.20 38.38
CA LEU H 142 -6.75 0.68 39.46
C LEU H 142 -7.25 2.04 39.96
N ASP H 143 -7.09 2.30 41.25
CA ASP H 143 -7.33 3.63 41.81
C ASP H 143 -6.18 4.55 41.42
N CYS H 144 -6.51 5.78 41.03
CA CYS H 144 -5.54 6.71 40.46
C CYS H 144 -5.55 8.03 41.17
N VAL H 145 -4.38 8.53 41.55
CA VAL H 145 -4.25 9.85 42.15
C VAL H 145 -3.17 10.58 41.39
N ILE H 146 -3.51 11.70 40.76
CA ILE H 146 -2.53 12.51 40.02
C ILE H 146 -2.05 13.69 40.86
N TYR H 147 -0.73 13.91 40.88
CA TYR H 147 -0.11 15.09 41.52
C TYR H 147 0.30 16.09 40.44
N MET H 148 -0.14 17.33 40.62
CA MET H 148 0.01 18.40 39.64
C MET H 148 0.33 19.69 40.37
N GLY H 149 1.32 20.44 39.90
CA GLY H 149 1.68 21.71 40.52
C GLY H 149 0.55 22.72 40.49
N GLY H 150 0.36 23.45 41.58
CA GLY H 150 -0.74 24.41 41.73
C GLY H 150 -0.80 25.55 40.70
N ILE H 151 0.36 25.94 40.17
CA ILE H 151 0.42 26.87 39.04
C ILE H 151 -0.17 26.22 37.77
N ASP H 152 0.03 24.93 37.59
CA ASP H 152 -0.54 24.23 36.45
C ASP H 152 -2.02 23.91 36.60
N THR H 153 -2.49 23.50 37.78
CA THR H 153 -3.93 23.14 37.96
C THR H 153 -4.84 24.33 37.75
N ALA H 154 -4.39 25.50 38.21
CA ALA H 154 -5.13 26.75 38.09
C ALA H 154 -5.28 27.25 36.64
N ARG H 155 -4.42 26.80 35.72
CA ARG H 155 -4.56 27.16 34.30
C ARG H 155 -4.75 25.97 33.35
N GLN H 156 -5.19 24.81 33.89
CA GLN H 156 -5.45 23.59 33.09
C GLN H 156 -6.74 22.88 33.54
N ALA H 157 -7.78 23.67 33.81
CA ALA H 157 -9.01 23.15 34.41
C ALA H 157 -9.64 21.98 33.63
N LEU H 158 -9.57 22.02 32.30
CA LEU H 158 -10.18 20.99 31.44
C LEU H 158 -9.43 19.67 31.49
N ASN H 159 -8.11 19.71 31.62
CA ASN H 159 -7.32 18.50 31.81
C ASN H 159 -7.55 17.89 33.19
N VAL H 160 -7.80 18.74 34.20
CA VAL H 160 -8.19 18.27 35.52
C VAL H 160 -9.57 17.57 35.43
N ALA H 161 -10.46 18.13 34.62
CA ALA H 161 -11.78 17.56 34.38
C ALA H 161 -11.70 16.24 33.61
N ARG H 162 -10.84 16.16 32.60
CA ARG H 162 -10.57 14.88 31.92
C ARG H 162 -10.20 13.83 32.95
N MET H 163 -9.21 14.15 33.79
CA MET H 163 -8.73 13.21 34.81
C MET H 163 -9.84 12.76 35.75
N ARG H 164 -10.68 13.70 36.18
CA ARG H 164 -11.83 13.39 37.03
C ARG H 164 -12.90 12.53 36.31
N LEU H 165 -13.19 12.84 35.04
CA LEU H 165 -14.09 12.03 34.21
C LEU H 165 -13.61 10.58 34.04
N LEU H 166 -12.29 10.39 34.02
CA LEU H 166 -11.65 9.09 33.97
C LEU H 166 -11.61 8.36 35.34
N GLY H 167 -12.12 9.00 36.40
CA GLY H 167 -12.19 8.38 37.74
C GLY H 167 -10.99 8.62 38.63
N ALA H 168 -10.04 9.45 38.19
CA ALA H 168 -8.86 9.78 38.99
C ALA H 168 -9.16 10.95 39.91
N GLU H 169 -8.48 10.98 41.06
CA GLU H 169 -8.39 12.15 41.90
C GLU H 169 -7.22 13.01 41.46
N VAL H 170 -7.31 14.33 41.66
CA VAL H 170 -6.21 15.24 41.33
C VAL H 170 -5.88 16.15 42.52
N VAL H 171 -4.59 16.21 42.85
CA VAL H 171 -4.07 16.97 43.97
C VAL H 171 -3.23 18.12 43.44
N ALA H 172 -3.66 19.34 43.75
CA ALA H 172 -2.88 20.54 43.45
C ALA H 172 -1.74 20.65 44.48
N VAL H 173 -0.51 20.65 44.00
CA VAL H 173 0.66 20.70 44.83
C VAL H 173 1.07 22.16 45.03
N GLN H 174 0.98 22.65 46.27
CA GLN H 174 1.33 24.03 46.61
C GLN H 174 2.72 24.16 47.27
N THR H 175 3.45 23.06 47.40
CA THR H 175 4.79 23.08 48.00
C THR H 175 5.86 23.43 46.95
N GLY H 176 7.06 23.81 47.42
CA GLY H 176 8.14 24.26 46.53
C GLY H 176 7.72 25.37 45.57
N SER H 177 8.16 25.26 44.31
CA SER H 177 7.78 26.22 43.27
C SER H 177 6.45 25.90 42.52
N LYS H 178 5.67 24.94 43.02
CA LYS H 178 4.30 24.67 42.53
C LYS H 178 4.21 24.24 41.07
N THR H 179 5.22 23.56 40.57
CA THR H 179 5.24 23.14 39.17
C THR H 179 5.69 21.68 39.06
N LEU H 180 6.02 21.23 37.85
CA LEU H 180 6.32 19.79 37.60
C LEU H 180 7.26 19.13 38.62
N LYS H 181 8.42 19.71 38.87
CA LYS H 181 9.41 19.04 39.73
C LYS H 181 8.89 18.82 41.14
N ASP H 182 8.07 19.76 41.59
CA ASP H 182 7.46 19.70 42.92
C ASP H 182 6.32 18.68 43.00
N ALA H 183 5.58 18.52 41.90
CA ALA H 183 4.59 17.45 41.78
C ALA H 183 5.27 16.09 41.92
N ILE H 184 6.42 15.93 41.28
CA ILE H 184 7.22 14.70 41.39
C ILE H 184 7.73 14.50 42.82
N ASN H 185 8.18 15.58 43.47
CA ASN H 185 8.62 15.51 44.86
C ASN H 185 7.47 15.06 45.81
N GLU H 186 6.25 15.53 45.56
CA GLU H 186 5.10 15.18 46.40
C GLU H 186 4.64 13.75 46.15
N ALA H 187 4.62 13.33 44.88
CA ALA H 187 4.33 11.95 44.53
C ALA H 187 5.34 11.03 45.19
N PHE H 188 6.59 11.45 45.24
CA PHE H 188 7.64 10.73 45.95
C PHE H 188 7.29 10.55 47.44
N ARG H 189 6.88 11.63 48.10
CA ARG H 189 6.50 11.57 49.53
C ARG H 189 5.29 10.65 49.77
N ASP H 190 4.30 10.71 48.88
CA ASP H 190 3.16 9.79 48.92
C ASP H 190 3.66 8.33 48.91
N TRP H 191 4.52 8.00 47.95
CA TRP H 191 5.00 6.64 47.75
C TRP H 191 5.83 6.11 48.92
N VAL H 192 6.59 6.98 49.57
CA VAL H 192 7.28 6.62 50.82
C VAL H 192 6.28 6.15 51.89
N ALA H 193 5.16 6.86 52.03
CA ALA H 193 4.17 6.55 53.06
C ALA H 193 3.24 5.38 52.69
N ASN H 194 2.98 5.20 51.39
CA ASN H 194 1.89 4.33 50.91
C ASN H 194 2.38 3.18 50.02
N ALA H 195 3.65 2.85 50.13
CA ALA H 195 4.28 1.82 49.29
C ALA H 195 3.65 0.42 49.36
N ASP H 196 3.12 0.04 50.52
CA ASP H 196 2.42 -1.24 50.68
C ASP H 196 1.42 -1.51 49.57
N ASN H 197 0.56 -0.51 49.31
CA ASN H 197 -0.52 -0.62 48.33
C ASN H 197 -0.36 0.25 47.06
N THR H 198 0.67 1.07 46.98
CA THR H 198 0.77 2.06 45.90
C THR H 198 1.93 1.78 44.96
N TYR H 199 1.69 2.02 43.67
CA TYR H 199 2.68 1.95 42.60
C TYR H 199 2.86 3.35 42.03
N TYR H 200 4.11 3.81 41.88
CA TYR H 200 4.38 5.12 41.26
C TYR H 200 4.65 4.98 39.76
N CYS H 201 3.68 5.39 38.95
CA CYS H 201 3.77 5.38 37.49
C CYS H 201 4.46 6.64 36.98
N PHE H 202 5.80 6.63 37.01
CA PHE H 202 6.63 7.80 36.59
C PHE H 202 6.62 7.99 35.08
N GLY H 203 6.63 9.25 34.65
CA GLY H 203 6.27 9.62 33.26
C GLY H 203 7.36 9.88 32.24
N THR H 204 8.62 9.60 32.58
CA THR H 204 9.72 9.66 31.62
C THR H 204 10.80 8.63 31.92
N ALA H 205 11.77 8.54 31.01
CA ALA H 205 12.90 7.64 31.14
C ALA H 205 13.99 8.20 32.06
N ALA H 206 13.58 8.55 33.28
CA ALA H 206 14.51 9.01 34.32
C ALA H 206 14.11 8.35 35.63
N GLY H 207 14.58 8.91 36.73
CA GLY H 207 14.32 8.35 38.04
C GLY H 207 15.36 7.29 38.36
N PRO H 208 15.25 6.69 39.55
CA PRO H 208 16.17 5.64 39.94
C PRO H 208 15.89 4.34 39.19
N HIS H 209 16.90 3.48 39.07
CA HIS H 209 16.70 2.11 38.60
C HIS H 209 15.53 1.45 39.34
N PRO H 210 14.55 0.87 38.61
CA PRO H 210 14.49 0.44 37.22
C PRO H 210 13.82 1.38 36.20
N PHE H 211 13.43 2.59 36.61
CA PHE H 211 12.57 3.42 35.78
C PHE H 211 13.16 3.78 34.41
N PRO H 212 14.43 4.21 34.32
CA PRO H 212 14.91 4.56 32.98
C PRO H 212 14.89 3.36 32.02
N THR H 213 15.30 2.19 32.51
CA THR H 213 15.33 0.99 31.69
C THR H 213 13.90 0.55 31.35
N MET H 214 13.02 0.55 32.35
CA MET H 214 11.66 0.06 32.17
C MET H 214 10.84 0.95 31.22
N VAL H 215 10.96 2.26 31.38
CA VAL H 215 10.20 3.20 30.55
C VAL H 215 10.65 3.10 29.10
N ARG H 216 11.97 3.06 28.91
CA ARG H 216 12.56 2.83 27.61
C ARG H 216 12.08 1.53 26.97
N ASP H 217 12.05 0.43 27.72
CA ASP H 217 11.57 -0.86 27.20
C ASP H 217 10.11 -0.80 26.73
N PHE H 218 9.28 -0.07 27.44
CA PHE H 218 7.89 0.14 27.07
C PHE H 218 7.76 1.07 25.87
N GLN H 219 8.78 1.92 25.63
CA GLN H 219 8.81 2.81 24.47
C GLN H 219 9.59 2.26 23.27
N ARG H 220 10.41 1.23 23.45
CA ARG H 220 11.21 0.61 22.36
C ARG H 220 10.42 0.28 21.11
N ILE H 221 9.15 -0.04 21.30
CA ILE H 221 8.24 -0.40 20.22
C ILE H 221 8.15 0.68 19.14
N ILE H 222 8.39 1.93 19.51
CA ILE H 222 8.34 3.00 18.53
C ILE H 222 9.45 2.77 17.53
N GLY H 223 10.66 2.51 18.02
CA GLY H 223 11.81 2.33 17.17
C GLY H 223 11.80 1.04 16.39
N MET H 224 11.33 -0.04 17.02
CA MET H 224 11.20 -1.33 16.33
C MET H 224 10.26 -1.26 15.13
N GLU H 225 9.10 -0.62 15.30
CA GLU H 225 8.20 -0.37 14.17
C GLU H 225 8.81 0.54 13.12
N ALA H 226 9.39 1.66 13.57
CA ALA H 226 9.94 2.66 12.66
C ALA H 226 11.03 2.10 11.77
N ARG H 227 11.88 1.23 12.32
CA ARG H 227 12.99 0.65 11.57
C ARG H 227 12.48 -0.29 10.46
N VAL H 228 11.43 -1.04 10.77
CA VAL H 228 10.77 -1.93 9.81
C VAL H 228 10.09 -1.12 8.71
N GLN H 229 9.28 -0.13 9.13
CA GLN H 229 8.49 0.67 8.22
C GLN H 229 9.33 1.47 7.23
N ILE H 230 10.44 2.05 7.68
CA ILE H 230 11.32 2.84 6.81
C ILE H 230 12.07 1.98 5.78
N GLN H 231 12.54 0.79 6.18
CA GLN H 231 13.10 -0.18 5.21
C GLN H 231 12.03 -0.58 4.19
N GLY H 232 10.79 -0.73 4.64
CA GLY H 232 9.69 -1.07 3.77
C GLY H 232 9.38 0.02 2.75
N GLN H 233 9.25 1.26 3.22
CA GLN H 233 8.83 2.40 2.39
C GLN H 233 9.95 3.02 1.57
N ALA H 234 11.12 3.18 2.16
CA ALA H 234 12.23 3.86 1.50
C ALA H 234 13.22 2.90 0.85
N GLY H 235 13.23 1.64 1.30
CA GLY H 235 14.13 0.62 0.79
C GLY H 235 15.49 0.56 1.47
N ARG H 236 15.63 1.27 2.59
CA ARG H 236 16.92 1.37 3.29
C ARG H 236 16.75 1.97 4.68
N LEU H 237 17.79 1.83 5.51
CA LEU H 237 17.84 2.51 6.79
C LEU H 237 17.98 4.02 6.55
N PRO H 238 17.47 4.83 7.48
CA PRO H 238 17.52 6.27 7.27
C PRO H 238 18.92 6.83 7.45
N ASP H 239 19.11 8.06 6.98
CA ASP H 239 20.36 8.78 7.22
C ASP H 239 20.39 9.31 8.64
N ALA H 240 19.21 9.68 9.17
CA ALA H 240 19.08 10.19 10.52
C ALA H 240 17.71 9.83 11.11
N VAL H 241 17.69 9.60 12.42
CA VAL H 241 16.47 9.51 13.19
C VAL H 241 16.53 10.57 14.28
N VAL H 242 15.51 11.41 14.40
CA VAL H 242 15.53 12.48 15.39
C VAL H 242 14.26 12.55 16.24
N ALA H 243 14.39 13.20 17.39
CA ALA H 243 13.28 13.35 18.33
C ALA H 243 13.52 14.50 19.30
N CYS H 244 12.42 15.05 19.83
CA CYS H 244 12.50 16.04 20.88
C CYS H 244 12.82 15.32 22.19
N VAL H 245 13.50 16.02 23.10
CA VAL H 245 13.97 15.44 24.38
C VAL H 245 13.59 16.33 25.56
N GLY H 246 12.66 15.84 26.39
CA GLY H 246 12.44 16.39 27.72
C GLY H 246 13.18 15.52 28.71
N GLY H 247 12.45 14.66 29.42
CA GLY H 247 13.07 13.65 30.27
C GLY H 247 13.76 12.56 29.44
N GLY H 248 13.19 12.25 28.28
CA GLY H 248 13.82 11.42 27.26
C GLY H 248 13.10 10.18 26.77
N SER H 249 11.83 9.98 27.14
CA SER H 249 11.12 8.72 26.82
C SER H 249 10.85 8.54 25.32
N ASN H 250 10.34 9.54 24.63
CA ASN H 250 10.01 9.35 23.21
C ASN H 250 11.28 9.17 22.37
N ALA H 251 12.34 9.94 22.67
CA ALA H 251 13.62 9.85 21.96
C ALA H 251 14.27 8.49 22.12
N ILE H 252 14.36 8.02 23.35
CA ILE H 252 14.98 6.73 23.60
C ILE H 252 14.13 5.61 22.96
N GLY H 253 12.80 5.77 22.98
CA GLY H 253 11.92 4.81 22.33
C GLY H 253 12.20 4.63 20.85
N ILE H 254 12.40 5.75 20.15
CA ILE H 254 12.64 5.68 18.72
C ILE H 254 14.10 5.38 18.39
N PHE H 255 15.03 5.87 19.22
CA PHE H 255 16.46 5.67 18.97
C PHE H 255 16.93 4.24 19.14
N HIS H 256 16.28 3.48 20.02
CA HIS H 256 16.90 2.27 20.56
C HIS H 256 17.17 1.19 19.52
N ALA H 257 16.21 0.95 18.64
CA ALA H 257 16.37 -0.04 17.57
C ALA H 257 17.46 0.34 16.56
N PHE H 258 17.80 1.62 16.44
CA PHE H 258 18.86 2.08 15.53
C PHE H 258 20.25 2.18 16.14
N LEU H 259 20.41 1.92 17.44
CA LEU H 259 21.70 2.11 18.13
C LEU H 259 22.88 1.35 17.55
N ASP H 260 22.64 0.16 17.01
CA ASP H 260 23.73 -0.65 16.44
C ASP H 260 23.81 -0.57 14.91
N ASP H 261 23.13 0.41 14.33
CA ASP H 261 23.26 0.77 12.92
C ASP H 261 24.22 1.95 12.78
N PRO H 262 25.50 1.69 12.45
CA PRO H 262 26.49 2.77 12.55
C PRO H 262 26.32 3.95 11.56
N GLY H 263 25.64 3.74 10.43
CA GLY H 263 25.36 4.84 9.49
C GLY H 263 24.11 5.68 9.77
N VAL H 264 23.41 5.41 10.86
CA VAL H 264 22.21 6.15 11.23
C VAL H 264 22.58 7.21 12.27
N ARG H 265 22.52 8.48 11.86
CA ARG H 265 22.70 9.60 12.78
C ARG H 265 21.47 9.67 13.69
N LEU H 266 21.73 9.91 14.98
CA LEU H 266 20.68 10.09 15.98
C LEU H 266 20.87 11.47 16.58
N VAL H 267 19.81 12.28 16.55
CA VAL H 267 19.85 13.64 17.07
C VAL H 267 18.63 13.92 17.95
N GLY H 268 18.90 14.23 19.22
CA GLY H 268 17.88 14.71 20.15
C GLY H 268 17.83 16.22 20.16
N PHE H 269 16.63 16.79 20.03
CA PHE H 269 16.45 18.24 20.03
C PHE H 269 15.75 18.64 21.30
N GLU H 270 16.34 19.58 22.01
CA GLU H 270 15.83 19.99 23.31
C GLU H 270 15.50 21.47 23.25
N ALA H 271 14.70 21.94 24.20
CA ALA H 271 14.11 23.27 24.14
C ALA H 271 15.08 24.37 24.60
N ALA H 272 15.29 25.37 23.75
CA ALA H 272 16.15 26.48 24.04
C ALA H 272 15.40 27.74 24.49
N GLY H 273 14.08 27.66 24.63
CA GLY H 273 13.26 28.80 25.06
C GLY H 273 13.50 30.06 24.25
N ASP H 274 13.79 31.18 24.92
CA ASP H 274 14.16 32.44 24.24
C ASP H 274 15.58 32.40 23.62
N GLY H 275 16.36 31.38 23.95
CA GLY H 275 17.75 31.21 23.53
C GLY H 275 18.58 30.76 24.73
N VAL H 276 19.59 29.94 24.45
CA VAL H 276 20.48 29.39 25.48
C VAL H 276 21.26 30.50 26.18
N GLU H 277 21.68 31.51 25.42
CA GLU H 277 22.39 32.69 25.94
C GLU H 277 21.57 33.63 26.86
N THR H 278 20.25 33.43 26.97
CA THR H 278 19.34 34.33 27.67
C THR H 278 19.02 33.91 29.09
N GLY H 279 19.35 32.65 29.43
CA GLY H 279 18.98 32.08 30.73
C GLY H 279 17.52 31.68 30.87
N ARG H 280 16.77 31.68 29.77
CA ARG H 280 15.36 31.24 29.76
C ARG H 280 15.21 30.13 28.74
N HIS H 281 15.48 28.91 29.19
CA HIS H 281 15.55 27.73 28.33
C HIS H 281 15.31 26.48 29.16
N ALA H 282 15.25 25.33 28.50
CA ALA H 282 15.18 24.02 29.17
C ALA H 282 16.15 23.03 28.50
N ALA H 283 17.25 23.60 28.00
CA ALA H 283 18.31 22.90 27.27
C ALA H 283 19.29 22.21 28.22
N THR H 284 18.89 21.04 28.70
CA THR H 284 19.58 20.33 29.76
C THR H 284 21.00 19.88 29.38
N PHE H 285 21.16 19.33 28.18
CA PHE H 285 22.51 18.95 27.69
C PHE H 285 23.35 20.15 27.23
N THR H 286 22.74 21.12 26.57
CA THR H 286 23.47 22.26 26.01
C THR H 286 24.05 23.18 27.10
N ALA H 287 23.29 23.36 28.18
CA ALA H 287 23.59 24.34 29.25
C ALA H 287 23.66 23.77 30.67
N GLY H 288 23.15 22.57 30.89
CA GLY H 288 23.19 21.92 32.20
C GLY H 288 24.52 21.24 32.50
N SER H 289 24.52 20.50 33.60
CA SER H 289 25.71 19.77 34.06
C SER H 289 25.35 18.53 34.91
N PRO H 290 26.32 17.60 35.06
CA PRO H 290 26.04 16.35 35.76
C PRO H 290 25.65 16.52 37.23
N GLY H 291 24.64 15.78 37.69
CA GLY H 291 24.26 15.75 39.08
C GLY H 291 23.20 14.72 39.41
N ALA H 292 22.92 14.62 40.71
CA ALA H 292 21.96 13.66 41.22
C ALA H 292 20.64 14.41 41.42
N PHE H 293 19.60 13.96 40.72
CA PHE H 293 18.30 14.62 40.77
C PHE H 293 17.22 13.58 40.50
N HIS H 294 16.17 13.61 41.32
CA HIS H 294 15.04 12.72 41.15
C HIS H 294 15.45 11.24 41.01
N GLY H 295 16.43 10.82 41.79
CA GLY H 295 16.85 9.42 41.83
C GLY H 295 17.95 8.95 40.89
N SER H 296 18.41 9.81 39.97
CA SER H 296 19.44 9.40 39.00
C SER H 296 20.59 10.40 38.91
N PHE H 297 21.77 9.87 38.62
CA PHE H 297 22.90 10.68 38.22
C PHE H 297 22.83 10.87 36.71
N SER H 298 22.57 12.10 36.29
CA SER H 298 22.41 12.43 34.87
C SER H 298 22.74 13.92 34.69
N TYR H 299 22.29 14.54 33.60
CA TYR H 299 22.42 16.00 33.46
C TYR H 299 21.23 16.71 34.08
N LEU H 300 21.49 17.93 34.52
CA LEU H 300 20.52 18.70 35.25
C LEU H 300 20.79 20.20 35.07
N LEU H 301 19.74 21.00 34.98
CA LEU H 301 19.87 22.45 35.07
C LEU H 301 20.02 22.83 36.54
N GLN H 302 21.19 23.37 36.91
CA GLN H 302 21.52 23.66 38.30
C GLN H 302 22.48 24.84 38.45
N ASP H 303 22.46 25.51 39.61
CA ASP H 303 23.39 26.62 39.87
C ASP H 303 24.74 26.09 40.37
N GLU H 304 25.64 26.96 40.83
CA GLU H 304 27.00 26.52 41.24
C GLU H 304 27.02 25.64 42.49
N ASP H 305 26.08 25.82 43.42
CA ASP H 305 26.00 24.94 44.60
C ASP H 305 25.27 23.63 44.35
N GLY H 306 24.67 23.48 43.18
CA GLY H 306 23.89 22.30 42.83
C GLY H 306 22.39 22.40 43.09
N GLN H 307 21.89 23.62 43.23
CA GLN H 307 20.46 23.85 43.43
C GLN H 307 19.82 23.85 42.06
N THR H 308 18.65 23.24 41.96
CA THR H 308 17.88 23.23 40.71
C THR H 308 17.41 24.63 40.32
N ILE H 309 17.51 24.95 39.03
CA ILE H 309 17.03 26.25 38.54
C ILE H 309 15.79 26.12 37.68
N GLU H 310 15.08 27.22 37.57
CA GLU H 310 13.84 27.34 36.81
C GLU H 310 14.10 27.11 35.32
N SER H 311 13.37 26.17 34.72
CA SER H 311 13.39 25.97 33.28
C SER H 311 12.29 26.81 32.62
N HIS H 312 12.48 27.13 31.35
CA HIS H 312 11.54 27.95 30.58
C HIS H 312 11.44 27.45 29.14
N SER H 313 10.24 27.09 28.72
CA SER H 313 9.94 26.85 27.28
C SER H 313 8.47 27.14 27.00
N ILE H 314 8.17 27.53 25.77
CA ILE H 314 6.80 27.66 25.32
C ILE H 314 6.09 26.29 25.29
N SER H 315 6.88 25.22 25.26
CA SER H 315 6.41 23.87 25.43
C SER H 315 6.42 23.45 26.88
N ALA H 316 5.30 22.97 27.39
CA ALA H 316 5.22 22.47 28.77
C ALA H 316 5.87 21.09 28.93
N GLY H 317 5.69 20.20 27.94
CA GLY H 317 6.31 18.88 27.94
C GLY H 317 7.84 18.85 27.97
N LEU H 318 8.49 19.84 27.36
CA LEU H 318 9.96 19.97 27.44
C LEU H 318 10.46 20.85 28.59
N ASP H 319 9.56 21.34 29.44
CA ASP H 319 9.87 22.22 30.59
C ASP H 319 10.58 21.54 31.78
N TYR H 320 11.03 20.31 31.65
CA TYR H 320 11.58 19.56 32.78
C TYR H 320 13.08 19.86 32.88
N PRO H 321 13.59 20.27 34.06
CA PRO H 321 15.01 20.65 34.18
C PRO H 321 16.02 19.51 34.16
N GLY H 322 15.56 18.26 34.24
CA GLY H 322 16.44 17.09 34.16
C GLY H 322 16.41 16.39 32.82
N VAL H 323 17.12 15.26 32.74
CA VAL H 323 17.10 14.40 31.56
C VAL H 323 17.56 13.00 31.99
N GLY H 324 17.03 11.98 31.30
CA GLY H 324 17.31 10.59 31.64
C GLY H 324 18.75 10.16 31.50
N PRO H 325 19.23 9.28 32.39
CA PRO H 325 20.64 8.86 32.39
C PRO H 325 21.11 8.07 31.16
N GLU H 326 20.22 7.32 30.50
CA GLU H 326 20.61 6.60 29.29
C GLU H 326 21.05 7.58 28.20
N HIS H 327 20.39 8.73 28.11
CA HIS H 327 20.79 9.78 27.16
C HIS H 327 22.16 10.38 27.50
N ALA H 328 22.41 10.58 28.79
CA ALA H 328 23.71 11.10 29.25
C ALA H 328 24.85 10.15 28.84
N TRP H 329 24.60 8.84 28.97
CA TRP H 329 25.54 7.81 28.53
C TRP H 329 25.74 7.83 27.01
N LEU H 330 24.67 7.97 26.25
CA LEU H 330 24.78 8.01 24.79
C LEU H 330 25.45 9.29 24.28
N LYS H 331 25.32 10.38 25.02
CA LYS H 331 26.03 11.62 24.75
C LYS H 331 27.53 11.44 24.99
N GLU H 332 27.88 10.90 26.15
CA GLU H 332 29.29 10.62 26.47
C GLU H 332 29.95 9.69 25.45
N ALA H 333 29.23 8.65 25.04
CA ALA H 333 29.76 7.69 24.07
C ALA H 333 29.84 8.22 22.63
N GLY H 334 29.26 9.38 22.36
CA GLY H 334 29.30 9.98 21.03
C GLY H 334 28.27 9.42 20.08
N ARG H 335 27.33 8.61 20.57
CA ARG H 335 26.39 7.91 19.71
C ARG H 335 25.24 8.80 19.28
N VAL H 336 24.73 9.60 20.20
CA VAL H 336 23.66 10.57 19.93
C VAL H 336 24.17 12.00 20.14
N ASP H 337 23.80 12.92 19.25
CA ASP H 337 24.06 14.36 19.41
C ASP H 337 22.80 15.06 19.93
N TYR H 338 22.99 16.04 20.82
CA TYR H 338 21.86 16.80 21.39
C TYR H 338 22.01 18.29 21.07
N ARG H 339 20.99 18.87 20.44
CA ARG H 339 21.08 20.20 19.86
C ARG H 339 19.88 21.04 20.32
N PRO H 340 20.12 22.34 20.60
CA PRO H 340 19.07 23.23 21.07
C PRO H 340 18.13 23.72 19.93
N ILE H 341 16.84 23.82 20.22
CA ILE H 341 15.86 24.42 19.31
C ILE H 341 15.04 25.48 20.06
N THR H 342 14.99 26.71 19.53
CA THR H 342 14.27 27.81 20.20
C THR H 342 12.74 27.74 20.07
N ASP H 343 12.04 28.51 20.91
CA ASP H 343 10.59 28.71 20.79
C ASP H 343 10.22 29.15 19.37
N SER H 344 10.89 30.18 18.86
CA SER H 344 10.62 30.71 17.50
C SER H 344 10.72 29.66 16.40
N GLU H 345 11.82 28.91 16.40
CA GLU H 345 12.03 27.84 15.42
C GLU H 345 10.95 26.75 15.54
N ALA H 346 10.63 26.36 16.77
CA ALA H 346 9.56 25.42 17.03
C ALA H 346 8.18 25.90 16.53
N MET H 347 7.83 27.15 16.80
CA MET H 347 6.51 27.65 16.38
C MET H 347 6.42 27.84 14.87
N ASP H 348 7.51 28.26 14.22
CA ASP H 348 7.58 28.27 12.75
C ASP H 348 7.34 26.88 12.13
N ALA H 349 7.87 25.82 12.77
CA ALA H 349 7.70 24.47 12.27
C ALA H 349 6.28 23.93 12.51
N PHE H 350 5.74 24.20 13.71
CA PHE H 350 4.31 23.98 14.02
C PHE H 350 3.41 24.50 12.90
N GLY H 351 3.54 25.79 12.58
CA GLY H 351 2.70 26.41 11.57
C GLY H 351 2.88 25.78 10.19
N LEU H 352 4.13 25.47 9.88
CA LEU H 352 4.49 24.90 8.60
C LEU H 352 3.90 23.49 8.45
N LEU H 353 3.96 22.68 9.51
CA LEU H 353 3.38 21.33 9.44
C LEU H 353 1.85 21.37 9.28
N CYS H 354 1.21 22.33 9.93
CA CYS H 354 -0.22 22.59 9.76
C CYS H 354 -0.57 22.93 8.30
N ARG H 355 0.09 23.96 7.75
CA ARG H 355 -0.21 24.42 6.39
C ARG H 355 0.16 23.42 5.29
N MET H 356 1.18 22.59 5.50
CA MET H 356 1.74 21.73 4.45
C MET H 356 1.19 20.30 4.45
N GLU H 357 0.95 19.73 5.63
CA GLU H 357 0.50 18.36 5.78
C GLU H 357 -0.85 18.17 6.49
N GLY H 358 -1.45 19.23 7.02
CA GLY H 358 -2.69 19.11 7.79
C GLY H 358 -2.53 18.39 9.13
N ILE H 359 -1.32 18.38 9.66
CA ILE H 359 -1.05 17.71 10.91
C ILE H 359 -0.73 18.83 11.89
N ILE H 360 -1.47 18.86 13.00
CA ILE H 360 -1.23 19.84 14.06
C ILE H 360 -0.35 19.14 15.09
N PRO H 361 0.95 19.47 15.16
CA PRO H 361 1.83 18.76 16.07
C PRO H 361 1.75 19.33 17.47
N ALA H 362 2.02 18.51 18.48
CA ALA H 362 2.38 19.05 19.79
C ALA H 362 3.59 19.99 19.66
N ILE H 363 3.65 21.02 20.50
CA ILE H 363 4.74 22.00 20.44
C ILE H 363 6.09 21.34 20.77
N GLU H 364 6.04 20.32 21.62
CA GLU H 364 7.20 19.48 21.90
C GLU H 364 7.70 18.88 20.58
N SER H 365 6.78 18.24 19.86
CA SER H 365 7.09 17.55 18.62
C SER H 365 7.59 18.52 17.54
N ALA H 366 7.06 19.74 17.54
CA ALA H 366 7.50 20.78 16.63
C ALA H 366 8.99 21.15 16.78
N HIS H 367 9.56 20.98 17.98
CA HIS H 367 11.02 21.13 18.19
C HIS H 367 11.79 20.11 17.31
N ALA H 368 11.31 18.88 17.27
CA ALA H 368 11.88 17.82 16.44
C ALA H 368 11.73 18.12 14.94
N VAL H 369 10.56 18.63 14.55
CA VAL H 369 10.33 18.98 13.16
C VAL H 369 11.25 20.12 12.76
N ALA H 370 11.30 21.18 13.57
CA ALA H 370 12.25 22.28 13.31
C ALA H 370 13.70 21.79 13.18
N GLY H 371 14.10 20.89 14.06
CA GLY H 371 15.44 20.32 13.99
C GLY H 371 15.67 19.53 12.72
N ALA H 372 14.66 18.74 12.32
CA ALA H 372 14.70 17.99 11.05
C ALA H 372 14.80 18.86 9.79
N LEU H 373 14.12 20.01 9.78
CA LEU H 373 14.22 20.97 8.67
C LEU H 373 15.63 21.49 8.47
N LYS H 374 16.33 21.73 9.57
CA LYS H 374 17.72 22.22 9.55
C LYS H 374 18.68 21.12 9.15
N LEU H 375 18.43 19.91 9.64
CA LEU H 375 19.24 18.74 9.28
C LEU H 375 19.06 18.39 7.81
N GLY H 376 17.84 18.54 7.29
CA GLY H 376 17.58 18.39 5.86
C GLY H 376 18.43 19.30 4.98
N VAL H 377 18.47 20.59 5.33
CA VAL H 377 19.29 21.57 4.62
C VAL H 377 20.77 21.19 4.66
N GLU H 378 21.21 20.69 5.80
CA GLU H 378 22.55 20.20 6.01
C GLU H 378 22.88 18.93 5.20
N LEU H 379 21.99 17.92 5.23
CA LEU H 379 22.24 16.64 4.54
C LEU H 379 21.96 16.66 3.03
N GLY H 380 21.01 17.48 2.60
CA GLY H 380 20.78 17.73 1.19
C GLY H 380 19.73 16.82 0.58
N ARG H 381 19.55 17.00 -0.73
CA ARG H 381 18.46 16.36 -1.47
C ARG H 381 18.49 14.85 -1.33
N GLY H 382 17.31 14.27 -1.10
CA GLY H 382 17.14 12.83 -1.10
C GLY H 382 17.52 12.11 0.19
N ALA H 383 18.16 12.81 1.14
CA ALA H 383 18.40 12.23 2.47
C ALA H 383 17.10 11.87 3.18
N VAL H 384 17.14 10.81 3.95
CA VAL H 384 15.98 10.24 4.61
C VAL H 384 16.13 10.45 6.11
N ILE H 385 15.19 11.22 6.66
CA ILE H 385 15.18 11.61 8.04
C ILE H 385 13.87 11.14 8.63
N VAL H 386 13.94 10.25 9.62
CA VAL H 386 12.78 9.85 10.40
C VAL H 386 12.67 10.78 11.61
N VAL H 387 11.47 11.32 11.83
CA VAL H 387 11.18 12.24 12.92
C VAL H 387 10.09 11.59 13.77
N ASN H 388 10.31 11.54 15.09
CA ASN H 388 9.27 11.07 16.01
C ASN H 388 8.31 12.20 16.26
N LEU H 389 7.08 12.06 15.78
CA LEU H 389 6.05 13.06 15.99
C LEU H 389 5.33 12.59 17.25
N SER H 390 5.87 13.01 18.38
CA SER H 390 5.55 12.43 19.68
C SER H 390 4.11 12.65 20.13
N GLY H 391 3.50 13.75 19.70
CA GLY H 391 2.11 14.02 20.05
C GLY H 391 1.38 14.92 19.09
N ARG H 392 0.07 14.97 19.27
CA ARG H 392 -0.80 15.86 18.50
C ARG H 392 -0.89 17.18 19.25
N GLY H 393 -1.24 18.22 18.52
CA GLY H 393 -1.24 19.58 19.01
C GLY H 393 -2.57 20.20 19.32
N ASP H 394 -3.62 19.40 19.45
CA ASP H 394 -4.94 19.88 19.90
C ASP H 394 -4.86 20.70 21.22
N LYS H 395 -4.11 20.18 22.18
CA LYS H 395 -3.85 20.87 23.45
C LYS H 395 -3.12 22.22 23.34
N ASP H 396 -2.39 22.43 22.24
CA ASP H 396 -1.58 23.61 22.02
C ASP H 396 -2.21 24.62 21.03
N VAL H 397 -3.45 24.38 20.61
CA VAL H 397 -4.08 25.28 19.62
C VAL H 397 -4.17 26.71 20.15
N GLU H 398 -4.49 26.88 21.42
CA GLU H 398 -4.64 28.23 21.99
C GLU H 398 -3.31 28.99 22.05
N THR H 399 -2.27 28.31 22.53
CA THR H 399 -0.91 28.87 22.59
C THR H 399 -0.42 29.31 21.20
N ALA H 400 -0.56 28.41 20.23
CA ALA H 400 -0.16 28.66 18.83
C ALA H 400 -0.93 29.81 18.17
N ALA H 401 -2.24 29.85 18.41
CA ALA H 401 -3.08 30.92 17.91
C ALA H 401 -2.65 32.28 18.46
N LYS H 402 -2.28 32.35 19.73
CA LYS H 402 -1.76 33.61 20.32
C LYS H 402 -0.44 34.01 19.68
N TRP H 403 0.51 33.08 19.62
CA TRP H 403 1.79 33.28 18.96
C TRP H 403 1.67 33.92 17.59
N PHE H 404 0.75 33.39 16.78
CA PHE H 404 0.52 33.88 15.41
C PHE H 404 -0.51 35.01 15.29
N GLY H 405 -1.05 35.50 16.40
CA GLY H 405 -1.98 36.63 16.39
C GLY H 405 -3.34 36.34 15.76
N LEU H 406 -3.82 35.11 15.91
CA LEU H 406 -5.10 34.68 15.34
C LEU H 406 -6.27 34.84 16.31
N LEU H 407 -5.98 35.12 17.58
CA LEU H 407 -7.00 35.56 18.55
C LEU H 407 -6.89 37.08 18.76
#